data_7RA8
#
_entry.id   7RA8
#
loop_
_entity.id
_entity.type
_entity.pdbx_description
1 polymer 'Spike glycoprotein'
2 polymer 'Heavy chain Fab S2X259 Fab variable domain'
3 polymer 'Light chain Fab S2X259 Fab variable domain'
4 branched 2-acetamido-2-deoxy-beta-D-glucopyranose-(1-4)-2-acetamido-2-deoxy-beta-D-glucopyranose
5 non-polymer 2-acetamido-2-deoxy-beta-D-glucopyranose
#
loop_
_entity_poly.entity_id
_entity_poly.type
_entity_poly.pdbx_seq_one_letter_code
_entity_poly.pdbx_strand_id
1 'polypeptide(L)'
;MFVFLVLLPLVSSQCVNLTTRTQLPPAYTNSFTRGVYYPDKVFRSSVLHSTQDLFLPFFSNVTWFHAIHVSGTNGTKRFD
NPVLPFNDGVYFASTEKSNIIRGWIFGTTLDSKTQSLLIVNNATNVVIKVCEFQFCNDPFLGVYYHKNNKSWMESEFRVY
SSANNCTFEYVSQPFLMDLEGKQGNFKNLREFVFKNIDGYFKIYSKHTPINLVRDLPQGFSALEPLVDLPIGINITRFQT
LLALHRSYLTPGDSSSGWTAGAAAYYVGYLQPRTFLLKYNENGTITDAVDCALDPLSETKCTLKSFTVEKGIYQTSNFRV
QPTESIVRFPNITNLCPFGEVFNATRFASVYAWNRKRISNCVADYSVLYNSASFSTFKCYGVSPTKLNDLCFTNVYADSF
VIRGDEVRQIAPGQTGKIADYNYKLPDDFTGCVIAWNSNNLDSKVGGNYNYLYRLFRKSNLKPFERDISTEIYQAGSTPC
NGVEGFNCYFPLQSYGFQPTNGVGYQPYRVVVLSFELLHAPATVCGPKKSTNLVKNKCVNFNFNGLTGTGVLTESNKKFL
PFQQFGRDIADTTDAVRDPQTLEILDITPCSFGGVSVITPGTNTSNQVAVLYQDVNCTEVPVAIHADQLTPTWRVYSTGS
NVFQTRAGCLIGAEHVNNSYECDIPIGAGICASYQTQTNSPGSASSVASQSIIAYTMSLGAENSVAYSNNSIAIPTNFTI
SVTTEILPVSMTKTSVDCTMYICGDSTECSNLLLQYGSFCTQLNRALTGIAVEQDKNTQEVFAQVKQIYKTPPIKDFGGF
NFSQILPDPSKPSKRSPIEDLLFNKVTLADAGFIKQYGDCLGDIAARDLICAQKFNGLTVLPPLLTDEMIAQYTSALLAG
TITSGWTFGAGPALQIPFPMQMAYRFNGIGVTQNVLYENQKLIANQFNSAIGKIQDSLSSTPSALGKLQDVVNQNAQALN
TLVKQLSSNFGAISSVLNDILSRLDPPEAEVQIDRLITGRLQSLQTYVTQQLIRAAEIRASANLAATKMSECVLGQSKRV
DFCGKGYHLMSFPQSAPHGVVFLHVTYVPAQEKNFTTAPAICHDGKAHFPREGVFVSNGTHWFVTQRNFYEPQIITTDNT
FVSGNCDVVIGIVNNTVYDPLQPELDSFKEELDKYFKNHTSPDVDLGDISGINASVVNIQKEIDRLNEVAKNLNESLIDL
QELGKYEQGSGYIPEAPRDGQAYVRKDGEWVLLSTFLGRSLEVLFQGPGHHHHHHHHSAWSHPQFEKGGGSGGGGSGGSA
WSHPQFEK
;
A,B,E
2 'polypeptide(L)'
;QVQLVQSGAEVKKPGSSVKVSCKASGGIFNTYTISWVRQAPGQGLEWMGRIILMSGMANYAQKIQGRVTITADKSTSTAY
MELTSLRSDDTAVYYCARGFNGNYYGWGDDDAFDIWGQGTLVTVYS
;
H,C,F
3 'polypeptide(L)'
;QTVLTQPPSVSGAPGQRVTISCTGSNSNIGAGYDVHWYQQLPGTAPKLLICGNSNRPSGVPDRFSGSKSGTSASLAITGL
QAEDEADYYCQSYDSSLSGPNWVFGGGTKLTVL
;
L,D,G
#
loop_
_chem_comp.id
_chem_comp.type
_chem_comp.name
_chem_comp.formula
NAG D-saccharide, beta linking 2-acetamido-2-deoxy-beta-D-glucopyranose 'C8 H15 N O6'
#
# COMPACT_ATOMS: atom_id res chain seq x y z
N ALA A 27 -23.34 29.22 44.09
CA ALA A 27 -22.01 29.81 44.21
C ALA A 27 -21.02 28.98 43.40
N TYR A 28 -20.06 29.65 42.74
CA TYR A 28 -19.01 29.03 41.92
C TYR A 28 -17.66 29.64 42.20
N THR A 29 -16.61 28.88 41.95
CA THR A 29 -15.29 29.47 41.99
C THR A 29 -14.47 29.14 40.75
N ASN A 30 -13.29 29.71 40.69
CA ASN A 30 -12.39 29.59 39.56
C ASN A 30 -11.25 28.61 39.80
N SER A 31 -11.32 27.45 39.14
CA SER A 31 -10.28 26.46 39.34
C SER A 31 -9.06 26.83 38.51
N PHE A 32 -8.32 27.80 39.00
CA PHE A 32 -7.25 28.40 38.24
C PHE A 32 -6.32 27.37 37.62
N THR A 33 -5.68 26.57 38.47
CA THR A 33 -4.73 25.56 38.01
C THR A 33 -4.82 24.28 38.81
N ARG A 34 -6.01 23.71 38.94
CA ARG A 34 -6.16 22.53 39.79
C ARG A 34 -6.96 21.43 39.10
N GLY A 35 -6.90 20.21 39.63
CA GLY A 35 -7.66 19.09 39.05
C GLY A 35 -6.85 18.24 38.09
N VAL A 36 -5.56 18.52 37.98
CA VAL A 36 -4.66 17.75 37.12
C VAL A 36 -4.07 16.59 37.92
N TYR A 37 -4.00 15.44 37.30
CA TYR A 37 -3.50 14.24 37.96
C TYR A 37 -2.59 13.45 37.05
N TYR A 38 -1.79 12.58 37.64
CA TYR A 38 -0.91 11.72 36.86
C TYR A 38 -1.76 10.68 36.14
N PRO A 39 -1.82 10.69 34.80
CA PRO A 39 -2.70 9.85 34.00
C PRO A 39 -2.34 8.36 34.06
N ASP A 40 -1.12 8.05 34.46
CA ASP A 40 -0.69 6.66 34.48
C ASP A 40 0.44 6.40 35.48
N LYS A 41 0.98 5.19 35.44
CA LYS A 41 2.00 4.72 36.38
C LYS A 41 3.38 4.79 35.73
N VAL A 42 3.49 5.56 34.65
CA VAL A 42 4.73 5.63 33.90
C VAL A 42 5.61 6.80 34.30
N PHE A 43 6.85 6.47 34.63
CA PHE A 43 7.87 7.43 34.95
C PHE A 43 8.36 8.09 33.69
N ARG A 44 8.41 9.39 33.73
CA ARG A 44 8.92 10.18 32.64
C ARG A 44 9.82 11.19 33.27
N SER A 45 10.89 11.58 32.60
CA SER A 45 11.76 12.59 33.19
C SER A 45 12.28 13.52 32.14
N SER A 46 12.41 14.78 32.51
CA SER A 46 12.97 15.80 31.64
C SER A 46 12.32 15.75 30.26
N VAL A 47 11.02 15.52 30.23
CA VAL A 47 10.31 15.38 28.97
C VAL A 47 8.97 16.07 29.01
N LEU A 48 8.56 16.54 27.85
CA LEU A 48 7.25 17.11 27.66
C LEU A 48 6.36 16.06 27.01
N HIS A 49 5.18 15.85 27.57
CA HIS A 49 4.31 14.80 27.08
C HIS A 49 2.89 15.27 26.77
N SER A 50 2.35 14.83 25.63
CA SER A 50 0.98 15.17 25.28
C SER A 50 0.06 13.99 25.55
N THR A 51 -0.95 14.22 26.38
CA THR A 51 -1.86 13.15 26.77
C THR A 51 -3.33 13.54 26.67
N GLN A 52 -4.18 12.55 26.36
CA GLN A 52 -5.61 12.77 26.30
C GLN A 52 -6.30 11.95 27.37
N ASP A 53 -7.01 12.62 28.25
CA ASP A 53 -7.68 11.98 29.38
C ASP A 53 -8.80 12.86 29.90
N LEU A 54 -9.49 12.41 30.92
CA LEU A 54 -10.54 13.20 31.52
C LEU A 54 -9.93 14.16 32.53
N PHE A 55 -9.93 15.42 32.20
CA PHE A 55 -9.33 16.43 33.06
C PHE A 55 -10.31 17.52 33.36
N LEU A 56 -10.09 18.22 34.44
CA LEU A 56 -10.87 19.40 34.71
C LEU A 56 -10.23 20.51 33.86
N PRO A 57 -10.98 21.24 33.02
CA PRO A 57 -10.49 22.32 32.17
C PRO A 57 -9.89 23.40 33.04
N PHE A 58 -8.91 24.13 32.55
CA PHE A 58 -8.41 25.20 33.38
C PHE A 58 -9.42 26.34 33.42
N PHE A 59 -9.54 26.97 34.58
CA PHE A 59 -10.42 28.12 34.81
C PHE A 59 -11.88 27.77 34.62
N SER A 60 -12.27 26.59 35.09
CA SER A 60 -13.66 26.15 35.05
C SER A 60 -14.46 26.75 36.18
N ASN A 61 -15.80 26.73 36.04
CA ASN A 61 -16.74 27.08 37.10
C ASN A 61 -16.99 25.86 37.99
N VAL A 62 -16.42 25.86 39.19
CA VAL A 62 -16.52 24.77 40.16
C VAL A 62 -17.54 25.11 41.23
N THR A 63 -18.52 24.24 41.42
CA THR A 63 -19.60 24.54 42.33
C THR A 63 -19.09 24.60 43.75
N TRP A 64 -19.41 25.68 44.44
CA TRP A 64 -18.96 25.90 45.80
C TRP A 64 -20.08 25.72 46.81
N PHE A 65 -19.93 24.73 47.68
CA PHE A 65 -20.97 24.42 48.66
C PHE A 65 -20.59 24.89 50.06
N HIS A 66 -21.60 25.20 50.88
CA HIS A 66 -21.44 25.60 52.28
C HIS A 66 -22.28 24.70 53.18
N PRO A 82 -26.13 17.73 50.27
CA PRO A 82 -26.23 18.11 48.87
C PRO A 82 -25.73 16.98 47.97
N VAL A 83 -26.61 16.49 47.07
CA VAL A 83 -26.34 15.39 46.13
C VAL A 83 -25.97 15.92 44.77
N LEU A 84 -24.89 15.39 44.22
CA LEU A 84 -24.37 15.84 42.95
C LEU A 84 -24.50 14.74 41.89
N PRO A 85 -24.64 15.08 40.61
CA PRO A 85 -24.51 14.18 39.49
C PRO A 85 -23.06 13.68 39.35
N PHE A 86 -22.92 12.54 38.72
CA PHE A 86 -21.61 12.00 38.38
C PHE A 86 -21.65 11.73 36.90
N ASN A 87 -20.62 12.16 36.19
CA ASN A 87 -20.68 12.05 34.74
C ASN A 87 -19.54 11.21 34.20
N ASP A 88 -18.52 11.86 33.65
CA ASP A 88 -17.37 11.15 33.12
C ASP A 88 -16.39 10.94 34.25
N GLY A 89 -16.44 11.85 35.20
CA GLY A 89 -15.61 11.82 36.38
C GLY A 89 -15.86 13.09 37.16
N VAL A 90 -15.46 13.08 38.43
CA VAL A 90 -15.69 14.21 39.31
C VAL A 90 -14.47 14.70 40.05
N TYR A 91 -14.32 16.00 40.07
CA TYR A 91 -13.28 16.64 40.85
C TYR A 91 -13.89 17.06 42.17
N PHE A 92 -13.21 16.79 43.25
CA PHE A 92 -13.76 17.12 44.55
C PHE A 92 -12.72 17.74 45.45
N ALA A 93 -13.07 18.78 46.16
CA ALA A 93 -12.10 19.33 47.10
C ALA A 93 -12.77 19.86 48.34
N SER A 94 -12.08 19.78 49.46
CA SER A 94 -12.60 20.35 50.71
C SER A 94 -11.52 21.12 51.47
N THR A 95 -11.95 22.02 52.36
CA THR A 95 -11.06 22.79 53.24
C THR A 95 -11.60 22.75 54.67
N GLY A 103 -16.64 11.28 54.21
CA GLY A 103 -17.03 10.08 53.47
C GLY A 103 -17.81 10.49 52.22
N TRP A 104 -18.00 9.53 51.30
CA TRP A 104 -18.75 9.70 50.06
C TRP A 104 -19.61 8.48 49.77
N ILE A 105 -20.72 8.69 49.08
CA ILE A 105 -21.53 7.60 48.56
C ILE A 105 -21.69 7.77 47.05
N PHE A 106 -21.22 6.81 46.26
CA PHE A 106 -21.28 6.89 44.80
C PHE A 106 -22.29 5.91 44.24
N SER A 116 -24.27 0.92 45.10
CA SER A 116 -23.89 1.89 46.11
C SER A 116 -22.46 1.63 46.63
N LEU A 117 -21.51 2.46 46.18
CA LEU A 117 -20.10 2.39 46.58
C LEU A 117 -19.91 3.37 47.72
N LEU A 118 -19.68 2.86 48.92
CA LEU A 118 -19.62 3.74 50.07
C LEU A 118 -18.23 3.80 50.67
N ILE A 119 -17.70 5.02 50.75
CA ILE A 119 -16.40 5.27 51.35
C ILE A 119 -16.61 5.96 52.65
N VAL A 120 -16.28 5.27 53.72
CA VAL A 120 -16.51 5.85 55.03
C VAL A 120 -15.17 5.71 55.81
N ASN A 121 -14.58 6.84 56.23
CA ASN A 121 -13.25 6.86 56.87
C ASN A 121 -13.25 6.07 58.17
N VAL A 126 -9.66 3.39 56.85
CA VAL A 126 -10.62 3.82 55.84
C VAL A 126 -11.36 2.59 55.30
N VAL A 127 -12.69 2.57 55.47
CA VAL A 127 -13.54 1.45 55.05
C VAL A 127 -14.26 1.72 53.74
N ILE A 128 -14.01 0.89 52.74
CA ILE A 128 -14.71 1.03 51.49
C ILE A 128 -15.52 -0.22 51.21
N LYS A 129 -16.82 -0.06 51.02
CA LYS A 129 -17.64 -1.23 50.78
C LYS A 129 -18.68 -1.01 49.68
N VAL A 130 -19.01 -2.08 48.94
CA VAL A 130 -20.03 -2.07 47.89
C VAL A 130 -21.15 -3.04 48.29
N PHE A 168 -17.95 -6.63 47.25
CA PHE A 168 -16.62 -6.03 47.26
C PHE A 168 -16.40 -5.22 48.55
N GLU A 169 -15.21 -5.39 49.16
CA GLU A 169 -14.77 -4.61 50.32
C GLU A 169 -13.26 -4.41 50.30
N TYR A 170 -12.85 -3.20 50.67
CA TYR A 170 -11.45 -2.82 50.75
C TYR A 170 -11.24 -1.97 52.00
N VAL A 171 -10.19 -2.26 52.77
CA VAL A 171 -9.94 -1.43 53.94
C VAL A 171 -8.48 -0.98 53.98
N SER A 172 -8.27 0.32 54.23
CA SER A 172 -6.93 0.93 54.33
C SER A 172 -6.97 2.10 55.32
N ASN A 188 -6.12 23.22 55.76
CA ASN A 188 -5.49 22.45 54.70
C ASN A 188 -6.52 22.13 53.62
N LEU A 189 -6.04 21.97 52.37
CA LEU A 189 -6.85 21.64 51.19
C LEU A 189 -6.75 20.16 50.86
N ARG A 190 -7.90 19.51 50.82
CA ARG A 190 -8.00 18.09 50.54
C ARG A 190 -8.49 17.93 49.11
N GLU A 191 -7.60 17.60 48.18
CA GLU A 191 -7.98 17.58 46.78
C GLU A 191 -8.05 16.16 46.22
N PHE A 192 -9.21 15.81 45.66
CA PHE A 192 -9.46 14.47 45.15
C PHE A 192 -9.98 14.45 43.74
N VAL A 193 -9.72 13.35 43.07
CA VAL A 193 -10.37 13.08 41.79
C VAL A 193 -10.95 11.69 41.80
N PHE A 194 -12.19 11.56 41.33
CA PHE A 194 -12.86 10.28 41.25
C PHE A 194 -13.33 9.99 39.85
N LYS A 195 -12.83 8.91 39.26
CA LYS A 195 -13.26 8.53 37.91
C LYS A 195 -13.46 7.03 37.86
N ASN A 196 -14.24 6.54 36.89
CA ASN A 196 -14.32 5.09 36.76
C ASN A 196 -14.34 4.63 35.32
N ILE A 197 -13.41 3.74 35.01
CA ILE A 197 -13.27 3.22 33.66
C ILE A 197 -13.13 1.70 33.63
N ASP A 198 -13.84 1.05 32.74
CA ASP A 198 -13.72 -0.39 32.57
C ASP A 198 -13.85 -1.15 33.88
N GLY A 199 -14.73 -0.66 34.76
CA GLY A 199 -14.99 -1.32 36.03
C GLY A 199 -14.07 -0.89 37.18
N TYR A 200 -13.06 -0.10 36.89
CA TYR A 200 -12.15 0.34 37.93
C TYR A 200 -12.48 1.72 38.42
N PHE A 201 -12.68 1.84 39.73
CA PHE A 201 -12.96 3.11 40.35
C PHE A 201 -11.65 3.65 40.86
N LYS A 202 -11.18 4.71 40.24
CA LYS A 202 -9.87 5.26 40.53
C LYS A 202 -9.99 6.46 41.43
N ILE A 203 -9.22 6.48 42.50
CA ILE A 203 -9.19 7.64 43.34
C ILE A 203 -7.81 8.24 43.30
N TYR A 204 -7.75 9.55 43.05
CA TYR A 204 -6.52 10.31 43.04
C TYR A 204 -6.58 11.27 44.22
N SER A 205 -5.45 11.57 44.85
CA SER A 205 -5.52 12.46 45.99
C SER A 205 -4.22 13.15 46.37
N LYS A 206 -4.35 14.40 46.82
CA LYS A 206 -3.23 15.11 47.43
C LYS A 206 -3.72 16.02 48.54
N HIS A 207 -2.87 16.24 49.53
CA HIS A 207 -3.21 17.11 50.64
C HIS A 207 -2.15 18.19 50.79
N THR A 208 -2.56 19.46 50.69
CA THR A 208 -1.61 20.56 50.77
C THR A 208 -2.06 21.61 51.78
N PRO A 209 -1.14 22.37 52.37
CA PRO A 209 -1.39 23.53 53.21
C PRO A 209 -1.88 24.70 52.37
N ILE A 210 -2.68 25.59 52.98
CA ILE A 210 -3.21 26.80 52.34
C ILE A 210 -3.04 28.00 53.28
N LEU A 216 -11.04 28.21 45.17
CA LEU A 216 -9.83 27.41 45.23
C LEU A 216 -8.58 28.32 45.11
N PRO A 217 -7.42 27.94 45.71
CA PRO A 217 -6.15 28.67 45.67
C PRO A 217 -5.46 28.53 44.33
N GLN A 218 -4.50 29.40 44.08
CA GLN A 218 -3.69 29.32 42.87
C GLN A 218 -2.43 28.48 43.08
N GLY A 219 -1.89 27.98 41.99
CA GLY A 219 -0.65 27.20 41.98
C GLY A 219 -0.91 25.78 41.51
N PHE A 220 -0.12 25.36 40.53
CA PHE A 220 -0.26 24.03 39.93
C PHE A 220 0.29 22.90 40.79
N SER A 221 -0.47 21.81 40.86
CA SER A 221 -0.03 20.59 41.52
C SER A 221 -0.76 19.39 40.93
N ALA A 222 -0.05 18.29 40.69
CA ALA A 222 -0.70 17.10 40.18
C ALA A 222 -1.02 16.14 41.31
N LEU A 223 -2.12 15.42 41.17
CA LEU A 223 -2.54 14.44 42.15
C LEU A 223 -2.03 13.05 41.87
N GLU A 224 -1.39 12.45 42.86
CA GLU A 224 -0.90 11.09 42.74
C GLU A 224 -2.08 10.13 42.91
N PRO A 225 -2.07 8.96 42.26
CA PRO A 225 -3.02 7.88 42.44
C PRO A 225 -3.06 7.42 43.89
N LEU A 226 -4.25 7.16 44.40
CA LEU A 226 -4.42 6.66 45.75
C LEU A 226 -4.76 5.18 45.74
N VAL A 227 -5.80 4.80 45.00
CA VAL A 227 -6.20 3.40 44.92
C VAL A 227 -7.00 3.08 43.67
N ASP A 228 -6.77 1.89 43.12
CA ASP A 228 -7.52 1.39 41.98
C ASP A 228 -8.45 0.25 42.42
N LEU A 229 -9.75 0.49 42.44
CA LEU A 229 -10.68 -0.50 42.95
C LEU A 229 -11.45 -1.24 41.83
N PRO A 230 -11.25 -2.56 41.66
CA PRO A 230 -11.84 -3.42 40.64
C PRO A 230 -13.27 -3.77 41.03
N ILE A 231 -14.17 -2.83 40.84
CA ILE A 231 -15.54 -2.94 41.34
C ILE A 231 -16.57 -3.42 40.30
N GLY A 232 -16.50 -2.91 39.09
CA GLY A 232 -17.43 -3.31 38.01
C GLY A 232 -18.85 -2.74 38.08
N ILE A 233 -19.00 -1.56 38.66
CA ILE A 233 -20.30 -0.91 38.83
C ILE A 233 -20.34 0.46 38.13
N ASN A 234 -21.52 0.87 37.59
CA ASN A 234 -21.73 2.18 36.96
C ASN A 234 -22.39 3.17 37.89
N ILE A 235 -21.68 4.21 38.34
CA ILE A 235 -22.25 5.22 39.21
C ILE A 235 -22.58 6.50 38.45
N THR A 236 -23.80 7.02 38.65
CA THR A 236 -24.17 8.27 37.99
C THR A 236 -24.54 9.39 38.95
N ARG A 237 -24.63 9.06 40.23
CA ARG A 237 -24.94 10.06 41.23
C ARG A 237 -24.02 9.86 42.42
N PHE A 238 -23.72 10.91 43.16
CA PHE A 238 -22.99 10.70 44.38
C PHE A 238 -23.37 11.73 45.42
N GLN A 239 -23.11 11.43 46.67
CA GLN A 239 -23.42 12.32 47.75
C GLN A 239 -22.22 12.47 48.67
N THR A 240 -22.03 13.65 49.21
CA THR A 240 -20.93 13.86 50.14
C THR A 240 -21.45 13.94 51.57
N LEU A 241 -20.80 13.22 52.51
CA LEU A 241 -21.14 13.18 53.93
C LEU A 241 -19.87 13.33 54.78
N TYR A 265 -15.76 22.54 50.42
CA TYR A 265 -16.53 21.59 49.64
C TYR A 265 -16.80 22.16 48.23
N TYR A 266 -16.06 21.66 47.23
CA TYR A 266 -16.13 22.09 45.84
C TYR A 266 -16.34 20.89 44.94
N VAL A 267 -17.21 21.02 43.95
CA VAL A 267 -17.41 19.93 43.00
C VAL A 267 -17.26 20.40 41.56
N GLY A 268 -16.37 19.76 40.84
CA GLY A 268 -16.14 20.08 39.45
C GLY A 268 -16.34 18.84 38.61
N TYR A 269 -16.17 18.96 37.32
CA TYR A 269 -16.35 17.79 36.46
C TYR A 269 -15.20 17.61 35.49
N LEU A 270 -14.93 16.37 35.14
CA LEU A 270 -13.89 16.06 34.20
C LEU A 270 -14.50 15.83 32.83
N GLN A 271 -13.72 16.06 31.79
CA GLN A 271 -14.17 15.77 30.43
C GLN A 271 -12.97 15.51 29.53
N PRO A 272 -13.13 14.82 28.38
CA PRO A 272 -12.06 14.50 27.45
C PRO A 272 -11.41 15.74 26.86
N ARG A 273 -10.16 15.96 27.23
CA ARG A 273 -9.39 17.12 26.77
C ARG A 273 -7.94 16.72 26.60
N THR A 274 -7.21 17.47 25.79
CA THR A 274 -5.81 17.17 25.63
C THR A 274 -4.97 18.12 26.44
N PHE A 275 -4.11 17.56 27.28
CA PHE A 275 -3.22 18.33 28.11
C PHE A 275 -1.78 18.08 27.78
N LEU A 276 -0.98 19.13 27.87
CA LEU A 276 0.43 18.98 27.71
C LEU A 276 0.99 18.94 29.11
N LEU A 277 1.90 18.04 29.40
CA LEU A 277 2.45 17.95 30.74
C LEU A 277 3.96 18.12 30.74
N LYS A 278 4.44 18.95 31.65
CA LYS A 278 5.88 19.15 31.77
C LYS A 278 6.41 18.42 32.99
N TYR A 279 7.33 17.49 32.76
CA TYR A 279 7.95 16.72 33.84
C TYR A 279 9.34 17.21 34.15
N ASN A 280 9.72 17.15 35.42
CA ASN A 280 11.08 17.49 35.82
C ASN A 280 11.95 16.24 35.90
N GLU A 281 13.18 16.43 36.36
CA GLU A 281 14.14 15.33 36.50
C GLU A 281 13.70 14.24 37.50
N ASN A 282 12.83 14.59 38.46
CA ASN A 282 12.36 13.69 39.53
C ASN A 282 11.04 12.96 39.17
N GLY A 283 10.52 13.12 37.93
CA GLY A 283 9.30 12.45 37.48
C GLY A 283 8.03 13.13 37.94
N THR A 284 8.17 14.32 38.49
CA THR A 284 7.05 15.09 38.99
C THR A 284 6.53 16.04 37.94
N ILE A 285 5.21 16.14 37.82
CA ILE A 285 4.65 17.07 36.86
C ILE A 285 4.72 18.45 37.49
N THR A 286 5.38 19.39 36.82
CA THR A 286 5.56 20.70 37.39
C THR A 286 4.67 21.73 36.73
N ASP A 287 4.18 21.43 35.54
CA ASP A 287 3.28 22.36 34.85
C ASP A 287 2.34 21.61 33.90
N ALA A 288 1.41 22.35 33.28
CA ALA A 288 0.50 21.75 32.30
C ALA A 288 -0.18 22.80 31.42
N VAL A 289 -0.56 22.38 30.20
CA VAL A 289 -1.30 23.24 29.26
C VAL A 289 -2.58 22.60 28.77
N ASP A 290 -3.69 23.33 28.83
CA ASP A 290 -4.93 22.82 28.26
C ASP A 290 -4.98 23.25 26.80
N CYS A 291 -4.80 22.30 25.87
CA CYS A 291 -4.61 22.53 24.45
C CYS A 291 -5.86 23.10 23.80
N ALA A 292 -6.97 23.12 24.54
CA ALA A 292 -8.22 23.64 24.02
C ALA A 292 -8.68 24.90 24.75
N LEU A 293 -7.87 25.44 25.64
CA LEU A 293 -8.31 26.61 26.39
C LEU A 293 -8.35 27.89 25.56
N ASP A 294 -7.27 28.16 24.83
CA ASP A 294 -7.20 29.37 24.01
C ASP A 294 -6.14 29.16 22.91
N PRO A 295 -6.00 30.08 21.94
CA PRO A 295 -5.05 30.02 20.83
C PRO A 295 -3.58 29.98 21.22
N LEU A 296 -3.21 30.45 22.41
CA LEU A 296 -1.80 30.40 22.74
C LEU A 296 -1.48 29.02 23.26
N SER A 297 -2.42 28.45 24.00
CA SER A 297 -2.27 27.10 24.50
C SER A 297 -2.25 26.13 23.33
N GLU A 298 -3.06 26.40 22.30
CA GLU A 298 -3.05 25.56 21.11
C GLU A 298 -1.69 25.59 20.44
N THR A 299 -1.09 26.78 20.38
CA THR A 299 0.23 26.95 19.80
C THR A 299 1.28 26.17 20.59
N LYS A 300 1.22 26.28 21.91
CA LYS A 300 2.16 25.57 22.78
C LYS A 300 2.11 24.05 22.58
N CYS A 301 0.89 23.48 22.47
CA CYS A 301 0.68 22.05 22.25
C CYS A 301 1.14 21.64 20.85
N THR A 302 0.87 22.47 19.86
CA THR A 302 1.27 22.21 18.49
C THR A 302 2.78 22.08 18.36
N LEU A 303 3.49 22.96 19.03
CA LEU A 303 4.94 23.00 18.98
C LEU A 303 5.59 22.12 20.04
N LYS A 304 4.78 21.45 20.86
CA LYS A 304 5.27 20.63 21.96
C LYS A 304 6.24 21.40 22.85
N SER A 305 5.85 22.60 23.26
CA SER A 305 6.68 23.44 24.09
C SER A 305 5.88 24.38 24.97
N PHE A 306 6.39 24.67 26.16
CA PHE A 306 5.72 25.61 27.06
C PHE A 306 6.18 27.03 26.80
N THR A 307 7.12 27.17 25.87
CA THR A 307 7.63 28.46 25.46
C THR A 307 7.50 28.58 23.95
N VAL A 308 6.95 29.71 23.49
CA VAL A 308 6.77 29.90 22.07
C VAL A 308 7.57 31.08 21.55
N GLU A 309 8.35 30.84 20.51
CA GLU A 309 9.18 31.86 19.87
C GLU A 309 8.30 32.72 19.00
N LYS A 310 8.73 33.94 18.68
CA LYS A 310 7.87 34.76 17.86
C LYS A 310 7.71 34.17 16.48
N GLY A 311 6.51 34.28 15.94
CA GLY A 311 6.26 33.81 14.59
C GLY A 311 4.80 33.51 14.37
N ILE A 312 4.50 32.92 13.22
CA ILE A 312 3.14 32.56 12.89
C ILE A 312 3.07 31.04 12.78
N TYR A 313 2.14 30.43 13.50
CA TYR A 313 2.06 28.97 13.50
C TYR A 313 0.66 28.47 13.20
N GLN A 314 0.54 27.44 12.37
CA GLN A 314 -0.78 26.86 12.15
C GLN A 314 -1.05 25.83 13.22
N THR A 315 -2.16 25.99 13.93
CA THR A 315 -2.45 25.11 15.06
C THR A 315 -3.68 24.24 14.86
N SER A 316 -4.60 24.69 14.04
CA SER A 316 -5.85 23.96 13.84
C SER A 316 -6.50 24.36 12.55
N ASN A 317 -7.50 23.61 12.12
CA ASN A 317 -8.26 24.03 10.96
C ASN A 317 -9.60 24.63 11.35
N PHE A 318 -10.09 25.52 10.50
CA PHE A 318 -11.40 26.11 10.60
C PHE A 318 -12.28 25.50 9.54
N ARG A 319 -13.51 25.16 9.89
CA ARG A 319 -14.42 24.62 8.91
C ARG A 319 -15.85 24.97 9.24
N VAL A 320 -16.54 25.61 8.30
CA VAL A 320 -17.92 25.97 8.50
C VAL A 320 -18.82 24.75 8.32
N GLN A 321 -19.68 24.54 9.31
CA GLN A 321 -20.60 23.41 9.30
C GLN A 321 -21.93 23.83 8.71
N PRO A 322 -22.69 22.89 8.12
CA PRO A 322 -24.02 23.10 7.61
C PRO A 322 -24.96 23.38 8.75
N THR A 323 -25.93 24.26 8.52
CA THR A 323 -26.91 24.60 9.53
C THR A 323 -28.27 24.03 9.22
N GLU A 324 -28.50 23.72 7.95
CA GLU A 324 -29.80 23.16 7.57
C GLU A 324 -29.62 22.06 6.54
N SER A 325 -30.73 21.42 6.17
CA SER A 325 -30.73 20.36 5.18
C SER A 325 -31.96 20.47 4.30
N ILE A 326 -31.73 20.53 3.00
CA ILE A 326 -32.83 20.67 2.05
C ILE A 326 -32.83 19.59 1.00
N VAL A 327 -34.02 19.17 0.59
CA VAL A 327 -34.15 18.21 -0.50
C VAL A 327 -35.10 18.79 -1.53
N ARG A 328 -34.74 18.72 -2.80
CA ARG A 328 -35.59 19.33 -3.80
C ARG A 328 -35.94 18.38 -4.93
N PHE A 329 -37.23 18.24 -5.23
CA PHE A 329 -37.66 17.42 -6.35
C PHE A 329 -38.73 18.16 -7.17
N PRO A 330 -38.82 17.92 -8.47
CA PRO A 330 -39.86 18.39 -9.36
C PRO A 330 -41.22 18.23 -8.72
N ASN A 331 -42.09 19.27 -8.71
CA ASN A 331 -43.40 19.17 -8.08
C ASN A 331 -44.32 18.29 -8.92
N ILE A 332 -44.66 17.11 -8.43
CA ILE A 332 -45.30 16.03 -9.18
C ILE A 332 -46.80 16.16 -9.37
N THR A 333 -47.21 15.99 -10.63
CA THR A 333 -48.60 16.00 -11.05
C THR A 333 -48.98 14.61 -11.53
N ASN A 334 -47.97 13.76 -11.70
CA ASN A 334 -48.13 12.43 -12.27
C ASN A 334 -48.53 11.42 -11.22
N LEU A 335 -49.77 11.50 -10.78
CA LEU A 335 -50.29 10.62 -9.74
C LEU A 335 -51.00 9.44 -10.41
N CYS A 336 -50.94 8.25 -9.78
CA CYS A 336 -51.55 7.04 -10.31
C CYS A 336 -53.08 7.18 -10.40
N PRO A 337 -53.72 6.74 -11.51
CA PRO A 337 -55.16 6.73 -11.73
C PRO A 337 -55.90 5.80 -10.77
N PHE A 338 -55.82 6.11 -9.48
CA PHE A 338 -56.47 5.36 -8.44
C PHE A 338 -57.95 5.67 -8.38
N GLY A 339 -58.33 6.83 -8.92
CA GLY A 339 -59.74 7.20 -8.92
C GLY A 339 -60.59 6.17 -9.66
N GLU A 340 -60.06 5.57 -10.71
CA GLU A 340 -60.81 4.60 -11.52
C GLU A 340 -60.85 3.22 -10.88
N VAL A 341 -60.16 3.08 -9.76
CA VAL A 341 -60.10 1.83 -9.02
C VAL A 341 -60.98 1.91 -7.79
N PHE A 342 -60.90 3.04 -7.09
CA PHE A 342 -61.61 3.23 -5.84
C PHE A 342 -62.89 4.09 -5.91
N ASN A 343 -62.99 5.00 -6.90
CA ASN A 343 -64.12 5.95 -7.08
C ASN A 343 -64.93 5.65 -8.35
N ALA A 344 -64.80 4.44 -8.91
CA ALA A 344 -65.54 3.98 -10.10
C ALA A 344 -66.98 3.63 -9.75
N THR A 345 -67.85 3.60 -10.75
CA THR A 345 -69.24 3.23 -10.52
C THR A 345 -69.51 1.77 -10.82
N ARG A 346 -68.84 1.22 -11.84
CA ARG A 346 -69.12 -0.15 -12.24
C ARG A 346 -67.96 -1.08 -11.95
N PHE A 347 -68.27 -2.19 -11.27
CA PHE A 347 -67.29 -3.18 -10.90
C PHE A 347 -67.67 -4.56 -11.38
N ALA A 348 -66.66 -5.38 -11.68
CA ALA A 348 -66.89 -6.76 -12.02
C ALA A 348 -67.21 -7.54 -10.76
N SER A 349 -67.91 -8.64 -10.92
CA SER A 349 -68.21 -9.51 -9.79
C SER A 349 -67.01 -10.39 -9.47
N VAL A 350 -67.02 -11.00 -8.29
CA VAL A 350 -65.87 -11.78 -7.85
C VAL A 350 -65.56 -13.00 -8.71
N TYR A 351 -66.56 -13.64 -9.29
CA TYR A 351 -66.26 -14.83 -10.07
C TYR A 351 -65.38 -14.54 -11.29
N ALA A 352 -65.42 -13.30 -11.78
CA ALA A 352 -64.65 -12.88 -12.94
C ALA A 352 -64.28 -11.42 -12.77
N TRP A 353 -63.37 -11.19 -11.83
CA TRP A 353 -62.96 -9.87 -11.36
C TRP A 353 -62.16 -9.10 -12.41
N ASN A 354 -62.17 -7.77 -12.33
CA ASN A 354 -61.44 -6.95 -13.30
C ASN A 354 -60.16 -6.39 -12.72
N ARG A 355 -59.22 -5.97 -13.58
CA ARG A 355 -57.96 -5.41 -13.08
C ARG A 355 -57.43 -4.26 -13.92
N LYS A 356 -56.69 -3.36 -13.27
CA LYS A 356 -56.00 -2.26 -13.95
C LYS A 356 -54.48 -2.39 -13.80
N ARG A 357 -53.75 -2.09 -14.87
CA ARG A 357 -52.29 -2.07 -14.84
C ARG A 357 -51.79 -0.66 -14.64
N ILE A 358 -51.11 -0.43 -13.53
CA ILE A 358 -50.70 0.92 -13.15
C ILE A 358 -49.19 1.16 -13.26
N SER A 359 -48.85 2.17 -14.08
CA SER A 359 -47.47 2.51 -14.41
C SER A 359 -47.26 4.02 -14.59
N ASN A 360 -45.97 4.38 -14.67
CA ASN A 360 -45.47 5.74 -14.91
C ASN A 360 -46.14 6.81 -14.05
N CYS A 361 -46.15 6.60 -12.73
CA CYS A 361 -46.84 7.45 -11.77
C CYS A 361 -46.34 7.28 -10.35
N VAL A 362 -46.82 8.16 -9.48
CA VAL A 362 -46.59 7.97 -8.06
C VAL A 362 -47.89 7.61 -7.36
N ALA A 363 -47.80 6.64 -6.48
CA ALA A 363 -48.91 6.13 -5.74
C ALA A 363 -49.07 6.92 -4.47
N ASP A 364 -50.05 7.81 -4.44
CA ASP A 364 -50.22 8.64 -3.28
C ASP A 364 -50.99 7.88 -2.23
N TYR A 365 -50.26 7.05 -1.48
CA TYR A 365 -50.84 6.11 -0.53
C TYR A 365 -51.56 6.84 0.58
N SER A 366 -51.18 8.10 0.80
CA SER A 366 -51.80 8.92 1.84
C SER A 366 -53.29 9.04 1.62
N VAL A 367 -53.70 9.17 0.35
CA VAL A 367 -55.09 9.33 0.00
C VAL A 367 -55.87 8.09 0.34
N LEU A 368 -55.25 6.93 0.20
CA LEU A 368 -55.94 5.70 0.46
C LEU A 368 -55.98 5.35 1.94
N TYR A 369 -54.87 5.51 2.66
CA TYR A 369 -54.94 5.06 4.05
C TYR A 369 -55.71 6.02 4.95
N ASN A 370 -55.85 7.28 4.54
CA ASN A 370 -56.62 8.21 5.36
C ASN A 370 -58.06 8.34 4.86
N SER A 371 -58.50 7.41 4.02
CA SER A 371 -59.84 7.48 3.46
C SER A 371 -60.89 7.50 4.55
N ALA A 372 -61.92 8.31 4.33
CA ALA A 372 -62.99 8.50 5.29
C ALA A 372 -63.87 7.28 5.46
N SER A 373 -63.78 6.31 4.54
CA SER A 373 -64.69 5.17 4.61
C SER A 373 -64.05 3.78 4.52
N PHE A 374 -62.75 3.62 4.75
CA PHE A 374 -62.18 2.28 4.63
C PHE A 374 -62.31 1.49 5.91
N SER A 375 -63.03 0.36 5.84
CA SER A 375 -63.31 -0.44 7.02
C SER A 375 -62.08 -1.26 7.38
N THR A 376 -61.34 -1.64 6.35
CA THR A 376 -60.13 -2.40 6.53
C THR A 376 -59.09 -2.02 5.49
N PHE A 377 -57.84 -2.14 5.87
CA PHE A 377 -56.69 -1.84 5.03
C PHE A 377 -55.51 -2.62 5.57
N LYS A 378 -55.05 -3.62 4.82
CA LYS A 378 -53.96 -4.43 5.34
C LYS A 378 -52.93 -4.76 4.26
N CYS A 379 -51.64 -4.68 4.62
CA CYS A 379 -50.54 -4.92 3.69
C CYS A 379 -49.71 -6.13 4.12
N TYR A 380 -49.28 -6.87 3.10
CA TYR A 380 -48.48 -8.06 3.28
C TYR A 380 -47.11 -7.89 2.66
N GLY A 381 -46.09 -8.09 3.50
CA GLY A 381 -44.70 -7.99 3.07
C GLY A 381 -44.16 -6.57 3.22
N VAL A 382 -45.05 -5.62 3.52
CA VAL A 382 -44.67 -4.23 3.64
C VAL A 382 -45.61 -3.48 4.56
N SER A 383 -45.06 -2.54 5.34
CA SER A 383 -45.85 -1.68 6.21
C SER A 383 -46.36 -0.45 5.44
N PRO A 384 -47.64 -0.05 5.59
CA PRO A 384 -48.27 1.10 4.96
C PRO A 384 -47.44 2.39 5.09
N THR A 385 -46.82 2.57 6.24
CA THR A 385 -46.05 3.79 6.50
C THR A 385 -44.72 3.87 5.77
N LYS A 386 -44.30 2.75 5.17
CA LYS A 386 -43.03 2.70 4.43
C LYS A 386 -43.25 2.65 2.92
N LEU A 387 -44.51 2.65 2.48
CA LEU A 387 -44.78 2.45 1.07
C LEU A 387 -44.21 3.57 0.19
N ASN A 388 -44.09 4.77 0.73
CA ASN A 388 -43.59 5.90 -0.05
C ASN A 388 -42.08 5.86 -0.26
N ASP A 389 -41.39 4.93 0.40
CA ASP A 389 -39.93 4.85 0.29
C ASP A 389 -39.47 3.73 -0.60
N LEU A 390 -40.39 3.10 -1.31
CA LEU A 390 -40.00 1.99 -2.16
C LEU A 390 -40.70 2.07 -3.53
N CYS A 391 -39.99 1.56 -4.57
CA CYS A 391 -40.52 1.66 -5.94
C CYS A 391 -40.63 0.25 -6.57
N PHE A 392 -41.82 -0.01 -7.07
CA PHE A 392 -42.09 -1.28 -7.73
C PHE A 392 -42.01 -1.15 -9.24
N THR A 393 -41.85 -2.29 -9.90
CA THR A 393 -41.80 -2.28 -11.35
C THR A 393 -43.17 -1.91 -11.88
N ASN A 394 -44.19 -2.54 -11.31
CA ASN A 394 -45.57 -2.28 -11.68
C ASN A 394 -46.49 -2.61 -10.53
N VAL A 395 -47.66 -1.98 -10.46
CA VAL A 395 -48.62 -2.41 -9.46
C VAL A 395 -49.95 -2.67 -10.16
N TYR A 396 -50.71 -3.62 -9.65
CA TYR A 396 -51.98 -3.94 -10.28
C TYR A 396 -53.13 -3.81 -9.32
N ALA A 397 -54.23 -3.25 -9.79
CA ALA A 397 -55.39 -3.10 -8.94
C ALA A 397 -56.52 -4.02 -9.35
N ASP A 398 -56.74 -5.05 -8.56
CA ASP A 398 -57.77 -6.04 -8.83
C ASP A 398 -59.02 -5.70 -8.05
N SER A 399 -60.15 -5.56 -8.72
CA SER A 399 -61.35 -5.14 -8.01
C SER A 399 -62.57 -6.03 -8.23
N PHE A 400 -63.31 -6.20 -7.16
CA PHE A 400 -64.51 -7.03 -7.15
C PHE A 400 -65.44 -6.76 -5.96
N VAL A 401 -66.66 -7.29 -6.03
CA VAL A 401 -67.60 -7.17 -4.93
C VAL A 401 -68.02 -8.53 -4.35
N ILE A 402 -67.89 -8.62 -3.02
CA ILE A 402 -68.22 -9.79 -2.19
C ILE A 402 -69.06 -9.35 -0.99
N ARG A 403 -69.55 -10.29 -0.18
CA ARG A 403 -70.35 -9.83 0.96
C ARG A 403 -69.43 -9.50 2.14
N GLY A 404 -69.95 -8.73 3.09
CA GLY A 404 -69.21 -8.29 4.27
C GLY A 404 -68.37 -9.37 4.98
N ASP A 405 -68.96 -10.49 5.37
CA ASP A 405 -68.20 -11.48 6.15
C ASP A 405 -67.32 -12.36 5.30
N GLU A 406 -67.29 -12.09 4.01
CA GLU A 406 -66.54 -12.84 3.05
C GLU A 406 -65.15 -12.22 2.88
N VAL A 407 -65.02 -10.98 3.37
CA VAL A 407 -63.81 -10.18 3.18
C VAL A 407 -62.58 -10.78 3.84
N ARG A 408 -62.74 -11.59 4.87
CA ARG A 408 -61.55 -12.14 5.50
C ARG A 408 -60.91 -13.22 4.62
N GLN A 409 -61.58 -13.64 3.55
CA GLN A 409 -61.02 -14.66 2.67
C GLN A 409 -60.04 -14.07 1.66
N ILE A 410 -60.01 -12.76 1.51
CA ILE A 410 -59.08 -12.20 0.53
C ILE A 410 -57.78 -11.83 1.23
N ALA A 411 -57.04 -12.89 1.54
CA ALA A 411 -55.79 -12.84 2.27
C ALA A 411 -55.02 -14.14 2.00
N PRO A 412 -53.68 -14.12 2.10
CA PRO A 412 -52.82 -15.27 1.95
C PRO A 412 -53.07 -16.25 3.07
N GLY A 413 -53.05 -17.54 2.74
CA GLY A 413 -53.22 -18.58 3.74
C GLY A 413 -54.69 -18.89 4.03
N GLN A 414 -55.61 -18.19 3.36
CA GLN A 414 -57.02 -18.43 3.63
C GLN A 414 -57.65 -19.41 2.66
N THR A 415 -58.73 -20.02 3.12
CA THR A 415 -59.53 -20.99 2.38
C THR A 415 -61.01 -20.66 2.50
N GLY A 416 -61.80 -21.08 1.51
CA GLY A 416 -63.23 -20.82 1.55
C GLY A 416 -63.84 -20.64 0.17
N LYS A 417 -65.12 -20.29 0.14
CA LYS A 417 -65.84 -20.18 -1.12
C LYS A 417 -65.17 -19.22 -2.12
N ILE A 418 -64.64 -18.10 -1.67
CA ILE A 418 -64.00 -17.21 -2.61
C ILE A 418 -62.54 -17.58 -2.78
N ALA A 419 -61.87 -17.83 -1.67
CA ALA A 419 -60.45 -18.11 -1.73
C ALA A 419 -60.14 -19.27 -2.68
N ASP A 420 -61.02 -20.28 -2.73
CA ASP A 420 -60.78 -21.43 -3.59
C ASP A 420 -61.52 -21.41 -4.94
N TYR A 421 -62.70 -20.78 -5.03
CA TYR A 421 -63.47 -20.87 -6.27
C TYR A 421 -63.49 -19.61 -7.14
N ASN A 422 -63.29 -18.42 -6.56
CA ASN A 422 -63.44 -17.20 -7.37
C ASN A 422 -62.20 -16.32 -7.43
N TYR A 423 -61.51 -16.15 -6.30
CA TYR A 423 -60.31 -15.31 -6.29
C TYR A 423 -59.26 -15.93 -5.39
N LYS A 424 -58.27 -16.57 -6.00
CA LYS A 424 -57.21 -17.20 -5.22
C LYS A 424 -56.11 -16.20 -4.95
N LEU A 425 -55.81 -16.01 -3.67
CA LEU A 425 -54.79 -15.08 -3.21
C LEU A 425 -53.58 -15.90 -2.74
N PRO A 426 -52.43 -15.81 -3.43
CA PRO A 426 -51.23 -16.61 -3.18
C PRO A 426 -50.61 -16.37 -1.82
N ASP A 427 -49.99 -17.41 -1.27
CA ASP A 427 -49.35 -17.34 0.04
C ASP A 427 -48.09 -16.47 0.06
N ASP A 428 -47.53 -16.21 -1.11
CA ASP A 428 -46.35 -15.37 -1.24
C ASP A 428 -46.74 -13.98 -1.74
N PHE A 429 -48.02 -13.64 -1.62
CA PHE A 429 -48.53 -12.35 -2.06
C PHE A 429 -47.89 -11.17 -1.38
N THR A 430 -47.51 -10.19 -2.19
CA THR A 430 -47.01 -8.91 -1.71
C THR A 430 -47.95 -7.85 -2.25
N GLY A 431 -48.48 -7.02 -1.37
CA GLY A 431 -49.45 -6.02 -1.78
C GLY A 431 -50.34 -5.61 -0.62
N CYS A 432 -51.35 -4.77 -0.92
CA CYS A 432 -52.28 -4.24 0.07
C CYS A 432 -53.73 -4.50 -0.33
N VAL A 433 -54.52 -4.93 0.65
CA VAL A 433 -55.92 -5.21 0.44
C VAL A 433 -56.79 -4.18 1.15
N ILE A 434 -57.65 -3.53 0.38
CA ILE A 434 -58.50 -2.46 0.87
C ILE A 434 -59.97 -2.82 0.70
N ALA A 435 -60.77 -2.67 1.75
CA ALA A 435 -62.19 -2.99 1.58
C ALA A 435 -63.10 -2.11 2.42
N TRP A 436 -64.30 -1.89 1.89
CA TRP A 436 -65.27 -1.07 2.60
C TRP A 436 -66.72 -1.38 2.27
N ASN A 437 -67.60 -0.85 3.10
CA ASN A 437 -69.04 -1.01 2.92
C ASN A 437 -69.53 -0.11 1.79
N SER A 438 -70.00 -0.72 0.70
CA SER A 438 -70.41 0.01 -0.49
C SER A 438 -71.92 -0.03 -0.69
N ASN A 439 -72.64 -0.41 0.37
CA ASN A 439 -74.09 -0.59 0.33
C ASN A 439 -74.81 0.51 -0.44
N ASN A 440 -74.48 1.76 -0.16
CA ASN A 440 -75.21 2.88 -0.71
C ASN A 440 -75.16 2.96 -2.23
N LEU A 441 -74.13 2.38 -2.85
CA LEU A 441 -74.00 2.44 -4.30
C LEU A 441 -74.37 1.14 -4.99
N ASP A 442 -74.75 0.12 -4.23
CA ASP A 442 -75.01 -1.21 -4.77
C ASP A 442 -76.38 -1.78 -4.43
N SER A 443 -76.68 -1.86 -3.15
CA SER A 443 -77.84 -2.59 -2.65
C SER A 443 -79.15 -1.97 -3.08
N LYS A 444 -80.15 -2.81 -3.35
CA LYS A 444 -81.45 -2.32 -3.80
C LYS A 444 -82.61 -2.91 -2.99
N VAL A 445 -83.65 -2.09 -2.78
CA VAL A 445 -84.89 -2.47 -2.09
C VAL A 445 -85.63 -3.58 -2.86
N ASN A 448 -80.56 -7.06 -4.83
CA ASN A 448 -79.57 -6.73 -5.84
C ASN A 448 -78.91 -8.01 -6.37
N TYR A 449 -79.64 -8.74 -7.23
CA TYR A 449 -79.14 -9.98 -7.84
C TYR A 449 -78.33 -9.64 -9.08
N ASN A 450 -77.24 -8.92 -8.84
CA ASN A 450 -76.36 -8.41 -9.88
C ASN A 450 -74.99 -9.06 -9.86
N TYR A 451 -74.41 -9.16 -8.66
CA TYR A 451 -73.08 -9.69 -8.53
C TYR A 451 -73.10 -11.21 -8.40
N LEU A 452 -72.22 -11.86 -9.14
CA LEU A 452 -72.12 -13.31 -9.14
C LEU A 452 -70.86 -13.85 -8.50
N TYR A 453 -71.02 -15.02 -7.89
CA TYR A 453 -69.98 -15.80 -7.24
C TYR A 453 -70.33 -17.26 -7.47
N ARG A 454 -69.41 -18.17 -7.21
CA ARG A 454 -69.76 -19.55 -7.47
C ARG A 454 -69.77 -20.45 -6.25
N LEU A 455 -70.61 -21.45 -6.32
CA LEU A 455 -70.76 -22.46 -5.29
C LEU A 455 -70.03 -23.72 -5.71
N PHE A 456 -70.01 -23.97 -7.03
CA PHE A 456 -69.33 -25.15 -7.55
C PHE A 456 -68.41 -24.87 -8.73
N ARG A 457 -67.22 -25.42 -8.63
CA ARG A 457 -66.22 -25.42 -9.69
C ARG A 457 -65.48 -26.74 -9.51
N LYS A 458 -65.32 -27.50 -10.58
CA LYS A 458 -64.76 -28.85 -10.47
C LYS A 458 -63.38 -28.91 -9.82
N SER A 459 -62.54 -27.92 -10.10
CA SER A 459 -61.20 -27.91 -9.56
C SER A 459 -60.87 -26.58 -8.93
N ASN A 460 -59.87 -26.56 -8.06
CA ASN A 460 -59.47 -25.35 -7.35
C ASN A 460 -58.74 -24.36 -8.24
N LEU A 461 -58.85 -23.08 -7.88
CA LEU A 461 -58.14 -22.03 -8.61
C LEU A 461 -56.70 -21.90 -8.14
N LYS A 462 -55.84 -21.45 -9.05
CA LYS A 462 -54.47 -21.13 -8.75
C LYS A 462 -54.44 -19.59 -8.64
N PRO A 463 -53.38 -18.99 -8.11
CA PRO A 463 -53.28 -17.57 -7.88
C PRO A 463 -53.62 -16.74 -9.11
N PHE A 464 -54.48 -15.75 -8.90
CA PHE A 464 -54.94 -14.80 -9.91
C PHE A 464 -55.71 -15.33 -11.12
N GLU A 465 -56.33 -16.51 -11.06
CA GLU A 465 -57.27 -16.84 -12.15
C GLU A 465 -58.56 -16.03 -12.00
N ARG A 466 -59.28 -15.85 -13.13
CA ARG A 466 -60.56 -15.14 -13.21
C ARG A 466 -61.49 -15.80 -14.23
N PRO A 491 -73.93 -23.81 -10.98
CA PRO A 491 -72.57 -23.49 -10.57
C PRO A 491 -72.46 -22.09 -9.95
N LEU A 492 -73.09 -21.08 -10.61
CA LEU A 492 -73.09 -19.68 -10.18
C LEU A 492 -74.30 -19.35 -9.31
N GLN A 493 -74.15 -18.34 -8.48
CA GLN A 493 -75.22 -17.80 -7.65
C GLN A 493 -75.15 -16.28 -7.58
N SER A 494 -76.30 -15.63 -7.44
CA SER A 494 -76.35 -14.19 -7.24
C SER A 494 -76.41 -13.85 -5.75
N TYR A 495 -75.76 -12.75 -5.35
CA TYR A 495 -75.75 -12.35 -3.94
C TYR A 495 -77.09 -11.86 -3.41
N GLY A 496 -77.82 -11.07 -4.18
CA GLY A 496 -79.12 -10.59 -3.72
C GLY A 496 -79.01 -9.60 -2.57
N PHE A 497 -78.04 -8.70 -2.62
CA PHE A 497 -77.82 -7.78 -1.51
C PHE A 497 -79.07 -6.95 -1.19
N GLN A 498 -79.37 -6.82 0.11
CA GLN A 498 -80.54 -6.13 0.60
C GLN A 498 -80.13 -4.97 1.54
N PRO A 499 -80.74 -3.77 1.43
CA PRO A 499 -80.49 -2.60 2.27
C PRO A 499 -80.54 -2.90 3.77
N THR A 500 -81.41 -3.81 4.16
CA THR A 500 -81.49 -4.20 5.56
C THR A 500 -80.92 -5.59 5.76
N ASN A 501 -79.78 -5.63 6.45
CA ASN A 501 -79.03 -6.85 6.77
C ASN A 501 -78.11 -6.56 7.94
N GLY A 502 -77.36 -7.58 8.37
CA GLY A 502 -76.33 -7.35 9.38
C GLY A 502 -75.08 -6.88 8.65
N VAL A 503 -74.07 -6.42 9.39
CA VAL A 503 -72.85 -5.92 8.78
C VAL A 503 -72.11 -6.96 7.93
N GLY A 504 -72.24 -8.24 8.24
CA GLY A 504 -71.55 -9.23 7.43
C GLY A 504 -72.32 -9.60 6.17
N TYR A 505 -73.52 -9.06 5.99
CA TYR A 505 -74.33 -9.45 4.84
C TYR A 505 -74.66 -8.36 3.81
N GLN A 506 -74.11 -7.15 3.93
CA GLN A 506 -74.33 -6.20 2.84
C GLN A 506 -73.09 -6.33 1.96
N PRO A 507 -72.95 -5.63 0.83
CA PRO A 507 -71.81 -5.72 -0.05
C PRO A 507 -70.61 -4.95 0.44
N TYR A 508 -69.43 -5.54 0.24
CA TYR A 508 -68.16 -4.87 0.38
C TYR A 508 -67.48 -4.73 -0.95
N ARG A 509 -66.91 -3.58 -1.18
CA ARG A 509 -66.13 -3.35 -2.36
C ARG A 509 -64.68 -3.59 -2.01
N VAL A 510 -64.03 -4.45 -2.78
CA VAL A 510 -62.68 -4.85 -2.47
C VAL A 510 -61.70 -4.52 -3.58
N VAL A 511 -60.61 -3.88 -3.18
CA VAL A 511 -59.52 -3.58 -4.10
C VAL A 511 -58.23 -4.20 -3.59
N VAL A 512 -57.58 -4.96 -4.44
CA VAL A 512 -56.31 -5.57 -4.08
C VAL A 512 -55.19 -4.98 -4.92
N LEU A 513 -54.23 -4.36 -4.26
CA LEU A 513 -53.11 -3.76 -4.96
C LEU A 513 -51.90 -4.68 -4.86
N SER A 514 -51.59 -5.38 -5.96
CA SER A 514 -50.46 -6.31 -5.93
C SER A 514 -49.22 -5.54 -6.31
N PHE A 515 -48.10 -5.94 -5.75
CA PHE A 515 -46.85 -5.26 -6.03
C PHE A 515 -45.86 -6.15 -6.77
N GLU A 516 -45.53 -5.77 -7.99
CA GLU A 516 -44.64 -6.55 -8.85
C GLU A 516 -43.25 -5.94 -8.93
N LEU A 517 -42.26 -6.74 -8.55
CA LEU A 517 -40.86 -6.33 -8.62
C LEU A 517 -40.05 -7.34 -9.42
N LEU A 518 -39.39 -6.88 -10.46
CA LEU A 518 -38.61 -7.76 -11.34
C LEU A 518 -37.43 -7.04 -11.96
N HIS A 519 -36.67 -7.74 -12.80
CA HIS A 519 -35.46 -7.17 -13.41
C HIS A 519 -35.79 -6.17 -14.52
N ALA A 520 -36.20 -4.98 -14.12
CA ALA A 520 -36.61 -3.88 -14.99
C ALA A 520 -36.46 -2.58 -14.19
N PRO A 521 -36.37 -1.41 -14.84
CA PRO A 521 -36.35 -0.13 -14.16
C PRO A 521 -37.62 0.03 -13.37
N ALA A 522 -37.51 0.51 -12.13
CA ALA A 522 -38.68 0.71 -11.30
C ALA A 522 -39.54 1.78 -11.93
N THR A 523 -40.85 1.65 -11.84
CA THR A 523 -41.71 2.63 -12.48
C THR A 523 -42.70 3.30 -11.52
N VAL A 524 -43.15 2.55 -10.50
CA VAL A 524 -44.17 3.09 -9.60
C VAL A 524 -43.59 3.35 -8.19
N CYS A 525 -43.57 4.62 -7.80
CA CYS A 525 -42.98 5.12 -6.55
C CYS A 525 -44.03 5.87 -5.75
N GLY A 526 -43.67 6.38 -4.58
CA GLY A 526 -44.57 7.28 -3.88
C GLY A 526 -44.19 8.70 -4.30
N PRO A 527 -44.94 9.74 -3.93
CA PRO A 527 -44.63 11.14 -4.18
C PRO A 527 -43.36 11.52 -3.43
N LYS A 528 -42.55 12.39 -4.01
CA LYS A 528 -41.35 12.86 -3.32
C LYS A 528 -41.61 14.21 -2.67
N LYS A 529 -41.35 14.30 -1.38
CA LYS A 529 -41.59 15.53 -0.63
C LYS A 529 -40.39 16.45 -0.72
N SER A 530 -40.65 17.75 -0.74
CA SER A 530 -39.57 18.72 -0.80
C SER A 530 -39.61 19.71 0.36
N THR A 531 -38.45 20.27 0.64
CA THR A 531 -38.28 21.33 1.63
C THR A 531 -38.16 22.64 0.90
N ASN A 532 -38.06 23.74 1.64
CA ASN A 532 -37.89 25.02 0.99
C ASN A 532 -36.44 25.17 0.58
N LEU A 533 -36.12 26.27 -0.09
CA LEU A 533 -34.76 26.51 -0.54
C LEU A 533 -34.03 27.52 0.34
N VAL A 534 -32.89 27.10 0.83
CA VAL A 534 -32.04 27.95 1.65
C VAL A 534 -30.90 28.53 0.83
N LYS A 535 -30.74 29.84 0.91
CA LYS A 535 -29.66 30.52 0.19
C LYS A 535 -28.70 31.24 1.11
N ASN A 536 -27.46 31.36 0.63
CA ASN A 536 -26.37 32.09 1.27
C ASN A 536 -26.00 31.53 2.65
N LYS A 537 -26.27 30.26 2.87
CA LYS A 537 -25.93 29.55 4.11
C LYS A 537 -25.44 28.16 3.75
N CYS A 538 -24.59 27.53 4.57
CA CYS A 538 -24.17 26.17 4.43
C CYS A 538 -25.27 25.18 4.70
N VAL A 539 -25.59 24.33 3.79
CA VAL A 539 -26.57 23.31 3.96
C VAL A 539 -26.13 21.98 3.43
N ASN A 540 -26.76 20.94 3.90
CA ASN A 540 -26.65 19.63 3.29
C ASN A 540 -27.72 19.62 2.22
N PHE A 541 -27.43 19.10 1.04
CA PHE A 541 -28.48 19.11 0.04
C PHE A 541 -28.45 17.96 -0.94
N ASN A 542 -29.61 17.72 -1.54
CA ASN A 542 -29.69 16.88 -2.70
C ASN A 542 -30.76 17.39 -3.65
N PHE A 543 -30.36 17.56 -4.90
CA PHE A 543 -31.25 18.03 -5.94
C PHE A 543 -31.56 16.92 -6.91
N ASN A 544 -32.80 16.46 -6.91
CA ASN A 544 -33.22 15.38 -7.78
C ASN A 544 -32.32 14.16 -7.65
N GLY A 545 -31.91 13.85 -6.43
CA GLY A 545 -31.08 12.67 -6.18
C GLY A 545 -29.58 12.89 -6.12
N LEU A 546 -29.06 14.03 -6.59
CA LEU A 546 -27.61 14.21 -6.51
C LEU A 546 -27.23 15.04 -5.28
N THR A 547 -26.46 14.42 -4.40
CA THR A 547 -26.10 15.01 -3.13
C THR A 547 -24.87 15.89 -3.20
N GLY A 548 -24.71 16.71 -2.17
CA GLY A 548 -23.56 17.55 -1.97
C GLY A 548 -23.76 18.44 -0.76
N THR A 549 -22.81 19.31 -0.51
CA THR A 549 -22.88 20.23 0.61
C THR A 549 -22.17 21.52 0.24
N GLY A 550 -22.66 22.63 0.77
CA GLY A 550 -22.06 23.91 0.45
C GLY A 550 -23.08 25.03 0.52
N VAL A 551 -22.72 26.16 -0.07
CA VAL A 551 -23.54 27.35 -0.05
C VAL A 551 -24.16 27.62 -1.41
N LEU A 552 -25.48 27.71 -1.43
CA LEU A 552 -26.22 27.92 -2.67
C LEU A 552 -26.47 29.40 -2.92
N THR A 553 -26.08 29.86 -4.11
CA THR A 553 -26.30 31.25 -4.51
C THR A 553 -26.87 31.30 -5.91
N GLU A 554 -27.44 32.42 -6.30
CA GLU A 554 -27.93 32.53 -7.66
C GLU A 554 -26.76 32.50 -8.63
N SER A 555 -26.91 31.74 -9.71
CA SER A 555 -25.90 31.62 -10.75
C SER A 555 -26.20 32.57 -11.88
N ASN A 556 -25.16 32.99 -12.57
CA ASN A 556 -25.30 33.82 -13.77
C ASN A 556 -25.07 32.96 -15.02
N LYS A 557 -25.03 31.65 -14.83
CA LYS A 557 -24.80 30.72 -15.92
C LYS A 557 -26.10 30.31 -16.57
N LYS A 558 -26.00 29.88 -17.82
CA LYS A 558 -27.18 29.43 -18.53
C LYS A 558 -27.04 28.00 -18.99
N PHE A 559 -27.90 27.16 -18.47
CA PHE A 559 -27.92 25.75 -18.82
C PHE A 559 -28.78 25.53 -20.04
N LEU A 560 -28.47 24.51 -20.81
CA LEU A 560 -29.33 24.16 -21.92
C LEU A 560 -30.60 23.56 -21.29
N PRO A 561 -31.74 23.60 -21.97
CA PRO A 561 -33.04 23.16 -21.48
C PRO A 561 -33.08 21.75 -20.88
N PHE A 562 -32.19 20.87 -21.29
CA PHE A 562 -32.22 19.49 -20.80
C PHE A 562 -31.17 19.20 -19.73
N GLN A 563 -30.38 20.19 -19.36
CA GLN A 563 -29.31 19.95 -18.41
C GLN A 563 -29.79 20.19 -16.98
N GLN A 564 -29.34 19.33 -16.06
CA GLN A 564 -29.79 19.42 -14.67
C GLN A 564 -28.75 19.96 -13.72
N PHE A 565 -27.48 19.71 -14.01
CA PHE A 565 -26.43 20.19 -13.13
C PHE A 565 -25.19 20.36 -13.94
N GLY A 566 -24.23 21.11 -13.43
CA GLY A 566 -23.00 21.32 -14.17
C GLY A 566 -21.79 20.91 -13.36
N ARG A 567 -20.68 20.72 -14.07
CA ARG A 567 -19.43 20.34 -13.45
C ARG A 567 -18.26 21.15 -13.98
N ASP A 568 -17.25 21.30 -13.13
CA ASP A 568 -16.05 22.06 -13.45
C ASP A 568 -14.98 21.20 -14.15
N ILE A 569 -13.78 21.76 -14.27
CA ILE A 569 -12.66 21.12 -14.95
C ILE A 569 -12.26 19.80 -14.29
N ALA A 570 -12.33 19.75 -12.97
CA ALA A 570 -11.95 18.57 -12.20
C ALA A 570 -13.14 17.64 -12.01
N ASP A 571 -14.21 17.83 -12.79
CA ASP A 571 -15.40 17.00 -12.75
C ASP A 571 -16.09 17.00 -11.39
N THR A 572 -16.13 18.17 -10.75
CA THR A 572 -16.81 18.38 -9.48
C THR A 572 -18.05 19.26 -9.67
N THR A 573 -19.15 18.92 -8.99
CA THR A 573 -20.38 19.67 -9.18
C THR A 573 -20.15 21.14 -8.89
N ASP A 574 -20.46 21.98 -9.87
CA ASP A 574 -20.26 23.41 -9.77
C ASP A 574 -21.57 24.15 -9.59
N ALA A 575 -22.64 23.62 -10.17
CA ALA A 575 -23.95 24.25 -10.12
C ALA A 575 -25.05 23.24 -10.34
N VAL A 576 -26.26 23.57 -9.87
CA VAL A 576 -27.43 22.75 -10.10
C VAL A 576 -28.63 23.55 -10.56
N ARG A 577 -29.58 22.89 -11.19
CA ARG A 577 -30.83 23.55 -11.51
C ARG A 577 -31.87 23.24 -10.44
N ASP A 578 -32.60 24.26 -10.02
CA ASP A 578 -33.70 24.09 -9.09
C ASP A 578 -34.85 23.38 -9.81
N PRO A 579 -35.20 22.15 -9.42
CA PRO A 579 -36.14 21.30 -10.11
C PRO A 579 -37.57 21.78 -10.09
N GLN A 580 -37.87 22.79 -9.28
CA GLN A 580 -39.24 23.29 -9.21
C GLN A 580 -39.42 24.62 -9.94
N THR A 581 -38.44 25.51 -9.86
CA THR A 581 -38.57 26.82 -10.53
C THR A 581 -37.58 27.00 -11.67
N LEU A 582 -36.65 26.06 -11.80
CA LEU A 582 -35.61 26.02 -12.83
C LEU A 582 -34.64 27.20 -12.85
N GLU A 583 -34.39 27.83 -11.71
CA GLU A 583 -33.35 28.82 -11.68
C GLU A 583 -32.04 28.07 -11.49
N ILE A 584 -30.92 28.66 -11.88
CA ILE A 584 -29.66 27.98 -11.72
C ILE A 584 -28.97 28.48 -10.48
N LEU A 585 -28.54 27.53 -9.64
CA LEU A 585 -27.88 27.85 -8.39
C LEU A 585 -26.43 27.40 -8.43
N ASP A 586 -25.53 28.28 -8.04
CA ASP A 586 -24.13 27.90 -7.96
C ASP A 586 -23.88 27.27 -6.63
N ILE A 587 -22.97 26.32 -6.58
CA ILE A 587 -22.59 25.75 -5.30
C ILE A 587 -21.19 26.14 -4.94
N THR A 588 -21.05 26.91 -3.88
CA THR A 588 -19.70 27.25 -3.48
C THR A 588 -19.37 26.40 -2.26
N PRO A 589 -18.11 26.08 -2.02
CA PRO A 589 -17.66 25.37 -0.85
C PRO A 589 -17.91 26.19 0.40
N CYS A 590 -18.14 25.51 1.53
CA CYS A 590 -18.19 26.14 2.85
C CYS A 590 -16.76 26.52 3.20
N SER A 591 -16.55 27.73 3.71
CA SER A 591 -15.18 28.13 3.92
C SER A 591 -14.50 27.23 4.93
N PHE A 592 -13.22 27.06 4.71
CA PHE A 592 -12.37 26.30 5.59
C PHE A 592 -10.98 26.81 5.36
N GLY A 593 -10.08 26.49 6.26
CA GLY A 593 -8.69 26.85 6.05
C GLY A 593 -7.90 26.70 7.32
N GLY A 594 -6.60 26.84 7.23
CA GLY A 594 -5.80 26.73 8.41
C GLY A 594 -6.03 27.94 9.29
N VAL A 595 -5.93 27.75 10.59
CA VAL A 595 -6.00 28.84 11.53
C VAL A 595 -4.67 28.96 12.20
N SER A 596 -4.09 30.14 12.07
CA SER A 596 -2.76 30.34 12.57
C SER A 596 -2.70 31.40 13.62
N VAL A 597 -1.77 31.22 14.53
CA VAL A 597 -1.59 32.13 15.63
C VAL A 597 -0.35 32.97 15.43
N ILE A 598 -0.55 34.27 15.46
CA ILE A 598 0.48 35.25 15.28
C ILE A 598 0.91 35.75 16.63
N THR A 599 2.12 35.40 17.02
CA THR A 599 2.52 35.64 18.38
C THR A 599 3.91 36.25 18.49
N PRO A 600 4.12 37.24 19.36
CA PRO A 600 5.39 37.74 19.77
C PRO A 600 5.98 36.71 20.69
N GLY A 601 7.26 36.76 20.95
CA GLY A 601 7.81 35.74 21.81
C GLY A 601 7.18 35.78 23.19
N THR A 602 7.05 34.61 23.78
CA THR A 602 6.47 34.42 25.12
C THR A 602 7.25 35.19 26.21
N ASN A 603 8.54 35.47 25.96
CA ASN A 603 9.45 36.20 26.84
C ASN A 603 9.12 37.71 26.91
N THR A 604 8.21 38.22 26.06
CA THR A 604 7.78 39.63 26.10
C THR A 604 6.30 39.76 26.32
N SER A 605 5.54 38.84 25.76
CA SER A 605 4.10 38.96 25.82
C SER A 605 3.39 37.62 25.71
N ASN A 606 2.20 37.53 26.31
CA ASN A 606 1.42 36.31 26.25
C ASN A 606 0.05 36.49 25.60
N GLN A 607 -0.05 37.45 24.68
CA GLN A 607 -1.29 37.65 23.94
C GLN A 607 -1.02 37.36 22.48
N VAL A 608 -2.04 36.92 21.75
CA VAL A 608 -1.85 36.61 20.34
C VAL A 608 -2.95 37.15 19.45
N ALA A 609 -2.66 37.21 18.16
CA ALA A 609 -3.68 37.52 17.15
C ALA A 609 -3.95 36.24 16.35
N VAL A 610 -5.18 36.06 15.91
CA VAL A 610 -5.49 34.84 15.18
C VAL A 610 -5.95 35.10 13.75
N LEU A 611 -5.31 34.40 12.82
CA LEU A 611 -5.61 34.53 11.41
C LEU A 611 -6.37 33.33 10.85
N TYR A 612 -7.50 33.61 10.21
CA TYR A 612 -8.27 32.57 9.55
C TYR A 612 -8.01 32.61 8.05
N GLN A 613 -7.32 31.60 7.53
CA GLN A 613 -6.87 31.63 6.14
C GLN A 613 -8.00 31.49 5.15
N ASP A 614 -8.02 32.39 4.16
CA ASP A 614 -9.05 32.39 3.13
C ASP A 614 -10.47 32.37 3.71
N VAL A 615 -10.69 33.12 4.78
CA VAL A 615 -12.00 33.20 5.40
C VAL A 615 -12.47 34.64 5.45
N ASN A 616 -13.74 34.89 5.04
CA ASN A 616 -14.36 36.20 5.19
C ASN A 616 -14.69 36.41 6.68
N CYS A 617 -14.54 37.65 7.16
CA CYS A 617 -14.67 37.87 8.64
C CYS A 617 -16.09 37.73 9.07
N THR A 618 -17.02 37.93 8.16
CA THR A 618 -18.43 37.89 8.52
C THR A 618 -18.89 36.46 8.78
N GLU A 619 -18.10 35.48 8.38
CA GLU A 619 -18.46 34.09 8.58
C GLU A 619 -17.53 33.37 9.55
N VAL A 620 -16.63 34.12 10.17
CA VAL A 620 -15.72 33.51 11.14
C VAL A 620 -16.42 32.90 12.38
N PRO A 621 -17.38 33.59 13.08
CA PRO A 621 -18.09 33.05 14.25
C PRO A 621 -19.25 32.16 13.80
N ASN A 641 -12.08 44.26 17.16
CA ASN A 641 -10.74 44.48 16.63
C ASN A 641 -10.46 43.46 15.51
N VAL A 642 -11.19 43.61 14.39
CA VAL A 642 -11.14 42.69 13.25
C VAL A 642 -10.63 43.37 11.98
N PHE A 643 -9.58 42.81 11.41
CA PHE A 643 -8.96 43.34 10.20
C PHE A 643 -9.03 42.34 9.05
N GLN A 644 -9.77 42.68 8.01
CA GLN A 644 -9.89 41.78 6.87
C GLN A 644 -8.74 42.03 5.91
N THR A 645 -7.97 40.99 5.62
CA THR A 645 -6.86 41.11 4.70
C THR A 645 -7.06 40.13 3.56
N ARG A 646 -6.18 40.20 2.56
CA ARG A 646 -6.27 39.26 1.44
C ARG A 646 -5.97 37.84 1.92
N ALA A 647 -4.99 37.71 2.81
CA ALA A 647 -4.55 36.43 3.32
C ALA A 647 -5.64 35.70 4.10
N GLY A 648 -6.46 36.46 4.81
CA GLY A 648 -7.49 35.88 5.65
C GLY A 648 -8.02 36.92 6.63
N CYS A 649 -8.83 36.48 7.61
CA CYS A 649 -9.41 37.36 8.61
C CYS A 649 -8.51 37.39 9.84
N LEU A 650 -8.00 38.56 10.16
CA LEU A 650 -7.08 38.71 11.29
C LEU A 650 -7.76 39.33 12.48
N ILE A 651 -7.89 38.58 13.55
CA ILE A 651 -8.60 39.06 14.73
C ILE A 651 -7.70 39.23 15.94
N GLY A 652 -7.72 40.42 16.53
CA GLY A 652 -6.93 40.72 17.72
C GLY A 652 -5.78 41.68 17.44
N ALA A 653 -5.37 41.79 16.19
CA ALA A 653 -4.35 42.75 15.80
C ALA A 653 -5.03 43.98 15.28
N GLU A 654 -4.44 45.15 15.53
CA GLU A 654 -5.05 46.37 14.99
C GLU A 654 -4.37 46.79 13.71
N HIS A 655 -5.11 47.45 12.84
CA HIS A 655 -4.57 47.94 11.58
C HIS A 655 -4.07 49.36 11.70
N VAL A 656 -2.82 49.58 11.32
CA VAL A 656 -2.25 50.92 11.37
C VAL A 656 -1.84 51.38 9.97
N ASN A 657 -1.73 52.71 9.78
CA ASN A 657 -1.37 53.32 8.48
C ASN A 657 0.15 53.51 8.31
N ASN A 658 0.96 53.09 9.30
CA ASN A 658 2.41 53.21 9.27
C ASN A 658 3.06 51.92 8.82
N SER A 659 3.94 51.99 7.83
CA SER A 659 4.66 50.81 7.40
C SER A 659 5.90 50.66 8.28
N TYR A 660 6.30 49.44 8.48
CA TYR A 660 7.47 49.11 9.29
C TYR A 660 8.26 48.01 8.61
N GLU A 661 9.52 47.85 9.01
CA GLU A 661 10.25 46.67 8.57
C GLU A 661 9.45 45.48 9.09
N CYS A 662 9.40 44.39 8.31
CA CYS A 662 8.59 43.19 8.66
C CYS A 662 9.20 42.47 9.86
N ASP A 663 8.35 41.67 10.50
CA ASP A 663 8.78 40.90 11.66
C ASP A 663 8.15 39.51 11.57
N ILE A 664 6.85 39.43 11.82
CA ILE A 664 6.14 38.18 11.64
C ILE A 664 5.27 38.30 10.40
N PRO A 665 5.63 37.66 9.29
CA PRO A 665 4.95 37.80 8.03
C PRO A 665 3.60 37.13 8.08
N ILE A 666 2.61 37.73 7.44
CA ILE A 666 1.30 37.12 7.30
C ILE A 666 1.07 36.68 5.87
N GLY A 667 1.32 37.58 4.94
CA GLY A 667 1.11 37.29 3.53
C GLY A 667 0.43 38.45 2.83
N ALA A 668 0.55 38.50 1.51
CA ALA A 668 -0.09 39.51 0.69
C ALA A 668 0.32 40.92 1.08
N GLY A 669 1.59 41.10 1.45
CA GLY A 669 2.14 42.41 1.77
C GLY A 669 1.92 42.81 3.22
N ILE A 670 1.24 41.99 3.99
CA ILE A 670 0.95 42.33 5.38
C ILE A 670 1.86 41.55 6.35
N CYS A 671 2.41 42.28 7.32
CA CYS A 671 3.22 41.76 8.42
C CYS A 671 2.62 42.23 9.74
N ALA A 672 2.94 41.50 10.81
CA ALA A 672 2.52 41.90 12.13
C ALA A 672 3.70 41.98 13.08
N SER A 673 3.53 42.78 14.13
CA SER A 673 4.54 42.94 15.17
C SER A 673 3.91 43.38 16.47
N TYR A 674 4.69 43.35 17.54
CA TYR A 674 4.18 43.76 18.85
C TYR A 674 4.83 45.06 19.32
N GLN A 675 4.00 46.06 19.64
CA GLN A 675 4.43 47.39 20.08
C GLN A 675 4.77 47.39 21.57
N GLN A 690 0.77 49.42 23.28
CA GLN A 690 1.47 48.18 23.64
C GLN A 690 0.55 46.98 23.34
N SER A 691 0.40 46.66 22.04
CA SER A 691 -0.44 45.59 21.52
C SER A 691 0.07 45.12 20.16
N ILE A 692 -0.55 44.08 19.62
CA ILE A 692 -0.16 43.55 18.32
C ILE A 692 -0.77 44.37 17.20
N ILE A 693 0.06 44.74 16.23
CA ILE A 693 -0.38 45.54 15.10
C ILE A 693 -0.14 44.81 13.80
N ALA A 694 -0.88 45.22 12.78
CA ALA A 694 -0.71 44.71 11.44
C ALA A 694 -0.59 45.88 10.48
N TYR A 695 0.28 45.73 9.50
CA TYR A 695 0.61 46.81 8.59
C TYR A 695 1.14 46.32 7.26
N THR A 696 1.13 47.20 6.27
CA THR A 696 1.80 46.88 5.03
C THR A 696 3.28 47.02 5.27
N MET A 697 4.05 46.00 4.90
CA MET A 697 5.48 46.01 5.18
C MET A 697 6.23 47.01 4.33
N SER A 698 7.29 47.56 4.91
CA SER A 698 8.20 48.43 4.18
C SER A 698 9.22 47.58 3.46
N LEU A 699 9.63 47.99 2.28
CA LEU A 699 10.60 47.20 1.54
C LEU A 699 12.03 47.64 1.79
N GLY A 700 12.18 48.84 2.32
CA GLY A 700 13.48 49.42 2.56
C GLY A 700 13.32 50.90 2.87
N ALA A 701 14.40 51.55 3.25
CA ALA A 701 14.30 52.97 3.57
C ALA A 701 14.12 53.79 2.32
N GLU A 702 13.49 54.95 2.46
CA GLU A 702 13.35 55.86 1.33
C GLU A 702 14.68 56.51 1.04
N ASN A 703 15.12 56.46 -0.22
CA ASN A 703 16.40 57.04 -0.58
C ASN A 703 16.44 57.54 -2.00
N SER A 704 17.38 58.44 -2.26
CA SER A 704 17.60 58.91 -3.61
C SER A 704 19.06 59.20 -3.82
N VAL A 705 19.54 58.92 -5.03
CA VAL A 705 20.90 59.19 -5.42
C VAL A 705 20.94 60.56 -6.07
N ALA A 706 21.90 61.39 -5.66
CA ALA A 706 21.99 62.75 -6.18
C ALA A 706 22.62 62.78 -7.56
N TYR A 707 21.93 62.16 -8.51
CA TYR A 707 22.41 62.03 -9.86
C TYR A 707 22.48 63.35 -10.60
N SER A 708 23.59 63.55 -11.30
CA SER A 708 23.78 64.69 -12.16
C SER A 708 24.77 64.26 -13.24
N ASN A 709 24.64 64.84 -14.43
CA ASN A 709 25.49 64.47 -15.61
C ASN A 709 26.96 64.82 -15.40
N ASN A 710 27.32 65.70 -14.45
CA ASN A 710 28.69 66.06 -14.16
C ASN A 710 29.05 65.93 -12.68
N SER A 711 28.44 65.00 -11.94
CA SER A 711 28.78 64.86 -10.53
C SER A 711 29.03 63.42 -10.12
N ILE A 712 30.11 63.23 -9.37
CA ILE A 712 30.46 61.91 -8.87
C ILE A 712 30.67 61.97 -7.37
N ALA A 713 30.41 60.87 -6.70
CA ALA A 713 30.77 60.80 -5.30
C ALA A 713 31.93 59.82 -5.17
N ILE A 714 32.91 60.19 -4.35
CA ILE A 714 34.08 59.35 -4.11
C ILE A 714 34.29 59.21 -2.61
N PRO A 715 34.47 57.99 -2.09
CA PRO A 715 34.67 57.71 -0.69
C PRO A 715 35.98 58.34 -0.29
N THR A 716 36.05 58.88 0.92
CA THR A 716 37.30 59.48 1.38
C THR A 716 37.94 58.74 2.55
N ASN A 717 37.15 57.88 3.21
CA ASN A 717 37.55 57.06 4.35
C ASN A 717 36.83 55.74 4.24
N PHE A 718 37.49 54.63 4.51
CA PHE A 718 36.91 53.29 4.41
C PHE A 718 36.77 52.65 5.75
N THR A 719 35.89 51.68 5.84
CA THR A 719 35.79 50.88 7.03
C THR A 719 35.96 49.42 6.63
N ILE A 720 36.32 48.61 7.59
CA ILE A 720 36.47 47.18 7.37
C ILE A 720 35.57 46.45 8.32
N SER A 721 34.85 45.47 7.79
CA SER A 721 33.93 44.74 8.62
C SER A 721 34.04 43.26 8.37
N VAL A 722 33.54 42.47 9.31
CA VAL A 722 33.56 41.03 9.16
C VAL A 722 32.15 40.46 9.14
N THR A 723 31.84 39.74 8.08
CA THR A 723 30.54 39.10 7.92
C THR A 723 30.63 37.62 8.25
N THR A 724 29.66 37.12 9.01
CA THR A 724 29.65 35.71 9.34
C THR A 724 28.66 34.97 8.48
N GLU A 725 29.16 34.00 7.72
CA GLU A 725 28.30 33.20 6.86
C GLU A 725 28.35 31.73 7.23
N ILE A 726 27.21 31.19 7.59
CA ILE A 726 27.12 29.82 8.03
C ILE A 726 26.55 28.90 6.96
N LEU A 727 27.25 27.82 6.66
CA LEU A 727 26.74 26.84 5.72
C LEU A 727 26.81 25.44 6.32
N PRO A 728 25.77 24.61 6.18
CA PRO A 728 25.78 23.21 6.53
C PRO A 728 26.62 22.46 5.52
N VAL A 729 27.33 21.45 5.98
CA VAL A 729 28.12 20.64 5.09
C VAL A 729 27.65 19.20 5.09
N SER A 730 27.27 18.72 6.26
CA SER A 730 26.91 17.34 6.42
C SER A 730 25.77 17.19 7.39
N MET A 731 25.24 15.98 7.48
CA MET A 731 24.19 15.68 8.42
C MET A 731 24.45 14.34 9.08
N THR A 732 23.77 14.08 10.19
CA THR A 732 23.96 12.84 10.93
C THR A 732 23.76 11.63 10.04
N LYS A 733 24.72 10.69 10.08
CA LYS A 733 24.66 9.51 9.26
C LYS A 733 23.79 8.43 9.87
N THR A 734 22.49 8.68 9.80
CA THR A 734 21.50 7.78 10.36
C THR A 734 21.19 6.69 9.36
N SER A 735 21.17 5.45 9.82
CA SER A 735 20.77 4.34 8.99
C SER A 735 19.94 3.38 9.82
N VAL A 736 19.09 2.62 9.15
CA VAL A 736 18.25 1.65 9.82
C VAL A 736 18.12 0.42 8.96
N ASP A 737 18.21 -0.77 9.55
CA ASP A 737 18.01 -1.91 8.70
C ASP A 737 16.50 -2.21 8.63
N CYS A 738 16.04 -2.47 7.40
CA CYS A 738 14.58 -2.74 7.13
C CYS A 738 14.11 -3.91 7.90
N THR A 739 14.75 -5.02 8.02
CA THR A 739 14.22 -6.18 8.68
C THR A 739 14.00 -5.98 10.17
N MET A 740 15.01 -5.49 10.89
CA MET A 740 14.81 -5.33 12.33
C MET A 740 13.80 -4.25 12.62
N TYR A 741 13.83 -3.15 11.87
CA TYR A 741 12.86 -2.09 12.09
C TYR A 741 11.43 -2.62 11.97
N ILE A 742 11.14 -3.36 10.91
CA ILE A 742 9.78 -3.83 10.69
C ILE A 742 9.35 -5.00 11.58
N CYS A 743 10.20 -6.05 11.71
CA CYS A 743 9.81 -7.32 12.34
C CYS A 743 10.41 -7.56 13.72
N GLY A 744 11.39 -6.79 14.16
CA GLY A 744 11.95 -7.06 15.47
C GLY A 744 12.48 -8.48 15.59
N ASP A 745 12.01 -9.20 16.61
CA ASP A 745 12.42 -10.58 16.87
C ASP A 745 11.33 -11.60 16.53
N SER A 746 10.34 -11.20 15.72
CA SER A 746 9.29 -12.13 15.33
C SER A 746 9.73 -12.92 14.10
N THR A 747 9.90 -14.22 14.26
CA THR A 747 10.41 -15.05 13.17
C THR A 747 9.42 -15.15 12.02
N GLU A 748 8.15 -15.37 12.32
CA GLU A 748 7.18 -15.49 11.24
C GLU A 748 7.06 -14.20 10.41
N CYS A 749 7.28 -13.02 11.03
CA CYS A 749 7.29 -11.73 10.33
C CYS A 749 8.53 -11.67 9.45
N SER A 750 9.68 -12.06 10.01
CA SER A 750 10.93 -12.02 9.28
C SER A 750 10.86 -12.86 8.02
N ASN A 751 10.23 -14.02 8.11
CA ASN A 751 10.11 -14.88 6.94
C ASN A 751 9.03 -14.38 5.99
N LEU A 752 7.94 -13.83 6.53
CA LEU A 752 6.85 -13.34 5.70
C LEU A 752 7.35 -12.15 4.87
N LEU A 753 8.19 -11.32 5.47
CA LEU A 753 8.73 -10.12 4.86
C LEU A 753 9.52 -10.42 3.57
N LEU A 754 9.92 -11.68 3.37
CA LEU A 754 10.67 -12.03 2.17
C LEU A 754 9.77 -11.99 0.93
N GLN A 755 8.47 -11.88 1.15
CA GLN A 755 7.51 -11.86 0.06
C GLN A 755 7.46 -10.48 -0.57
N TYR A 756 8.23 -9.55 -0.01
CA TYR A 756 8.34 -8.20 -0.53
C TYR A 756 9.62 -8.05 -1.34
N GLY A 757 10.27 -9.16 -1.60
CA GLY A 757 11.43 -9.17 -2.49
C GLY A 757 12.58 -8.31 -2.03
N SER A 758 12.98 -7.38 -2.89
CA SER A 758 14.12 -6.49 -2.68
C SER A 758 13.78 -5.19 -1.99
N PHE A 759 12.53 -4.99 -1.57
CA PHE A 759 12.23 -3.69 -0.97
C PHE A 759 13.22 -3.30 0.13
N CYS A 760 13.55 -4.25 1.02
CA CYS A 760 14.52 -4.03 2.10
C CYS A 760 15.92 -3.73 1.59
N THR A 761 16.31 -4.35 0.49
CA THR A 761 17.64 -4.13 -0.07
C THR A 761 17.76 -2.71 -0.60
N GLN A 762 16.71 -2.26 -1.29
CA GLN A 762 16.70 -0.93 -1.88
C GLN A 762 16.78 0.15 -0.81
N LEU A 763 16.07 -0.08 0.30
CA LEU A 763 16.04 0.87 1.41
C LEU A 763 17.37 0.89 2.14
N ASN A 764 17.96 -0.29 2.35
CA ASN A 764 19.22 -0.35 3.07
C ASN A 764 20.32 0.28 2.23
N ARG A 765 20.24 0.09 0.92
CA ARG A 765 21.22 0.62 -0.01
C ARG A 765 21.15 2.13 -0.09
N ALA A 766 19.95 2.68 -0.15
CA ALA A 766 19.78 4.13 -0.26
C ALA A 766 20.37 4.83 0.96
N LEU A 767 20.15 4.29 2.15
CA LEU A 767 20.69 4.93 3.34
C LEU A 767 22.20 4.78 3.40
N THR A 768 22.71 3.65 2.95
CA THR A 768 24.16 3.46 2.93
C THR A 768 24.79 4.50 2.01
N GLY A 769 24.17 4.72 0.86
CA GLY A 769 24.67 5.69 -0.11
C GLY A 769 24.74 7.08 0.49
N ILE A 770 23.72 7.47 1.25
CA ILE A 770 23.74 8.76 1.91
C ILE A 770 24.86 8.83 2.92
N ALA A 771 25.01 7.80 3.73
CA ALA A 771 26.05 7.81 4.76
C ALA A 771 27.43 8.02 4.15
N VAL A 772 27.68 7.40 3.01
CA VAL A 772 28.96 7.59 2.34
C VAL A 772 29.11 9.02 1.83
N GLU A 773 28.04 9.51 1.22
CA GLU A 773 28.01 10.86 0.67
C GLU A 773 28.34 11.91 1.73
N GLN A 774 27.92 11.68 2.97
CA GLN A 774 28.18 12.66 4.02
C GLN A 774 29.66 12.82 4.33
N ASP A 775 30.47 11.77 4.14
CA ASP A 775 31.90 11.92 4.38
C ASP A 775 32.54 12.58 3.18
N LYS A 776 31.99 12.31 2.00
CA LYS A 776 32.48 12.95 0.80
C LYS A 776 32.23 14.45 0.87
N ASN A 777 31.07 14.83 1.40
CA ASN A 777 30.72 16.24 1.52
C ASN A 777 31.66 16.95 2.48
N THR A 778 32.01 16.30 3.58
CA THR A 778 32.91 16.91 4.53
C THR A 778 34.31 17.05 3.94
N GLN A 779 34.81 15.98 3.35
CA GLN A 779 36.17 16.01 2.85
C GLN A 779 36.38 17.04 1.76
N GLU A 780 35.44 17.16 0.82
CA GLU A 780 35.61 18.09 -0.28
C GLU A 780 35.53 19.55 0.15
N VAL A 781 35.08 19.81 1.37
CA VAL A 781 34.99 21.18 1.86
C VAL A 781 36.20 21.54 2.66
N PHE A 782 36.62 20.68 3.58
CA PHE A 782 37.73 21.05 4.46
C PHE A 782 39.11 20.64 3.97
N ALA A 783 39.22 19.53 3.25
CA ALA A 783 40.54 19.04 2.86
C ALA A 783 41.01 19.72 1.58
N GLN A 784 41.30 21.02 1.67
CA GLN A 784 41.74 21.82 0.54
C GLN A 784 43.25 21.98 0.55
N VAL A 785 43.92 21.27 1.44
CA VAL A 785 45.34 21.44 1.63
C VAL A 785 46.10 20.16 1.38
N LYS A 786 47.40 20.33 1.16
CA LYS A 786 48.31 19.25 0.85
C LYS A 786 49.11 18.90 2.09
N GLN A 787 49.33 19.93 2.89
CA GLN A 787 50.08 19.85 4.11
C GLN A 787 49.36 20.61 5.18
N ILE A 788 49.65 20.27 6.41
CA ILE A 788 49.11 20.98 7.54
C ILE A 788 50.10 22.05 7.96
N TYR A 789 49.72 23.30 7.79
CA TYR A 789 50.60 24.42 8.07
C TYR A 789 50.26 24.97 9.43
N LYS A 790 51.23 25.55 10.11
CA LYS A 790 50.98 26.20 11.38
C LYS A 790 51.57 27.60 11.37
N THR A 791 51.01 28.47 12.20
CA THR A 791 51.57 29.81 12.36
C THR A 791 52.83 29.71 13.20
N PRO A 792 53.74 30.69 13.11
CA PRO A 792 54.97 30.75 13.89
C PRO A 792 54.67 31.07 15.35
N PRO A 793 55.59 30.70 16.27
CA PRO A 793 55.64 31.07 17.67
C PRO A 793 55.53 32.57 17.90
N ILE A 794 56.12 33.36 17.00
CA ILE A 794 56.05 34.80 17.13
C ILE A 794 55.06 35.35 16.14
N LYS A 795 53.89 35.70 16.64
CA LYS A 795 52.79 36.10 15.79
C LYS A 795 52.78 37.58 15.47
N ASP A 796 53.79 38.01 14.72
CA ASP A 796 53.89 39.39 14.29
C ASP A 796 53.34 39.55 12.89
N PHE A 797 52.12 40.02 12.79
CA PHE A 797 51.46 40.14 11.52
C PHE A 797 51.23 41.59 11.17
N GLY A 798 52.01 42.48 11.76
CA GLY A 798 51.92 43.90 11.45
C GLY A 798 50.80 44.62 12.18
N GLY A 799 50.36 44.08 13.31
CA GLY A 799 49.30 44.70 14.10
C GLY A 799 47.98 43.97 13.98
N PHE A 800 47.91 43.00 13.08
CA PHE A 800 46.70 42.22 12.88
C PHE A 800 46.65 41.06 13.88
N ASN A 801 45.64 41.06 14.73
CA ASN A 801 45.43 40.13 15.83
C ASN A 801 44.46 39.01 15.42
N PHE A 802 44.97 37.81 15.20
CA PHE A 802 44.18 36.65 14.78
C PHE A 802 43.98 35.64 15.90
N SER A 803 44.22 36.05 17.14
CA SER A 803 44.13 35.12 18.27
C SER A 803 42.72 34.59 18.47
N GLN A 804 41.73 35.28 17.91
CA GLN A 804 40.34 34.88 18.00
C GLN A 804 39.98 33.74 17.05
N ILE A 805 40.73 33.63 15.95
CA ILE A 805 40.42 32.60 14.95
C ILE A 805 41.42 31.46 14.96
N LEU A 806 42.61 31.68 15.53
CA LEU A 806 43.62 30.64 15.62
C LEU A 806 43.31 29.75 16.83
N PRO A 807 43.71 28.47 16.81
CA PRO A 807 43.54 27.51 17.89
C PRO A 807 44.11 28.01 19.21
N ASP A 808 43.37 27.76 20.28
CA ASP A 808 43.77 28.14 21.63
C ASP A 808 44.50 26.97 22.31
N PRO A 809 45.81 27.04 22.49
CA PRO A 809 46.68 25.97 22.96
C PRO A 809 46.43 25.61 24.42
N SER A 810 45.68 26.43 25.13
CA SER A 810 45.42 26.16 26.55
C SER A 810 44.33 25.13 26.74
N LYS A 811 43.58 24.85 25.67
CA LYS A 811 42.44 23.96 25.77
C LYS A 811 42.73 22.62 25.12
N PRO A 812 42.25 21.51 25.71
CA PRO A 812 42.45 20.13 25.28
C PRO A 812 41.87 19.85 23.89
N SER A 813 40.91 20.65 23.48
CA SER A 813 40.27 20.51 22.17
C SER A 813 41.00 21.32 21.10
N LYS A 814 41.84 22.24 21.56
CA LYS A 814 42.65 23.14 20.75
C LYS A 814 41.83 23.83 19.64
N ARG A 815 40.70 24.43 20.02
CA ARG A 815 39.85 25.15 19.09
C ARG A 815 40.04 26.64 19.31
N SER A 816 39.65 27.46 18.34
CA SER A 816 39.76 28.90 18.50
C SER A 816 38.68 29.42 19.44
N PRO A 817 38.86 30.61 20.06
CA PRO A 817 37.88 31.34 20.85
C PRO A 817 36.53 31.54 20.17
N ILE A 818 36.52 31.70 18.85
CA ILE A 818 35.24 31.80 18.14
C ILE A 818 34.64 30.42 17.90
N GLU A 819 35.46 29.45 17.51
CA GLU A 819 34.93 28.10 17.30
C GLU A 819 34.28 27.60 18.57
N ASP A 820 34.81 27.95 19.73
CA ASP A 820 34.21 27.52 20.98
C ASP A 820 32.73 27.85 21.05
N LEU A 821 32.34 29.02 20.55
CA LEU A 821 30.94 29.40 20.60
C LEU A 821 30.13 28.63 19.57
N LEU A 822 30.75 28.35 18.44
CA LEU A 822 30.03 27.64 17.38
C LEU A 822 29.72 26.22 17.84
N PHE A 823 30.65 25.63 18.58
CA PHE A 823 30.48 24.28 19.12
C PHE A 823 29.61 24.24 20.37
N ASN A 824 29.72 25.23 21.23
CA ASN A 824 28.97 25.21 22.48
C ASN A 824 27.48 25.46 22.29
N LYS A 825 27.09 26.31 21.33
CA LYS A 825 25.66 26.59 21.16
C LYS A 825 24.85 25.52 20.42
N VAL A 826 25.45 24.84 19.42
CA VAL A 826 24.73 23.86 18.58
C VAL A 826 24.72 22.51 19.29
N PHE A 855 16.23 3.14 19.01
CA PHE A 855 17.31 2.14 19.02
C PHE A 855 16.93 0.81 18.35
N ASN A 856 15.64 0.63 18.01
CA ASN A 856 15.11 -0.63 17.51
C ASN A 856 15.31 -0.86 16.01
N GLY A 857 16.57 -1.10 15.68
CA GLY A 857 17.02 -1.37 14.31
C GLY A 857 17.76 -0.19 13.71
N LEU A 858 17.64 0.97 14.35
CA LEU A 858 18.34 2.14 13.86
C LEU A 858 19.70 2.30 14.53
N THR A 859 20.59 2.96 13.84
CA THR A 859 21.94 3.21 14.32
C THR A 859 22.50 4.47 13.69
N VAL A 860 23.43 5.11 14.38
CA VAL A 860 24.12 6.27 13.82
C VAL A 860 25.60 6.01 13.73
N LEU A 861 26.14 6.16 12.54
CA LEU A 861 27.56 5.89 12.33
C LEU A 861 28.35 7.17 12.52
N PRO A 862 29.57 7.10 13.06
CA PRO A 862 30.48 8.21 13.25
C PRO A 862 31.04 8.63 11.89
N PRO A 863 31.43 9.89 11.75
CA PRO A 863 32.10 10.48 10.60
C PRO A 863 33.51 9.97 10.53
N LEU A 864 34.10 9.96 9.34
CA LEU A 864 35.51 9.61 9.23
C LEU A 864 36.37 10.67 9.88
N LEU A 865 36.05 11.93 9.63
CA LEU A 865 36.82 13.02 10.21
C LEU A 865 36.13 13.55 11.44
N THR A 866 36.78 13.40 12.58
CA THR A 866 36.25 13.83 13.86
C THR A 866 36.40 15.33 13.98
N ASP A 867 35.74 15.93 14.95
CA ASP A 867 35.82 17.38 15.09
C ASP A 867 37.26 17.85 15.24
N GLU A 868 38.08 17.03 15.90
CA GLU A 868 39.49 17.36 16.07
C GLU A 868 40.20 17.45 14.73
N MET A 869 39.84 16.59 13.78
CA MET A 869 40.51 16.57 12.49
C MET A 869 40.02 17.69 11.60
N ILE A 870 38.77 18.08 11.80
CA ILE A 870 38.23 19.20 11.07
C ILE A 870 38.92 20.46 11.55
N ALA A 871 39.13 20.56 12.86
CA ALA A 871 39.83 21.71 13.43
C ALA A 871 41.25 21.79 12.89
N GLN A 872 41.92 20.64 12.70
CA GLN A 872 43.26 20.67 12.14
C GLN A 872 43.29 21.16 10.70
N TYR A 873 42.31 20.75 9.90
CA TYR A 873 42.26 21.26 8.53
C TYR A 873 42.00 22.75 8.53
N THR A 874 41.10 23.21 9.40
CA THR A 874 40.79 24.62 9.47
C THR A 874 42.03 25.40 9.89
N SER A 875 42.78 24.88 10.86
CA SER A 875 43.99 25.54 11.32
C SER A 875 44.99 25.66 10.17
N ALA A 876 45.13 24.60 9.38
CA ALA A 876 46.04 24.63 8.24
C ALA A 876 45.63 25.71 7.25
N LEU A 877 44.33 25.88 7.05
CA LEU A 877 43.85 26.89 6.12
C LEU A 877 44.11 28.28 6.63
N LEU A 878 43.93 28.51 7.93
CA LEU A 878 44.22 29.83 8.47
C LEU A 878 45.69 30.12 8.44
N ALA A 879 46.51 29.14 8.80
CA ALA A 879 47.93 29.37 8.80
C ALA A 879 48.41 29.64 7.39
N GLY A 880 47.85 28.92 6.42
CA GLY A 880 48.20 29.13 5.04
C GLY A 880 47.81 30.52 4.60
N THR A 881 46.56 30.89 4.85
CA THR A 881 46.03 32.19 4.44
C THR A 881 46.84 33.33 5.05
N ILE A 882 47.16 33.22 6.32
CA ILE A 882 47.87 34.27 7.03
C ILE A 882 49.34 34.40 6.62
N THR A 883 50.06 33.30 6.47
CA THR A 883 51.49 33.41 6.18
C THR A 883 51.89 33.31 4.70
N SER A 884 51.03 32.78 3.82
CA SER A 884 51.39 32.62 2.41
C SER A 884 50.32 33.13 1.43
N GLY A 885 49.30 33.78 1.95
CA GLY A 885 48.23 34.30 1.11
C GLY A 885 47.52 33.18 0.35
N TRP A 886 47.40 33.33 -0.96
CA TRP A 886 46.73 32.33 -1.78
C TRP A 886 47.68 31.38 -2.49
N THR A 887 48.98 31.53 -2.27
CA THR A 887 49.90 30.71 -3.02
C THR A 887 49.88 29.28 -2.55
N PHE A 888 49.47 29.04 -1.31
CA PHE A 888 49.39 27.67 -0.80
C PHE A 888 48.29 26.90 -1.50
N GLY A 889 47.37 27.62 -2.12
CA GLY A 889 46.26 27.01 -2.83
C GLY A 889 46.71 26.58 -4.21
N ALA A 890 47.28 27.53 -4.96
CA ALA A 890 47.70 27.30 -6.34
C ALA A 890 49.02 26.51 -6.48
N GLY A 891 49.90 26.64 -5.50
CA GLY A 891 51.20 25.98 -5.59
C GLY A 891 51.72 25.68 -4.19
N PRO A 892 53.03 25.76 -3.99
CA PRO A 892 53.74 25.63 -2.73
C PRO A 892 53.39 26.82 -1.84
N ALA A 893 53.50 26.65 -0.53
CA ALA A 893 53.21 27.78 0.34
C ALA A 893 54.43 28.68 0.48
N LEU A 894 54.34 29.84 -0.15
CA LEU A 894 55.44 30.81 -0.20
C LEU A 894 55.18 31.92 0.80
N GLN A 895 56.11 32.15 1.71
CA GLN A 895 55.86 33.15 2.75
C GLN A 895 55.76 34.55 2.17
N ILE A 896 54.92 35.35 2.81
CA ILE A 896 54.78 36.77 2.49
C ILE A 896 54.46 37.52 3.78
N PRO A 897 55.00 38.72 4.06
CA PRO A 897 54.67 39.50 5.22
C PRO A 897 53.19 39.70 5.25
N PHE A 898 52.55 39.56 6.39
CA PHE A 898 51.10 39.70 6.38
C PHE A 898 50.61 41.02 5.78
N PRO A 899 51.07 42.22 6.21
CA PRO A 899 50.59 43.49 5.71
C PRO A 899 50.87 43.64 4.22
N MET A 900 51.80 42.85 3.69
CA MET A 900 52.11 42.94 2.29
C MET A 900 51.11 42.14 1.49
N GLN A 901 50.61 41.02 2.03
CA GLN A 901 49.57 40.35 1.28
C GLN A 901 48.30 41.15 1.39
N MET A 902 48.15 41.91 2.47
CA MET A 902 46.96 42.73 2.57
C MET A 902 47.04 43.83 1.53
N ALA A 903 48.25 44.35 1.31
CA ALA A 903 48.46 45.35 0.28
C ALA A 903 48.07 44.79 -1.08
N TYR A 904 48.39 43.53 -1.35
CA TYR A 904 48.02 42.92 -2.62
C TYR A 904 46.51 42.86 -2.74
N ARG A 905 45.86 42.51 -1.63
CA ARG A 905 44.41 42.38 -1.58
C ARG A 905 43.73 43.71 -1.81
N PHE A 906 44.35 44.81 -1.38
CA PHE A 906 43.82 46.14 -1.67
C PHE A 906 43.92 46.46 -3.15
N ASN A 907 45.07 46.17 -3.77
CA ASN A 907 45.19 46.43 -5.20
C ASN A 907 44.15 45.63 -5.97
N GLY A 908 43.85 44.44 -5.46
CA GLY A 908 42.89 43.53 -6.06
C GLY A 908 41.46 44.05 -6.08
N ILE A 909 41.16 45.10 -5.31
CA ILE A 909 39.82 45.66 -5.30
C ILE A 909 39.81 47.06 -5.86
N GLY A 910 40.90 47.44 -6.53
CA GLY A 910 40.99 48.74 -7.16
C GLY A 910 41.41 49.85 -6.21
N VAL A 911 42.08 49.52 -5.12
CA VAL A 911 42.55 50.54 -4.19
C VAL A 911 44.06 50.44 -4.14
N THR A 912 44.77 51.49 -4.50
CA THR A 912 46.21 51.35 -4.60
C THR A 912 46.81 51.09 -3.23
N GLN A 913 47.84 50.23 -3.20
CA GLN A 913 48.48 49.76 -1.99
C GLN A 913 49.03 50.82 -1.05
N ASN A 914 49.35 51.98 -1.57
CA ASN A 914 49.87 53.02 -0.69
C ASN A 914 48.82 53.42 0.33
N VAL A 915 47.54 53.17 0.02
CA VAL A 915 46.46 53.49 0.91
C VAL A 915 46.58 52.66 2.16
N LEU A 916 46.94 51.39 2.00
CA LEU A 916 47.11 50.55 3.17
C LEU A 916 48.31 50.94 3.98
N TYR A 917 49.42 51.21 3.32
CA TYR A 917 50.63 51.44 4.08
C TYR A 917 50.57 52.72 4.89
N GLU A 918 49.85 53.72 4.41
CA GLU A 918 49.73 54.95 5.17
C GLU A 918 48.64 54.86 6.23
N ASN A 919 47.90 53.76 6.23
CA ASN A 919 46.81 53.55 7.16
C ASN A 919 46.93 52.18 7.80
N GLN A 920 48.13 51.61 7.83
CA GLN A 920 48.25 50.25 8.35
C GLN A 920 47.78 50.13 9.76
N LYS A 921 48.09 51.11 10.60
CA LYS A 921 47.67 51.05 12.00
C LYS A 921 46.15 51.12 12.10
N LEU A 922 45.54 52.00 11.32
CA LEU A 922 44.10 52.17 11.28
C LEU A 922 43.41 50.90 10.83
N ILE A 923 43.94 50.29 9.77
CA ILE A 923 43.37 49.07 9.22
C ILE A 923 43.46 47.94 10.19
N ALA A 924 44.61 47.78 10.84
CA ALA A 924 44.77 46.73 11.80
C ALA A 924 43.79 46.91 12.95
N ASN A 925 43.57 48.15 13.39
CA ASN A 925 42.64 48.40 14.48
C ASN A 925 41.19 48.15 14.08
N GLN A 926 40.82 48.52 12.85
CA GLN A 926 39.47 48.27 12.39
C GLN A 926 39.24 46.77 12.25
N PHE A 927 40.26 46.06 11.75
CA PHE A 927 40.16 44.62 11.62
C PHE A 927 40.00 43.96 12.97
N ASN A 928 40.87 44.32 13.91
CA ASN A 928 40.86 43.67 15.21
C ASN A 928 39.53 43.85 15.91
N SER A 929 38.94 45.04 15.77
CA SER A 929 37.65 45.30 16.39
C SER A 929 36.54 44.56 15.67
N ALA A 930 36.55 44.60 14.34
CA ALA A 930 35.50 43.97 13.55
C ALA A 930 35.45 42.48 13.77
N ILE A 931 36.60 41.85 13.94
CA ILE A 931 36.62 40.41 14.13
C ILE A 931 36.28 40.08 15.58
N GLY A 932 36.73 40.88 16.53
CA GLY A 932 36.41 40.66 17.94
C GLY A 932 34.91 40.73 18.18
N LYS A 933 34.23 41.59 17.44
CA LYS A 933 32.78 41.73 17.54
C LYS A 933 32.03 40.48 17.14
N ILE A 934 32.67 39.58 16.40
CA ILE A 934 32.00 38.35 16.00
C ILE A 934 31.77 37.49 17.21
N GLN A 935 32.79 37.38 18.07
CA GLN A 935 32.67 36.56 19.25
C GLN A 935 31.59 37.13 20.15
N ASP A 936 31.51 38.45 20.24
CA ASP A 936 30.51 39.05 21.10
C ASP A 936 29.09 38.90 20.53
N SER A 937 28.94 39.10 19.23
CA SER A 937 27.62 39.01 18.61
C SER A 937 27.02 37.63 18.74
N LEU A 938 27.83 36.60 18.55
CA LEU A 938 27.36 35.22 18.60
C LEU A 938 26.98 34.76 20.00
N SER A 939 27.33 35.54 21.03
CA SER A 939 27.00 35.10 22.39
C SER A 939 25.63 35.63 22.79
N SER A 940 25.14 36.61 22.04
CA SER A 940 23.92 37.34 22.39
C SER A 940 22.79 37.07 21.42
N THR A 941 23.08 36.26 20.41
CA THR A 941 22.12 35.98 19.35
C THR A 941 21.90 34.48 19.17
N PRO A 942 20.97 33.87 19.91
CA PRO A 942 20.63 32.46 19.86
C PRO A 942 20.37 32.00 18.43
N SER A 943 19.70 32.87 17.66
CA SER A 943 19.39 32.56 16.28
C SER A 943 20.49 33.02 15.33
N ALA A 944 21.72 32.68 15.66
CA ALA A 944 22.86 32.99 14.80
C ALA A 944 23.25 31.77 14.02
N LEU A 945 23.16 30.62 14.67
CA LEU A 945 23.56 29.33 14.12
C LEU A 945 22.35 28.47 13.85
N GLY A 946 21.20 29.11 13.75
CA GLY A 946 19.94 28.40 13.52
C GLY A 946 20.03 27.60 12.24
N LYS A 947 20.76 28.10 11.26
CA LYS A 947 20.89 27.40 10.01
C LYS A 947 21.48 25.99 10.16
N LEU A 948 22.40 25.79 11.12
CA LEU A 948 22.95 24.45 11.25
C LEU A 948 22.04 23.64 12.16
N GLN A 949 21.37 24.34 13.07
CA GLN A 949 20.47 23.70 14.01
C GLN A 949 19.25 23.14 13.30
N ASP A 950 18.80 23.83 12.26
CA ASP A 950 17.65 23.41 11.48
C ASP A 950 17.92 22.07 10.82
N VAL A 951 19.17 21.82 10.43
CA VAL A 951 19.51 20.55 9.82
C VAL A 951 19.41 19.46 10.87
N VAL A 952 19.94 19.73 12.04
CA VAL A 952 19.91 18.77 13.13
C VAL A 952 18.46 18.48 13.52
N ASN A 953 17.64 19.53 13.58
CA ASN A 953 16.26 19.36 13.98
C ASN A 953 15.45 18.58 12.97
N GLN A 954 15.67 18.82 11.67
CA GLN A 954 14.90 18.07 10.68
C GLN A 954 15.22 16.60 10.73
N ASN A 955 16.49 16.26 10.94
CA ASN A 955 16.87 14.86 10.97
C ASN A 955 16.40 14.22 12.27
N ALA A 956 16.46 14.96 13.37
CA ALA A 956 16.00 14.43 14.65
C ALA A 956 14.51 14.14 14.61
N GLN A 957 13.75 15.01 13.94
CA GLN A 957 12.32 14.82 13.83
C GLN A 957 12.01 13.63 12.94
N ALA A 958 12.74 13.49 11.84
CA ALA A 958 12.51 12.39 10.92
C ALA A 958 12.74 11.06 11.63
N LEU A 959 13.78 10.99 12.43
CA LEU A 959 14.11 9.77 13.15
C LEU A 959 13.05 9.46 14.19
N ASN A 960 12.69 10.47 14.99
CA ASN A 960 11.73 10.27 16.06
C ASN A 960 10.35 9.92 15.51
N THR A 961 10.01 10.49 14.36
CA THR A 961 8.74 10.19 13.73
C THR A 961 8.73 8.75 13.25
N LEU A 962 9.84 8.31 12.65
CA LEU A 962 9.94 6.95 12.16
C LEU A 962 9.75 5.96 13.30
N VAL A 963 10.34 6.24 14.46
CA VAL A 963 10.22 5.34 15.60
C VAL A 963 8.83 5.36 16.22
N LYS A 964 8.25 6.54 16.44
CA LYS A 964 6.92 6.58 17.03
C LYS A 964 5.88 5.94 16.14
N GLN A 965 6.11 6.00 14.83
CA GLN A 965 5.21 5.43 13.85
C GLN A 965 5.04 3.93 14.03
N LEU A 966 5.98 3.26 14.70
CA LEU A 966 5.86 1.83 14.94
C LEU A 966 4.70 1.49 15.87
N SER A 967 4.24 2.49 16.63
CA SER A 967 3.14 2.28 17.56
C SER A 967 1.80 2.33 16.84
N SER A 968 1.83 2.73 15.57
CA SER A 968 0.64 2.80 14.74
C SER A 968 0.29 1.37 14.31
N ASN A 969 -1.00 1.02 14.30
CA ASN A 969 -1.37 -0.35 13.96
C ASN A 969 -1.82 -0.56 12.52
N PHE A 970 -2.12 0.51 11.80
CA PHE A 970 -2.46 0.42 10.38
C PHE A 970 -3.67 -0.46 10.08
N GLY A 971 -4.54 -0.65 11.06
CA GLY A 971 -5.74 -1.46 10.88
C GLY A 971 -5.63 -2.82 11.58
N ALA A 972 -4.44 -3.16 12.06
CA ALA A 972 -4.23 -4.40 12.79
C ALA A 972 -4.86 -4.29 14.17
N ILE A 973 -5.14 -5.43 14.78
CA ILE A 973 -5.74 -5.43 16.12
C ILE A 973 -4.78 -4.87 17.17
N SER A 974 -3.49 -4.99 16.90
CA SER A 974 -2.44 -4.49 17.75
C SER A 974 -1.21 -4.13 16.95
N SER A 975 -0.52 -3.06 17.36
CA SER A 975 0.73 -2.65 16.73
C SER A 975 1.88 -3.60 17.05
N VAL A 976 1.71 -4.41 18.10
CA VAL A 976 2.78 -5.27 18.54
C VAL A 976 2.66 -6.68 18.00
N LEU A 977 3.70 -7.11 17.28
CA LEU A 977 3.72 -8.41 16.65
C LEU A 977 3.63 -9.53 17.67
N ASN A 978 4.26 -9.33 18.81
CA ASN A 978 4.30 -10.33 19.87
C ASN A 978 2.93 -10.56 20.50
N ASP A 979 2.02 -9.60 20.40
CA ASP A 979 0.69 -9.79 20.96
C ASP A 979 -0.20 -10.47 19.95
N ILE A 980 -0.05 -10.16 18.66
CA ILE A 980 -0.90 -10.84 17.71
C ILE A 980 -0.45 -12.28 17.47
N LEU A 981 0.85 -12.54 17.50
CA LEU A 981 1.28 -13.90 17.24
C LEU A 981 0.90 -14.84 18.38
N SER A 982 0.82 -14.31 19.61
CA SER A 982 0.45 -15.14 20.75
C SER A 982 -1.06 -15.13 21.04
N ARG A 983 -1.77 -14.10 20.59
CA ARG A 983 -3.21 -13.98 20.84
C ARG A 983 -4.07 -14.57 19.73
N LEU A 984 -3.60 -14.46 18.49
CA LEU A 984 -4.38 -14.82 17.33
C LEU A 984 -3.78 -16.02 16.58
N ASP A 985 -4.62 -17.00 16.26
CA ASP A 985 -4.18 -18.19 15.55
C ASP A 985 -3.39 -17.82 14.29
N PRO A 986 -2.22 -18.46 14.05
CA PRO A 986 -1.31 -18.26 12.92
C PRO A 986 -1.96 -17.98 11.55
N PRO A 987 -2.91 -18.78 11.02
CA PRO A 987 -3.49 -18.58 9.70
C PRO A 987 -4.16 -17.21 9.55
N GLU A 988 -4.53 -16.60 10.66
CA GLU A 988 -5.13 -15.27 10.62
C GLU A 988 -4.10 -14.24 11.07
N ALA A 989 -3.22 -14.64 12.00
CA ALA A 989 -2.21 -13.72 12.50
C ALA A 989 -1.37 -13.23 11.34
N GLU A 990 -1.14 -14.10 10.36
CA GLU A 990 -0.35 -13.72 9.19
C GLU A 990 -0.98 -12.57 8.43
N VAL A 991 -2.30 -12.44 8.48
CA VAL A 991 -2.98 -11.34 7.79
C VAL A 991 -2.65 -10.03 8.49
N GLN A 992 -2.67 -10.06 9.82
CA GLN A 992 -2.35 -8.88 10.61
C GLN A 992 -0.85 -8.57 10.61
N ILE A 993 -0.01 -9.61 10.52
CA ILE A 993 1.43 -9.41 10.42
C ILE A 993 1.73 -8.76 9.08
N ASP A 994 1.12 -9.26 8.01
CA ASP A 994 1.31 -8.70 6.69
C ASP A 994 0.79 -7.27 6.65
N ARG A 995 -0.31 -7.01 7.37
CA ARG A 995 -0.90 -5.67 7.41
C ARG A 995 0.08 -4.70 8.06
N LEU A 996 0.70 -5.12 9.16
CA LEU A 996 1.70 -4.30 9.85
C LEU A 996 2.94 -4.10 9.01
N ILE A 997 3.35 -5.13 8.27
CA ILE A 997 4.51 -4.98 7.39
C ILE A 997 4.24 -3.97 6.31
N THR A 998 3.08 -4.02 5.68
CA THR A 998 2.80 -3.05 4.64
C THR A 998 2.86 -1.64 5.22
N GLY A 999 2.26 -1.46 6.39
CA GLY A 999 2.25 -0.15 7.04
C GLY A 999 3.65 0.35 7.38
N ARG A 1000 4.45 -0.52 8.00
CA ARG A 1000 5.80 -0.16 8.43
C ARG A 1000 6.77 -0.03 7.26
N LEU A 1001 6.58 -0.83 6.22
CA LEU A 1001 7.44 -0.75 5.06
C LEU A 1001 7.18 0.57 4.37
N GLN A 1002 5.92 0.98 4.29
CA GLN A 1002 5.55 2.24 3.68
C GLN A 1002 6.13 3.42 4.46
N SER A 1003 6.10 3.36 5.79
CA SER A 1003 6.63 4.47 6.58
C SER A 1003 8.13 4.56 6.46
N LEU A 1004 8.79 3.42 6.29
CA LEU A 1004 10.23 3.41 6.11
C LEU A 1004 10.59 3.94 4.74
N GLN A 1005 9.80 3.59 3.74
CA GLN A 1005 10.03 4.09 2.39
C GLN A 1005 9.88 5.59 2.36
N THR A 1006 8.92 6.12 3.12
CA THR A 1006 8.70 7.56 3.21
C THR A 1006 9.89 8.24 3.85
N TYR A 1007 10.40 7.67 4.94
CA TYR A 1007 11.59 8.20 5.60
C TYR A 1007 12.77 8.27 4.68
N VAL A 1008 13.06 7.17 3.99
CA VAL A 1008 14.20 7.12 3.10
C VAL A 1008 14.06 8.13 1.98
N THR A 1009 12.87 8.24 1.40
CA THR A 1009 12.67 9.17 0.31
C THR A 1009 12.95 10.60 0.75
N GLN A 1010 12.42 10.99 1.91
CA GLN A 1010 12.67 12.35 2.37
C GLN A 1010 14.13 12.53 2.75
N GLN A 1011 14.77 11.48 3.25
CA GLN A 1011 16.16 11.56 3.65
C GLN A 1011 17.04 11.75 2.41
N LEU A 1012 16.66 11.15 1.28
CA LEU A 1012 17.39 11.33 0.03
C LEU A 1012 17.24 12.74 -0.50
N ILE A 1013 16.03 13.29 -0.39
CA ILE A 1013 15.80 14.66 -0.84
C ILE A 1013 16.56 15.63 0.05
N ARG A 1014 16.49 15.42 1.35
CA ARG A 1014 17.22 16.25 2.31
C ARG A 1014 18.72 16.13 2.07
N ALA A 1015 19.19 14.92 1.78
CA ALA A 1015 20.61 14.73 1.50
C ALA A 1015 21.04 15.55 0.32
N ALA A 1016 20.17 15.65 -0.70
CA ALA A 1016 20.49 16.43 -1.88
C ALA A 1016 20.66 17.90 -1.53
N GLU A 1017 19.81 18.40 -0.63
CA GLU A 1017 19.93 19.79 -0.20
C GLU A 1017 21.26 20.02 0.50
N ILE A 1018 21.63 19.10 1.37
CA ILE A 1018 22.89 19.21 2.09
C ILE A 1018 24.06 19.13 1.12
N ARG A 1019 23.99 18.22 0.16
CA ARG A 1019 25.04 18.13 -0.84
C ARG A 1019 25.20 19.43 -1.59
N ALA A 1020 24.08 20.05 -1.98
CA ALA A 1020 24.16 21.30 -2.70
C ALA A 1020 24.83 22.38 -1.85
N SER A 1021 24.52 22.41 -0.55
CA SER A 1021 25.16 23.34 0.36
C SER A 1021 26.64 23.03 0.49
N ALA A 1022 26.98 21.74 0.60
CA ALA A 1022 28.37 21.34 0.71
C ALA A 1022 29.13 21.76 -0.54
N ASN A 1023 28.49 21.65 -1.70
CA ASN A 1023 29.15 22.05 -2.94
C ASN A 1023 29.41 23.54 -2.92
N LEU A 1024 28.46 24.31 -2.39
CA LEU A 1024 28.62 25.74 -2.28
C LEU A 1024 29.73 26.07 -1.30
N ALA A 1025 29.77 25.38 -0.18
CA ALA A 1025 30.81 25.62 0.81
C ALA A 1025 32.18 25.30 0.22
N ALA A 1026 32.26 24.25 -0.59
CA ALA A 1026 33.52 23.83 -1.17
C ALA A 1026 34.04 24.86 -2.17
N THR A 1027 33.17 25.39 -3.01
CA THR A 1027 33.61 26.39 -3.98
C THR A 1027 33.87 27.69 -3.26
N LYS A 1028 33.09 27.97 -2.24
CA LYS A 1028 33.26 29.21 -1.53
C LYS A 1028 34.57 29.20 -0.79
N MET A 1029 34.96 28.06 -0.21
CA MET A 1029 36.24 28.05 0.46
C MET A 1029 37.37 28.24 -0.54
N SER A 1030 37.30 27.58 -1.69
CA SER A 1030 38.38 27.70 -2.65
C SER A 1030 38.52 29.14 -3.16
N GLU A 1031 37.40 29.78 -3.44
CA GLU A 1031 37.44 31.12 -4.01
C GLU A 1031 37.54 32.27 -3.00
N CYS A 1032 37.04 32.10 -1.76
CA CYS A 1032 37.05 33.14 -0.74
C CYS A 1032 38.27 33.01 0.20
N VAL A 1033 38.72 31.76 0.44
CA VAL A 1033 39.81 31.52 1.41
C VAL A 1033 41.15 31.31 0.71
N LEU A 1034 41.15 30.51 -0.35
CA LEU A 1034 42.38 30.16 -1.07
C LEU A 1034 42.60 31.10 -2.25
N GLY A 1035 41.98 32.26 -2.18
CA GLY A 1035 42.06 33.26 -3.23
C GLY A 1035 41.29 34.49 -2.83
N GLN A 1036 41.03 35.34 -3.81
CA GLN A 1036 40.28 36.56 -3.59
C GLN A 1036 39.29 36.69 -4.73
N SER A 1037 38.04 36.39 -4.47
CA SER A 1037 37.07 36.40 -5.54
C SER A 1037 36.78 37.83 -5.95
N LYS A 1038 36.25 37.99 -7.15
CA LYS A 1038 35.84 39.27 -7.66
C LYS A 1038 34.32 39.29 -7.78
N ARG A 1039 33.71 38.25 -7.25
CA ARG A 1039 32.26 38.04 -7.36
C ARG A 1039 31.51 38.80 -6.29
N VAL A 1040 30.59 39.66 -6.73
CA VAL A 1040 29.86 40.52 -5.81
C VAL A 1040 28.91 39.74 -4.92
N ASP A 1041 29.00 40.04 -3.62
CA ASP A 1041 28.20 39.45 -2.57
C ASP A 1041 28.33 37.94 -2.48
N PHE A 1042 29.37 37.39 -3.11
CA PHE A 1042 29.65 35.96 -2.99
C PHE A 1042 30.36 35.63 -1.67
N CYS A 1043 31.36 36.46 -1.29
CA CYS A 1043 32.17 36.30 -0.10
C CYS A 1043 31.74 37.40 0.87
N GLY A 1044 30.44 37.63 0.92
CA GLY A 1044 29.89 38.66 1.79
C GLY A 1044 29.74 39.97 1.04
N LYS A 1045 29.06 40.91 1.66
CA LYS A 1045 28.79 42.22 1.11
C LYS A 1045 30.00 43.14 1.26
N GLY A 1046 30.37 43.83 0.18
CA GLY A 1046 31.51 44.73 0.20
C GLY A 1046 32.57 44.24 -0.76
N TYR A 1047 33.74 44.87 -0.77
CA TYR A 1047 34.78 44.44 -1.68
C TYR A 1047 35.64 43.43 -0.96
N HIS A 1048 35.58 42.19 -1.40
CA HIS A 1048 36.24 41.12 -0.70
C HIS A 1048 37.75 41.28 -0.60
N LEU A 1049 38.29 41.10 0.60
CA LEU A 1049 39.73 41.09 0.82
C LEU A 1049 40.21 39.69 1.10
N MET A 1050 39.64 39.04 2.11
CA MET A 1050 40.06 37.69 2.49
C MET A 1050 39.04 37.02 3.40
N SER A 1051 39.14 35.69 3.56
CA SER A 1051 38.24 35.00 4.47
C SER A 1051 38.99 34.06 5.40
N PHE A 1052 38.42 33.88 6.58
CA PHE A 1052 38.95 32.96 7.57
C PHE A 1052 37.87 31.96 8.02
N PRO A 1053 37.92 30.70 7.61
CA PRO A 1053 36.97 29.67 7.95
C PRO A 1053 37.09 29.29 9.40
N GLN A 1054 36.00 28.82 9.98
CA GLN A 1054 35.94 28.29 11.33
C GLN A 1054 35.12 27.00 11.29
N SER A 1055 35.53 26.00 12.05
CA SER A 1055 34.79 24.75 12.10
C SER A 1055 33.53 24.87 12.94
N ALA A 1056 32.47 24.17 12.55
CA ALA A 1056 31.25 24.13 13.34
C ALA A 1056 30.68 22.72 13.26
N PRO A 1057 29.86 22.27 14.21
CA PRO A 1057 29.22 20.98 14.16
C PRO A 1057 28.43 20.87 12.88
N HIS A 1058 28.69 19.83 12.11
CA HIS A 1058 28.00 19.56 10.85
C HIS A 1058 28.06 20.70 9.85
N GLY A 1059 29.07 21.57 9.94
CA GLY A 1059 29.12 22.67 8.99
C GLY A 1059 30.36 23.51 9.10
N VAL A 1060 30.38 24.58 8.30
CA VAL A 1060 31.51 25.47 8.24
C VAL A 1060 31.03 26.90 8.35
N VAL A 1061 31.78 27.72 9.05
CA VAL A 1061 31.46 29.12 9.17
C VAL A 1061 32.56 29.96 8.59
N PHE A 1062 32.21 30.86 7.69
CA PHE A 1062 33.22 31.70 7.09
C PHE A 1062 33.17 33.10 7.65
N LEU A 1063 34.30 33.61 8.06
CA LEU A 1063 34.38 35.00 8.45
C LEU A 1063 34.97 35.78 7.30
N HIS A 1064 34.14 36.60 6.66
CA HIS A 1064 34.58 37.32 5.47
C HIS A 1064 35.02 38.71 5.82
N VAL A 1065 36.23 39.07 5.43
CA VAL A 1065 36.76 40.38 5.71
C VAL A 1065 36.60 41.22 4.45
N THR A 1066 35.82 42.29 4.56
CA THR A 1066 35.53 43.09 3.39
C THR A 1066 35.81 44.58 3.58
N TYR A 1067 36.16 45.23 2.48
CA TYR A 1067 36.40 46.67 2.41
C TYR A 1067 35.12 47.38 2.02
N VAL A 1068 34.73 48.37 2.81
CA VAL A 1068 33.51 49.10 2.52
C VAL A 1068 33.73 50.61 2.43
N PRO A 1069 33.39 51.25 1.29
CA PRO A 1069 33.50 52.67 1.05
C PRO A 1069 32.72 53.44 2.09
N ALA A 1070 33.20 54.63 2.44
CA ALA A 1070 32.52 55.44 3.44
C ALA A 1070 32.90 56.92 3.34
N GLN A 1071 32.07 57.76 3.95
CA GLN A 1071 32.37 59.18 4.03
C GLN A 1071 32.68 59.77 2.67
N GLU A 1072 31.80 59.53 1.71
CA GLU A 1072 31.98 60.06 0.38
C GLU A 1072 31.69 61.54 0.32
N LYS A 1073 32.29 62.20 -0.65
CA LYS A 1073 32.02 63.60 -0.91
C LYS A 1073 31.61 63.81 -2.36
N ASN A 1074 30.81 64.86 -2.58
CA ASN A 1074 30.41 65.31 -3.93
C ASN A 1074 31.55 66.03 -4.61
N PHE A 1075 31.84 65.63 -5.88
CA PHE A 1075 32.87 66.24 -6.73
C PHE A 1075 32.33 66.50 -8.13
N THR A 1076 32.85 67.52 -8.82
CA THR A 1076 32.47 67.75 -10.20
C THR A 1076 33.40 66.97 -11.12
N THR A 1077 32.87 66.38 -12.18
CA THR A 1077 33.70 65.56 -13.07
C THR A 1077 33.73 65.96 -14.51
N ALA A 1078 34.66 65.33 -15.21
CA ALA A 1078 34.77 65.44 -16.66
C ALA A 1078 35.29 64.11 -17.19
N PRO A 1079 34.86 63.68 -18.37
CA PRO A 1079 35.33 62.51 -19.07
C PRO A 1079 36.74 62.70 -19.62
N ALA A 1080 37.14 63.94 -19.80
CA ALA A 1080 38.45 64.22 -20.37
C ALA A 1080 38.86 65.65 -20.11
N ILE A 1081 40.15 65.88 -20.20
CA ILE A 1081 40.70 67.23 -20.12
C ILE A 1081 41.20 67.68 -21.48
N CYS A 1082 40.79 68.88 -21.91
CA CYS A 1082 41.24 69.50 -23.10
C CYS A 1082 42.52 70.25 -22.87
N HIS A 1083 43.53 70.04 -23.65
CA HIS A 1083 44.81 70.68 -23.47
C HIS A 1083 45.44 70.90 -24.84
N ASP A 1084 45.77 72.16 -25.12
CA ASP A 1084 46.24 72.59 -26.44
C ASP A 1084 45.70 71.76 -27.63
N GLY A 1085 44.39 71.41 -27.58
CA GLY A 1085 43.65 70.78 -28.69
C GLY A 1085 43.50 69.26 -28.58
N LYS A 1086 44.28 68.63 -27.73
CA LYS A 1086 44.26 67.18 -27.53
C LYS A 1086 43.30 66.79 -26.42
N ALA A 1087 42.74 65.58 -26.51
CA ALA A 1087 41.87 65.12 -25.43
C ALA A 1087 42.58 64.10 -24.55
N HIS A 1088 42.73 64.46 -23.27
CA HIS A 1088 43.42 63.63 -22.28
C HIS A 1088 42.44 62.88 -21.40
N PHE A 1089 42.55 61.56 -21.38
CA PHE A 1089 41.69 60.70 -20.58
C PHE A 1089 42.51 60.19 -19.41
N PRO A 1090 41.91 59.90 -18.26
CA PRO A 1090 42.62 59.43 -17.09
C PRO A 1090 43.17 58.06 -17.41
N ARG A 1091 44.38 57.76 -16.97
CA ARG A 1091 44.95 56.45 -17.25
C ARG A 1091 44.28 55.39 -16.40
N GLU A 1092 44.07 55.67 -15.12
CA GLU A 1092 43.48 54.68 -14.22
C GLU A 1092 42.32 55.18 -13.37
N GLY A 1093 42.35 56.44 -12.98
CA GLY A 1093 41.31 56.97 -12.10
C GLY A 1093 40.29 57.82 -12.84
N VAL A 1094 39.79 58.84 -12.16
CA VAL A 1094 38.78 59.75 -12.71
C VAL A 1094 39.21 61.18 -12.55
N PHE A 1095 38.67 62.06 -13.39
CA PHE A 1095 38.94 63.49 -13.25
C PHE A 1095 37.89 64.16 -12.41
N VAL A 1096 38.33 64.79 -11.34
CA VAL A 1096 37.43 65.47 -10.41
C VAL A 1096 37.86 66.89 -10.15
N SER A 1097 36.92 67.70 -9.70
CA SER A 1097 37.18 69.06 -9.32
C SER A 1097 36.65 69.36 -7.93
N ASN A 1098 37.49 70.02 -7.11
CA ASN A 1098 37.15 70.43 -5.74
C ASN A 1098 36.46 71.80 -5.70
N GLY A 1099 36.22 72.41 -6.86
CA GLY A 1099 35.57 73.71 -7.04
C GLY A 1099 36.50 74.74 -7.66
N THR A 1100 37.82 74.57 -7.52
CA THR A 1100 38.74 75.52 -8.14
C THR A 1100 39.81 74.82 -9.00
N HIS A 1101 40.17 73.59 -8.65
CA HIS A 1101 41.22 72.88 -9.39
C HIS A 1101 40.83 71.47 -9.77
N TRP A 1102 41.33 71.03 -10.92
CA TRP A 1102 41.12 69.68 -11.40
C TRP A 1102 42.24 68.74 -10.96
N PHE A 1103 41.84 67.58 -10.48
CA PHE A 1103 42.73 66.53 -10.00
C PHE A 1103 42.33 65.20 -10.57
N VAL A 1104 43.24 64.24 -10.56
CA VAL A 1104 42.88 62.89 -10.95
C VAL A 1104 42.99 61.98 -9.73
N THR A 1105 41.95 61.20 -9.49
CA THR A 1105 41.87 60.33 -8.32
C THR A 1105 41.51 58.90 -8.67
N GLN A 1106 41.93 57.95 -7.87
CA GLN A 1106 41.40 56.62 -8.05
C GLN A 1106 39.93 56.65 -7.64
N ARG A 1107 39.09 55.89 -8.33
CA ARG A 1107 37.65 55.97 -8.11
C ARG A 1107 37.17 55.32 -6.83
N ASN A 1108 38.00 54.52 -6.19
CA ASN A 1108 37.58 53.83 -4.98
C ASN A 1108 38.12 54.47 -3.71
N PHE A 1109 38.80 55.60 -3.83
CA PHE A 1109 39.37 56.27 -2.66
C PHE A 1109 39.90 57.64 -3.02
N TYR A 1110 39.37 58.69 -2.41
CA TYR A 1110 39.82 60.02 -2.78
C TYR A 1110 41.25 60.26 -2.38
N GLU A 1111 42.07 60.54 -3.38
CA GLU A 1111 43.48 60.79 -3.19
C GLU A 1111 44.00 61.59 -4.38
N PRO A 1112 43.83 62.91 -4.37
CA PRO A 1112 43.98 63.79 -5.50
C PRO A 1112 45.42 63.92 -5.93
N GLN A 1113 45.64 63.86 -7.22
CA GLN A 1113 46.94 64.06 -7.80
C GLN A 1113 46.84 65.17 -8.83
N ILE A 1114 47.92 65.90 -9.04
CA ILE A 1114 47.90 66.87 -10.11
C ILE A 1114 47.79 66.11 -11.41
N ILE A 1115 47.06 66.65 -12.36
CA ILE A 1115 46.91 65.97 -13.63
C ILE A 1115 48.16 66.19 -14.46
N THR A 1116 48.79 65.10 -14.87
CA THR A 1116 50.05 65.16 -15.60
C THR A 1116 49.98 64.25 -16.78
N THR A 1117 50.97 64.33 -17.65
CA THR A 1117 51.04 63.47 -18.81
C THR A 1117 51.35 62.01 -18.46
N ASP A 1118 51.73 61.75 -17.21
CA ASP A 1118 52.04 60.38 -16.80
C ASP A 1118 50.84 59.63 -16.21
N ASN A 1119 49.74 60.33 -15.97
CA ASN A 1119 48.59 59.67 -15.37
C ASN A 1119 47.35 59.85 -16.24
N THR A 1120 47.58 60.30 -17.47
CA THR A 1120 46.59 60.46 -18.50
C THR A 1120 47.10 59.92 -19.82
N PHE A 1121 46.21 59.77 -20.79
CA PHE A 1121 46.65 59.40 -22.13
C PHE A 1121 45.86 60.18 -23.16
N VAL A 1122 46.42 60.34 -24.34
CA VAL A 1122 45.73 61.12 -25.37
C VAL A 1122 45.07 60.28 -26.42
N SER A 1123 43.82 60.59 -26.70
CA SER A 1123 43.08 59.92 -27.76
C SER A 1123 42.10 60.87 -28.43
N GLY A 1124 42.32 61.15 -29.70
CA GLY A 1124 41.43 62.06 -30.39
C GLY A 1124 41.65 63.48 -29.94
N ASN A 1125 40.61 64.30 -30.06
CA ASN A 1125 40.76 65.72 -29.78
C ASN A 1125 39.51 66.32 -29.13
N CYS A 1126 39.59 67.61 -28.80
CA CYS A 1126 38.60 68.35 -28.02
C CYS A 1126 37.27 68.56 -28.71
N ASP A 1127 37.19 68.26 -30.00
CA ASP A 1127 35.94 68.49 -30.73
C ASP A 1127 35.05 67.25 -30.76
N VAL A 1128 35.50 66.17 -30.12
CA VAL A 1128 34.73 64.93 -30.17
C VAL A 1128 34.06 64.55 -28.85
N VAL A 1129 34.76 64.71 -27.73
CA VAL A 1129 34.26 64.24 -26.45
C VAL A 1129 33.19 65.17 -25.89
N ILE A 1130 32.08 64.58 -25.46
CA ILE A 1130 30.98 65.35 -24.90
C ILE A 1130 31.22 65.66 -23.43
N GLY A 1131 31.19 66.93 -23.07
CA GLY A 1131 31.41 67.32 -21.68
C GLY A 1131 32.89 67.48 -21.32
N ILE A 1132 33.74 67.64 -22.32
CA ILE A 1132 35.18 67.83 -22.08
C ILE A 1132 35.42 69.20 -21.47
N VAL A 1133 36.36 69.31 -20.54
CA VAL A 1133 36.63 70.60 -19.91
C VAL A 1133 38.05 71.05 -20.18
N ASN A 1134 38.30 72.35 -20.11
CA ASN A 1134 39.61 72.98 -20.34
C ASN A 1134 40.42 73.08 -19.05
N ASN A 1135 41.62 72.50 -19.03
CA ASN A 1135 42.54 72.52 -17.89
C ASN A 1135 43.97 72.49 -18.39
N THR A 1136 44.92 72.51 -17.48
CA THR A 1136 46.32 72.41 -17.83
C THR A 1136 46.87 71.07 -17.40
N VAL A 1137 47.48 70.36 -18.33
CA VAL A 1137 48.09 69.07 -18.03
C VAL A 1137 49.58 69.25 -17.85
N TYR A 1138 50.06 68.93 -16.66
CA TYR A 1138 51.45 69.14 -16.31
C TYR A 1138 52.39 68.18 -17.02
N ASP A 1139 53.48 68.71 -17.54
CA ASP A 1139 54.51 67.92 -18.17
C ASP A 1139 55.76 67.93 -17.29
N PRO A 1140 56.09 66.81 -16.62
CA PRO A 1140 57.21 66.63 -15.70
C PRO A 1140 58.56 66.97 -16.33
N LEU A 1141 58.64 67.00 -17.66
CA LEU A 1141 59.88 67.31 -18.35
C LEU A 1141 60.08 68.81 -18.54
N GLN A 1142 58.98 69.56 -18.58
CA GLN A 1142 59.03 71.00 -18.87
C GLN A 1142 59.92 71.82 -17.93
N PRO A 1143 59.96 71.56 -16.61
CA PRO A 1143 60.78 72.27 -15.64
C PRO A 1143 62.27 72.18 -15.95
N GLU A 1144 62.66 71.18 -16.74
CA GLU A 1144 64.07 71.03 -17.11
C GLU A 1144 64.34 71.52 -18.54
N LEU A 1145 63.37 71.30 -19.46
CA LEU A 1145 63.46 71.70 -20.87
C LEU A 1145 62.30 72.64 -21.20
N VAL B 2 -44.59 -1.24 22.52
CA VAL B 2 -45.33 0.00 22.57
C VAL B 2 -45.98 0.15 23.96
N GLN B 3 -46.23 1.40 24.37
CA GLN B 3 -46.80 1.80 25.65
C GLN B 3 -47.94 2.74 25.42
N LEU B 4 -49.04 2.52 26.13
CA LEU B 4 -50.21 3.39 26.07
C LEU B 4 -50.56 3.90 27.46
N VAL B 5 -50.40 5.20 27.66
CA VAL B 5 -50.64 5.80 28.96
C VAL B 5 -51.96 6.54 28.99
N GLN B 6 -52.80 6.21 29.96
CA GLN B 6 -54.10 6.84 30.07
C GLN B 6 -54.16 7.84 31.22
N SER B 7 -55.29 8.50 31.33
CA SER B 7 -55.56 9.47 32.39
C SER B 7 -55.81 8.77 33.71
N GLY B 8 -55.71 9.53 34.81
CA GLY B 8 -55.99 8.98 36.12
C GLY B 8 -57.50 9.02 36.41
N ALA B 9 -57.88 8.56 37.59
CA ALA B 9 -59.28 8.49 37.99
C ALA B 9 -59.86 9.87 38.22
N GLU B 10 -61.14 10.01 37.92
CA GLU B 10 -61.83 11.26 38.25
C GLU B 10 -63.32 11.07 38.51
N VAL B 11 -63.90 12.04 39.21
CA VAL B 11 -65.31 12.00 39.54
C VAL B 11 -66.08 13.14 38.91
N LYS B 12 -67.16 12.80 38.24
CA LYS B 12 -68.03 13.77 37.58
C LYS B 12 -69.42 13.71 38.17
N LYS B 13 -70.17 14.80 38.04
CA LYS B 13 -71.55 14.74 38.45
C LYS B 13 -72.32 13.96 37.39
N PRO B 14 -73.29 13.14 37.77
CA PRO B 14 -74.06 12.32 36.87
C PRO B 14 -74.79 13.22 35.89
N GLY B 15 -74.79 12.82 34.62
CA GLY B 15 -75.43 13.59 33.57
C GLY B 15 -74.44 14.50 32.85
N SER B 16 -73.24 14.66 33.39
CA SER B 16 -72.25 15.53 32.76
C SER B 16 -71.33 14.75 31.83
N SER B 17 -70.26 15.40 31.36
CA SER B 17 -69.38 14.80 30.38
C SER B 17 -67.96 14.58 30.89
N VAL B 18 -67.29 13.62 30.27
CA VAL B 18 -65.91 13.27 30.61
C VAL B 18 -65.04 13.11 29.38
N LYS B 19 -63.79 13.54 29.46
CA LYS B 19 -62.82 13.33 28.38
C LYS B 19 -61.63 12.53 28.89
N VAL B 20 -61.43 11.35 28.33
CA VAL B 20 -60.34 10.47 28.73
C VAL B 20 -59.28 10.41 27.65
N SER B 21 -58.05 10.78 28.00
CA SER B 21 -56.98 10.77 27.01
C SER B 21 -56.25 9.42 27.05
N CYS B 22 -55.46 9.17 25.98
CA CYS B 22 -54.60 7.99 25.87
C CYS B 22 -53.47 8.27 24.88
N LYS B 23 -52.25 8.27 25.37
CA LYS B 23 -51.08 8.61 24.56
C LYS B 23 -50.18 7.42 24.29
N ALA B 24 -50.03 7.08 23.01
CA ALA B 24 -49.23 5.93 22.61
C ALA B 24 -47.77 6.34 22.48
N SER B 25 -47.14 6.61 23.62
CA SER B 25 -45.80 7.16 23.67
C SER B 25 -44.68 6.16 23.36
N GLY B 26 -45.01 4.87 23.32
CA GLY B 26 -43.99 3.84 23.15
C GLY B 26 -43.31 4.08 21.79
N GLY B 27 -44.03 3.92 20.67
CA GLY B 27 -43.35 4.15 19.40
C GLY B 27 -44.33 4.84 18.44
N ILE B 28 -45.47 4.20 18.16
CA ILE B 28 -46.53 4.66 17.24
C ILE B 28 -46.21 4.20 15.82
N PHE B 29 -45.22 3.33 15.63
CA PHE B 29 -44.86 2.93 14.28
C PHE B 29 -45.68 1.78 13.70
N ASN B 30 -46.30 0.97 14.56
CA ASN B 30 -47.18 -0.11 14.11
C ASN B 30 -48.58 0.06 14.67
N THR B 31 -48.92 1.27 15.07
CA THR B 31 -50.25 1.50 15.60
C THR B 31 -51.09 2.25 14.60
N TYR B 32 -52.15 1.61 14.16
CA TYR B 32 -53.01 2.18 13.14
C TYR B 32 -54.35 2.53 13.73
N THR B 33 -54.73 1.83 14.80
CA THR B 33 -56.02 2.01 15.41
C THR B 33 -55.99 1.80 16.91
N ILE B 34 -56.82 2.59 17.60
CA ILE B 34 -57.02 2.52 19.04
C ILE B 34 -58.45 2.17 19.35
N SER B 35 -58.64 1.19 20.20
CA SER B 35 -59.98 0.79 20.60
C SER B 35 -60.22 1.07 22.06
N TRP B 36 -61.48 1.28 22.39
CA TRP B 36 -61.86 1.50 23.77
C TRP B 36 -62.83 0.44 24.22
N VAL B 37 -62.55 -0.10 25.39
CA VAL B 37 -63.31 -1.17 26.01
C VAL B 37 -63.60 -0.80 27.46
N ARG B 38 -64.79 -1.05 27.95
CA ARG B 38 -65.04 -0.72 29.35
C ARG B 38 -65.41 -1.93 30.16
N GLN B 39 -65.16 -1.86 31.45
CA GLN B 39 -65.53 -2.93 32.34
C GLN B 39 -66.18 -2.43 33.62
N ALA B 40 -67.47 -2.68 33.76
CA ALA B 40 -68.19 -2.28 34.95
C ALA B 40 -67.73 -3.18 36.08
N PRO B 41 -67.74 -2.74 37.34
CA PRO B 41 -67.32 -3.54 38.46
C PRO B 41 -68.06 -4.86 38.49
N GLY B 42 -67.31 -5.95 38.60
CA GLY B 42 -67.90 -7.29 38.68
C GLY B 42 -68.36 -7.84 37.34
N GLN B 43 -68.16 -7.10 36.27
CA GLN B 43 -68.62 -7.51 34.96
C GLN B 43 -67.49 -7.87 34.01
N GLY B 44 -67.84 -8.31 32.81
CA GLY B 44 -66.86 -8.63 31.79
C GLY B 44 -66.55 -7.37 31.01
N LEU B 45 -65.95 -7.51 29.83
CA LEU B 45 -65.54 -6.33 29.11
C LEU B 45 -66.48 -6.05 27.96
N GLU B 46 -66.67 -4.78 27.66
CA GLU B 46 -67.56 -4.38 26.59
C GLU B 46 -66.85 -3.50 25.58
N TRP B 47 -66.93 -3.83 24.31
CA TRP B 47 -66.33 -2.96 23.31
C TRP B 47 -67.20 -1.72 23.15
N MET B 48 -66.58 -0.55 23.10
CA MET B 48 -67.33 0.69 22.93
C MET B 48 -67.11 1.33 21.58
N GLY B 49 -65.91 1.19 21.05
CA GLY B 49 -65.60 1.84 19.79
C GLY B 49 -64.15 1.69 19.39
N ARG B 50 -63.85 2.08 18.16
CA ARG B 50 -62.49 2.05 17.67
C ARG B 50 -62.28 3.17 16.69
N ILE B 51 -61.11 3.77 16.74
CA ILE B 51 -60.77 4.84 15.83
C ILE B 51 -59.55 4.50 15.03
N ILE B 52 -59.61 4.80 13.75
CA ILE B 52 -58.46 4.57 12.91
C ILE B 52 -57.71 5.88 12.89
N LEU B 53 -56.48 5.83 13.34
CA LEU B 53 -55.73 7.05 13.57
C LEU B 53 -55.43 7.78 12.28
N MET B 54 -55.19 7.03 11.22
CA MET B 54 -54.87 7.63 9.94
C MET B 54 -56.02 8.41 9.33
N SER B 55 -57.19 7.80 9.30
CA SER B 55 -58.32 8.44 8.63
C SER B 55 -59.13 9.35 9.52
N GLY B 56 -59.09 9.12 10.82
CA GLY B 56 -59.87 9.91 11.77
C GLY B 56 -61.29 9.35 11.93
N MET B 57 -61.60 8.27 11.22
CA MET B 57 -62.92 7.67 11.32
C MET B 57 -63.02 6.74 12.50
N ALA B 58 -64.19 6.69 13.12
CA ALA B 58 -64.39 5.79 14.23
C ALA B 58 -65.75 5.12 14.16
N ASN B 59 -65.80 3.89 14.64
CA ASN B 59 -67.02 3.12 14.74
C ASN B 59 -67.39 2.99 16.21
N TYR B 60 -68.67 2.83 16.48
CA TYR B 60 -69.11 2.75 17.87
C TYR B 60 -70.08 1.60 18.11
N ALA B 61 -70.11 1.12 19.34
CA ALA B 61 -71.12 0.16 19.74
C ALA B 61 -72.48 0.82 19.63
N GLN B 62 -73.46 0.09 19.11
CA GLN B 62 -74.79 0.68 18.88
C GLN B 62 -75.46 1.18 20.14
N LYS B 63 -75.24 0.47 21.24
CA LYS B 63 -75.87 0.79 22.52
C LYS B 63 -75.51 2.16 23.09
N ILE B 64 -74.41 2.74 22.63
CA ILE B 64 -74.01 4.06 23.10
C ILE B 64 -73.93 5.05 21.95
N GLN B 65 -74.49 4.69 20.81
CA GLN B 65 -74.35 5.58 19.68
C GLN B 65 -75.09 6.87 19.95
N GLY B 66 -74.47 7.96 19.53
CA GLY B 66 -75.04 9.29 19.70
C GLY B 66 -74.60 10.00 20.98
N ARG B 67 -74.01 9.27 21.92
CA ARG B 67 -73.57 9.88 23.17
C ARG B 67 -72.07 9.72 23.39
N VAL B 68 -71.39 9.16 22.40
CA VAL B 68 -69.95 8.92 22.46
C VAL B 68 -69.24 9.43 21.21
N THR B 69 -68.08 10.01 21.41
CA THR B 69 -67.24 10.38 20.28
C THR B 69 -65.79 10.01 20.57
N ILE B 70 -65.05 9.67 19.52
CA ILE B 70 -63.61 9.42 19.66
C ILE B 70 -62.84 10.29 18.69
N THR B 71 -61.82 10.99 19.18
CA THR B 71 -61.03 11.86 18.34
C THR B 71 -59.56 11.46 18.29
N ALA B 72 -59.01 11.36 17.09
CA ALA B 72 -57.59 11.04 16.95
C ALA B 72 -56.78 12.30 16.66
N ASP B 73 -55.88 12.64 17.56
CA ASP B 73 -55.02 13.79 17.40
C ASP B 73 -53.63 13.34 17.00
N LYS B 74 -53.33 13.39 15.71
CA LYS B 74 -52.07 12.85 15.22
C LYS B 74 -50.88 13.57 15.83
N SER B 75 -51.02 14.88 16.00
CA SER B 75 -49.92 15.73 16.43
C SER B 75 -49.40 15.41 17.83
N THR B 76 -50.20 14.72 18.63
CA THR B 76 -49.80 14.39 19.99
C THR B 76 -49.76 12.88 20.20
N SER B 77 -50.06 12.14 19.14
CA SER B 77 -50.27 10.69 19.15
C SER B 77 -51.27 10.25 20.23
N THR B 78 -52.42 10.92 20.29
CA THR B 78 -53.42 10.56 21.29
C THR B 78 -54.78 10.26 20.70
N ALA B 79 -55.56 9.51 21.47
CA ALA B 79 -56.96 9.29 21.13
C ALA B 79 -57.82 9.70 22.31
N TYR B 80 -58.75 10.60 22.06
CA TYR B 80 -59.65 11.06 23.10
C TYR B 80 -60.98 10.35 23.06
N MET B 81 -61.34 9.76 24.19
CA MET B 81 -62.61 9.10 24.36
C MET B 81 -63.51 9.97 25.21
N GLU B 82 -64.60 10.45 24.65
CA GLU B 82 -65.43 11.30 25.49
C GLU B 82 -66.90 10.93 25.41
N LEU B 83 -67.54 11.07 26.57
CA LEU B 83 -68.93 10.70 26.74
C LEU B 83 -69.77 11.83 27.27
N THR B 84 -71.03 11.83 26.87
CA THR B 84 -72.02 12.76 27.38
C THR B 84 -73.01 12.00 28.26
N SER B 85 -73.86 12.74 29.01
CA SER B 85 -74.90 12.21 29.91
C SER B 85 -74.30 11.25 30.94
N ASP B 90 -72.80 5.38 34.53
CA ASP B 90 -72.10 4.22 35.07
C ASP B 90 -70.74 4.60 35.68
N THR B 91 -70.11 3.63 36.37
CA THR B 91 -68.86 3.77 37.12
C THR B 91 -67.78 2.81 36.61
N ALA B 92 -67.87 2.49 35.33
CA ALA B 92 -66.97 1.51 34.69
C ALA B 92 -65.56 2.03 34.51
N VAL B 93 -64.65 1.09 34.33
CA VAL B 93 -63.27 1.39 33.99
C VAL B 93 -63.10 1.38 32.48
N TYR B 94 -62.50 2.42 31.94
CA TYR B 94 -62.33 2.52 30.50
C TYR B 94 -60.89 2.25 30.08
N TYR B 95 -60.70 1.20 29.31
CA TYR B 95 -59.37 0.78 28.89
C TYR B 95 -59.08 1.19 27.45
N CYS B 96 -57.84 1.61 27.22
CA CYS B 96 -57.32 1.98 25.90
C CYS B 96 -56.42 0.86 25.38
N ALA B 97 -56.66 0.39 24.16
CA ALA B 97 -55.79 -0.66 23.63
C ALA B 97 -55.56 -0.51 22.14
N ARG B 98 -54.34 -0.81 21.71
CA ARG B 98 -54.01 -0.75 20.29
C ARG B 98 -54.42 -2.03 19.59
N GLY B 99 -54.85 -1.92 18.34
CA GLY B 99 -55.18 -3.11 17.55
C GLY B 99 -53.92 -3.68 16.94
N PHE B 100 -53.87 -5.01 16.82
CA PHE B 100 -52.71 -5.68 16.25
C PHE B 100 -53.02 -7.03 15.63
N ASN B 101 -52.36 -7.35 14.53
CA ASN B 101 -52.47 -8.67 13.94
C ASN B 101 -51.09 -9.13 13.50
N GLY B 102 -50.74 -10.36 13.84
CA GLY B 102 -49.40 -10.84 13.52
C GLY B 102 -49.23 -11.28 12.06
N ASN B 103 -50.33 -11.32 11.31
CA ASN B 103 -50.28 -11.76 9.92
C ASN B 103 -50.13 -10.61 8.93
N TYR B 104 -50.47 -9.40 9.35
CA TYR B 104 -50.45 -8.27 8.44
C TYR B 104 -50.30 -6.95 9.15
N TYR B 105 -49.93 -5.93 8.39
CA TYR B 105 -49.82 -4.59 8.91
C TYR B 105 -51.09 -3.85 8.60
N GLY B 106 -51.50 -2.95 9.48
CA GLY B 106 -52.73 -2.22 9.24
C GLY B 106 -53.82 -2.71 10.17
N TRP B 107 -55.07 -2.60 9.74
CA TRP B 107 -56.18 -2.87 10.63
C TRP B 107 -57.29 -3.65 9.94
N GLY B 108 -58.07 -4.38 10.72
CA GLY B 108 -59.17 -5.13 10.15
C GLY B 108 -60.10 -5.70 11.20
N ASP B 109 -60.81 -6.77 10.83
CA ASP B 109 -61.81 -7.36 11.70
C ASP B 109 -61.24 -8.48 12.57
N ASP B 110 -60.22 -9.16 12.06
CA ASP B 110 -59.60 -10.31 12.72
C ASP B 110 -58.40 -9.93 13.56
N ASP B 111 -58.23 -8.64 13.82
CA ASP B 111 -57.11 -8.21 14.64
C ASP B 111 -57.46 -8.37 16.11
N ALA B 112 -56.54 -8.01 17.00
CA ALA B 112 -56.74 -8.22 18.41
C ALA B 112 -56.15 -7.09 19.21
N PHE B 113 -56.56 -6.97 20.46
CA PHE B 113 -56.03 -5.94 21.32
C PHE B 113 -54.90 -6.53 22.15
N ASP B 114 -53.65 -6.25 21.78
CA ASP B 114 -52.52 -6.86 22.46
C ASP B 114 -51.97 -6.01 23.60
N ILE B 115 -51.72 -4.74 23.33
CA ILE B 115 -51.16 -3.85 24.33
C ILE B 115 -52.22 -2.93 24.88
N TRP B 116 -52.48 -3.08 26.18
CA TRP B 116 -53.51 -2.34 26.87
C TRP B 116 -52.91 -1.32 27.83
N GLY B 117 -53.64 -0.23 28.02
CA GLY B 117 -53.27 0.81 28.97
C GLY B 117 -53.72 0.42 30.38
N GLN B 118 -53.54 1.33 31.32
CA GLN B 118 -53.84 1.04 32.71
C GLN B 118 -55.32 0.97 33.07
N GLY B 119 -56.17 1.63 32.31
CA GLY B 119 -57.59 1.69 32.65
C GLY B 119 -57.89 2.96 33.43
N THR B 120 -58.81 3.76 32.95
CA THR B 120 -59.16 4.98 33.63
C THR B 120 -60.55 4.82 34.22
N LEU B 121 -60.70 4.96 35.51
CA LEU B 121 -62.07 4.82 36.01
C LEU B 121 -62.72 6.17 36.08
N VAL B 122 -64.01 6.19 35.81
CA VAL B 122 -64.80 7.39 35.90
C VAL B 122 -66.01 7.07 36.74
N THR B 123 -66.26 7.84 37.79
CA THR B 123 -67.41 7.56 38.64
C THR B 123 -68.28 8.81 38.83
N VAL B 124 -69.50 8.59 39.35
CA VAL B 124 -70.49 9.63 39.66
C VAL B 124 -70.89 9.56 41.13
N VAL C 3 -73.06 -11.42 22.39
CA VAL C 3 -72.42 -11.91 23.59
C VAL C 3 -72.11 -13.39 23.40
N LEU C 4 -70.91 -13.82 23.83
CA LEU C 4 -70.45 -15.21 23.75
C LEU C 4 -70.66 -15.88 25.10
N THR C 5 -71.15 -17.10 25.08
CA THR C 5 -71.49 -17.79 26.32
C THR C 5 -70.32 -18.53 26.90
N GLN C 6 -70.10 -18.33 28.20
CA GLN C 6 -69.03 -19.00 28.90
C GLN C 6 -69.53 -19.48 30.27
N PRO C 7 -68.97 -20.56 30.81
CA PRO C 7 -69.25 -21.07 32.14
C PRO C 7 -68.74 -20.07 33.17
N PRO C 8 -69.49 -19.79 34.24
CA PRO C 8 -69.12 -18.91 35.32
C PRO C 8 -67.75 -19.25 35.90
N SER C 9 -67.44 -20.53 36.01
CA SER C 9 -66.15 -20.92 36.56
C SER C 9 -65.72 -22.30 36.11
N VAL C 10 -64.41 -22.51 36.15
CA VAL C 10 -63.78 -23.79 35.89
C VAL C 10 -62.72 -24.09 36.95
N SER C 11 -62.69 -25.32 37.49
CA SER C 11 -61.72 -25.76 38.49
C SER C 11 -60.29 -25.70 37.96
N VAL C 18 -57.17 -28.02 32.60
CA VAL C 18 -58.59 -27.86 32.35
C VAL C 18 -58.81 -27.02 31.07
N THR C 19 -60.09 -26.82 30.67
CA THR C 19 -60.43 -26.02 29.48
C THR C 19 -61.50 -25.00 29.79
N ILE C 20 -61.41 -23.87 29.10
CA ILE C 20 -62.41 -22.81 29.19
C ILE C 20 -63.16 -22.78 27.86
N SER C 21 -64.45 -23.01 27.89
CA SER C 21 -65.20 -23.00 26.64
C SER C 21 -65.65 -21.58 26.27
N CYS C 22 -66.07 -21.40 25.00
CA CYS C 22 -66.65 -20.18 24.45
C CYS C 22 -67.62 -20.53 23.33
N THR C 23 -68.90 -20.30 23.55
CA THR C 23 -69.88 -20.67 22.52
C THR C 23 -70.57 -19.46 21.93
N GLY C 24 -70.52 -19.37 20.62
CA GLY C 24 -71.14 -18.26 19.92
C GLY C 24 -72.15 -18.79 18.92
N SER C 25 -72.17 -18.16 17.77
CA SER C 25 -73.09 -18.49 16.69
C SER C 25 -72.32 -18.46 15.38
N ASN C 26 -73.03 -18.67 14.28
CA ASN C 26 -72.40 -18.68 12.97
C ASN C 26 -72.24 -17.28 12.42
N SER C 27 -72.55 -16.29 13.24
CA SER C 27 -72.37 -14.89 12.89
C SER C 27 -71.07 -14.34 13.48
N ASN C 28 -70.37 -15.16 14.26
CA ASN C 28 -69.14 -14.70 14.90
C ASN C 28 -68.07 -15.78 15.04
N ILE C 29 -68.39 -16.95 15.56
CA ILE C 29 -67.37 -17.99 15.70
C ILE C 29 -67.46 -18.96 14.54
N GLY C 30 -68.67 -19.37 14.19
CA GLY C 30 -68.86 -20.32 13.08
C GLY C 30 -68.75 -19.56 11.78
N ALA C 31 -68.62 -18.25 11.91
CA ALA C 31 -68.43 -17.35 10.80
C ALA C 31 -67.02 -17.50 10.26
N GLY C 32 -66.15 -18.10 11.06
CA GLY C 32 -64.75 -18.29 10.68
C GLY C 32 -63.83 -17.23 11.27
N TYR C 33 -64.41 -16.19 11.84
CA TYR C 33 -63.62 -15.11 12.42
C TYR C 33 -62.80 -15.60 13.60
N ASP C 34 -61.59 -15.05 13.72
CA ASP C 34 -60.67 -15.46 14.76
C ASP C 34 -61.21 -15.20 16.15
N VAL C 35 -60.93 -16.13 17.07
CA VAL C 35 -61.33 -15.99 18.45
C VAL C 35 -60.09 -15.83 19.31
N HIS C 36 -59.95 -14.68 19.92
CA HIS C 36 -58.75 -14.35 20.67
C HIS C 36 -59.02 -14.61 22.14
N TRP C 37 -57.98 -14.88 22.91
CA TRP C 37 -58.18 -15.11 24.34
C TRP C 37 -57.32 -14.24 25.21
N TYR C 38 -57.91 -13.80 26.32
CA TYR C 38 -57.28 -12.94 27.29
C TYR C 38 -57.32 -13.49 28.70
N GLN C 39 -56.31 -13.12 29.47
CA GLN C 39 -56.23 -13.43 30.89
C GLN C 39 -56.16 -12.15 31.69
N GLN C 40 -57.21 -11.87 32.45
CA GLN C 40 -57.22 -10.66 33.24
C GLN C 40 -57.03 -10.89 34.72
N LEU C 41 -55.91 -10.45 35.24
CA LEU C 41 -55.68 -10.54 36.66
C LEU C 41 -56.34 -9.34 37.30
N PRO C 42 -56.87 -9.46 38.51
CA PRO C 42 -57.53 -8.40 39.21
C PRO C 42 -56.54 -7.29 39.47
N GLY C 43 -57.00 -6.05 39.32
CA GLY C 43 -56.16 -4.89 39.56
C GLY C 43 -55.53 -4.34 38.29
N THR C 44 -55.59 -5.08 37.17
CA THR C 44 -54.98 -4.57 35.95
C THR C 44 -55.78 -4.85 34.67
N ALA C 45 -55.21 -4.42 33.56
CA ALA C 45 -55.77 -4.60 32.22
C ALA C 45 -55.54 -6.04 31.79
N PRO C 46 -56.37 -6.61 30.92
CA PRO C 46 -56.25 -7.94 30.40
C PRO C 46 -55.02 -8.11 29.53
N LYS C 47 -54.41 -9.27 29.63
CA LYS C 47 -53.26 -9.63 28.81
C LYS C 47 -53.67 -10.63 27.73
N LEU C 48 -53.19 -10.45 26.51
CA LEU C 48 -53.50 -11.39 25.45
C LEU C 48 -52.65 -12.63 25.56
N LEU C 49 -53.27 -13.81 25.49
CA LEU C 49 -52.50 -15.05 25.47
C LEU C 49 -52.62 -15.80 24.14
N ILE C 50 -53.72 -15.61 23.43
CA ILE C 50 -53.87 -16.21 22.10
C ILE C 50 -54.35 -15.21 21.07
N CYS C 51 -53.66 -15.21 19.95
CA CYS C 51 -53.99 -14.38 18.80
C CYS C 51 -54.35 -15.30 17.63
N GLY C 52 -55.44 -15.01 16.97
CA GLY C 52 -55.82 -15.88 15.88
C GLY C 52 -56.34 -17.18 16.46
N ASN C 53 -56.16 -18.28 15.76
CA ASN C 53 -56.71 -19.53 16.25
C ASN C 53 -55.89 -19.99 17.45
N SER C 54 -54.57 -20.07 17.29
CA SER C 54 -53.74 -20.54 18.39
C SER C 54 -52.30 -20.01 18.41
N ASN C 55 -52.09 -18.77 18.01
CA ASN C 55 -50.74 -18.21 18.09
C ASN C 55 -50.61 -17.55 19.44
N ARG C 56 -49.39 -17.39 19.93
CA ARG C 56 -49.24 -16.72 21.22
C ARG C 56 -47.98 -15.85 21.26
N PRO C 57 -48.02 -14.74 22.01
CA PRO C 57 -46.92 -13.85 22.29
C PRO C 57 -45.95 -14.51 23.26
N SER C 58 -44.74 -14.00 23.32
CA SER C 58 -43.78 -14.51 24.28
C SER C 58 -44.35 -14.43 25.69
N GLY C 59 -44.18 -15.52 26.48
CA GLY C 59 -44.67 -15.64 27.84
C GLY C 59 -46.01 -16.36 27.88
N ARG C 63 -47.95 -24.01 27.52
CA ARG C 63 -48.92 -23.85 28.62
C ARG C 63 -50.35 -23.60 28.10
N PHE C 64 -50.48 -22.94 26.93
CA PHE C 64 -51.77 -22.62 26.30
C PHE C 64 -51.88 -23.09 24.87
N SER C 65 -53.08 -23.50 24.52
CA SER C 65 -53.44 -23.92 23.16
C SER C 65 -54.93 -23.75 22.97
N GLY C 66 -55.45 -24.05 21.79
CA GLY C 66 -56.88 -23.90 21.55
C GLY C 66 -57.28 -24.29 20.14
N SER C 67 -58.58 -24.26 19.89
CA SER C 67 -59.15 -24.64 18.60
C SER C 67 -60.57 -24.16 18.42
N LYS C 68 -61.08 -24.28 17.19
CA LYS C 68 -62.49 -24.02 16.89
C LYS C 68 -63.18 -25.28 16.42
N SER C 69 -64.49 -25.32 16.61
CA SER C 69 -65.34 -26.39 16.09
C SER C 69 -66.77 -25.90 15.93
N GLY C 70 -67.28 -25.87 14.71
CA GLY C 70 -68.62 -25.38 14.48
C GLY C 70 -68.72 -23.92 14.92
N THR C 71 -69.66 -23.62 15.80
CA THR C 71 -69.88 -22.27 16.30
C THR C 71 -69.29 -22.12 17.69
N SER C 72 -68.52 -23.12 18.10
CA SER C 72 -67.88 -23.11 19.40
C SER C 72 -66.37 -22.98 19.26
N ALA C 73 -65.75 -22.56 20.34
CA ALA C 73 -64.30 -22.48 20.42
C ALA C 73 -63.87 -22.75 21.85
N SER C 74 -62.61 -23.13 22.04
CA SER C 74 -62.16 -23.34 23.41
C SER C 74 -60.70 -23.05 23.64
N LEU C 75 -60.41 -22.70 24.89
CA LEU C 75 -59.06 -22.46 25.39
C LEU C 75 -58.60 -23.59 26.27
N ALA C 76 -57.44 -24.13 25.97
CA ALA C 76 -56.90 -25.17 26.80
C ALA C 76 -55.73 -24.64 27.61
N ILE C 77 -55.79 -24.85 28.92
CA ILE C 77 -54.70 -24.50 29.80
C ILE C 77 -54.23 -25.77 30.48
N THR C 78 -52.93 -26.06 30.41
CA THR C 78 -52.49 -27.33 30.97
C THR C 78 -51.48 -27.16 32.10
N GLY C 79 -51.83 -27.77 33.22
CA GLY C 79 -51.02 -27.75 34.42
C GLY C 79 -51.57 -26.77 35.43
N LEU C 80 -51.82 -27.23 36.65
CA LEU C 80 -52.37 -26.35 37.67
C LEU C 80 -51.22 -25.60 38.32
N GLN C 81 -50.66 -24.66 37.56
CA GLN C 81 -49.49 -23.92 37.98
C GLN C 81 -49.87 -22.77 38.85
N ALA C 82 -49.03 -22.49 39.84
CA ALA C 82 -49.23 -21.37 40.74
C ALA C 82 -50.70 -21.31 41.13
N GLU C 83 -51.26 -20.12 41.08
CA GLU C 83 -52.68 -19.92 41.30
C GLU C 83 -53.21 -18.95 40.28
N ASP C 84 -53.35 -19.40 39.04
CA ASP C 84 -53.74 -18.49 37.97
C ASP C 84 -55.24 -18.27 37.98
N GLU C 85 -55.73 -17.66 39.06
CA GLU C 85 -57.16 -17.43 39.22
C GLU C 85 -57.54 -16.13 38.55
N ALA C 86 -57.36 -16.13 37.25
CA ALA C 86 -57.63 -14.98 36.42
C ALA C 86 -59.01 -15.11 35.82
N ASP C 87 -59.54 -13.98 35.37
CA ASP C 87 -60.79 -14.00 34.64
C ASP C 87 -60.45 -14.14 33.17
N TYR C 88 -60.86 -15.23 32.56
CA TYR C 88 -60.53 -15.47 31.16
C TYR C 88 -61.66 -15.07 30.25
N TYR C 89 -61.32 -14.40 29.16
CA TYR C 89 -62.32 -13.94 28.21
C TYR C 89 -61.97 -14.33 26.79
N CYS C 90 -63.00 -14.58 25.98
CA CYS C 90 -62.87 -14.81 24.55
C CYS C 90 -63.36 -13.57 23.80
N GLN C 91 -62.75 -13.29 22.67
CA GLN C 91 -63.15 -12.16 21.84
C GLN C 91 -63.24 -12.51 20.38
N SER C 92 -64.29 -12.06 19.72
CA SER C 92 -64.42 -12.29 18.29
C SER C 92 -65.18 -11.17 17.61
N TYR C 93 -65.05 -11.10 16.29
CA TYR C 93 -65.78 -10.10 15.52
C TYR C 93 -67.17 -10.57 15.22
N ASP C 94 -68.15 -9.72 15.47
CA ASP C 94 -69.54 -10.01 15.17
C ASP C 94 -69.96 -9.35 13.88
N SER C 95 -70.56 -10.12 13.00
CA SER C 95 -70.93 -9.62 11.69
C SER C 95 -72.43 -9.33 11.52
N SER C 96 -73.15 -9.12 12.62
CA SER C 96 -74.56 -8.83 12.48
C SER C 96 -74.88 -7.35 12.74
N LEU C 97 -75.86 -7.12 13.60
CA LEU C 97 -76.38 -5.80 13.89
C LEU C 97 -76.54 -5.00 12.61
N SER C 98 -76.12 -3.74 12.64
CA SER C 98 -76.15 -2.90 11.47
C SER C 98 -74.79 -2.27 11.28
N GLY C 99 -73.75 -3.00 11.66
CA GLY C 99 -72.40 -2.48 11.57
C GLY C 99 -71.43 -3.31 12.40
N PRO C 100 -70.13 -3.13 12.18
CA PRO C 100 -69.06 -3.88 12.78
C PRO C 100 -69.02 -3.66 14.27
N ASN C 101 -68.80 -4.72 15.01
CA ASN C 101 -68.67 -4.63 16.45
C ASN C 101 -67.87 -5.81 16.95
N TRP C 102 -67.22 -5.65 18.09
CA TRP C 102 -66.45 -6.74 18.66
C TRP C 102 -67.08 -7.19 19.94
N VAL C 103 -67.08 -8.49 20.14
CA VAL C 103 -67.76 -9.06 21.27
C VAL C 103 -66.86 -9.81 22.20
N PHE C 104 -66.99 -9.52 23.48
CA PHE C 104 -66.28 -10.24 24.52
C PHE C 104 -67.25 -11.19 25.17
N GLY C 105 -66.76 -12.33 25.61
CA GLY C 105 -67.62 -13.30 26.27
C GLY C 105 -67.92 -12.92 27.71
N GLY C 106 -68.79 -13.71 28.33
CA GLY C 106 -69.23 -13.45 29.71
C GLY C 106 -68.09 -13.42 30.72
N GLY C 107 -67.08 -14.26 30.53
CA GLY C 107 -65.94 -14.31 31.44
C GLY C 107 -66.00 -15.49 32.38
N THR C 108 -64.92 -16.26 32.41
CA THR C 108 -64.84 -17.44 33.25
C THR C 108 -63.79 -17.27 34.33
N LYS C 109 -64.16 -17.55 35.57
CA LYS C 109 -63.17 -17.47 36.63
C LYS C 109 -62.47 -18.82 36.77
N LEU C 110 -61.13 -18.83 36.73
CA LEU C 110 -60.34 -20.05 36.89
C LEU C 110 -59.78 -20.13 38.31
N ALA D 27 38.03 -42.08 11.19
CA ALA D 27 38.87 -41.36 10.24
C ALA D 27 38.03 -40.36 9.46
N TYR D 28 38.60 -39.17 9.20
CA TYR D 28 37.94 -38.08 8.45
C TYR D 28 38.87 -37.48 7.43
N THR D 29 38.31 -36.90 6.39
CA THR D 29 39.12 -36.12 5.48
C THR D 29 38.54 -34.75 5.22
N ASN D 30 39.28 -33.96 4.47
CA ASN D 30 38.93 -32.58 4.15
C ASN D 30 38.35 -32.40 2.75
N SER D 31 37.06 -32.16 2.67
CA SER D 31 36.44 -32.00 1.36
C SER D 31 36.72 -30.60 0.84
N PHE D 32 37.93 -30.40 0.36
CA PHE D 32 38.41 -29.09 0.01
C PHE D 32 37.43 -28.32 -0.87
N THR D 33 37.15 -28.87 -2.04
CA THR D 33 36.26 -28.22 -3.00
C THR D 33 35.38 -29.21 -3.73
N ARG D 34 34.66 -30.06 -3.00
CA ARG D 34 33.89 -31.11 -3.66
C ARG D 34 32.47 -31.19 -3.09
N GLY D 35 31.58 -31.87 -3.81
CA GLY D 35 30.19 -32.03 -3.35
C GLY D 35 29.22 -31.00 -3.92
N VAL D 36 29.70 -30.17 -4.84
CA VAL D 36 28.87 -29.18 -5.50
C VAL D 36 28.24 -29.79 -6.74
N TYR D 37 26.97 -29.49 -6.96
CA TYR D 37 26.24 -30.03 -8.08
C TYR D 37 25.36 -28.99 -8.73
N TYR D 38 24.96 -29.25 -9.97
CA TYR D 38 24.07 -28.34 -10.67
C TYR D 38 22.70 -28.42 -10.04
N PRO D 39 22.20 -27.35 -9.42
CA PRO D 39 20.96 -27.33 -8.66
C PRO D 39 19.70 -27.51 -9.50
N ASP D 40 19.82 -27.28 -10.81
CA ASP D 40 18.65 -27.38 -11.68
C ASP D 40 19.02 -27.68 -13.12
N LYS D 41 18.01 -27.63 -14.00
CA LYS D 41 18.14 -27.97 -15.41
C LYS D 41 18.25 -26.72 -16.26
N VAL D 42 18.57 -25.60 -15.61
CA VAL D 42 18.62 -24.33 -16.30
C VAL D 42 19.99 -23.93 -16.78
N PHE D 43 20.07 -23.63 -18.07
CA PHE D 43 21.27 -23.16 -18.69
C PHE D 43 21.51 -21.72 -18.34
N ARG D 44 22.70 -21.44 -17.93
CA ARG D 44 23.12 -20.11 -17.60
C ARG D 44 24.45 -19.93 -18.26
N SER D 45 24.77 -18.74 -18.72
CA SER D 45 26.09 -18.56 -19.32
C SER D 45 26.65 -17.21 -18.98
N SER D 46 27.95 -17.17 -18.79
CA SER D 46 28.67 -15.94 -18.52
C SER D 46 27.98 -15.14 -17.41
N VAL D 47 27.50 -15.84 -16.39
CA VAL D 47 26.76 -15.20 -15.33
C VAL D 47 27.12 -15.77 -13.97
N LEU D 48 27.04 -14.92 -12.98
CA LEU D 48 27.22 -15.32 -11.60
C LEU D 48 25.85 -15.47 -10.97
N HIS D 49 25.62 -16.60 -10.30
CA HIS D 49 24.31 -16.88 -9.74
C HIS D 49 24.33 -17.25 -8.26
N SER D 50 23.41 -16.69 -7.50
CA SER D 50 23.30 -17.03 -6.08
C SER D 50 22.15 -18.00 -5.86
N THR D 51 22.45 -19.16 -5.29
CA THR D 51 21.45 -20.19 -5.08
C THR D 51 21.46 -20.78 -3.68
N GLN D 52 20.27 -21.18 -3.21
CA GLN D 52 20.16 -21.83 -1.91
C GLN D 52 19.67 -23.24 -2.09
N ASP D 53 20.46 -24.20 -1.63
CA ASP D 53 20.16 -25.61 -1.78
C ASP D 53 20.92 -26.42 -0.75
N LEU D 54 20.75 -27.74 -0.79
CA LEU D 54 21.48 -28.59 0.12
C LEU D 54 22.84 -28.90 -0.47
N PHE D 55 23.87 -28.36 0.14
CA PHE D 55 25.22 -28.52 -0.37
C PHE D 55 26.12 -29.03 0.71
N LEU D 56 27.20 -29.67 0.31
CA LEU D 56 28.20 -30.03 1.28
C LEU D 56 29.03 -28.76 1.50
N PRO D 57 29.23 -28.29 2.75
CA PRO D 57 29.99 -27.10 3.08
C PRO D 57 31.41 -27.26 2.61
N PHE D 58 32.10 -26.19 2.27
CA PHE D 58 33.48 -26.38 1.90
C PHE D 58 34.32 -26.69 3.12
N PHE D 59 35.30 -27.57 2.96
CA PHE D 59 36.24 -27.96 4.00
C PHE D 59 35.55 -28.64 5.17
N SER D 60 34.58 -29.49 4.87
CA SER D 60 33.87 -30.27 5.88
C SER D 60 34.68 -31.49 6.28
N ASN D 61 34.34 -32.07 7.45
CA ASN D 61 34.85 -33.36 7.90
C ASN D 61 34.03 -34.49 7.30
N VAL D 62 34.58 -35.18 6.31
CA VAL D 62 33.94 -36.29 5.59
C VAL D 62 34.44 -37.62 6.11
N THR D 63 33.52 -38.48 6.53
CA THR D 63 33.90 -39.72 7.15
C THR D 63 34.59 -40.62 6.14
N TRP D 64 35.76 -41.12 6.50
CA TRP D 64 36.55 -41.96 5.63
C TRP D 64 36.53 -43.41 6.06
N PHE D 65 36.00 -44.28 5.22
CA PHE D 65 35.85 -45.69 5.55
C PHE D 65 36.89 -46.55 4.82
N HIS D 66 37.25 -47.68 5.42
CA HIS D 66 38.17 -48.66 4.83
C HIS D 66 37.51 -50.04 4.81
N PRO D 82 29.34 -51.17 6.74
CA PRO D 82 29.14 -49.98 7.56
C PRO D 82 27.88 -49.22 7.12
N VAL D 83 26.93 -49.05 8.06
CA VAL D 83 25.64 -48.38 7.83
C VAL D 83 25.69 -46.94 8.30
N LEU D 84 25.23 -46.04 7.43
CA LEU D 84 25.27 -44.62 7.71
C LEU D 84 23.85 -44.06 7.86
N PRO D 85 23.66 -43.00 8.65
CA PRO D 85 22.46 -42.20 8.70
C PRO D 85 22.25 -41.45 7.38
N PHE D 86 21.02 -41.11 7.11
CA PHE D 86 20.66 -40.27 5.97
C PHE D 86 19.86 -39.12 6.54
N ASN D 87 20.20 -37.91 6.15
CA ASN D 87 19.55 -36.77 6.75
C ASN D 87 18.82 -35.91 5.74
N ASP D 88 19.42 -34.79 5.36
CA ASP D 88 18.82 -33.91 4.38
C ASP D 88 19.24 -34.38 3.00
N GLY D 89 20.40 -34.99 2.97
CA GLY D 89 20.99 -35.54 1.77
C GLY D 89 22.38 -36.04 2.10
N VAL D 90 22.91 -36.88 1.24
CA VAL D 90 24.22 -37.48 1.46
C VAL D 90 25.19 -37.35 0.31
N TYR D 91 26.40 -37.00 0.64
CA TYR D 91 27.48 -36.97 -0.32
C TYR D 91 28.23 -38.28 -0.22
N PHE D 92 28.52 -38.89 -1.34
CA PHE D 92 29.20 -40.16 -1.31
C PHE D 92 30.30 -40.23 -2.35
N ALA D 93 31.44 -40.78 -1.99
CA ALA D 93 32.47 -40.93 -2.98
C ALA D 93 33.28 -42.18 -2.76
N SER D 94 33.77 -42.77 -3.83
CA SER D 94 34.63 -43.94 -3.74
C SER D 94 35.83 -43.84 -4.67
N THR D 95 36.89 -44.60 -4.38
CA THR D 95 38.10 -44.70 -5.21
C THR D 95 38.48 -46.17 -5.39
N GLY D 103 26.88 -50.93 -5.14
CA GLY D 103 25.45 -50.78 -4.93
C GLY D 103 25.19 -50.06 -3.60
N TRP D 104 23.95 -49.62 -3.41
CA TRP D 104 23.48 -48.94 -2.19
C TRP D 104 22.10 -49.41 -1.79
N ILE D 105 21.81 -49.38 -0.50
CA ILE D 105 20.46 -49.60 0.00
C ILE D 105 20.02 -48.41 0.83
N PHE D 106 18.95 -47.71 0.43
CA PHE D 106 18.47 -46.52 1.12
C PHE D 106 17.18 -46.81 1.86
N SER D 116 12.57 -49.65 1.34
CA SER D 116 13.90 -50.07 0.94
C SER D 116 14.14 -49.81 -0.56
N LEU D 117 14.92 -48.76 -0.87
CA LEU D 117 15.30 -48.38 -2.22
C LEU D 117 16.65 -49.01 -2.52
N LEU D 118 16.67 -49.99 -3.39
CA LEU D 118 17.90 -50.71 -3.63
C LEU D 118 18.47 -50.48 -5.00
N ILE D 119 19.71 -50.00 -5.04
CA ILE D 119 20.43 -49.76 -6.27
C ILE D 119 21.49 -50.81 -6.42
N VAL D 120 21.33 -51.66 -7.40
CA VAL D 120 22.29 -52.74 -7.55
C VAL D 120 22.73 -52.72 -9.04
N ASN D 121 24.04 -52.52 -9.30
CA ASN D 121 24.56 -52.35 -10.68
C ASN D 121 24.31 -53.59 -11.51
N VAL D 126 22.13 -51.24 -14.91
CA VAL D 126 21.96 -50.80 -13.51
C VAL D 126 20.49 -51.01 -13.11
N VAL D 127 20.26 -51.84 -12.09
CA VAL D 127 18.92 -52.19 -11.61
C VAL D 127 18.53 -51.42 -10.36
N ILE D 128 17.46 -50.65 -10.44
CA ILE D 128 16.98 -49.94 -9.27
C ILE D 128 15.58 -50.41 -8.94
N LYS D 129 15.38 -50.89 -7.72
CA LYS D 129 14.07 -51.38 -7.35
C LYS D 129 13.66 -50.96 -5.95
N VAL D 130 12.34 -50.75 -5.75
CA VAL D 130 11.75 -50.41 -4.45
C VAL D 130 10.79 -51.53 -4.04
N PHE D 168 7.81 -49.80 -7.54
CA PHE D 168 8.63 -49.00 -8.44
C PHE D 168 9.88 -49.76 -8.88
N GLU D 169 10.20 -49.69 -10.19
CA GLU D 169 11.43 -50.25 -10.76
C GLU D 169 11.90 -49.40 -11.93
N TYR D 170 13.21 -49.23 -12.00
CA TYR D 170 13.89 -48.50 -13.06
C TYR D 170 15.16 -49.23 -13.46
N VAL D 171 15.40 -49.38 -14.76
CA VAL D 171 16.63 -50.04 -15.17
C VAL D 171 17.35 -49.21 -16.24
N SER D 172 18.67 -49.02 -16.05
CA SER D 172 19.53 -48.28 -16.98
C SER D 172 20.95 -48.86 -16.94
N ASN D 188 40.43 -44.13 -10.23
CA ASN D 188 39.46 -43.09 -10.58
C ASN D 188 38.56 -42.79 -9.38
N LEU D 189 38.06 -41.56 -9.30
CA LEU D 189 37.15 -41.08 -8.26
C LEU D 189 35.71 -41.08 -8.73
N ARG D 190 34.87 -41.78 -8.00
CA ARG D 190 33.46 -41.91 -8.29
C ARG D 190 32.69 -41.02 -7.33
N GLU D 191 32.22 -39.87 -7.81
CA GLU D 191 31.62 -38.91 -6.90
C GLU D 191 30.11 -38.80 -7.12
N PHE D 192 29.35 -39.01 -6.04
CA PHE D 192 27.90 -39.03 -6.10
C PHE D 192 27.24 -38.13 -5.07
N VAL D 193 26.04 -37.68 -5.40
CA VAL D 193 25.20 -37.02 -4.42
C VAL D 193 23.82 -37.64 -4.44
N PHE D 194 23.28 -37.91 -3.26
CA PHE D 194 21.96 -38.49 -3.14
C PHE D 194 21.07 -37.63 -2.26
N LYS D 195 19.98 -37.12 -2.81
CA LYS D 195 19.05 -36.32 -2.01
C LYS D 195 17.63 -36.71 -2.36
N ASN D 196 16.67 -36.42 -1.48
CA ASN D 196 15.29 -36.67 -1.88
C ASN D 196 14.34 -35.59 -1.42
N ILE D 197 13.60 -35.05 -2.38
CA ILE D 197 12.66 -33.97 -2.11
C ILE D 197 11.31 -34.22 -2.76
N ASP D 198 10.24 -33.99 -2.03
CA ASP D 198 8.89 -34.11 -2.58
C ASP D 198 8.67 -35.44 -3.30
N GLY D 199 9.25 -36.50 -2.76
CA GLY D 199 9.07 -37.83 -3.32
C GLY D 199 10.07 -38.21 -4.42
N TYR D 200 10.89 -37.27 -4.85
CA TYR D 200 11.86 -37.56 -5.91
C TYR D 200 13.23 -37.84 -5.33
N PHE D 201 13.78 -39.00 -5.67
CA PHE D 201 15.10 -39.38 -5.25
C PHE D 201 16.04 -38.99 -6.36
N LYS D 202 16.87 -38.00 -6.11
CA LYS D 202 17.75 -37.44 -7.12
C LYS D 202 19.14 -37.99 -6.97
N ILE D 203 19.71 -38.47 -8.06
CA ILE D 203 21.09 -38.89 -8.01
C ILE D 203 21.89 -38.01 -8.93
N TYR D 204 23.00 -37.48 -8.41
CA TYR D 204 23.94 -36.67 -9.15
C TYR D 204 25.23 -37.46 -9.26
N SER D 205 25.96 -37.33 -10.35
CA SER D 205 27.18 -38.11 -10.45
C SER D 205 28.22 -37.61 -11.45
N LYS D 206 29.49 -37.77 -11.08
CA LYS D 206 30.58 -37.53 -12.02
C LYS D 206 31.72 -38.50 -11.74
N HIS D 207 32.46 -38.83 -12.79
CA HIS D 207 33.59 -39.74 -12.67
C HIS D 207 34.84 -39.07 -13.22
N THR D 208 35.86 -38.92 -12.39
CA THR D 208 37.09 -38.25 -12.81
C THR D 208 38.32 -39.08 -12.49
N PRO D 209 39.41 -38.92 -13.23
CA PRO D 209 40.73 -39.50 -12.96
C PRO D 209 41.37 -38.80 -11.77
N ILE D 210 42.25 -39.52 -11.05
CA ILE D 210 43.00 -39.00 -9.91
C ILE D 210 44.47 -39.42 -10.01
N LEU D 216 40.03 -36.82 0.15
CA LEU D 216 39.57 -36.42 -1.17
C LEU D 216 40.61 -35.48 -1.82
N PRO D 217 40.72 -35.45 -3.18
CA PRO D 217 41.63 -34.61 -3.95
C PRO D 217 41.14 -33.16 -4.00
N GLN D 218 42.04 -32.27 -4.39
CA GLN D 218 41.68 -30.86 -4.58
C GLN D 218 41.26 -30.58 -6.01
N GLY D 219 40.50 -29.50 -6.18
CA GLY D 219 40.05 -29.03 -7.49
C GLY D 219 38.53 -29.08 -7.58
N PHE D 220 37.95 -27.96 -7.98
CA PHE D 220 36.50 -27.83 -8.08
C PHE D 220 35.91 -28.50 -9.31
N SER D 221 34.79 -29.20 -9.11
CA SER D 221 34.01 -29.77 -10.19
C SER D 221 32.56 -29.94 -9.76
N ALA D 222 31.63 -29.61 -10.65
CA ALA D 222 30.21 -29.79 -10.33
C ALA D 222 29.70 -31.10 -10.89
N LEU D 223 28.78 -31.72 -10.16
CA LEU D 223 28.17 -32.97 -10.59
C LEU D 223 26.90 -32.77 -11.40
N GLU D 224 26.85 -33.39 -12.57
CA GLU D 224 25.68 -33.34 -13.41
C GLU D 224 24.63 -34.30 -12.85
N PRO D 225 23.33 -34.02 -13.00
CA PRO D 225 22.23 -34.90 -12.67
C PRO D 225 22.34 -36.21 -13.42
N LEU D 226 22.04 -37.31 -12.74
CA LEU D 226 22.05 -38.63 -13.36
C LEU D 226 20.64 -39.12 -13.61
N VAL D 227 19.82 -39.13 -12.57
CA VAL D 227 18.44 -39.59 -12.70
C VAL D 227 17.51 -39.03 -11.62
N ASP D 228 16.29 -38.72 -12.00
CA ASP D 228 15.25 -38.28 -11.08
C ASP D 228 14.20 -39.38 -10.91
N LEU D 229 14.16 -40.02 -9.75
CA LEU D 229 13.25 -41.13 -9.54
C LEU D 229 12.01 -40.77 -8.70
N PRO D 230 10.79 -40.82 -9.27
CA PRO D 230 9.52 -40.47 -8.65
C PRO D 230 9.05 -41.61 -7.76
N ILE D 231 9.66 -41.72 -6.59
CA ILE D 231 9.46 -42.86 -5.71
C ILE D 231 8.44 -42.64 -4.58
N GLY D 232 8.46 -41.49 -3.93
CA GLY D 232 7.51 -41.17 -2.86
C GLY D 232 7.75 -41.84 -1.50
N ILE D 233 9.01 -42.13 -1.20
CA ILE D 233 9.40 -42.80 0.04
C ILE D 233 10.37 -41.94 0.87
N ASN D 234 10.31 -42.02 2.22
CA ASN D 234 11.21 -41.32 3.14
C ASN D 234 12.32 -42.23 3.64
N ILE D 235 13.57 -41.98 3.25
CA ILE D 235 14.70 -42.78 3.71
C ILE D 235 15.51 -42.04 4.77
N THR D 236 15.81 -42.72 5.88
CA THR D 236 16.62 -42.09 6.93
C THR D 236 17.91 -42.82 7.23
N ARG D 237 18.07 -44.01 6.64
CA ARG D 237 19.28 -44.77 6.83
C ARG D 237 19.73 -45.33 5.49
N PHE D 238 21.02 -45.55 5.31
CA PHE D 238 21.42 -46.23 4.10
C PHE D 238 22.67 -47.05 4.36
N GLN D 239 22.90 -48.01 3.50
CA GLN D 239 24.05 -48.87 3.61
C GLN D 239 24.77 -48.98 2.28
N THR D 240 26.08 -49.06 2.32
CA THR D 240 26.84 -49.22 1.08
C THR D 240 27.34 -50.66 0.94
N LEU D 241 27.17 -51.25 -0.26
CA LEU D 241 27.59 -52.61 -0.59
C LEU D 241 28.30 -52.63 -1.95
N TYR D 265 35.87 -44.85 -0.20
CA TYR D 265 34.56 -44.81 0.43
C TYR D 265 34.50 -43.67 1.45
N TYR D 266 33.83 -42.57 1.08
CA TYR D 266 33.69 -41.37 1.89
C TYR D 266 32.22 -41.00 2.02
N VAL D 267 31.80 -40.59 3.22
CA VAL D 267 30.42 -40.15 3.39
C VAL D 267 30.34 -38.79 4.04
N GLY D 268 29.67 -37.86 3.37
CA GLY D 268 29.50 -36.53 3.90
C GLY D 268 28.03 -36.22 3.96
N TYR D 269 27.69 -35.03 4.42
CA TYR D 269 26.28 -34.68 4.50
C TYR D 269 26.00 -33.33 3.90
N LEU D 270 24.80 -33.17 3.38
CA LEU D 270 24.37 -31.91 2.80
C LEU D 270 23.53 -31.15 3.80
N GLN D 271 23.52 -29.83 3.68
CA GLN D 271 22.66 -29.02 4.52
C GLN D 271 22.34 -27.70 3.82
N PRO D 272 21.26 -26.99 4.19
CA PRO D 272 20.84 -25.73 3.59
C PRO D 272 21.87 -24.64 3.75
N ARG D 273 22.47 -24.24 2.63
CA ARG D 273 23.50 -23.21 2.59
C ARG D 273 23.37 -22.41 1.31
N THR D 274 23.91 -21.20 1.32
CA THR D 274 23.86 -20.39 0.13
C THR D 274 25.20 -20.43 -0.57
N PHE D 275 25.16 -20.79 -1.84
CA PHE D 275 26.35 -20.85 -2.65
C PHE D 275 26.31 -19.89 -3.81
N LEU D 276 27.45 -19.32 -4.12
CA LEU D 276 27.54 -18.48 -5.29
C LEU D 276 28.14 -19.37 -6.36
N LEU D 277 27.62 -19.33 -7.57
CA LEU D 277 28.14 -20.17 -8.63
C LEU D 277 28.60 -19.36 -9.82
N LYS D 278 29.79 -19.66 -10.29
CA LYS D 278 30.31 -18.98 -11.48
C LYS D 278 30.21 -19.87 -12.69
N TYR D 279 29.46 -19.41 -13.70
CA TYR D 279 29.29 -20.15 -14.94
C TYR D 279 30.14 -19.58 -16.07
N ASN D 280 30.63 -20.45 -16.93
CA ASN D 280 31.36 -20.01 -18.11
C ASN D 280 30.44 -19.89 -19.31
N GLU D 281 31.03 -19.59 -20.47
CA GLU D 281 30.28 -19.46 -21.72
C GLU D 281 29.57 -20.75 -22.17
N ASN D 282 30.07 -21.92 -21.73
CA ASN D 282 29.56 -23.24 -22.11
C ASN D 282 28.49 -23.79 -21.13
N GLY D 283 28.07 -23.00 -20.12
CA GLY D 283 27.05 -23.41 -19.16
C GLY D 283 27.58 -24.30 -18.05
N THR D 284 28.88 -24.41 -17.97
CA THR D 284 29.54 -25.24 -16.98
C THR D 284 29.90 -24.42 -15.76
N ILE D 285 29.68 -24.99 -14.57
CA ILE D 285 30.06 -24.28 -13.36
C ILE D 285 31.56 -24.46 -13.19
N THR D 286 32.29 -23.36 -13.12
CA THR D 286 33.73 -23.45 -13.04
C THR D 286 34.24 -23.14 -11.65
N ASP D 287 33.42 -22.48 -10.84
CA ASP D 287 33.83 -22.17 -9.47
C ASP D 287 32.61 -22.03 -8.55
N ALA D 288 32.86 -21.84 -7.26
CA ALA D 288 31.76 -21.63 -6.30
C ALA D 288 32.25 -21.02 -4.98
N VAL D 289 31.35 -20.31 -4.29
CA VAL D 289 31.62 -19.72 -2.97
C VAL D 289 30.60 -20.13 -1.94
N ASP D 290 31.05 -20.59 -0.77
CA ASP D 290 30.13 -20.87 0.33
C ASP D 290 29.97 -19.59 1.14
N CYS D 291 28.81 -18.95 1.04
CA CYS D 291 28.52 -17.62 1.57
C CYS D 291 28.55 -17.61 3.09
N ALA D 292 28.61 -18.79 3.69
CA ALA D 292 28.63 -18.89 5.14
C ALA D 292 29.95 -19.46 5.68
N LEU D 293 30.94 -19.65 4.82
CA LEU D 293 32.19 -20.24 5.28
C LEU D 293 33.03 -19.30 6.13
N ASP D 294 33.23 -18.08 5.65
CA ASP D 294 34.03 -17.10 6.36
C ASP D 294 33.65 -15.68 5.88
N PRO D 295 34.15 -14.60 6.50
CA PRO D 295 33.89 -13.21 6.17
C PRO D 295 34.29 -12.78 4.77
N LEU D 296 35.23 -13.47 4.12
CA LEU D 296 35.60 -13.02 2.80
C LEU D 296 34.61 -13.59 1.80
N SER D 297 34.17 -14.82 2.07
CA SER D 297 33.16 -15.44 1.24
C SER D 297 31.86 -14.68 1.38
N GLU D 298 31.55 -14.18 2.58
CA GLU D 298 30.35 -13.39 2.78
C GLU D 298 30.41 -12.12 1.94
N THR D 299 31.60 -11.50 1.90
CA THR D 299 31.79 -10.29 1.11
C THR D 299 31.60 -10.58 -0.37
N LYS D 300 32.17 -11.68 -0.85
CA LYS D 300 32.04 -12.05 -2.26
C LYS D 300 30.58 -12.26 -2.67
N CYS D 301 29.77 -12.92 -1.82
CA CYS D 301 28.35 -13.17 -2.07
C CYS D 301 27.56 -11.87 -2.01
N THR D 302 27.89 -11.00 -1.06
CA THR D 302 27.22 -9.71 -0.90
C THR D 302 27.37 -8.86 -2.15
N LEU D 303 28.56 -8.86 -2.72
CA LEU D 303 28.87 -8.05 -3.88
C LEU D 303 28.60 -8.79 -5.19
N LYS D 304 28.13 -10.02 -5.10
CA LYS D 304 27.90 -10.86 -6.27
C LYS D 304 29.12 -10.92 -7.17
N SER D 305 30.28 -11.20 -6.58
CA SER D 305 31.52 -11.27 -7.33
C SER D 305 32.54 -12.21 -6.70
N PHE D 306 33.34 -12.87 -7.53
CA PHE D 306 34.38 -13.75 -7.02
C PHE D 306 35.67 -12.98 -6.77
N THR D 307 35.65 -11.70 -7.11
CA THR D 307 36.77 -10.81 -6.90
C THR D 307 36.30 -9.60 -6.09
N VAL D 308 37.03 -9.25 -5.05
CA VAL D 308 36.65 -8.13 -4.22
C VAL D 308 37.69 -7.03 -4.25
N GLU D 309 37.24 -5.81 -4.54
CA GLU D 309 38.10 -4.63 -4.59
C GLU D 309 38.37 -4.17 -3.16
N LYS D 310 39.45 -3.42 -2.96
CA LYS D 310 39.72 -3.01 -1.59
C LYS D 310 38.63 -2.08 -1.09
N GLY D 311 38.29 -2.23 0.17
CA GLY D 311 37.32 -1.36 0.78
C GLY D 311 36.67 -2.00 1.98
N ILE D 312 35.65 -1.33 2.52
CA ILE D 312 34.92 -1.84 3.65
C ILE D 312 33.49 -2.13 3.21
N TYR D 313 33.01 -3.34 3.45
CA TYR D 313 31.67 -3.69 2.99
C TYR D 313 30.82 -4.29 4.09
N GLN D 314 29.56 -3.89 4.18
CA GLN D 314 28.68 -4.52 5.16
C GLN D 314 28.08 -5.77 4.57
N THR D 315 28.27 -6.90 5.25
CA THR D 315 27.83 -8.18 4.69
C THR D 315 26.71 -8.83 5.48
N SER D 316 26.63 -8.54 6.76
CA SER D 316 25.65 -9.19 7.61
C SER D 316 25.39 -8.36 8.84
N ASN D 317 24.36 -8.70 9.60
CA ASN D 317 24.15 -8.03 10.87
C ASN D 317 24.57 -8.92 12.03
N PHE D 318 24.96 -8.28 13.12
CA PHE D 318 25.26 -8.91 14.38
C PHE D 318 24.13 -8.63 15.33
N ARG D 319 23.71 -9.63 16.08
CA ARG D 319 22.67 -9.40 17.06
C ARG D 319 22.82 -10.34 18.24
N VAL D 320 22.91 -9.78 19.44
CA VAL D 320 23.03 -10.58 20.64
C VAL D 320 21.67 -11.17 21.01
N GLN D 321 21.66 -12.47 21.23
CA GLN D 321 20.46 -13.20 21.60
C GLN D 321 20.34 -13.30 23.10
N PRO D 322 19.12 -13.42 23.64
CA PRO D 322 18.85 -13.64 25.05
C PRO D 322 19.33 -15.01 25.45
N THR D 323 19.85 -15.12 26.67
CA THR D 323 20.33 -16.39 27.16
C THR D 323 19.43 -16.97 28.22
N GLU D 324 18.62 -16.11 28.85
CA GLU D 324 17.71 -16.59 29.88
C GLU D 324 16.36 -15.89 29.77
N SER D 325 15.43 -16.30 30.62
CA SER D 325 14.10 -15.71 30.66
C SER D 325 13.62 -15.60 32.09
N ILE D 326 13.24 -14.39 32.47
CA ILE D 326 12.80 -14.15 33.83
C ILE D 326 11.42 -13.52 33.89
N VAL D 327 10.65 -13.88 34.92
CA VAL D 327 9.36 -13.27 35.13
C VAL D 327 9.30 -12.78 36.56
N ARG D 328 8.85 -11.57 36.79
CA ARG D 328 8.84 -11.04 38.14
C ARG D 328 7.50 -10.49 38.57
N PHE D 329 7.00 -10.95 39.71
CA PHE D 329 5.76 -10.42 40.25
C PHE D 329 5.91 -10.14 41.76
N PRO D 330 5.18 -9.17 42.29
CA PRO D 330 5.07 -8.86 43.70
C PRO D 330 4.89 -10.14 44.50
N ASN D 331 5.65 -10.37 45.60
CA ASN D 331 5.53 -11.59 46.38
C ASN D 331 4.23 -11.56 47.20
N ILE D 332 3.28 -12.41 46.83
CA ILE D 332 1.89 -12.36 47.29
C ILE D 332 1.63 -12.95 48.67
N THR D 333 0.94 -12.16 49.49
CA THR D 333 0.49 -12.52 50.82
C THR D 333 -1.02 -12.63 50.84
N ASN D 334 -1.64 -12.15 49.77
CA ASN D 334 -3.09 -12.07 49.67
C ASN D 334 -3.70 -13.36 49.18
N LEU D 335 -3.72 -14.35 50.06
CA LEU D 335 -4.24 -15.67 49.73
C LEU D 335 -5.70 -15.74 50.17
N CYS D 336 -6.54 -16.49 49.44
CA CYS D 336 -7.95 -16.64 49.73
C CYS D 336 -8.17 -17.33 51.09
N PRO D 337 -9.11 -16.84 51.92
CA PRO D 337 -9.50 -17.41 53.23
C PRO D 337 -10.13 -18.78 53.10
N PHE D 338 -9.36 -19.74 52.59
CA PHE D 338 -9.78 -21.11 52.42
C PHE D 338 -9.79 -21.85 53.73
N GLY D 339 -9.01 -21.35 54.70
CA GLY D 339 -8.97 -22.00 55.99
C GLY D 339 -10.35 -22.05 56.65
N GLU D 340 -11.17 -21.05 56.44
CA GLU D 340 -12.50 -20.98 57.05
C GLU D 340 -13.52 -21.84 56.32
N VAL D 341 -13.09 -22.43 55.23
CA VAL D 341 -13.94 -23.28 54.41
C VAL D 341 -13.59 -24.75 54.64
N PHE D 342 -12.30 -25.03 54.69
CA PHE D 342 -11.80 -26.39 54.81
C PHE D 342 -11.32 -26.80 56.22
N ASN D 343 -10.87 -25.83 57.05
CA ASN D 343 -10.31 -26.07 58.40
C ASN D 343 -11.23 -25.50 59.51
N ALA D 344 -12.49 -25.23 59.21
CA ALA D 344 -13.50 -24.74 60.16
C ALA D 344 -13.99 -25.86 61.07
N THR D 345 -14.55 -25.49 62.21
CA THR D 345 -15.09 -26.48 63.14
C THR D 345 -16.59 -26.69 62.96
N ARG D 346 -17.32 -25.62 62.64
CA ARG D 346 -18.77 -25.73 62.55
C ARG D 346 -19.27 -25.58 61.13
N PHE D 347 -20.08 -26.54 60.70
CA PHE D 347 -20.65 -26.56 59.36
C PHE D 347 -22.15 -26.67 59.39
N ALA D 348 -22.80 -26.08 58.39
CA ALA D 348 -24.23 -26.22 58.22
C ALA D 348 -24.53 -27.60 57.67
N SER D 349 -25.72 -28.08 57.93
CA SER D 349 -26.17 -29.35 57.38
C SER D 349 -26.60 -29.20 55.93
N VAL D 350 -26.71 -30.31 55.22
CA VAL D 350 -27.02 -30.24 53.80
C VAL D 350 -28.38 -29.65 53.46
N TYR D 351 -29.38 -29.82 54.31
CA TYR D 351 -30.70 -29.28 53.97
C TYR D 351 -30.70 -27.75 53.87
N ALA D 352 -29.76 -27.11 54.54
CA ALA D 352 -29.65 -25.65 54.56
C ALA D 352 -28.18 -25.29 54.69
N TRP D 353 -27.45 -25.53 53.62
CA TRP D 353 -26.00 -25.42 53.56
C TRP D 353 -25.52 -23.96 53.61
N ASN D 354 -24.29 -23.75 54.07
CA ASN D 354 -23.76 -22.38 54.17
C ASN D 354 -22.77 -22.08 53.06
N ARG D 355 -22.52 -20.79 52.80
CA ARG D 355 -21.57 -20.42 51.75
C ARG D 355 -20.72 -19.20 52.08
N LYS D 356 -19.52 -19.15 51.51
CA LYS D 356 -18.64 -17.99 51.62
C LYS D 356 -18.39 -17.36 50.25
N ARG D 357 -18.36 -16.03 50.21
CA ARG D 357 -18.04 -15.30 48.98
C ARG D 357 -16.58 -14.89 49.00
N ILE D 358 -15.81 -15.41 48.04
CA ILE D 358 -14.38 -15.21 48.02
C ILE D 358 -13.90 -14.28 46.91
N SER D 359 -13.21 -13.21 47.33
CA SER D 359 -12.74 -12.14 46.45
C SER D 359 -11.40 -11.54 46.89
N ASN D 360 -10.84 -10.73 46.00
CA ASN D 360 -9.59 -9.97 46.17
C ASN D 360 -8.44 -10.80 46.75
N CYS D 361 -8.15 -11.93 46.11
CA CYS D 361 -7.16 -12.90 46.58
C CYS D 361 -6.69 -13.85 45.50
N VAL D 362 -5.67 -14.63 45.86
CA VAL D 362 -5.26 -15.73 44.99
C VAL D 362 -5.60 -17.06 45.64
N ALA D 363 -6.13 -17.95 44.84
CA ALA D 363 -6.54 -19.25 45.28
C ALA D 363 -5.39 -20.21 45.15
N ASP D 364 -4.78 -20.54 46.27
CA ASP D 364 -3.63 -21.41 46.21
C ASP D 364 -4.09 -22.84 46.13
N TYR D 365 -4.41 -23.27 44.91
CA TYR D 365 -5.03 -24.55 44.65
C TYR D 365 -4.10 -25.69 45.05
N SER D 366 -2.80 -25.40 45.08
CA SER D 366 -1.81 -26.39 45.45
C SER D 366 -2.08 -26.96 46.83
N VAL D 367 -2.52 -26.09 47.75
CA VAL D 367 -2.78 -26.49 49.12
C VAL D 367 -3.94 -27.45 49.18
N LEU D 368 -4.92 -27.26 48.31
CA LEU D 368 -6.08 -28.11 48.32
C LEU D 368 -5.85 -29.44 47.59
N TYR D 369 -5.22 -29.42 46.42
CA TYR D 369 -5.12 -30.70 45.73
C TYR D 369 -4.08 -31.63 46.34
N ASN D 370 -3.11 -31.09 47.08
CA ASN D 370 -2.12 -31.96 47.71
C ASN D 370 -2.49 -32.25 49.16
N SER D 371 -3.74 -31.99 49.55
CA SER D 371 -4.15 -32.22 50.93
C SER D 371 -3.94 -33.66 51.35
N ALA D 372 -3.50 -33.83 52.59
CA ALA D 372 -3.20 -35.14 53.13
C ALA D 372 -4.43 -36.00 53.35
N SER D 373 -5.62 -35.41 53.32
CA SER D 373 -6.81 -36.19 53.63
C SER D 373 -7.98 -36.09 52.65
N PHE D 374 -7.77 -35.65 51.41
CA PHE D 374 -8.91 -35.55 50.50
C PHE D 374 -9.18 -36.85 49.78
N SER D 375 -10.37 -37.41 50.00
CA SER D 375 -10.72 -38.71 49.44
C SER D 375 -11.08 -38.55 47.98
N THR D 376 -11.65 -37.40 47.66
CA THR D 376 -12.03 -37.09 46.29
C THR D 376 -11.86 -35.59 46.02
N PHE D 377 -11.57 -35.29 44.77
CA PHE D 377 -11.37 -33.94 44.28
C PHE D 377 -11.64 -33.95 42.80
N LYS D 378 -12.72 -33.31 42.37
CA LYS D 378 -13.05 -33.35 40.96
C LYS D 378 -13.54 -32.01 40.44
N CYS D 379 -13.07 -31.61 39.25
CA CYS D 379 -13.41 -30.32 38.63
C CYS D 379 -14.18 -30.52 37.33
N TYR D 380 -15.14 -29.61 37.14
CA TYR D 380 -15.99 -29.62 35.97
C TYR D 380 -15.78 -28.35 35.15
N GLY D 381 -15.45 -28.56 33.88
CA GLY D 381 -15.22 -27.47 32.94
C GLY D 381 -13.77 -27.00 32.94
N VAL D 382 -13.00 -27.49 33.89
CA VAL D 382 -11.61 -27.09 34.02
C VAL D 382 -10.77 -28.18 34.69
N SER D 383 -9.52 -28.32 34.25
CA SER D 383 -8.59 -29.26 34.84
C SER D 383 -7.85 -28.62 36.03
N PRO D 384 -7.71 -29.32 37.18
CA PRO D 384 -7.02 -28.87 38.38
C PRO D 384 -5.64 -28.26 38.10
N THR D 385 -4.92 -28.85 37.16
CA THR D 385 -3.55 -28.40 36.86
C THR D 385 -3.49 -27.09 36.08
N LYS D 386 -4.64 -26.61 35.59
CA LYS D 386 -4.69 -25.36 34.84
C LYS D 386 -5.34 -24.25 35.63
N LEU D 387 -5.76 -24.53 36.86
CA LEU D 387 -6.52 -23.55 37.63
C LEU D 387 -5.71 -22.29 37.92
N ASN D 388 -4.40 -22.40 38.03
CA ASN D 388 -3.56 -21.24 38.35
C ASN D 388 -3.37 -20.30 37.17
N ASP D 389 -3.83 -20.69 35.99
CA ASP D 389 -3.65 -19.86 34.79
C ASP D 389 -4.89 -19.13 34.39
N LEU D 390 -5.91 -19.17 35.22
CA LEU D 390 -7.16 -18.51 34.86
C LEU D 390 -7.73 -17.72 36.05
N CYS D 391 -8.43 -16.60 35.72
CA CYS D 391 -8.96 -15.73 36.77
C CYS D 391 -10.49 -15.57 36.63
N PHE D 392 -11.15 -15.83 37.73
CA PHE D 392 -12.60 -15.71 37.79
C PHE D 392 -13.04 -14.39 38.40
N THR D 393 -14.28 -14.01 38.14
CA THR D 393 -14.80 -12.79 38.72
C THR D 393 -14.94 -12.98 40.21
N ASN D 394 -15.50 -14.12 40.59
CA ASN D 394 -15.68 -14.46 41.99
C ASN D 394 -15.74 -15.97 42.15
N VAL D 395 -15.39 -16.49 43.32
CA VAL D 395 -15.61 -17.91 43.53
C VAL D 395 -16.38 -18.08 44.84
N TYR D 396 -17.19 -19.11 44.92
CA TYR D 396 -17.98 -19.31 46.12
C TYR D 396 -17.74 -20.67 46.71
N ALA D 397 -17.64 -20.72 48.03
CA ALA D 397 -17.42 -22.00 48.68
C ALA D 397 -18.64 -22.44 49.47
N ASP D 398 -19.33 -23.45 48.94
CA ASP D 398 -20.53 -23.98 49.55
C ASP D 398 -20.18 -25.19 50.39
N SER D 399 -20.54 -25.19 51.66
CA SER D 399 -20.14 -26.31 52.50
C SER D 399 -21.28 -26.95 53.29
N PHE D 400 -21.19 -28.26 53.39
CA PHE D 400 -22.18 -29.07 54.09
C PHE D 400 -21.69 -30.48 54.44
N VAL D 401 -22.45 -31.16 55.30
CA VAL D 401 -22.12 -32.54 55.66
C VAL D 401 -23.22 -33.54 55.26
N ILE D 402 -22.79 -34.59 54.56
CA ILE D 402 -23.60 -35.70 54.07
C ILE D 402 -22.94 -37.03 54.41
N ARG D 403 -23.58 -38.16 54.14
CA ARG D 403 -22.90 -39.42 54.47
C ARG D 403 -21.98 -39.85 53.33
N GLY D 404 -21.04 -40.73 53.64
CA GLY D 404 -20.06 -41.22 52.68
C GLY D 404 -20.60 -41.61 51.30
N ASP D 405 -21.60 -42.48 51.21
CA ASP D 405 -22.05 -42.96 49.90
C ASP D 405 -22.99 -41.99 49.21
N GLU D 406 -23.20 -40.85 49.84
CA GLU D 406 -24.09 -39.83 49.33
C GLU D 406 -23.30 -38.84 48.49
N VAL D 407 -21.97 -38.90 48.62
CA VAL D 407 -21.08 -37.94 47.98
C VAL D 407 -21.12 -37.98 46.46
N ARG D 408 -21.50 -39.10 45.87
CA ARG D 408 -21.53 -39.12 44.42
C ARG D 408 -22.70 -38.30 43.85
N GLN D 409 -23.62 -37.86 44.72
CA GLN D 409 -24.75 -37.06 44.26
C GLN D 409 -24.39 -35.59 44.09
N ILE D 410 -23.25 -35.16 44.60
CA ILE D 410 -22.91 -33.75 44.45
C ILE D 410 -22.06 -33.57 43.20
N ALA D 411 -22.75 -33.68 42.08
CA ALA D 411 -22.19 -33.61 40.75
C ALA D 411 -23.30 -33.28 39.75
N PRO D 412 -22.97 -32.66 38.60
CA PRO D 412 -23.90 -32.36 37.53
C PRO D 412 -24.42 -33.63 36.92
N GLY D 413 -25.70 -33.63 36.58
CA GLY D 413 -26.32 -34.77 35.92
C GLY D 413 -26.79 -35.83 36.90
N GLN D 414 -26.59 -35.61 38.20
CA GLN D 414 -26.99 -36.62 39.18
C GLN D 414 -28.37 -36.35 39.75
N THR D 415 -28.97 -37.43 40.25
CA THR D 415 -30.29 -37.44 40.87
C THR D 415 -30.26 -38.24 42.16
N GLY D 416 -31.16 -37.92 43.08
CA GLY D 416 -31.19 -38.65 44.35
C GLY D 416 -31.67 -37.78 45.51
N LYS D 417 -31.63 -38.34 46.71
CA LYS D 417 -32.13 -37.65 47.89
C LYS D 417 -31.51 -36.26 48.10
N ILE D 418 -30.21 -36.12 47.87
CA ILE D 418 -29.63 -34.80 48.06
C ILE D 418 -29.72 -33.99 46.79
N ALA D 419 -29.40 -34.62 45.67
CA ALA D 419 -29.39 -33.89 44.41
C ALA D 419 -30.73 -33.20 44.14
N ASP D 420 -31.84 -33.84 44.52
CA ASP D 420 -33.15 -33.26 44.29
C ASP D 420 -33.79 -32.52 45.47
N TYR D 421 -33.49 -32.92 46.72
CA TYR D 421 -34.19 -32.32 47.86
C TYR D 421 -33.37 -31.33 48.70
N ASN D 422 -32.04 -31.44 48.71
CA ASN D 422 -31.27 -30.59 49.62
C ASN D 422 -30.23 -29.70 48.94
N TYR D 423 -29.52 -30.23 47.95
CA TYR D 423 -28.51 -29.43 47.24
C TYR D 423 -28.53 -29.76 45.77
N LYS D 424 -29.13 -28.89 44.97
CA LYS D 424 -29.20 -29.13 43.54
C LYS D 424 -27.96 -28.56 42.86
N LEU D 425 -27.26 -29.42 42.15
CA LEU D 425 -26.03 -29.07 41.44
C LEU D 425 -26.36 -29.01 39.94
N PRO D 426 -26.30 -27.83 39.30
CA PRO D 426 -26.69 -27.58 37.91
C PRO D 426 -25.83 -28.34 36.91
N ASP D 427 -26.44 -28.70 35.79
CA ASP D 427 -25.78 -29.43 34.73
C ASP D 427 -24.72 -28.61 33.98
N ASP D 428 -24.81 -27.28 34.11
CA ASP D 428 -23.85 -26.38 33.49
C ASP D 428 -22.85 -25.86 34.52
N PHE D 429 -22.76 -26.55 35.66
CA PHE D 429 -21.87 -26.17 36.73
C PHE D 429 -20.40 -26.14 36.34
N THR D 430 -19.73 -25.06 36.73
CA THR D 430 -18.30 -24.92 36.57
C THR D 430 -17.74 -24.71 37.96
N GLY D 431 -16.76 -25.54 38.31
CA GLY D 431 -16.21 -25.48 39.66
C GLY D 431 -15.58 -26.81 40.06
N CYS D 432 -15.14 -26.90 41.32
CA CYS D 432 -14.48 -28.09 41.86
C CYS D 432 -15.17 -28.57 43.14
N VAL D 433 -15.35 -29.87 43.23
CA VAL D 433 -15.96 -30.49 44.40
C VAL D 433 -14.95 -31.30 45.17
N ILE D 434 -14.82 -30.98 46.45
CA ILE D 434 -13.84 -31.58 47.33
C ILE D 434 -14.53 -32.28 48.50
N ALA D 435 -14.17 -33.53 48.77
CA ALA D 435 -14.82 -34.19 49.89
C ALA D 435 -13.90 -35.15 50.62
N TRP D 436 -14.14 -35.30 51.91
CA TRP D 436 -13.33 -36.20 52.72
C TRP D 436 -14.02 -36.75 53.95
N ASN D 437 -13.42 -37.78 54.52
CA ASN D 437 -13.92 -38.41 55.74
C ASN D 437 -13.62 -37.53 56.95
N SER D 438 -14.67 -37.01 57.58
CA SER D 438 -14.54 -36.08 58.69
C SER D 438 -14.96 -36.71 60.01
N ASN D 439 -15.05 -38.04 60.02
CA ASN D 439 -15.52 -38.80 61.19
C ASN D 439 -14.97 -38.29 62.50
N ASN D 440 -13.66 -38.08 62.56
CA ASN D 440 -12.99 -37.75 63.82
C ASN D 440 -13.48 -36.45 64.44
N LEU D 441 -14.02 -35.53 63.64
CA LEU D 441 -14.48 -34.26 64.16
C LEU D 441 -16.00 -34.16 64.29
N ASP D 442 -16.71 -35.22 63.92
CA ASP D 442 -18.17 -35.19 63.89
C ASP D 442 -18.84 -36.31 64.67
N SER D 443 -18.50 -37.55 64.36
CA SER D 443 -19.22 -38.71 64.84
C SER D 443 -19.07 -38.90 66.35
N LYS D 444 -20.14 -39.39 66.98
CA LYS D 444 -20.13 -39.58 68.42
C LYS D 444 -20.60 -40.98 68.83
N VAL D 445 -19.99 -41.51 69.90
CA VAL D 445 -20.34 -42.81 70.50
C VAL D 445 -21.78 -42.80 71.04
N ASN D 448 -24.62 -39.31 66.41
CA ASN D 448 -24.49 -37.90 66.15
C ASN D 448 -25.71 -37.39 65.37
N TYR D 449 -26.85 -37.22 66.06
CA TYR D 449 -28.09 -36.74 65.46
C TYR D 449 -28.08 -35.22 65.44
N ASN D 450 -27.12 -34.69 64.69
CA ASN D 450 -26.86 -33.26 64.58
C ASN D 450 -27.16 -32.72 63.20
N TYR D 451 -26.70 -33.42 62.18
CA TYR D 451 -26.85 -32.96 60.82
C TYR D 451 -28.18 -33.41 60.25
N LEU D 452 -28.87 -32.49 59.59
CA LEU D 452 -30.16 -32.76 58.98
C LEU D 452 -30.16 -32.76 57.46
N TYR D 453 -31.03 -33.59 56.93
CA TYR D 453 -31.28 -33.76 55.51
C TYR D 453 -32.75 -34.09 55.37
N ARG D 454 -33.30 -34.02 54.15
CA ARG D 454 -34.72 -34.29 54.06
C ARG D 454 -35.08 -35.51 53.23
N LEU D 455 -36.20 -36.10 53.61
CA LEU D 455 -36.75 -37.25 52.93
C LEU D 455 -37.90 -36.80 52.05
N PHE D 456 -38.61 -35.75 52.50
CA PHE D 456 -39.74 -35.24 51.74
C PHE D 456 -39.73 -33.72 51.58
N ARG D 457 -39.96 -33.30 50.34
CA ARG D 457 -40.13 -31.92 49.96
C ARG D 457 -41.11 -31.97 48.79
N LYS D 458 -42.17 -31.17 48.84
CA LYS D 458 -43.23 -31.28 47.84
C LYS D 458 -42.78 -31.10 46.39
N SER D 459 -41.80 -30.23 46.17
CA SER D 459 -41.32 -29.97 44.83
C SER D 459 -39.80 -30.03 44.77
N ASN D 460 -39.27 -30.22 43.58
CA ASN D 460 -37.84 -30.34 43.37
C ASN D 460 -37.11 -29.00 43.52
N LEU D 461 -35.85 -29.07 43.90
CA LEU D 461 -35.01 -27.88 44.00
C LEU D 461 -34.43 -27.49 42.66
N LYS D 462 -34.18 -26.20 42.49
CA LYS D 462 -33.50 -25.66 41.34
C LYS D 462 -32.07 -25.39 41.82
N PRO D 463 -31.10 -25.15 40.93
CA PRO D 463 -29.71 -24.97 41.27
C PRO D 463 -29.49 -23.95 42.37
N PHE D 464 -28.69 -24.35 43.35
CA PHE D 464 -28.29 -23.55 44.50
C PHE D 464 -29.38 -23.06 45.47
N GLU D 465 -30.55 -23.70 45.54
CA GLU D 465 -31.44 -23.35 46.66
C GLU D 465 -30.92 -23.96 47.96
N ARG D 466 -31.33 -23.37 49.09
CA ARG D 466 -30.97 -23.80 50.45
C ARG D 466 -32.14 -23.59 51.41
N PRO D 491 -40.73 -34.49 57.48
CA PRO D 491 -40.01 -34.05 56.29
C PRO D 491 -38.48 -34.20 56.45
N LEU D 492 -37.95 -33.76 57.61
CA LEU D 492 -36.52 -33.80 57.93
C LEU D 492 -36.15 -35.08 58.69
N GLN D 493 -34.89 -35.47 58.58
CA GLN D 493 -34.32 -36.58 59.32
C GLN D 493 -32.90 -36.27 59.76
N SER D 494 -32.49 -36.84 60.90
CA SER D 494 -31.12 -36.72 61.37
C SER D 494 -30.27 -37.90 60.91
N TYR D 495 -29.00 -37.65 60.59
CA TYR D 495 -28.11 -38.72 60.14
C TYR D 495 -27.74 -39.75 61.19
N GLY D 496 -27.46 -39.31 62.42
CA GLY D 496 -27.12 -40.26 63.47
C GLY D 496 -25.78 -40.94 63.26
N PHE D 497 -24.78 -40.19 62.80
CA PHE D 497 -23.49 -40.80 62.47
C PHE D 497 -22.87 -41.52 63.68
N GLN D 498 -22.35 -42.72 63.41
CA GLN D 498 -21.76 -43.59 64.44
C GLN D 498 -20.29 -43.90 64.10
N PRO D 499 -19.36 -43.86 65.09
CA PRO D 499 -17.94 -44.16 64.95
C PRO D 499 -17.67 -45.48 64.26
N THR D 500 -18.53 -46.46 64.47
CA THR D 500 -18.38 -47.75 63.81
C THR D 500 -19.44 -47.93 62.75
N ASN D 501 -19.00 -47.91 61.49
CA ASN D 501 -19.83 -48.06 60.31
C ASN D 501 -18.95 -48.48 59.14
N GLY D 502 -19.55 -48.68 57.97
CA GLY D 502 -18.77 -48.92 56.77
C GLY D 502 -18.35 -47.57 56.20
N VAL D 503 -17.45 -47.57 55.22
CA VAL D 503 -16.99 -46.31 54.64
C VAL D 503 -18.09 -45.45 54.01
N GLY D 504 -19.16 -46.06 53.53
CA GLY D 504 -20.21 -45.26 52.94
C GLY D 504 -21.17 -44.69 53.99
N TYR D 505 -21.00 -45.05 55.26
CA TYR D 505 -21.94 -44.60 56.28
C TYR D 505 -21.40 -43.68 57.38
N GLN D 506 -20.15 -43.22 57.31
CA GLN D 506 -19.73 -42.24 58.29
C GLN D 506 -19.93 -40.89 57.59
N PRO D 507 -19.69 -39.73 58.21
CA PRO D 507 -19.85 -38.44 57.60
C PRO D 507 -18.73 -38.04 56.67
N TYR D 508 -19.10 -37.40 55.57
CA TYR D 508 -18.18 -36.71 54.69
C TYR D 508 -18.41 -35.23 54.75
N ARG D 509 -17.33 -34.50 54.78
CA ARG D 509 -17.41 -33.06 54.72
C ARG D 509 -17.20 -32.64 53.28
N VAL D 510 -18.13 -31.87 52.76
CA VAL D 510 -18.10 -31.51 51.36
C VAL D 510 -18.01 -30.01 51.13
N VAL D 511 -17.06 -29.64 50.29
CA VAL D 511 -16.90 -28.25 49.89
C VAL D 511 -17.02 -28.13 48.38
N VAL D 512 -17.89 -27.26 47.92
CA VAL D 512 -18.06 -27.04 46.49
C VAL D 512 -17.59 -25.64 46.14
N LEU D 513 -16.59 -25.55 45.27
CA LEU D 513 -16.08 -24.25 44.86
C LEU D 513 -16.64 -23.90 43.48
N SER D 514 -17.60 -23.01 43.44
CA SER D 514 -18.21 -22.65 42.16
C SER D 514 -17.40 -21.52 41.56
N PHE D 515 -17.32 -21.49 40.25
CA PHE D 515 -16.56 -20.45 39.57
C PHE D 515 -17.44 -19.53 38.75
N GLU D 516 -17.48 -18.26 39.13
CA GLU D 516 -18.31 -17.27 38.48
C GLU D 516 -17.52 -16.35 37.57
N LEU D 517 -17.90 -16.33 36.29
CA LEU D 517 -17.26 -15.45 35.32
C LEU D 517 -18.31 -14.60 34.62
N LEU D 518 -18.15 -13.28 34.67
CA LEU D 518 -19.10 -12.36 34.08
C LEU D 518 -18.44 -11.06 33.63
N HIS D 519 -19.24 -10.13 33.11
CA HIS D 519 -18.69 -8.88 32.57
C HIS D 519 -18.27 -7.91 33.66
N ALA D 520 -17.12 -8.19 34.27
CA ALA D 520 -16.53 -7.44 35.37
C ALA D 520 -15.03 -7.74 35.38
N PRO D 521 -14.19 -6.90 36.01
CA PRO D 521 -12.77 -7.16 36.16
C PRO D 521 -12.60 -8.45 36.93
N ALA D 522 -11.69 -9.30 36.49
CA ALA D 522 -11.43 -10.55 37.19
C ALA D 522 -10.87 -10.24 38.54
N THR D 523 -11.22 -11.02 39.55
CA THR D 523 -10.75 -10.73 40.89
C THR D 523 -9.99 -11.88 41.54
N VAL D 524 -10.38 -13.12 41.22
CA VAL D 524 -9.77 -14.28 41.88
C VAL D 524 -8.90 -15.08 40.89
N CYS D 525 -7.59 -15.11 41.16
CA CYS D 525 -6.56 -15.73 40.31
C CYS D 525 -5.80 -16.77 41.12
N GLY D 526 -4.82 -17.44 40.52
CA GLY D 526 -3.93 -18.29 41.29
C GLY D 526 -2.72 -17.43 41.66
N PRO D 527 -1.80 -17.89 42.51
CA PRO D 527 -0.56 -17.22 42.85
C PRO D 527 0.33 -17.09 41.61
N LYS D 528 1.07 -16.00 41.51
CA LYS D 528 2.00 -15.85 40.38
C LYS D 528 3.40 -16.22 40.82
N LYS D 529 4.02 -17.14 40.08
CA LYS D 529 5.35 -17.61 40.41
C LYS D 529 6.39 -16.70 39.78
N SER D 530 7.52 -16.54 40.46
CA SER D 530 8.59 -15.71 39.95
C SER D 530 9.91 -16.48 39.85
N THR D 531 10.77 -15.99 38.97
CA THR D 531 12.12 -16.48 38.79
C THR D 531 13.07 -15.52 39.48
N ASN D 532 14.35 -15.84 39.48
CA ASN D 532 15.31 -14.93 40.08
C ASN D 532 15.59 -13.80 39.10
N LEU D 533 16.41 -12.85 39.51
CA LEU D 533 16.74 -11.72 38.65
C LEU D 533 18.11 -11.84 38.03
N VAL D 534 18.15 -11.74 36.72
CA VAL D 534 19.40 -11.80 35.98
C VAL D 534 19.86 -10.41 35.60
N LYS D 535 21.11 -10.10 35.89
CA LYS D 535 21.68 -8.79 35.56
C LYS D 535 22.86 -8.90 34.62
N ASN D 536 23.05 -7.83 33.84
CA ASN D 536 24.18 -7.64 32.92
C ASN D 536 24.26 -8.71 31.83
N LYS D 537 23.13 -9.31 31.50
CA LYS D 537 23.01 -10.31 30.44
C LYS D 537 21.72 -10.07 29.68
N CYS D 538 21.63 -10.45 28.40
CA CYS D 538 20.43 -10.41 27.62
C CYS D 538 19.40 -11.42 28.06
N VAL D 539 18.23 -11.03 28.41
CA VAL D 539 17.17 -11.90 28.79
C VAL D 539 15.85 -11.52 28.17
N ASN D 540 14.96 -12.48 28.11
CA ASN D 540 13.57 -12.20 27.82
C ASN D 540 12.95 -11.88 29.15
N PHE D 541 12.10 -10.86 29.23
CA PHE D 541 11.52 -10.58 30.53
C PHE D 541 10.13 -10.01 30.50
N ASN D 542 9.45 -10.17 31.63
CA ASN D 542 8.24 -9.43 31.89
C ASN D 542 8.13 -9.08 33.37
N PHE D 543 7.90 -7.81 33.62
CA PHE D 543 7.77 -7.31 34.98
C PHE D 543 6.34 -6.91 35.25
N ASN D 544 5.68 -7.66 36.11
CA ASN D 544 4.29 -7.39 36.44
C ASN D 544 3.41 -7.30 35.19
N GLY D 545 3.66 -8.17 34.22
CA GLY D 545 2.85 -8.21 33.01
C GLY D 545 3.38 -7.43 31.80
N LEU D 546 4.35 -6.52 31.99
CA LEU D 546 4.84 -5.80 30.81
C LEU D 546 6.12 -6.42 30.29
N THR D 547 6.04 -6.90 29.05
CA THR D 547 7.12 -7.63 28.41
C THR D 547 8.14 -6.74 27.74
N GLY D 548 9.30 -7.32 27.48
CA GLY D 548 10.37 -6.71 26.73
C GLY D 548 11.59 -7.63 26.70
N THR D 549 12.66 -7.14 26.13
CA THR D 549 13.90 -7.90 26.04
C THR D 549 15.06 -6.94 26.06
N GLY D 550 16.17 -7.38 26.65
CA GLY D 550 17.34 -6.53 26.75
C GLY D 550 18.18 -6.88 27.96
N VAL D 551 19.05 -5.95 28.32
CA VAL D 551 19.97 -6.13 29.43
C VAL D 551 19.58 -5.27 30.61
N LEU D 552 19.39 -5.91 31.76
CA LEU D 552 18.97 -5.22 32.97
C LEU D 552 20.16 -4.81 33.82
N THR D 553 20.23 -3.53 34.18
CA THR D 553 21.29 -3.01 35.01
C THR D 553 20.70 -2.14 36.10
N GLU D 554 21.45 -1.86 37.15
CA GLU D 554 20.95 -0.97 38.17
C GLU D 554 20.80 0.44 37.60
N SER D 555 19.69 1.08 37.92
CA SER D 555 19.40 2.44 37.47
C SER D 555 19.78 3.43 38.54
N ASN D 556 20.12 4.63 38.12
CA ASN D 556 20.39 5.73 39.04
C ASN D 556 19.20 6.69 39.08
N LYS D 557 18.09 6.26 38.49
CA LYS D 557 16.89 7.08 38.42
C LYS D 557 16.02 6.85 39.63
N LYS D 558 15.19 7.84 39.94
CA LYS D 558 14.28 7.72 41.05
C LYS D 558 12.84 7.85 40.61
N PHE D 559 12.09 6.80 40.80
CA PHE D 559 10.68 6.77 40.46
C PHE D 559 9.86 7.27 41.61
N LEU D 560 8.70 7.86 41.31
CA LEU D 560 7.80 8.24 42.38
C LEU D 560 7.24 6.93 42.94
N PRO D 561 6.78 6.91 44.19
CA PRO D 561 6.31 5.73 44.92
C PRO D 561 5.24 4.91 44.18
N PHE D 562 4.47 5.51 43.30
CA PHE D 562 3.40 4.79 42.61
C PHE D 562 3.74 4.39 41.19
N GLN D 563 4.94 4.71 40.72
CA GLN D 563 5.29 4.41 39.34
C GLN D 563 5.94 3.05 39.22
N GLN D 564 5.59 2.33 38.16
CA GLN D 564 6.09 0.97 37.97
C GLN D 564 7.15 0.84 36.89
N PHE D 565 7.08 1.68 35.89
CA PHE D 565 8.05 1.60 34.80
C PHE D 565 8.16 2.96 34.18
N GLY D 566 9.21 3.20 33.43
CA GLY D 566 9.38 4.49 32.80
C GLY D 566 9.57 4.36 31.31
N ARG D 567 9.35 5.48 30.62
CA ARG D 567 9.49 5.53 29.17
C ARG D 567 10.27 6.75 28.73
N ASP D 568 10.93 6.61 27.58
CA ASP D 568 11.74 7.66 26.99
C ASP D 568 10.93 8.60 26.09
N ILE D 569 11.63 9.45 25.35
CA ILE D 569 11.03 10.46 24.48
C ILE D 569 10.16 9.82 23.39
N ALA D 570 10.59 8.68 22.86
CA ALA D 570 9.88 7.99 21.80
C ALA D 570 8.86 7.00 22.37
N ASP D 571 8.53 7.14 23.65
CA ASP D 571 7.55 6.30 24.33
C ASP D 571 7.92 4.82 24.33
N THR D 572 9.19 4.54 24.51
CA THR D 572 9.72 3.18 24.60
C THR D 572 10.19 2.89 26.03
N THR D 573 9.91 1.69 26.54
CA THR D 573 10.28 1.37 27.92
C THR D 573 11.76 1.56 28.12
N ASP D 574 12.10 2.40 29.10
CA ASP D 574 13.47 2.74 29.41
C ASP D 574 13.95 2.07 30.69
N ALA D 575 13.03 1.88 31.63
CA ALA D 575 13.35 1.30 32.93
C ALA D 575 12.13 0.68 33.57
N VAL D 576 12.35 -0.25 34.49
CA VAL D 576 11.28 -0.84 35.27
C VAL D 576 11.60 -0.91 36.74
N ARG D 577 10.58 -1.04 37.57
CA ARG D 577 10.80 -1.27 38.98
C ARG D 577 10.70 -2.76 39.28
N ASP D 578 11.63 -3.26 40.07
CA ASP D 578 11.59 -4.63 40.53
C ASP D 578 10.45 -4.79 41.53
N PRO D 579 9.41 -5.57 41.22
CA PRO D 579 8.19 -5.68 41.98
C PRO D 579 8.34 -6.32 43.34
N GLN D 580 9.50 -6.93 43.60
CA GLN D 580 9.69 -7.58 44.89
C GLN D 580 10.59 -6.78 45.84
N THR D 581 11.64 -6.15 45.30
CA THR D 581 12.54 -5.38 46.17
C THR D 581 12.48 -3.87 45.90
N LEU D 582 11.78 -3.50 44.84
CA LEU D 582 11.56 -2.11 44.41
C LEU D 582 12.82 -1.33 44.02
N GLU D 583 13.87 -2.01 43.57
CA GLU D 583 15.00 -1.27 43.04
C GLU D 583 14.66 -0.92 41.61
N ILE D 584 15.27 0.12 41.06
CA ILE D 584 14.97 0.49 39.69
C ILE D 584 16.02 -0.07 38.76
N LEU D 585 15.56 -0.75 37.72
CA LEU D 585 16.45 -1.37 36.75
C LEU D 585 16.32 -0.69 35.40
N ASP D 586 17.44 -0.35 34.81
CA ASP D 586 17.42 0.23 33.47
C ASP D 586 17.40 -0.88 32.47
N ILE D 587 16.73 -0.66 31.35
CA ILE D 587 16.77 -1.65 30.29
C ILE D 587 17.54 -1.13 29.12
N THR D 588 18.65 -1.76 28.82
CA THR D 588 19.39 -1.32 27.66
C THR D 588 19.13 -2.35 26.57
N PRO D 589 19.19 -1.97 25.29
CA PRO D 589 19.08 -2.85 24.17
C PRO D 589 20.23 -3.84 24.14
N CYS D 590 19.98 -5.04 23.60
CA CYS D 590 21.04 -6.02 23.32
C CYS D 590 21.80 -5.48 22.11
N SER D 591 23.12 -5.52 22.16
CA SER D 591 23.84 -4.89 21.08
C SER D 591 23.54 -5.58 19.77
N PHE D 592 23.57 -4.78 18.72
CA PHE D 592 23.38 -5.23 17.38
C PHE D 592 24.04 -4.20 16.50
N GLY D 593 24.27 -4.55 15.26
CA GLY D 593 24.80 -3.58 14.33
C GLY D 593 25.30 -4.25 13.08
N GLY D 594 25.65 -3.47 12.09
CA GLY D 594 26.16 -4.06 10.87
C GLY D 594 27.53 -4.64 11.13
N VAL D 595 27.86 -5.70 10.42
CA VAL D 595 29.18 -6.28 10.48
C VAL D 595 29.81 -6.11 9.14
N SER D 596 30.94 -5.44 9.13
CA SER D 596 31.58 -5.12 7.89
C SER D 596 32.96 -5.73 7.78
N VAL D 597 33.32 -6.04 6.56
CA VAL D 597 34.59 -6.65 6.27
C VAL D 597 35.51 -5.66 5.62
N ILE D 598 36.67 -5.51 6.24
CA ILE D 598 37.70 -4.60 5.81
C ILE D 598 38.74 -5.39 5.07
N THR D 599 38.81 -5.16 3.77
CA THR D 599 39.62 -6.02 2.94
C THR D 599 40.49 -5.25 1.96
N PRO D 600 41.75 -5.65 1.78
CA PRO D 600 42.62 -5.22 0.73
C PRO D 600 42.15 -5.91 -0.53
N GLY D 601 42.55 -5.44 -1.68
CA GLY D 601 42.06 -6.09 -2.87
C GLY D 601 42.48 -7.55 -2.92
N THR D 602 41.60 -8.36 -3.49
CA THR D 602 41.81 -9.81 -3.64
C THR D 602 43.07 -10.13 -4.48
N ASN D 603 43.49 -9.19 -5.34
CA ASN D 603 44.67 -9.30 -6.21
C ASN D 603 45.99 -9.18 -5.42
N THR D 604 45.96 -8.85 -4.12
CA THR D 604 47.16 -8.80 -3.28
C THR D 604 47.06 -9.71 -2.08
N SER D 605 45.86 -9.85 -1.54
CA SER D 605 45.70 -10.63 -0.33
C SER D 605 44.29 -11.19 -0.18
N ASN D 606 44.20 -12.31 0.52
CA ASN D 606 42.92 -12.95 0.76
C ASN D 606 42.56 -13.08 2.24
N GLN D 607 43.06 -12.16 3.06
CA GLN D 607 42.72 -12.14 4.47
C GLN D 607 41.97 -10.86 4.76
N VAL D 608 41.09 -10.88 5.76
CA VAL D 608 40.33 -9.69 6.09
C VAL D 608 40.27 -9.41 7.58
N ALA D 609 39.90 -8.17 7.92
CA ALA D 609 39.60 -7.80 9.28
C ALA D 609 38.09 -7.56 9.40
N VAL D 610 37.51 -7.88 10.54
CA VAL D 610 36.07 -7.70 10.67
C VAL D 610 35.69 -6.71 11.74
N LEU D 611 34.84 -5.76 11.36
CA LEU D 611 34.37 -4.72 12.25
C LEU D 611 32.93 -4.91 12.70
N TYR D 612 32.70 -4.90 14.00
CA TYR D 612 31.37 -4.99 14.56
C TYR D 612 30.90 -3.61 14.99
N GLN D 613 29.93 -3.04 14.27
CA GLN D 613 29.54 -1.66 14.49
C GLN D 613 28.81 -1.45 15.81
N ASP D 614 29.26 -0.46 16.57
CA ASP D 614 28.67 -0.13 17.86
C ASP D 614 28.57 -1.35 18.78
N VAL D 615 29.60 -2.18 18.78
CA VAL D 615 29.64 -3.36 19.64
C VAL D 615 30.87 -3.32 20.53
N ASN D 616 30.69 -3.59 21.84
CA ASN D 616 31.79 -3.74 22.77
C ASN D 616 32.47 -5.10 22.49
N CYS D 617 33.81 -5.15 22.60
CA CYS D 617 34.52 -6.38 22.16
C CYS D 617 34.27 -7.52 23.11
N THR D 618 33.93 -7.20 24.34
CA THR D 618 33.73 -8.23 25.34
C THR D 618 32.45 -9.01 25.10
N GLU D 619 31.55 -8.47 24.26
CA GLU D 619 30.30 -9.13 23.98
C GLU D 619 30.21 -9.62 22.54
N VAL D 620 31.30 -9.49 21.78
CA VAL D 620 31.29 -9.96 20.40
C VAL D 620 31.05 -11.48 20.23
N PRO D 621 31.73 -12.40 20.97
CA PRO D 621 31.53 -13.85 20.88
C PRO D 621 30.33 -14.29 21.72
N ASN D 641 44.01 -10.68 18.69
CA ASN D 641 44.28 -9.50 17.89
C ASN D 641 43.00 -8.65 17.77
N VAL D 642 42.57 -8.07 18.89
CA VAL D 642 41.32 -7.30 19.01
C VAL D 642 41.57 -5.85 19.37
N PHE D 643 41.06 -4.95 18.54
CA PHE D 643 41.22 -3.51 18.73
C PHE D 643 39.88 -2.82 18.91
N GLN D 644 39.66 -2.27 20.10
CA GLN D 644 38.40 -1.59 20.35
C GLN D 644 38.50 -0.15 19.89
N THR D 645 37.61 0.27 19.01
CA THR D 645 37.60 1.63 18.51
C THR D 645 36.25 2.25 18.81
N ARG D 646 36.12 3.55 18.53
CA ARG D 646 34.84 4.21 18.74
C ARG D 646 33.80 3.67 17.78
N ALA D 647 34.20 3.41 16.55
CA ALA D 647 33.31 2.94 15.49
C ALA D 647 32.72 1.56 15.81
N GLY D 648 33.51 0.73 16.46
CA GLY D 648 33.08 -0.64 16.75
C GLY D 648 34.28 -1.49 17.15
N CYS D 649 34.07 -2.81 17.24
CA CYS D 649 35.13 -3.75 17.62
C CYS D 649 35.79 -4.29 16.35
N LEU D 650 37.08 -4.04 16.22
CA LEU D 650 37.81 -4.45 15.04
C LEU D 650 38.69 -5.66 15.32
N ILE D 651 38.38 -6.78 14.69
CA ILE D 651 39.10 -8.01 14.96
C ILE D 651 39.88 -8.51 13.76
N GLY D 652 41.17 -8.74 13.96
CA GLY D 652 42.06 -9.25 12.90
C GLY D 652 43.05 -8.21 12.42
N ALA D 653 42.77 -6.94 12.64
CA ALA D 653 43.70 -5.88 12.30
C ALA D 653 44.49 -5.52 13.54
N GLU D 654 45.76 -5.17 13.37
CA GLU D 654 46.54 -4.77 14.53
C GLU D 654 46.59 -3.26 14.67
N HIS D 655 46.72 -2.79 15.90
CA HIS D 655 46.80 -1.36 16.15
C HIS D 655 48.23 -0.88 16.20
N VAL D 656 48.55 0.13 15.41
CA VAL D 656 49.90 0.66 15.39
C VAL D 656 49.88 2.14 15.81
N ASN D 657 51.04 2.66 16.27
CA ASN D 657 51.18 4.05 16.75
C ASN D 657 51.61 5.01 15.63
N ASN D 658 51.75 4.53 14.39
CA ASN D 658 52.15 5.32 13.23
C ASN D 658 50.95 5.74 12.42
N SER D 659 50.83 7.04 12.14
CA SER D 659 49.75 7.50 11.30
C SER D 659 50.18 7.40 9.85
N TYR D 660 49.23 7.16 8.97
CA TYR D 660 49.48 7.03 7.55
C TYR D 660 48.39 7.76 6.78
N GLU D 661 48.65 8.04 5.51
CA GLU D 661 47.56 8.52 4.66
C GLU D 661 46.52 7.41 4.67
N CYS D 662 45.23 7.79 4.67
CA CYS D 662 44.10 6.82 4.75
C CYS D 662 44.02 5.99 3.48
N ASP D 663 43.35 4.84 3.61
CA ASP D 663 43.17 3.94 2.49
C ASP D 663 41.76 3.38 2.56
N ILE D 664 41.51 2.48 3.51
CA ILE D 664 40.16 1.99 3.72
C ILE D 664 39.63 2.58 5.00
N PRO D 665 38.72 3.55 4.94
CA PRO D 665 38.24 4.27 6.09
C PRO D 665 37.37 3.38 6.95
N ILE D 666 37.48 3.53 8.26
CA ILE D 666 36.61 2.84 9.19
C ILE D 666 35.63 3.79 9.83
N GLY D 667 36.16 4.89 10.35
CA GLY D 667 35.33 5.88 11.01
C GLY D 667 35.98 6.37 12.30
N ALA D 668 35.56 7.53 12.77
CA ALA D 668 36.05 8.10 14.02
C ALA D 668 37.56 8.30 14.02
N GLY D 669 38.10 8.70 12.88
CA GLY D 669 39.52 9.00 12.76
C GLY D 669 40.39 7.78 12.47
N ILE D 670 39.79 6.61 12.41
CA ILE D 670 40.55 5.38 12.18
C ILE D 670 40.39 4.88 10.74
N CYS D 671 41.53 4.53 10.12
CA CYS D 671 41.62 3.92 8.80
C CYS D 671 42.41 2.62 8.90
N ALA D 672 42.21 1.75 7.93
CA ALA D 672 42.98 0.53 7.85
C ALA D 672 43.65 0.37 6.50
N SER D 673 44.72 -0.41 6.49
CA SER D 673 45.46 -0.71 5.27
C SER D 673 46.21 -2.02 5.39
N TYR D 674 46.74 -2.50 4.28
CA TYR D 674 47.49 -3.76 4.29
C TYR D 674 48.97 -3.52 4.02
N GLN D 675 49.83 -4.01 4.93
CA GLN D 675 51.29 -3.85 4.87
C GLN D 675 51.90 -4.89 3.96
N GLN D 690 53.56 -7.94 7.28
CA GLN D 690 52.71 -8.14 6.10
C GLN D 690 51.33 -8.64 6.56
N SER D 691 50.53 -7.71 7.12
CA SER D 691 49.19 -7.96 7.65
C SER D 691 48.38 -6.67 7.64
N ILE D 692 47.10 -6.77 8.01
CA ILE D 692 46.22 -5.62 8.05
C ILE D 692 46.42 -4.83 9.32
N ILE D 693 46.57 -3.51 9.18
CA ILE D 693 46.79 -2.63 10.32
C ILE D 693 45.69 -1.59 10.41
N ALA D 694 45.54 -1.04 11.59
CA ALA D 694 44.61 0.05 11.85
C ALA D 694 45.34 1.16 12.58
N TYR D 695 45.02 2.38 12.21
CA TYR D 695 45.73 3.55 12.72
C TYR D 695 44.90 4.81 12.66
N THR D 696 45.33 5.81 13.40
CA THR D 696 44.72 7.12 13.26
C THR D 696 45.23 7.73 11.98
N MET D 697 44.34 8.19 11.13
CA MET D 697 44.74 8.70 9.83
C MET D 697 45.48 10.02 9.93
N SER D 698 46.41 10.22 9.01
CA SER D 698 47.12 11.48 8.87
C SER D 698 46.29 12.41 8.01
N LEU D 699 46.31 13.69 8.33
CA LEU D 699 45.51 14.64 7.56
C LEU D 699 46.29 15.27 6.41
N GLY D 700 47.61 15.17 6.50
CA GLY D 700 48.49 15.78 5.52
C GLY D 700 49.91 15.75 6.05
N ALA D 701 50.86 16.15 5.23
CA ALA D 701 52.25 16.14 5.68
C ALA D 701 52.49 17.27 6.68
N GLU D 702 53.47 17.08 7.55
CA GLU D 702 53.85 18.13 8.47
C GLU D 702 54.59 19.22 7.73
N ASN D 703 54.18 20.47 7.88
CA ASN D 703 54.83 21.56 7.17
C ASN D 703 54.77 22.87 7.93
N SER D 704 55.68 23.77 7.59
CA SER D 704 55.65 25.10 8.15
C SER D 704 56.13 26.10 7.11
N VAL D 705 55.53 27.27 7.14
CA VAL D 705 55.91 28.36 6.27
C VAL D 705 56.92 29.22 7.00
N ALA D 706 58.02 29.56 6.34
CA ALA D 706 59.08 30.34 6.98
C ALA D 706 58.72 31.81 7.04
N TYR D 707 57.67 32.11 7.80
CA TYR D 707 57.15 33.45 7.92
C TYR D 707 58.09 34.39 8.65
N SER D 708 58.23 35.58 8.10
CA SER D 708 58.99 36.64 8.72
C SER D 708 58.41 37.95 8.20
N ASN D 709 58.46 39.00 9.03
CA ASN D 709 57.87 40.33 8.69
C ASN D 709 58.56 40.99 7.50
N ASN D 710 59.77 40.59 7.12
CA ASN D 710 60.49 41.14 5.98
C ASN D 710 61.00 40.07 5.02
N SER D 711 60.29 38.95 4.88
CA SER D 711 60.76 37.92 3.94
C SER D 711 59.67 37.40 3.04
N ILE D 712 59.99 37.29 1.76
CA ILE D 712 59.05 36.77 0.78
C ILE D 712 59.70 35.66 -0.01
N ALA D 713 58.90 34.73 -0.48
CA ALA D 713 59.42 33.74 -1.40
C ALA D 713 58.82 34.02 -2.77
N ILE D 714 59.66 33.93 -3.80
CA ILE D 714 59.23 34.15 -5.17
C ILE D 714 59.69 32.99 -6.04
N PRO D 715 58.82 32.39 -6.85
CA PRO D 715 59.12 31.28 -7.71
C PRO D 715 60.11 31.75 -8.74
N THR D 716 61.06 30.90 -9.12
CA THR D 716 62.04 31.30 -10.13
C THR D 716 61.92 30.51 -11.43
N ASN D 717 61.23 29.36 -11.37
CA ASN D 717 60.99 28.45 -12.47
C ASN D 717 59.61 27.88 -12.30
N PHE D 718 58.84 27.75 -13.38
CA PHE D 718 57.47 27.24 -13.32
C PHE D 718 57.36 25.92 -14.02
N THR D 719 56.32 25.18 -13.66
CA THR D 719 56.01 23.97 -14.38
C THR D 719 54.59 24.06 -14.87
N ILE D 720 54.27 23.27 -15.87
CA ILE D 720 52.93 23.22 -16.43
C ILE D 720 52.44 21.80 -16.34
N SER D 721 51.21 21.65 -15.87
CA SER D 721 50.66 20.32 -15.72
C SER D 721 49.25 20.27 -16.24
N VAL D 722 48.78 19.06 -16.51
CA VAL D 722 47.43 18.87 -16.98
C VAL D 722 46.62 18.03 -16.01
N THR D 723 45.51 18.59 -15.56
CA THR D 723 44.60 17.91 -14.64
C THR D 723 43.40 17.35 -15.38
N THR D 724 43.03 16.12 -15.08
CA THR D 724 41.87 15.52 -15.72
C THR D 724 40.67 15.56 -14.80
N GLU D 725 39.62 16.23 -15.24
CA GLU D 725 38.40 16.32 -14.45
C GLU D 725 37.23 15.72 -15.18
N ILE D 726 36.63 14.71 -14.58
CA ILE D 726 35.53 14.00 -15.20
C ILE D 726 34.19 14.38 -14.59
N LEU D 727 33.24 14.75 -15.44
CA LEU D 727 31.90 15.05 -14.97
C LEU D 727 30.86 14.28 -15.79
N PRO D 728 29.85 13.68 -15.16
CA PRO D 728 28.71 13.09 -15.82
C PRO D 728 27.83 14.19 -16.37
N VAL D 729 27.24 13.95 -17.50
CA VAL D 729 26.32 14.92 -18.08
C VAL D 729 24.93 14.35 -18.21
N SER D 730 24.85 13.09 -18.57
CA SER D 730 23.58 12.47 -18.84
C SER D 730 23.57 11.04 -18.35
N MET D 731 22.40 10.43 -18.38
CA MET D 731 22.27 9.03 -18.02
C MET D 731 21.34 8.32 -19.00
N THR D 732 21.38 7.00 -19.00
CA THR D 732 20.57 6.23 -19.92
C THR D 732 19.10 6.59 -19.81
N LYS D 733 18.47 6.84 -20.95
CA LYS D 733 17.07 7.23 -20.99
C LYS D 733 16.15 6.03 -20.91
N THR D 734 16.08 5.47 -19.72
CA THR D 734 15.27 4.30 -19.46
C THR D 734 13.84 4.73 -19.16
N SER D 735 12.90 4.05 -19.78
CA SER D 735 11.50 4.29 -19.50
C SER D 735 10.76 2.96 -19.51
N VAL D 736 9.66 2.91 -18.79
CA VAL D 736 8.85 1.71 -18.73
C VAL D 736 7.40 2.08 -18.71
N ASP D 737 6.55 1.37 -19.46
CA ASP D 737 5.15 1.73 -19.34
C ASP D 737 4.56 0.93 -18.17
N CYS D 738 3.77 1.66 -17.35
CA CYS D 738 3.12 1.07 -16.12
C CYS D 738 2.26 -0.08 -16.49
N THR D 739 1.42 -0.08 -17.47
CA THR D 739 0.51 -1.17 -17.72
C THR D 739 1.20 -2.46 -18.10
N MET D 740 2.12 -2.44 -19.07
CA MET D 740 2.74 -3.68 -19.46
C MET D 740 3.63 -4.22 -18.35
N TYR D 741 4.36 -3.34 -17.66
CA TYR D 741 5.20 -3.79 -16.57
C TYR D 741 4.39 -4.56 -15.52
N ILE D 742 3.26 -3.98 -15.10
CA ILE D 742 2.47 -4.61 -14.04
C ILE D 742 1.65 -5.83 -14.48
N CYS D 743 0.93 -5.73 -15.63
CA CYS D 743 -0.07 -6.73 -16.03
C CYS D 743 0.35 -7.61 -17.20
N GLY D 744 1.40 -7.30 -17.92
CA GLY D 744 1.77 -8.15 -19.03
C GLY D 744 0.63 -8.29 -20.05
N ASP D 745 0.26 -9.53 -20.35
CA ASP D 745 -0.81 -9.84 -21.29
C ASP D 745 -2.09 -10.34 -20.61
N SER D 746 -2.22 -10.10 -19.30
CA SER D 746 -3.43 -10.53 -18.60
C SER D 746 -4.51 -9.46 -18.72
N THR D 747 -5.60 -9.79 -19.41
CA THR D 747 -6.65 -8.81 -19.66
C THR D 747 -7.36 -8.40 -18.39
N GLU D 748 -7.70 -9.35 -17.53
CA GLU D 748 -8.42 -8.99 -16.32
C GLU D 748 -7.58 -8.07 -15.40
N CYS D 749 -6.24 -8.21 -15.42
CA CYS D 749 -5.32 -7.35 -14.67
C CYS D 749 -5.34 -5.96 -15.31
N SER D 750 -5.25 -5.92 -16.63
CA SER D 750 -5.22 -4.66 -17.34
C SER D 750 -6.47 -3.84 -17.06
N ASN D 751 -7.62 -4.50 -17.00
CA ASN D 751 -8.86 -3.77 -16.71
C ASN D 751 -8.97 -3.44 -15.23
N LEU D 752 -8.50 -4.33 -14.35
CA LEU D 752 -8.58 -4.11 -12.92
C LEU D 752 -7.71 -2.90 -12.55
N LEU D 753 -6.57 -2.78 -13.21
CA LEU D 753 -5.60 -1.72 -12.96
C LEU D 753 -6.18 -0.32 -13.18
N LEU D 754 -7.31 -0.22 -13.88
CA LEU D 754 -7.93 1.09 -14.11
C LEU D 754 -8.53 1.65 -12.83
N GLN D 755 -8.61 0.82 -11.80
CA GLN D 755 -9.20 1.23 -10.54
C GLN D 755 -8.18 2.03 -9.74
N TYR D 756 -6.98 2.16 -10.28
CA TYR D 756 -5.93 2.95 -9.65
C TYR D 756 -5.83 4.32 -10.32
N GLY D 757 -6.80 4.63 -11.16
CA GLY D 757 -6.90 5.96 -11.74
C GLY D 757 -5.72 6.36 -12.59
N SER D 758 -5.12 7.48 -12.21
CA SER D 758 -4.00 8.10 -12.93
C SER D 758 -2.62 7.64 -12.47
N PHE D 759 -2.55 6.69 -11.54
CA PHE D 759 -1.21 6.33 -11.07
C PHE D 759 -0.24 6.01 -12.22
N CYS D 760 -0.71 5.24 -13.22
CA CYS D 760 0.09 4.90 -14.40
C CYS D 760 0.46 6.12 -15.24
N THR D 761 -0.44 7.09 -15.33
CA THR D 761 -0.17 8.29 -16.11
C THR D 761 0.94 9.10 -15.47
N GLN D 762 0.89 9.22 -14.14
CA GLN D 762 1.87 10.00 -13.41
C GLN D 762 3.26 9.40 -13.54
N LEU D 763 3.32 8.07 -13.50
CA LEU D 763 4.58 7.35 -13.61
C LEU D 763 5.14 7.43 -15.02
N ASN D 764 4.28 7.30 -16.01
CA ASN D 764 4.74 7.35 -17.39
C ASN D 764 5.23 8.75 -17.72
N ARG D 765 4.55 9.75 -17.17
CA ARG D 765 4.89 11.14 -17.40
C ARG D 765 6.21 11.51 -16.77
N ALA D 766 6.45 11.05 -15.54
CA ALA D 766 7.68 11.38 -14.84
C ALA D 766 8.89 10.83 -15.58
N LEU D 767 8.80 9.61 -16.10
CA LEU D 767 9.93 9.04 -16.82
C LEU D 767 10.13 9.74 -18.16
N THR D 768 9.04 10.13 -18.81
CA THR D 768 9.15 10.85 -20.06
C THR D 768 9.88 12.17 -19.82
N GLY D 769 9.53 12.86 -18.73
CA GLY D 769 10.15 14.13 -18.40
C GLY D 769 11.65 13.98 -18.20
N ILE D 770 12.08 12.90 -17.54
CA ILE D 770 13.50 12.65 -17.36
C ILE D 770 14.16 12.42 -18.70
N ALA D 771 13.55 11.60 -19.55
CA ALA D 771 14.16 11.28 -20.84
C ALA D 771 14.40 12.56 -21.65
N VAL D 772 13.46 13.50 -21.60
CA VAL D 772 13.65 14.75 -22.32
C VAL D 772 14.79 15.56 -21.70
N GLU D 773 14.80 15.62 -20.37
CA GLU D 773 15.81 16.36 -19.64
C GLU D 773 17.21 15.89 -19.98
N GLN D 774 17.39 14.59 -20.24
CA GLN D 774 18.71 14.07 -20.56
C GLN D 774 19.27 14.63 -21.85
N ASP D 775 18.41 14.97 -22.83
CA ASP D 775 18.93 15.55 -24.06
C ASP D 775 19.22 17.01 -23.84
N LYS D 776 18.43 17.64 -22.98
CA LYS D 776 18.66 19.03 -22.65
C LYS D 776 20.00 19.17 -21.93
N ASN D 777 20.30 18.21 -21.06
CA ASN D 777 21.55 18.24 -20.31
C ASN D 777 22.74 18.10 -21.24
N THR D 778 22.62 17.22 -22.23
CA THR D 778 23.72 17.04 -23.16
C THR D 778 23.91 18.28 -24.03
N GLN D 779 22.83 18.80 -24.58
CA GLN D 779 22.94 19.93 -25.49
C GLN D 779 23.52 21.16 -24.82
N GLU D 780 23.09 21.47 -23.60
CA GLU D 780 23.56 22.68 -22.94
C GLU D 780 25.03 22.60 -22.52
N VAL D 781 25.63 21.41 -22.58
CA VAL D 781 27.02 21.27 -22.21
C VAL D 781 27.90 21.31 -23.44
N PHE D 782 27.54 20.58 -24.48
CA PHE D 782 28.43 20.51 -25.63
C PHE D 782 28.15 21.54 -26.73
N ALA D 783 26.91 21.95 -26.92
CA ALA D 783 26.59 22.85 -28.01
C ALA D 783 26.82 24.30 -27.62
N GLN D 784 28.10 24.66 -27.44
CA GLN D 784 28.49 26.00 -27.04
C GLN D 784 28.95 26.82 -28.24
N VAL D 785 28.78 26.26 -29.42
CA VAL D 785 29.29 26.88 -30.62
C VAL D 785 28.19 27.20 -31.61
N LYS D 786 28.53 28.08 -32.53
CA LYS D 786 27.61 28.59 -33.55
C LYS D 786 27.93 27.89 -34.87
N GLN D 787 29.20 27.57 -35.02
CA GLN D 787 29.73 26.93 -36.19
C GLN D 787 30.67 25.84 -35.77
N ILE D 788 30.88 24.90 -36.65
CA ILE D 788 31.83 23.85 -36.43
C ILE D 788 33.16 24.24 -37.05
N TYR D 789 34.15 24.47 -36.20
CA TYR D 789 35.44 24.93 -36.66
C TYR D 789 36.38 23.76 -36.75
N LYS D 790 37.35 23.83 -37.64
CA LYS D 790 38.36 22.80 -37.74
C LYS D 790 39.74 23.41 -37.71
N THR D 791 40.72 22.64 -37.29
CA THR D 791 42.12 23.08 -37.33
C THR D 791 42.59 23.03 -38.77
N PRO D 792 43.63 23.78 -39.15
CA PRO D 792 44.23 23.79 -40.47
C PRO D 792 45.00 22.50 -40.74
N PRO D 793 45.19 22.14 -42.02
CA PRO D 793 46.05 21.08 -42.52
C PRO D 793 47.48 21.17 -41.99
N ILE D 794 47.98 22.39 -41.81
CA ILE D 794 49.32 22.56 -41.29
C ILE D 794 49.24 23.01 -39.85
N LYS D 795 49.51 22.06 -38.96
CA LYS D 795 49.33 22.28 -37.54
C LYS D 795 50.55 22.86 -36.88
N ASP D 796 50.87 24.10 -37.24
CA ASP D 796 51.99 24.80 -36.64
C ASP D 796 51.49 25.72 -35.53
N PHE D 797 51.64 25.26 -34.30
CA PHE D 797 51.14 26.00 -33.17
C PHE D 797 52.28 26.49 -32.30
N GLY D 798 53.47 26.60 -32.89
CA GLY D 798 54.61 27.14 -32.16
C GLY D 798 55.32 26.10 -31.29
N GLY D 799 55.15 24.82 -31.60
CA GLY D 799 55.80 23.75 -30.82
C GLY D 799 54.81 23.01 -29.95
N PHE D 800 53.59 23.51 -29.85
CA PHE D 800 52.56 22.87 -29.05
C PHE D 800 51.88 21.76 -29.83
N ASN D 801 51.99 20.53 -29.37
CA ASN D 801 51.50 19.31 -29.98
C ASN D 801 50.14 18.90 -29.42
N PHE D 802 49.07 19.09 -30.18
CA PHE D 802 47.70 18.77 -29.76
C PHE D 802 47.16 17.51 -30.43
N SER D 803 48.04 16.70 -31.02
CA SER D 803 47.59 15.52 -31.76
C SER D 803 46.90 14.50 -30.86
N GLN D 804 47.11 14.61 -29.55
CA GLN D 804 46.51 13.72 -28.58
C GLN D 804 45.05 14.07 -28.30
N ILE D 805 44.69 15.35 -28.49
CA ILE D 805 43.33 15.78 -28.17
C ILE D 805 42.50 16.05 -29.42
N LEU D 806 43.15 16.24 -30.56
CA LEU D 806 42.45 16.46 -31.82
C LEU D 806 42.03 15.10 -32.40
N PRO D 807 40.95 15.03 -33.19
CA PRO D 807 40.44 13.85 -33.85
C PRO D 807 41.49 13.16 -34.71
N ASP D 808 41.51 11.84 -34.64
CA ASP D 808 42.43 11.02 -35.40
C ASP D 808 41.78 10.57 -36.71
N PRO D 809 42.18 11.12 -37.87
CA PRO D 809 41.56 10.95 -39.16
C PRO D 809 41.72 9.54 -39.71
N SER D 810 42.58 8.73 -39.09
CA SER D 810 42.80 7.37 -39.58
C SER D 810 41.71 6.41 -39.12
N LYS D 811 40.92 6.85 -38.15
CA LYS D 811 39.91 5.99 -37.55
C LYS D 811 38.51 6.38 -38.01
N PRO D 812 37.63 5.39 -38.25
CA PRO D 812 36.26 5.55 -38.73
C PRO D 812 35.37 6.33 -37.77
N SER D 813 35.76 6.35 -36.50
CA SER D 813 35.01 7.08 -35.48
C SER D 813 35.50 8.51 -35.34
N LYS D 814 36.67 8.77 -35.90
CA LYS D 814 37.36 10.06 -35.89
C LYS D 814 37.40 10.70 -34.50
N ARG D 815 37.86 9.93 -33.51
CA ARG D 815 37.99 10.43 -32.14
C ARG D 815 39.46 10.67 -31.86
N SER D 816 39.76 11.46 -30.83
CA SER D 816 41.16 11.69 -30.47
C SER D 816 41.76 10.47 -29.78
N PRO D 817 43.09 10.31 -29.77
CA PRO D 817 43.85 9.31 -29.03
C PRO D 817 43.50 9.22 -27.54
N ILE D 818 43.15 10.35 -26.91
CA ILE D 818 42.73 10.28 -25.52
C ILE D 818 41.27 9.87 -25.41
N GLU D 819 40.40 10.40 -26.28
CA GLU D 819 38.99 10.01 -26.23
C GLU D 819 38.88 8.50 -26.42
N ASP D 820 39.74 7.90 -27.23
CA ASP D 820 39.68 6.46 -27.41
C ASP D 820 39.71 5.71 -26.08
N LEU D 821 40.51 6.18 -25.13
CA LEU D 821 40.58 5.50 -23.84
C LEU D 821 39.34 5.75 -23.02
N LEU D 822 38.79 6.95 -23.16
CA LEU D 822 37.61 7.30 -22.37
C LEU D 822 36.43 6.44 -22.81
N PHE D 823 36.36 6.18 -24.11
CA PHE D 823 35.31 5.35 -24.69
C PHE D 823 35.54 3.86 -24.52
N ASN D 824 36.80 3.41 -24.61
CA ASN D 824 37.08 1.99 -24.52
C ASN D 824 36.93 1.44 -23.11
N LYS D 825 37.27 2.22 -22.08
CA LYS D 825 37.16 1.68 -20.72
C LYS D 825 35.75 1.64 -20.11
N VAL D 826 34.89 2.62 -20.44
CA VAL D 826 33.55 2.73 -19.84
C VAL D 826 32.58 1.83 -20.62
N PHE D 855 13.20 -6.61 -20.43
CA PHE D 855 12.51 -6.28 -21.68
C PHE D 855 10.98 -6.21 -21.56
N ASN D 856 10.42 -6.63 -20.42
CA ASN D 856 8.99 -6.78 -20.21
C ASN D 856 8.28 -5.49 -19.83
N GLY D 857 8.19 -4.61 -20.82
CA GLY D 857 7.52 -3.31 -20.70
C GLY D 857 8.53 -2.18 -20.64
N LEU D 858 9.78 -2.50 -20.40
CA LEU D 858 10.81 -1.48 -20.35
C LEU D 858 11.48 -1.29 -21.70
N THR D 859 12.00 -0.11 -21.92
CA THR D 859 12.69 0.25 -23.14
C THR D 859 13.71 1.34 -22.89
N VAL D 860 14.72 1.39 -23.73
CA VAL D 860 15.72 2.46 -23.64
C VAL D 860 15.75 3.25 -24.93
N LEU D 861 15.55 4.55 -24.82
CA LEU D 861 15.52 5.39 -26.00
C LEU D 861 16.92 5.93 -26.28
N PRO D 862 17.30 6.09 -27.55
CA PRO D 862 18.56 6.66 -27.97
C PRO D 862 18.56 8.15 -27.72
N PRO D 863 19.72 8.76 -27.54
CA PRO D 863 19.97 10.18 -27.39
C PRO D 863 19.77 10.86 -28.72
N LEU D 864 19.44 12.14 -28.70
CA LEU D 864 19.37 12.89 -29.95
C LEU D 864 20.75 13.03 -30.56
N LEU D 865 21.73 13.36 -29.73
CA LEU D 865 23.09 13.52 -30.23
C LEU D 865 23.89 12.25 -29.98
N THR D 866 24.30 11.63 -31.06
CA THR D 866 25.05 10.39 -31.00
C THR D 866 26.49 10.70 -30.65
N ASP D 867 27.27 9.68 -30.29
CA ASP D 867 28.65 9.91 -29.90
C ASP D 867 29.42 10.65 -30.99
N GLU D 868 29.10 10.34 -32.24
CA GLU D 868 29.74 11.02 -33.36
C GLU D 868 29.47 12.52 -33.36
N MET D 869 28.27 12.92 -32.97
CA MET D 869 27.90 14.33 -32.98
C MET D 869 28.50 15.05 -31.80
N ILE D 870 28.66 14.33 -30.70
CA ILE D 870 29.30 14.90 -29.53
C ILE D 870 30.76 15.14 -29.86
N ALA D 871 31.38 14.18 -30.55
CA ALA D 871 32.77 14.33 -30.96
C ALA D 871 32.93 15.53 -31.88
N GLN D 872 31.96 15.78 -32.76
CA GLN D 872 32.06 16.95 -33.64
C GLN D 872 31.97 18.25 -32.87
N TYR D 873 31.10 18.33 -31.86
CA TYR D 873 31.05 19.54 -31.06
C TYR D 873 32.35 19.74 -30.30
N THR D 874 32.89 18.66 -29.77
CA THR D 874 34.14 18.74 -29.03
C THR D 874 35.26 19.22 -29.95
N SER D 875 35.30 18.68 -31.18
CA SER D 875 36.31 19.08 -32.14
C SER D 875 36.21 20.57 -32.44
N ALA D 876 34.98 21.07 -32.60
CA ALA D 876 34.77 22.48 -32.87
C ALA D 876 35.30 23.33 -31.71
N LEU D 877 35.12 22.85 -30.49
CA LEU D 877 35.59 23.60 -29.33
C LEU D 877 37.09 23.62 -29.27
N LEU D 878 37.74 22.50 -29.58
CA LEU D 878 39.19 22.50 -29.57
C LEU D 878 39.75 23.35 -30.68
N ALA D 879 39.16 23.26 -31.86
CA ALA D 879 39.65 24.04 -32.97
C ALA D 879 39.47 25.52 -32.66
N GLY D 880 38.36 25.87 -32.05
CA GLY D 880 38.10 27.24 -31.68
C GLY D 880 39.13 27.70 -30.66
N THR D 881 39.30 26.93 -29.60
CA THR D 881 40.20 27.29 -28.52
C THR D 881 41.64 27.46 -29.03
N ILE D 882 42.07 26.54 -29.88
CA ILE D 882 43.44 26.56 -30.40
C ILE D 882 43.70 27.68 -31.39
N THR D 883 42.79 27.94 -32.33
CA THR D 883 43.08 28.95 -33.35
C THR D 883 42.52 30.35 -33.09
N SER D 884 41.53 30.51 -32.20
CA SER D 884 40.95 31.83 -31.95
C SER D 884 40.83 32.21 -30.47
N GLY D 885 41.39 31.39 -29.60
CA GLY D 885 41.34 31.65 -28.16
C GLY D 885 39.90 31.66 -27.67
N TRP D 886 39.53 32.71 -26.95
CA TRP D 886 38.18 32.82 -26.40
C TRP D 886 37.25 33.68 -27.24
N THR D 887 37.74 34.21 -28.35
CA THR D 887 36.90 35.13 -29.09
C THR D 887 35.77 34.42 -29.79
N PHE D 888 35.93 33.12 -30.06
CA PHE D 888 34.86 32.37 -30.71
C PHE D 888 33.68 32.20 -29.78
N GLY D 889 33.91 32.39 -28.49
CA GLY D 889 32.88 32.27 -27.49
C GLY D 889 32.06 33.56 -27.42
N ALA D 890 32.77 34.67 -27.24
CA ALA D 890 32.12 35.99 -27.09
C ALA D 890 31.64 36.60 -28.41
N GLY D 891 32.29 36.28 -29.51
CA GLY D 891 31.93 36.88 -30.79
C GLY D 891 32.27 35.93 -31.93
N PRO D 892 32.69 36.46 -33.08
CA PRO D 892 33.18 35.76 -34.24
C PRO D 892 34.52 35.11 -33.90
N ALA D 893 34.88 34.05 -34.61
CA ALA D 893 36.16 33.42 -34.33
C ALA D 893 37.28 34.14 -35.07
N LEU D 894 38.08 34.87 -34.33
CA LEU D 894 39.17 35.69 -34.85
C LEU D 894 40.49 34.98 -34.67
N GLN D 895 41.23 34.75 -35.74
CA GLN D 895 42.46 33.99 -35.62
C GLN D 895 43.49 34.72 -34.79
N ILE D 896 44.28 33.94 -34.07
CA ILE D 896 45.42 34.45 -33.31
C ILE D 896 46.52 33.37 -33.32
N PRO D 897 47.82 33.69 -33.46
CA PRO D 897 48.88 32.73 -33.40
C PRO D 897 48.78 31.99 -32.10
N PHE D 898 48.95 30.68 -32.10
CA PHE D 898 48.77 29.97 -30.84
C PHE D 898 49.65 30.50 -29.70
N PRO D 899 50.99 30.65 -29.84
CA PRO D 899 51.85 31.09 -28.77
C PRO D 899 51.50 32.49 -28.32
N MET D 900 50.77 33.25 -29.15
CA MET D 900 50.40 34.59 -28.77
C MET D 900 49.17 34.56 -27.90
N GLN D 901 48.27 33.59 -28.12
CA GLN D 901 47.15 33.53 -27.18
C GLN D 901 47.67 32.96 -25.88
N MET D 902 48.73 32.15 -25.94
CA MET D 902 49.26 31.63 -24.70
C MET D 902 49.89 32.79 -23.92
N ALA D 903 50.53 33.70 -24.65
CA ALA D 903 51.10 34.88 -24.02
C ALA D 903 50.01 35.68 -23.32
N TYR D 904 48.83 35.80 -23.94
CA TYR D 904 47.73 36.51 -23.31
C TYR D 904 47.33 35.81 -22.02
N ARG D 905 47.29 34.49 -22.08
CA ARG D 905 46.89 33.67 -20.94
C ARG D 905 47.88 33.79 -19.80
N PHE D 906 49.15 34.01 -20.10
CA PHE D 906 50.14 34.26 -19.06
C PHE D 906 49.91 35.61 -18.40
N ASN D 907 49.65 36.65 -19.19
CA ASN D 907 49.38 37.96 -18.59
C ASN D 907 48.16 37.87 -17.69
N GLY D 908 47.21 37.04 -18.08
CA GLY D 908 45.96 36.83 -17.37
C GLY D 908 46.14 36.23 -15.97
N ILE D 909 47.31 35.67 -15.68
CA ILE D 909 47.55 35.08 -14.37
C ILE D 909 48.61 35.86 -13.63
N GLY D 910 48.92 37.05 -14.10
CA GLY D 910 49.89 37.91 -13.45
C GLY D 910 51.34 37.59 -13.79
N VAL D 911 51.58 36.96 -14.93
CA VAL D 911 52.94 36.66 -15.36
C VAL D 911 53.17 37.38 -16.67
N THR D 912 54.14 38.28 -16.71
CA THR D 912 54.26 39.08 -17.92
C THR D 912 54.66 38.20 -19.10
N GLN D 913 54.11 38.52 -20.26
CA GLN D 913 54.26 37.74 -21.50
C GLN D 913 55.67 37.49 -21.97
N ASN D 914 56.60 38.34 -21.59
CA ASN D 914 57.97 38.11 -22.03
C ASN D 914 58.51 36.81 -21.44
N VAL D 915 57.90 36.35 -20.34
CA VAL D 915 58.30 35.12 -19.70
C VAL D 915 58.03 33.97 -20.64
N LEU D 916 56.89 34.01 -21.32
CA LEU D 916 56.59 32.95 -22.25
C LEU D 916 57.50 32.98 -23.45
N TYR D 917 57.73 34.16 -24.00
CA TYR D 917 58.47 34.21 -25.25
C TYR D 917 59.91 33.79 -25.09
N GLU D 918 60.49 34.04 -23.93
CA GLU D 918 61.87 33.62 -23.69
C GLU D 918 61.95 32.16 -23.29
N ASN D 919 60.80 31.54 -23.04
CA ASN D 919 60.73 30.16 -22.62
C ASN D 919 59.76 29.38 -23.48
N GLN D 920 59.50 29.85 -24.70
CA GLN D 920 58.48 29.20 -25.51
C GLN D 920 58.80 27.74 -25.78
N LYS D 921 60.06 27.44 -26.02
CA LYS D 921 60.44 26.05 -26.29
C LYS D 921 60.23 25.19 -25.05
N LEU D 922 60.61 25.73 -23.89
CA LEU D 922 60.46 25.03 -22.62
C LEU D 922 58.99 24.78 -22.31
N ILE D 923 58.16 25.79 -22.52
CA ILE D 923 56.73 25.69 -22.26
C ILE D 923 56.09 24.67 -23.16
N ALA D 924 56.42 24.70 -24.43
CA ALA D 924 55.86 23.75 -25.36
C ALA D 924 56.25 22.34 -24.96
N ASN D 925 57.48 22.14 -24.52
CA ASN D 925 57.92 20.81 -24.12
C ASN D 925 57.25 20.34 -22.84
N GLN D 926 57.06 21.24 -21.87
CA GLN D 926 56.38 20.87 -20.65
C GLN D 926 54.93 20.53 -20.94
N PHE D 927 54.31 21.31 -21.82
CA PHE D 927 52.94 21.05 -22.21
C PHE D 927 52.80 19.71 -22.89
N ASN D 928 53.65 19.46 -23.88
CA ASN D 928 53.55 18.25 -24.66
C ASN D 928 53.70 17.01 -23.78
N SER D 929 54.60 17.08 -22.81
CA SER D 929 54.80 15.96 -21.92
C SER D 929 53.64 15.82 -20.95
N ALA D 930 53.18 16.93 -20.38
CA ALA D 930 52.11 16.90 -19.39
C ALA D 930 50.83 16.36 -19.99
N ILE D 931 50.56 16.68 -21.24
CA ILE D 931 49.33 16.21 -21.86
C ILE D 931 49.49 14.76 -22.31
N GLY D 932 50.67 14.39 -22.80
CA GLY D 932 50.92 13.02 -23.21
C GLY D 932 50.77 12.05 -22.04
N LYS D 933 51.14 12.50 -20.85
CA LYS D 933 51.00 11.69 -19.64
C LYS D 933 49.57 11.36 -19.30
N ILE D 934 48.61 12.11 -19.84
CA ILE D 934 47.21 11.82 -19.55
C ILE D 934 46.83 10.51 -20.19
N GLN D 935 47.24 10.31 -21.44
CA GLN D 935 46.93 9.09 -22.14
C GLN D 935 47.55 7.90 -21.42
N ASP D 936 48.77 8.08 -20.90
CA ASP D 936 49.43 6.99 -20.22
C ASP D 936 48.78 6.69 -18.87
N SER D 937 48.46 7.74 -18.11
CA SER D 937 47.88 7.54 -16.79
C SER D 937 46.55 6.81 -16.84
N LEU D 938 45.71 7.17 -17.80
CA LEU D 938 44.39 6.58 -17.93
C LEU D 938 44.42 5.12 -18.38
N SER D 939 45.56 4.63 -18.82
CA SER D 939 45.60 3.24 -19.27
C SER D 939 45.96 2.31 -18.13
N SER D 940 46.47 2.89 -17.05
CA SER D 940 47.00 2.13 -15.93
C SER D 940 46.17 2.29 -14.67
N THR D 941 45.13 3.09 -14.77
CA THR D 941 44.28 3.41 -13.63
C THR D 941 42.81 3.12 -13.90
N PRO D 942 42.34 1.88 -13.67
CA PRO D 942 40.98 1.44 -13.87
C PRO D 942 39.98 2.38 -13.22
N SER D 943 40.34 2.87 -12.02
CA SER D 943 39.49 3.79 -11.28
C SER D 943 39.79 5.23 -11.63
N ALA D 944 39.84 5.53 -12.92
CA ALA D 944 40.05 6.89 -13.37
C ALA D 944 38.72 7.48 -13.82
N LEU D 945 37.90 6.63 -14.43
CA LEU D 945 36.62 7.01 -15.00
C LEU D 945 35.49 6.42 -14.19
N GLY D 946 35.80 6.05 -12.96
CA GLY D 946 34.82 5.43 -12.07
C GLY D 946 33.63 6.36 -11.89
N LYS D 947 33.87 7.64 -11.90
CA LYS D 947 32.80 8.60 -11.73
C LYS D 947 31.70 8.47 -12.79
N LEU D 948 32.06 8.11 -14.03
CA LEU D 948 31.01 7.99 -15.04
C LEU D 948 30.42 6.59 -14.95
N GLN D 949 31.26 5.64 -14.53
CA GLN D 949 30.84 4.25 -14.42
C GLN D 949 29.82 4.09 -13.30
N ASP D 950 29.97 4.87 -12.23
CA ASP D 950 29.07 4.83 -11.10
C ASP D 950 27.66 5.21 -11.53
N VAL D 951 27.55 6.13 -12.48
CA VAL D 951 26.24 6.53 -12.98
C VAL D 951 25.61 5.38 -13.72
N VAL D 952 26.41 4.73 -14.57
CA VAL D 952 25.94 3.61 -15.34
C VAL D 952 25.52 2.47 -14.42
N ASN D 953 26.32 2.23 -13.38
CA ASN D 953 26.05 1.14 -12.47
C ASN D 953 24.79 1.39 -11.65
N GLN D 954 24.57 2.63 -11.18
CA GLN D 954 23.37 2.88 -10.40
C GLN D 954 22.12 2.69 -11.22
N ASN D 955 22.16 3.09 -12.49
CA ASN D 955 20.98 2.95 -13.32
C ASN D 955 20.77 1.50 -13.71
N ALA D 956 21.87 0.78 -13.96
CA ALA D 956 21.77 -0.64 -14.31
C ALA D 956 21.18 -1.43 -13.16
N GLN D 957 21.57 -1.09 -11.94
CA GLN D 957 21.06 -1.78 -10.77
C GLN D 957 19.60 -1.47 -10.57
N ALA D 958 19.21 -0.20 -10.75
CA ALA D 958 17.83 0.18 -10.56
C ALA D 958 16.93 -0.56 -11.53
N LEU D 959 17.37 -0.71 -12.76
CA LEU D 959 16.60 -1.40 -13.78
C LEU D 959 16.49 -2.88 -13.46
N ASN D 960 17.62 -3.50 -13.13
CA ASN D 960 17.65 -4.92 -12.86
C ASN D 960 16.84 -5.27 -11.61
N THR D 961 16.86 -4.37 -10.63
CA THR D 961 16.09 -4.57 -9.41
C THR D 961 14.62 -4.49 -9.73
N LEU D 962 14.22 -3.52 -10.54
CA LEU D 962 12.83 -3.37 -10.92
C LEU D 962 12.31 -4.62 -11.60
N VAL D 963 13.12 -5.21 -12.47
CA VAL D 963 12.70 -6.41 -13.19
C VAL D 963 12.66 -7.65 -12.29
N LYS D 964 13.69 -7.87 -11.48
CA LYS D 964 13.67 -9.04 -10.61
C LYS D 964 12.55 -8.98 -9.59
N GLN D 965 12.17 -7.77 -9.21
CA GLN D 965 11.11 -7.54 -8.25
C GLN D 965 9.78 -8.12 -8.73
N LEU D 966 9.61 -8.33 -10.03
CA LEU D 966 8.38 -8.91 -10.55
C LEU D 966 8.18 -10.35 -10.11
N SER D 967 9.27 -10.99 -9.69
CA SER D 967 9.21 -12.38 -9.25
C SER D 967 8.71 -12.47 -7.81
N SER D 968 8.61 -11.31 -7.15
CA SER D 968 8.12 -11.23 -5.79
C SER D 968 6.60 -11.38 -5.82
N ASN D 969 6.01 -12.11 -4.87
CA ASN D 969 4.57 -12.32 -4.92
C ASN D 969 3.75 -11.41 -4.00
N PHE D 970 4.40 -10.74 -3.07
CA PHE D 970 3.72 -9.76 -2.21
C PHE D 970 2.56 -10.33 -1.40
N GLY D 971 2.58 -11.64 -1.17
CA GLY D 971 1.53 -12.28 -0.38
C GLY D 971 0.58 -13.11 -1.25
N ALA D 972 0.70 -12.96 -2.58
CA ALA D 972 -0.12 -13.73 -3.50
C ALA D 972 0.36 -15.18 -3.52
N ILE D 973 -0.50 -16.08 -3.97
CA ILE D 973 -0.14 -17.49 -4.04
C ILE D 973 0.96 -17.74 -5.08
N SER D 974 1.01 -16.87 -6.09
CA SER D 974 2.01 -16.93 -7.13
C SER D 974 2.28 -15.55 -7.69
N SER D 975 3.55 -15.30 -8.04
CA SER D 975 3.94 -14.04 -8.66
C SER D 975 3.44 -13.92 -10.10
N VAL D 976 3.05 -15.04 -10.69
CA VAL D 976 2.65 -15.04 -12.08
C VAL D 976 1.14 -14.96 -12.26
N LEU D 977 0.71 -13.94 -12.98
CA LEU D 977 -0.70 -13.68 -13.19
C LEU D 977 -1.36 -14.82 -13.95
N ASN D 978 -0.63 -15.39 -14.89
CA ASN D 978 -1.14 -16.47 -15.73
C ASN D 978 -1.40 -17.75 -14.94
N ASP D 979 -0.74 -17.93 -13.80
CA ASP D 979 -0.98 -19.12 -13.01
C ASP D 979 -2.14 -18.90 -12.08
N ILE D 980 -2.31 -17.70 -11.55
CA ILE D 980 -3.46 -17.49 -10.68
C ILE D 980 -4.75 -17.38 -11.47
N LEU D 981 -4.72 -16.78 -12.66
CA LEU D 981 -5.97 -16.64 -13.40
C LEU D 981 -6.47 -18.00 -13.91
N SER D 982 -5.55 -18.93 -14.17
CA SER D 982 -5.96 -20.26 -14.64
C SER D 982 -6.15 -21.28 -13.51
N ARG D 983 -5.52 -21.04 -12.36
CA ARG D 983 -5.61 -21.97 -11.21
C ARG D 983 -6.74 -21.62 -10.24
N LEU D 984 -6.99 -20.34 -10.07
CA LEU D 984 -7.92 -19.86 -9.06
C LEU D 984 -9.15 -19.20 -9.67
N ASP D 985 -10.33 -19.59 -9.20
CA ASP D 985 -11.59 -19.04 -9.68
C ASP D 985 -11.56 -17.50 -9.67
N PRO D 986 -11.98 -16.83 -10.77
CA PRO D 986 -12.03 -15.39 -10.97
C PRO D 986 -12.42 -14.52 -9.76
N PRO D 987 -13.54 -14.75 -9.02
CA PRO D 987 -13.96 -13.92 -7.91
C PRO D 987 -12.92 -13.84 -6.81
N GLU D 988 -12.02 -14.83 -6.74
CA GLU D 988 -10.96 -14.80 -5.75
C GLU D 988 -9.64 -14.42 -6.43
N ALA D 989 -9.48 -14.82 -7.69
CA ALA D 989 -8.26 -14.50 -8.41
C ALA D 989 -8.08 -13.00 -8.45
N GLU D 990 -9.17 -12.26 -8.53
CA GLU D 990 -9.11 -10.80 -8.55
C GLU D 990 -8.47 -10.25 -7.29
N VAL D 991 -8.60 -10.95 -6.16
CA VAL D 991 -8.01 -10.48 -4.92
C VAL D 991 -6.50 -10.59 -5.02
N GLN D 992 -6.03 -11.72 -5.59
CA GLN D 992 -4.60 -11.94 -5.75
C GLN D 992 -4.02 -11.10 -6.90
N ILE D 993 -4.82 -10.82 -7.92
CA ILE D 993 -4.38 -9.95 -9.00
C ILE D 993 -4.23 -8.54 -8.46
N ASP D 994 -5.20 -8.09 -7.66
CA ASP D 994 -5.14 -6.77 -7.06
C ASP D 994 -3.96 -6.70 -6.09
N ARG D 995 -3.69 -7.80 -5.40
CA ARG D 995 -2.58 -7.84 -4.45
C ARG D 995 -1.26 -7.66 -5.18
N LEU D 996 -1.11 -8.34 -6.32
CA LEU D 996 0.10 -8.21 -7.14
C LEU D 996 0.21 -6.82 -7.75
N ILE D 997 -0.91 -6.22 -8.15
CA ILE D 997 -0.87 -4.87 -8.68
C ILE D 997 -0.40 -3.89 -7.63
N THR D 998 -0.92 -3.98 -6.42
CA THR D 998 -0.47 -3.05 -5.40
C THR D 998 1.02 -3.19 -5.18
N GLY D 999 1.50 -4.43 -5.12
CA GLY D 999 2.92 -4.68 -4.91
C GLY D 999 3.79 -4.13 -6.04
N ARG D 1000 3.40 -4.42 -7.28
CA ARG D 1000 4.15 -4.00 -8.46
C ARG D 1000 4.04 -2.50 -8.71
N LEU D 1001 2.89 -1.91 -8.40
CA LEU D 1001 2.71 -0.50 -8.60
C LEU D 1001 3.60 0.24 -7.61
N GLN D 1002 3.68 -0.26 -6.38
CA GLN D 1002 4.52 0.33 -5.36
C GLN D 1002 5.99 0.25 -5.75
N SER D 1003 6.43 -0.88 -6.31
CA SER D 1003 7.84 -1.01 -6.69
C SER D 1003 8.18 -0.11 -7.86
N LEU D 1004 7.21 0.12 -8.74
CA LEU D 1004 7.44 1.00 -9.86
C LEU D 1004 7.49 2.44 -9.40
N GLN D 1005 6.64 2.79 -8.43
CA GLN D 1005 6.63 4.13 -7.87
C GLN D 1005 7.96 4.41 -7.19
N THR D 1006 8.52 3.39 -6.53
CA THR D 1006 9.81 3.53 -5.86
C THR D 1006 10.91 3.77 -6.88
N TYR D 1007 10.90 3.01 -7.97
CA TYR D 1007 11.87 3.18 -9.05
C TYR D 1007 11.83 4.58 -9.61
N VAL D 1008 10.63 5.05 -9.96
CA VAL D 1008 10.50 6.37 -10.55
C VAL D 1008 10.97 7.44 -9.59
N THR D 1009 10.61 7.33 -8.31
CA THR D 1009 11.02 8.34 -7.34
C THR D 1009 12.52 8.43 -7.25
N GLN D 1010 13.20 7.28 -7.17
CA GLN D 1010 14.65 7.33 -7.09
C GLN D 1010 15.26 7.82 -8.39
N GLN D 1011 14.63 7.50 -9.51
CA GLN D 1011 15.13 7.91 -10.81
C GLN D 1011 15.02 9.43 -10.95
N LEU D 1012 13.98 10.03 -10.36
CA LEU D 1012 13.83 11.49 -10.38
C LEU D 1012 14.88 12.15 -9.51
N ILE D 1013 15.17 11.56 -8.36
CA ILE D 1013 16.19 12.12 -7.48
C ILE D 1013 17.56 11.99 -8.14
N ARG D 1014 17.84 10.83 -8.72
CA ARG D 1014 19.09 10.61 -9.42
C ARG D 1014 19.21 11.55 -10.61
N ALA D 1015 18.10 11.77 -11.32
CA ALA D 1015 18.11 12.68 -12.45
C ALA D 1015 18.50 14.07 -12.01
N ALA D 1016 18.04 14.48 -10.82
CA ALA D 1016 18.38 15.80 -10.31
C ALA D 1016 19.87 15.92 -10.06
N GLU D 1017 20.49 14.85 -9.56
CA GLU D 1017 21.93 14.86 -9.34
C GLU D 1017 22.67 15.02 -10.65
N ILE D 1018 22.23 14.29 -11.67
CA ILE D 1018 22.86 14.37 -12.98
C ILE D 1018 22.66 15.76 -13.56
N ARG D 1019 21.47 16.32 -13.43
CA ARG D 1019 21.23 17.67 -13.92
C ARG D 1019 22.17 18.66 -13.25
N ALA D 1020 22.35 18.54 -11.93
CA ALA D 1020 23.24 19.45 -11.24
C ALA D 1020 24.67 19.33 -11.77
N SER D 1021 25.11 18.11 -12.06
CA SER D 1021 26.42 17.89 -12.64
C SER D 1021 26.49 18.47 -14.04
N ALA D 1022 25.43 18.28 -14.83
CA ALA D 1022 25.40 18.82 -16.18
C ALA D 1022 25.46 20.34 -16.13
N ASN D 1023 24.80 20.95 -15.14
CA ASN D 1023 24.85 22.40 -15.01
C ASN D 1023 26.25 22.85 -14.70
N LEU D 1024 26.95 22.08 -13.87
CA LEU D 1024 28.32 22.39 -13.53
C LEU D 1024 29.21 22.23 -14.75
N ALA D 1025 29.02 21.17 -15.51
CA ALA D 1025 29.80 20.95 -16.71
C ALA D 1025 29.58 22.07 -17.70
N ALA D 1026 28.34 22.55 -17.82
CA ALA D 1026 28.01 23.60 -18.76
C ALA D 1026 28.67 24.92 -18.40
N THR D 1027 28.66 25.29 -17.12
CA THR D 1027 29.31 26.52 -16.72
C THR D 1027 30.80 26.36 -16.77
N LYS D 1028 31.28 25.16 -16.46
CA LYS D 1028 32.70 24.94 -16.45
C LYS D 1028 33.23 25.01 -17.86
N MET D 1029 32.49 24.48 -18.83
CA MET D 1029 32.99 24.59 -20.19
C MET D 1029 33.02 26.04 -20.64
N SER D 1030 31.99 26.81 -20.32
CA SER D 1030 31.96 28.19 -20.77
C SER D 1030 33.09 29.00 -20.15
N GLU D 1031 33.35 28.79 -18.87
CA GLU D 1031 34.37 29.58 -18.18
C GLU D 1031 35.80 29.05 -18.28
N CYS D 1032 36.01 27.72 -18.45
CA CYS D 1032 37.32 27.13 -18.52
C CYS D 1032 37.81 26.95 -19.99
N VAL D 1033 36.85 26.70 -20.91
CA VAL D 1033 37.22 26.42 -22.31
C VAL D 1033 37.03 27.64 -23.20
N LEU D 1034 35.92 28.35 -23.03
CA LEU D 1034 35.59 29.50 -23.87
C LEU D 1034 36.05 30.80 -23.22
N GLY D 1035 37.00 30.68 -22.31
CA GLY D 1035 37.53 31.80 -21.57
C GLY D 1035 38.64 31.35 -20.67
N GLN D 1036 38.99 32.21 -19.73
CA GLN D 1036 40.02 31.91 -18.76
C GLN D 1036 39.52 32.36 -17.40
N SER D 1037 39.09 31.43 -16.58
CA SER D 1037 38.50 31.82 -15.32
C SER D 1037 39.59 32.32 -14.40
N LYS D 1038 39.18 33.08 -13.39
CA LYS D 1038 40.07 33.57 -12.36
C LYS D 1038 39.74 32.88 -11.04
N ARG D 1039 38.87 31.90 -11.13
CA ARG D 1039 38.34 31.20 -9.96
C ARG D 1039 39.27 30.09 -9.52
N VAL D 1040 39.71 30.16 -8.26
CA VAL D 1040 40.67 29.21 -7.74
C VAL D 1040 40.10 27.81 -7.60
N ASP D 1041 40.86 26.85 -8.12
CA ASP D 1041 40.56 25.44 -8.11
C ASP D 1041 39.25 25.10 -8.80
N PHE D 1042 38.73 26.03 -9.60
CA PHE D 1042 37.53 25.77 -10.40
C PHE D 1042 37.88 24.97 -11.66
N CYS D 1043 38.96 25.36 -12.35
CA CYS D 1043 39.43 24.76 -13.60
C CYS D 1043 40.70 23.97 -13.25
N GLY D 1044 40.66 23.31 -12.11
CA GLY D 1044 41.80 22.53 -11.66
C GLY D 1044 42.68 23.37 -10.74
N LYS D 1045 43.63 22.70 -10.10
CA LYS D 1045 44.56 23.32 -9.17
C LYS D 1045 45.69 24.02 -9.90
N GLY D 1046 46.00 25.25 -9.51
CA GLY D 1046 47.05 26.03 -10.14
C GLY D 1046 46.45 27.27 -10.79
N TYR D 1047 47.27 28.02 -11.53
CA TYR D 1047 46.76 29.22 -12.16
C TYR D 1047 46.28 28.85 -13.55
N HIS D 1048 44.99 28.91 -13.75
CA HIS D 1048 44.41 28.43 -14.99
C HIS D 1048 44.90 29.17 -16.21
N LEU D 1049 45.29 28.41 -17.25
CA LEU D 1049 45.66 28.98 -18.53
C LEU D 1049 44.58 28.68 -19.57
N MET D 1050 44.26 27.40 -19.75
CA MET D 1050 43.26 27.01 -20.75
C MET D 1050 42.77 25.59 -20.53
N SER D 1051 41.66 25.22 -21.16
CA SER D 1051 41.18 23.84 -21.06
C SER D 1051 40.83 23.25 -22.40
N PHE D 1052 40.98 21.95 -22.50
CA PHE D 1052 40.62 21.20 -23.69
C PHE D 1052 39.67 20.04 -23.34
N PRO D 1053 38.37 20.14 -23.66
CA PRO D 1053 37.37 19.14 -23.39
C PRO D 1053 37.60 17.91 -24.25
N GLN D 1054 37.16 16.76 -23.75
CA GLN D 1054 37.16 15.50 -24.47
C GLN D 1054 35.82 14.83 -24.24
N SER D 1055 35.27 14.19 -25.26
CA SER D 1055 34.01 13.49 -25.11
C SER D 1055 34.17 12.17 -24.38
N ALA D 1056 33.17 11.80 -23.59
CA ALA D 1056 33.18 10.50 -22.93
C ALA D 1056 31.76 9.96 -22.92
N PRO D 1057 31.54 8.65 -22.81
CA PRO D 1057 30.22 8.07 -22.73
C PRO D 1057 29.48 8.69 -21.57
N HIS D 1058 28.31 9.24 -21.84
CA HIS D 1058 27.46 9.85 -20.81
C HIS D 1058 28.13 10.98 -20.03
N GLY D 1059 29.16 11.61 -20.59
CA GLY D 1059 29.82 12.66 -19.83
C GLY D 1059 30.87 13.40 -20.60
N VAL D 1060 31.54 14.31 -19.91
CA VAL D 1060 32.57 15.14 -20.50
C VAL D 1060 33.80 15.11 -19.62
N VAL D 1061 34.95 15.11 -20.26
CA VAL D 1061 36.20 15.15 -19.53
C VAL D 1061 36.98 16.39 -19.89
N PHE D 1062 37.39 17.14 -18.89
CA PHE D 1062 38.14 18.34 -19.18
C PHE D 1062 39.60 18.17 -18.86
N LEU D 1063 40.45 18.53 -19.80
CA LEU D 1063 41.87 18.55 -19.53
C LEU D 1063 42.26 19.98 -19.25
N HIS D 1064 42.61 20.26 -18.00
CA HIS D 1064 42.91 21.63 -17.60
C HIS D 1064 44.39 21.88 -17.60
N VAL D 1065 44.81 22.90 -18.32
CA VAL D 1065 46.22 23.24 -18.40
C VAL D 1065 46.48 24.38 -17.44
N THR D 1066 47.32 24.13 -16.45
CA THR D 1066 47.56 25.12 -15.42
C THR D 1066 49.04 25.43 -15.21
N TYR D 1067 49.29 26.67 -14.79
CA TYR D 1067 50.62 27.17 -14.44
C TYR D 1067 50.86 26.98 -12.96
N VAL D 1068 51.96 26.35 -12.61
CA VAL D 1068 52.27 26.11 -11.21
C VAL D 1068 53.65 26.64 -10.81
N PRO D 1069 53.74 27.54 -9.82
CA PRO D 1069 54.96 28.11 -9.29
C PRO D 1069 55.89 27.02 -8.80
N ALA D 1070 57.19 27.23 -8.94
CA ALA D 1070 58.16 26.23 -8.50
C ALA D 1070 59.54 26.85 -8.23
N GLN D 1071 60.36 26.10 -7.51
CA GLN D 1071 61.73 26.50 -7.27
C GLN D 1071 61.83 27.92 -6.74
N GLU D 1072 61.08 28.19 -5.68
CA GLU D 1072 61.10 29.51 -5.08
C GLU D 1072 62.36 29.73 -4.28
N LYS D 1073 62.72 30.99 -4.14
CA LYS D 1073 63.84 31.37 -3.29
C LYS D 1073 63.41 32.41 -2.26
N ASN D 1074 64.12 32.40 -1.12
CA ASN D 1074 63.95 33.41 -0.05
C ASN D 1074 64.58 34.73 -0.45
N PHE D 1075 63.81 35.84 -0.30
CA PHE D 1075 64.26 37.21 -0.57
C PHE D 1075 63.86 38.14 0.57
N THR D 1076 64.64 39.20 0.79
CA THR D 1076 64.25 40.21 1.78
C THR D 1076 63.40 41.27 1.12
N THR D 1077 62.37 41.74 1.79
CA THR D 1077 61.47 42.72 1.19
C THR D 1077 61.30 44.02 1.92
N ALA D 1078 60.66 44.95 1.22
CA ALA D 1078 60.24 46.22 1.78
C ALA D 1078 58.95 46.64 1.10
N PRO D 1079 58.03 47.30 1.80
CA PRO D 1079 56.81 47.85 1.28
C PRO D 1079 57.06 49.08 0.41
N ALA D 1080 58.20 49.71 0.60
CA ALA D 1080 58.51 50.93 -0.14
C ALA D 1080 60.00 51.24 -0.08
N ILE D 1081 60.44 52.03 -1.03
CA ILE D 1081 61.79 52.55 -1.04
C ILE D 1081 61.80 54.04 -0.70
N CYS D 1082 62.65 54.44 0.24
CA CYS D 1082 62.86 55.79 0.61
C CYS D 1082 63.89 56.43 -0.28
N HIS D 1083 63.62 57.55 -0.87
CA HIS D 1083 64.52 58.21 -1.79
C HIS D 1083 64.34 59.71 -1.64
N ASP D 1084 65.44 60.40 -1.34
CA ASP D 1084 65.45 61.82 -1.03
C ASP D 1084 64.14 62.35 -0.36
N GLY D 1085 63.58 61.55 0.57
CA GLY D 1085 62.45 61.93 1.42
C GLY D 1085 61.08 61.44 0.97
N LYS D 1086 60.98 61.00 -0.28
CA LYS D 1086 59.74 60.51 -0.86
C LYS D 1086 59.59 59.01 -0.68
N ALA D 1087 58.36 58.52 -0.61
CA ALA D 1087 58.16 57.08 -0.51
C ALA D 1087 57.71 56.49 -1.85
N HIS D 1088 58.53 55.60 -2.39
CA HIS D 1088 58.29 54.95 -3.67
C HIS D 1088 57.73 53.54 -3.51
N PHE D 1089 56.57 53.29 -4.08
CA PHE D 1089 55.90 52.00 -4.01
C PHE D 1089 56.04 51.35 -5.37
N PRO D 1090 56.08 50.02 -5.48
CA PRO D 1090 56.23 49.32 -6.73
C PRO D 1090 54.99 49.57 -7.54
N ARG D 1091 55.13 49.76 -8.84
CA ARG D 1091 53.96 50.00 -9.67
C ARG D 1091 53.17 48.71 -9.85
N GLU D 1092 53.86 47.61 -10.13
CA GLU D 1092 53.18 46.34 -10.38
C GLU D 1092 53.70 45.14 -9.59
N GLY D 1093 54.99 45.12 -9.32
CA GLY D 1093 55.59 43.97 -8.65
C GLY D 1093 55.88 44.25 -7.18
N VAL D 1094 56.95 43.65 -6.68
CA VAL D 1094 57.37 43.78 -5.29
C VAL D 1094 58.81 44.19 -5.18
N PHE D 1095 59.19 44.79 -4.06
CA PHE D 1095 60.59 45.13 -3.84
C PHE D 1095 61.30 44.04 -3.08
N VAL D 1096 62.36 43.52 -3.67
CA VAL D 1096 63.12 42.45 -3.07
C VAL D 1096 64.60 42.76 -3.03
N SER D 1097 65.30 42.08 -2.15
CA SER D 1097 66.74 42.20 -2.04
C SER D 1097 67.41 40.84 -2.08
N ASN D 1098 68.48 40.75 -2.88
CA ASN D 1098 69.28 39.54 -3.03
C ASN D 1098 70.41 39.44 -1.99
N GLY D 1099 70.48 40.42 -1.07
CA GLY D 1099 71.46 40.52 0.01
C GLY D 1099 72.36 41.73 -0.13
N THR D 1100 72.52 42.26 -1.35
CA THR D 1100 73.34 43.46 -1.51
C THR D 1100 72.61 44.57 -2.28
N HIS D 1101 71.70 44.20 -3.18
CA HIS D 1101 71.00 45.19 -3.99
C HIS D 1101 69.50 44.99 -4.01
N TRP D 1102 68.77 46.10 -4.10
CA TRP D 1102 67.32 46.10 -4.22
C TRP D 1102 66.87 46.11 -5.66
N PHE D 1103 65.91 45.24 -5.95
CA PHE D 1103 65.32 45.09 -7.26
C PHE D 1103 63.82 45.05 -7.17
N VAL D 1104 63.14 45.31 -8.28
CA VAL D 1104 61.70 45.14 -8.30
C VAL D 1104 61.35 43.99 -9.23
N THR D 1105 60.51 43.08 -8.76
CA THR D 1105 60.14 41.87 -9.51
C THR D 1105 58.65 41.67 -9.58
N GLN D 1106 58.17 41.01 -10.61
CA GLN D 1106 56.79 40.59 -10.57
C GLN D 1106 56.66 39.50 -9.50
N ARG D 1107 55.55 39.48 -8.79
CA ARG D 1107 55.42 38.56 -7.65
C ARG D 1107 55.20 37.11 -8.03
N ASN D 1108 54.88 36.84 -9.29
CA ASN D 1108 54.61 35.46 -9.69
C ASN D 1108 55.78 34.83 -10.46
N PHE D 1109 56.90 35.54 -10.56
CA PHE D 1109 58.05 35.01 -11.29
C PHE D 1109 59.27 35.88 -11.08
N TYR D 1110 60.34 35.33 -10.53
CA TYR D 1110 61.49 36.17 -10.27
C TYR D 1110 62.16 36.63 -11.53
N GLU D 1111 62.20 37.95 -11.69
CA GLU D 1111 62.79 38.58 -12.85
C GLU D 1111 63.18 40.00 -12.49
N PRO D 1112 64.34 40.20 -11.87
CA PRO D 1112 64.76 41.41 -11.21
C PRO D 1112 65.01 42.53 -12.17
N GLN D 1113 64.52 43.71 -11.82
CA GLN D 1113 64.75 44.91 -12.59
C GLN D 1113 65.36 45.95 -11.68
N ILE D 1114 66.16 46.84 -12.22
CA ILE D 1114 66.64 47.92 -11.40
C ILE D 1114 65.45 48.78 -11.03
N ILE D 1115 65.44 49.31 -9.82
CA ILE D 1115 64.32 50.13 -9.40
C ILE D 1115 64.47 51.50 -10.01
N THR D 1116 63.46 51.93 -10.75
CA THR D 1116 63.51 53.20 -11.46
C THR D 1116 62.22 53.94 -11.23
N THR D 1117 62.18 55.19 -11.66
CA THR D 1117 60.98 55.99 -11.53
C THR D 1117 59.86 55.54 -12.46
N ASP D 1118 60.16 54.65 -13.41
CA ASP D 1118 59.13 54.17 -14.33
C ASP D 1118 58.43 52.89 -13.86
N ASN D 1119 58.92 52.28 -12.79
CA ASN D 1119 58.31 51.05 -12.32
C ASN D 1119 57.90 51.16 -10.87
N THR D 1120 57.90 52.39 -10.38
CA THR D 1120 57.47 52.76 -9.04
C THR D 1120 56.59 54.00 -9.11
N PHE D 1121 55.92 54.31 -8.02
CA PHE D 1121 55.17 55.56 -7.94
C PHE D 1121 55.33 56.18 -6.57
N VAL D 1122 55.16 57.48 -6.46
CA VAL D 1122 55.34 58.14 -5.19
C VAL D 1122 54.06 58.49 -4.49
N SER D 1123 53.98 58.14 -3.22
CA SER D 1123 52.84 58.48 -2.40
C SER D 1123 53.24 58.73 -0.96
N GLY D 1124 53.07 59.96 -0.51
CA GLY D 1124 53.46 60.28 0.86
C GLY D 1124 54.96 60.32 1.00
N ASN D 1125 55.45 60.07 2.21
CA ASN D 1125 56.87 60.23 2.48
C ASN D 1125 57.39 59.17 3.45
N CYS D 1126 58.70 59.23 3.71
CA CYS D 1126 59.46 58.23 4.46
C CYS D 1126 59.13 58.17 5.95
N ASP D 1127 58.36 59.12 6.44
CA ASP D 1127 58.03 59.13 7.87
C ASP D 1127 56.73 58.41 8.18
N VAL D 1128 56.07 57.88 7.15
CA VAL D 1128 54.78 57.25 7.36
C VAL D 1128 54.79 55.72 7.22
N VAL D 1129 55.48 55.21 6.22
CA VAL D 1129 55.44 53.78 5.92
C VAL D 1129 56.26 52.97 6.92
N ILE D 1130 55.67 51.91 7.44
CA ILE D 1130 56.34 51.05 8.39
C ILE D 1130 57.21 50.03 7.68
N GLY D 1131 58.49 49.99 8.00
CA GLY D 1131 59.41 49.05 7.38
C GLY D 1131 59.98 49.55 6.06
N ILE D 1132 59.93 50.85 5.82
CA ILE D 1132 60.49 51.44 4.60
C ILE D 1132 62.00 51.37 4.64
N VAL D 1133 62.64 51.10 3.50
CA VAL D 1133 64.10 51.00 3.47
C VAL D 1133 64.70 52.07 2.56
N ASN D 1134 65.96 52.43 2.79
CA ASN D 1134 66.71 53.43 2.04
C ASN D 1134 67.44 52.81 0.85
N ASN D 1135 67.16 53.29 -0.36
CA ASN D 1135 67.79 52.83 -1.60
C ASN D 1135 67.87 53.98 -2.58
N THR D 1136 68.43 53.71 -3.76
CA THR D 1136 68.49 54.71 -4.81
C THR D 1136 67.54 54.34 -5.93
N VAL D 1137 66.68 55.28 -6.30
CA VAL D 1137 65.75 55.05 -7.39
C VAL D 1137 66.28 55.72 -8.64
N TYR D 1138 66.53 54.92 -9.66
CA TYR D 1138 67.14 55.39 -10.89
C TYR D 1138 66.19 56.25 -11.71
N ASP D 1139 66.71 57.36 -12.21
CA ASP D 1139 65.96 58.25 -13.08
C ASP D 1139 66.55 58.17 -14.49
N PRO D 1140 65.85 57.54 -15.45
CA PRO D 1140 66.25 57.33 -16.84
C PRO D 1140 66.61 58.61 -17.57
N LEU D 1141 66.16 59.76 -17.06
CA LEU D 1141 66.44 61.04 -17.69
C LEU D 1141 67.77 61.63 -17.23
N GLN D 1142 68.20 61.26 -16.02
CA GLN D 1142 69.41 61.85 -15.44
C GLN D 1142 70.69 61.71 -16.27
N PRO D 1143 70.95 60.58 -16.96
CA PRO D 1143 72.12 60.36 -17.80
C PRO D 1143 72.22 61.37 -18.93
N GLU D 1144 71.11 62.01 -19.28
CA GLU D 1144 71.13 63.01 -20.35
C GLU D 1144 71.10 64.44 -19.79
N LEU D 1145 70.36 64.65 -18.68
CA LEU D 1145 70.22 65.94 -18.01
C LEU D 1145 70.70 65.83 -16.57
N VAL E 2 -1.89 -41.99 27.03
CA VAL E 2 -0.89 -42.14 28.07
C VAL E 2 -0.38 -43.60 28.07
N GLN E 3 0.85 -43.78 28.55
CA GLN E 3 1.57 -45.05 28.62
C GLN E 3 2.11 -45.24 30.01
N LEU E 4 1.94 -46.45 30.54
CA LEU E 4 2.48 -46.82 31.85
C LEU E 4 3.37 -48.02 31.74
N VAL E 5 4.66 -47.83 32.00
CA VAL E 5 5.63 -48.90 31.85
C VAL E 5 6.05 -49.44 33.20
N GLN E 6 5.93 -50.74 33.37
CA GLN E 6 6.29 -51.38 34.62
C GLN E 6 7.60 -52.14 34.55
N SER E 7 8.02 -52.67 35.68
CA SER E 7 9.23 -53.46 35.81
C SER E 7 9.04 -54.85 35.19
N GLY E 8 10.15 -55.53 34.92
CA GLY E 8 10.08 -56.89 34.41
C GLY E 8 9.91 -57.89 35.54
N ALA E 9 9.86 -59.16 35.19
CA ALA E 9 9.66 -60.24 36.16
C ALA E 9 10.87 -60.43 37.05
N GLU E 10 10.63 -60.82 38.29
CA GLU E 10 11.73 -61.16 39.17
C GLU E 10 11.36 -62.20 40.23
N VAL E 11 12.38 -62.85 40.76
CA VAL E 11 12.18 -63.87 41.77
C VAL E 11 12.82 -63.49 43.10
N LYS E 12 12.04 -63.57 44.16
CA LYS E 12 12.50 -63.26 45.50
C LYS E 12 12.38 -64.48 46.39
N LYS E 13 13.17 -64.53 47.45
CA LYS E 13 12.99 -65.60 48.41
C LYS E 13 11.72 -65.29 49.21
N PRO E 14 10.92 -66.29 49.57
CA PRO E 14 9.69 -66.12 50.29
C PRO E 14 9.99 -65.49 51.64
N GLY E 15 9.16 -64.53 52.03
CA GLY E 15 9.34 -63.83 53.29
C GLY E 15 10.11 -62.52 53.11
N SER E 16 10.69 -62.31 51.93
CA SER E 16 11.45 -61.09 51.68
C SER E 16 10.59 -60.01 51.04
N SER E 17 11.23 -58.93 50.58
CA SER E 17 10.49 -57.79 50.05
C SER E 17 10.77 -57.53 48.58
N VAL E 18 9.81 -56.87 47.94
CA VAL E 18 9.90 -56.53 46.53
C VAL E 18 9.48 -55.09 46.27
N LYS E 19 10.15 -54.41 45.35
CA LYS E 19 9.77 -53.07 44.93
C LYS E 19 9.47 -53.05 43.44
N VAL E 20 8.23 -52.74 43.08
CA VAL E 20 7.81 -52.70 41.69
C VAL E 20 7.57 -51.27 41.23
N SER E 21 8.28 -50.83 40.21
CA SER E 21 8.12 -49.47 39.74
C SER E 21 7.07 -49.43 38.63
N CYS E 22 6.61 -48.18 38.33
CA CYS E 22 5.67 -47.91 37.25
C CYS E 22 5.79 -46.44 36.83
N LYS E 23 6.22 -46.22 35.60
CA LYS E 23 6.47 -44.87 35.11
C LYS E 23 5.47 -44.44 34.04
N ALA E 24 4.72 -43.38 34.33
CA ALA E 24 3.70 -42.88 33.42
C ALA E 24 4.32 -41.93 32.41
N SER E 25 5.11 -42.49 31.51
CA SER E 25 5.90 -41.71 30.56
C SER E 25 5.10 -41.10 29.41
N GLY E 26 3.85 -41.52 29.24
CA GLY E 26 3.07 -41.08 28.09
C GLY E 26 2.92 -39.55 28.19
N GLY E 27 2.21 -39.03 29.20
CA GLY E 27 2.09 -37.57 29.27
C GLY E 27 2.16 -37.14 30.73
N ILE E 28 1.24 -37.64 31.57
CA ILE E 28 1.11 -37.33 33.01
C ILE E 28 0.23 -36.09 33.17
N PHE E 29 -0.43 -35.61 32.12
CA PHE E 29 -1.21 -34.40 32.25
C PHE E 29 -2.63 -34.60 32.77
N ASN E 30 -3.18 -35.81 32.61
CA ASN E 30 -4.50 -36.13 33.15
C ASN E 30 -4.43 -37.29 34.14
N THR E 31 -3.25 -37.52 34.70
CA THR E 31 -3.12 -38.60 35.66
C THR E 31 -2.99 -38.03 37.04
N TYR E 32 -3.94 -38.38 37.88
CA TYR E 32 -3.98 -37.85 39.22
C TYR E 32 -3.72 -38.95 40.22
N THR E 33 -4.04 -40.18 39.83
CA THR E 33 -3.91 -41.32 40.71
C THR E 33 -3.53 -42.59 39.98
N ILE E 34 -2.74 -43.42 40.65
CA ILE E 34 -2.31 -44.72 40.18
C ILE E 34 -2.80 -45.80 41.11
N SER E 35 -3.42 -46.82 40.54
CA SER E 35 -3.91 -47.92 41.35
C SER E 35 -3.16 -49.20 41.03
N TRP E 36 -3.10 -50.08 42.02
CA TRP E 36 -2.48 -51.37 41.82
C TRP E 36 -3.47 -52.48 42.05
N VAL E 37 -3.46 -53.42 41.12
CA VAL E 37 -4.35 -54.56 41.11
C VAL E 37 -3.55 -55.82 40.87
N ARG E 38 -3.83 -56.90 41.57
CA ARG E 38 -3.07 -58.12 41.30
C ARG E 38 -3.94 -59.24 40.82
N GLN E 39 -3.34 -60.17 40.10
CA GLN E 39 -4.06 -61.34 39.64
C GLN E 39 -3.27 -62.61 39.82
N ALA E 40 -3.71 -63.45 40.74
CA ALA E 40 -3.05 -64.72 40.97
C ALA E 40 -3.36 -65.61 39.78
N PRO E 41 -2.50 -66.56 39.42
CA PRO E 41 -2.71 -67.45 38.30
C PRO E 41 -4.05 -68.15 38.43
N GLY E 42 -4.85 -68.09 37.37
CA GLY E 42 -6.14 -68.77 37.34
C GLY E 42 -7.25 -68.01 38.09
N GLN E 43 -6.92 -66.86 38.65
CA GLN E 43 -7.88 -66.09 39.44
C GLN E 43 -8.32 -64.81 38.77
N GLY E 44 -9.24 -64.10 39.42
CA GLY E 44 -9.70 -62.82 38.93
C GLY E 44 -8.79 -61.73 39.45
N LEU E 45 -9.23 -60.49 39.40
CA LEU E 45 -8.34 -59.41 39.79
C LEU E 45 -8.70 -58.88 41.16
N GLU E 46 -7.70 -58.46 41.91
CA GLU E 46 -7.92 -57.94 43.25
C GLU E 46 -7.36 -56.55 43.40
N TRP E 47 -8.14 -55.61 43.89
CA TRP E 47 -7.59 -54.29 44.12
C TRP E 47 -6.72 -54.32 45.36
N MET E 48 -5.54 -53.71 45.29
CA MET E 48 -4.63 -53.69 46.43
C MET E 48 -4.51 -52.31 47.05
N GLY E 49 -4.59 -51.28 46.23
CA GLY E 49 -4.40 -49.94 46.75
C GLY E 49 -4.37 -48.90 45.66
N ARG E 50 -4.42 -47.63 46.07
CA ARG E 50 -4.36 -46.52 45.14
C ARG E 50 -3.66 -45.37 45.78
N ILE E 51 -2.86 -44.68 45.01
CA ILE E 51 -2.17 -43.50 45.50
C ILE E 51 -2.52 -42.29 44.70
N ILE E 52 -2.73 -41.19 45.39
CA ILE E 52 -3.01 -39.95 44.73
C ILE E 52 -1.68 -39.26 44.58
N LEU E 53 -1.31 -39.00 43.35
CA LEU E 53 0.03 -38.54 43.07
C LEU E 53 0.28 -37.16 43.64
N MET E 54 -0.74 -36.32 43.61
CA MET E 54 -0.61 -34.96 44.10
C MET E 54 -0.35 -34.89 45.60
N SER E 55 -1.16 -35.60 46.37
CA SER E 55 -1.06 -35.49 47.81
C SER E 55 -0.06 -36.45 48.44
N GLY E 56 0.21 -37.56 47.77
CA GLY E 56 1.11 -38.56 48.31
C GLY E 56 0.38 -39.55 49.21
N MET E 57 -0.92 -39.38 49.39
CA MET E 57 -1.70 -40.27 50.21
C MET E 57 -2.12 -41.50 49.46
N ALA E 58 -2.19 -42.63 50.14
CA ALA E 58 -2.62 -43.85 49.52
C ALA E 58 -3.53 -44.65 50.44
N ASN E 59 -4.48 -45.34 49.83
CA ASN E 59 -5.39 -46.22 50.52
C ASN E 59 -5.05 -47.65 50.17
N TYR E 60 -5.35 -48.58 51.06
CA TYR E 60 -5.00 -49.97 50.81
C TYR E 60 -6.15 -50.93 51.09
N ALA E 61 -6.13 -52.07 50.42
CA ALA E 61 -7.07 -53.13 50.74
C ALA E 61 -6.79 -53.60 52.16
N GLN E 62 -7.84 -53.84 52.93
CA GLN E 62 -7.67 -54.21 54.34
C GLN E 62 -6.88 -55.49 54.55
N LYS E 63 -7.06 -56.44 53.64
CA LYS E 63 -6.43 -57.76 53.74
C LYS E 63 -4.91 -57.73 53.69
N ILE E 64 -4.33 -56.66 53.18
CA ILE E 64 -2.88 -56.54 53.12
C ILE E 64 -2.39 -55.34 53.89
N GLN E 65 -3.25 -54.76 54.72
CA GLN E 65 -2.83 -53.56 55.40
C GLN E 65 -1.72 -53.88 56.37
N GLY E 66 -0.75 -52.98 56.43
CA GLY E 66 0.39 -53.11 57.32
C GLY E 66 1.60 -53.78 56.66
N ARG E 67 1.41 -54.42 55.50
CA ARG E 67 2.51 -55.09 54.83
C ARG E 67 2.77 -54.54 53.43
N VAL E 68 2.02 -53.48 53.08
CA VAL E 68 2.11 -52.84 51.77
C VAL E 68 2.27 -51.34 51.90
N THR E 69 3.10 -50.76 51.05
CA THR E 69 3.19 -49.31 50.97
C THR E 69 3.25 -48.88 49.51
N ILE E 70 2.71 -47.71 49.22
CA ILE E 70 2.83 -47.14 47.88
C ILE E 70 3.41 -45.73 47.96
N THR E 71 4.44 -45.47 47.16
CA THR E 71 5.08 -44.16 47.17
C THR E 71 5.00 -43.45 45.83
N ALA E 72 4.59 -42.20 45.85
CA ALA E 72 4.53 -41.42 44.61
C ALA E 72 5.72 -40.47 44.52
N ASP E 73 6.55 -40.68 43.51
CA ASP E 73 7.71 -39.84 43.28
C ASP E 73 7.43 -38.90 42.13
N LYS E 74 7.06 -37.66 42.45
CA LYS E 74 6.65 -36.72 41.42
C LYS E 74 7.77 -36.45 40.43
N SER E 75 8.99 -36.38 40.94
CA SER E 75 10.15 -35.98 40.15
C SER E 75 10.48 -36.93 39.01
N THR E 76 9.99 -38.15 39.08
CA THR E 76 10.27 -39.14 38.06
C THR E 76 9.00 -39.64 37.39
N SER E 77 7.87 -39.08 37.82
CA SER E 77 6.52 -39.51 37.48
C SER E 77 6.32 -41.02 37.68
N THR E 78 6.71 -41.52 38.86
CA THR E 78 6.54 -42.95 39.13
C THR E 78 5.78 -43.23 40.40
N ALA E 79 5.23 -44.43 40.46
CA ALA E 79 4.61 -44.93 41.68
C ALA E 79 5.25 -46.26 42.05
N TYR E 80 5.78 -46.34 43.25
CA TYR E 80 6.40 -47.56 43.72
C TYR E 80 5.47 -48.37 44.58
N MET E 81 5.28 -49.62 44.19
CA MET E 81 4.48 -50.57 44.94
C MET E 81 5.40 -51.54 45.64
N GLU E 82 5.41 -51.54 46.95
CA GLU E 82 6.32 -52.48 47.59
C GLU E 82 5.66 -53.26 48.71
N LEU E 83 6.08 -54.51 48.80
CA LEU E 83 5.52 -55.45 49.75
C LEU E 83 6.57 -56.08 50.62
N THR E 84 6.17 -56.40 51.85
CA THR E 84 7.00 -57.13 52.79
C THR E 84 6.43 -58.55 52.96
N SER E 85 7.21 -59.44 53.61
CA SER E 85 6.85 -60.83 53.90
C SER E 85 6.48 -61.59 52.62
N ASP E 90 2.79 -65.07 47.74
CA ASP E 90 2.08 -65.41 46.52
C ASP E 90 2.94 -65.13 45.26
N THR E 91 2.44 -65.59 44.09
CA THR E 91 3.10 -65.53 42.78
C THR E 91 2.26 -64.76 41.76
N ALA E 92 1.47 -63.81 42.25
CA ALA E 92 0.54 -63.04 41.44
C ALA E 92 1.23 -62.04 40.53
N VAL E 93 0.49 -61.63 39.51
CA VAL E 93 0.93 -60.57 38.61
C VAL E 93 0.39 -59.24 39.10
N TYR E 94 1.26 -58.25 39.22
CA TYR E 94 0.85 -56.95 39.72
C TYR E 94 0.75 -55.92 38.62
N TYR E 95 -0.46 -55.42 38.40
CA TYR E 95 -0.72 -54.47 37.33
C TYR E 95 -0.82 -53.04 37.84
N CYS E 96 -0.28 -52.11 37.06
CA CYS E 96 -0.32 -50.67 37.31
C CYS E 96 -1.35 -50.02 36.40
N ALA E 97 -2.26 -49.24 36.94
CA ALA E 97 -3.24 -48.58 36.06
C ALA E 97 -3.61 -47.20 36.56
N ARG E 98 -3.79 -46.28 35.62
CA ARG E 98 -4.20 -44.92 35.97
C ARG E 98 -5.70 -44.84 36.14
N GLY E 99 -6.15 -44.01 37.07
CA GLY E 99 -7.58 -43.79 37.25
C GLY E 99 -8.08 -42.75 36.26
N PHE E 100 -9.31 -42.92 35.79
CA PHE E 100 -9.89 -42.00 34.83
C PHE E 100 -11.40 -41.95 34.87
N ASN E 101 -11.97 -40.76 34.67
CA ASN E 101 -13.40 -40.62 34.55
C ASN E 101 -13.70 -39.65 33.42
N GLY E 102 -14.62 -40.01 32.53
CA GLY E 102 -14.91 -39.16 31.38
C GLY E 102 -15.81 -37.97 31.70
N ASN E 103 -16.34 -37.93 32.92
CA ASN E 103 -17.25 -36.85 33.31
C ASN E 103 -16.54 -35.70 34.02
N TYR E 104 -15.36 -35.95 34.56
CA TYR E 104 -14.67 -34.95 35.34
C TYR E 104 -13.18 -35.16 35.39
N TYR E 105 -12.46 -34.12 35.77
CA TYR E 105 -11.03 -34.19 35.93
C TYR E 105 -10.73 -34.44 37.39
N GLY E 106 -9.68 -35.17 37.68
CA GLY E 106 -9.36 -35.44 39.07
C GLY E 106 -9.68 -36.89 39.40
N TRP E 107 -9.98 -37.16 40.66
CA TRP E 107 -10.13 -38.53 41.12
C TRP E 107 -11.32 -38.71 42.05
N GLY E 108 -11.84 -39.92 42.10
CA GLY E 108 -12.97 -40.19 42.99
C GLY E 108 -13.29 -41.66 43.11
N ASP E 109 -14.54 -41.96 43.47
CA ASP E 109 -14.96 -43.32 43.71
C ASP E 109 -15.54 -43.99 42.47
N ASP E 110 -16.14 -43.19 41.59
CA ASP E 110 -16.80 -43.68 40.38
C ASP E 110 -15.89 -43.66 39.17
N ASP E 111 -14.60 -43.50 39.38
CA ASP E 111 -13.68 -43.50 38.25
C ASP E 111 -13.35 -44.94 37.87
N ALA E 112 -12.51 -45.11 36.86
CA ALA E 112 -12.22 -46.44 36.34
C ALA E 112 -10.78 -46.54 35.92
N PHE E 113 -10.29 -47.76 35.77
CA PHE E 113 -8.93 -47.96 35.34
C PHE E 113 -8.93 -48.19 33.84
N ASP E 114 -8.55 -47.18 33.07
CA ASP E 114 -8.63 -47.29 31.61
C ASP E 114 -7.32 -47.76 30.97
N ILE E 115 -6.23 -47.12 31.35
CA ILE E 115 -4.93 -47.47 30.77
C ILE E 115 -4.10 -48.27 31.75
N TRP E 116 -3.81 -49.50 31.36
CA TRP E 116 -3.09 -50.45 32.19
C TRP E 116 -1.69 -50.71 31.66
N GLY E 117 -0.78 -51.01 32.57
CA GLY E 117 0.58 -51.37 32.23
C GLY E 117 0.65 -52.84 31.87
N GLN E 118 1.87 -53.33 31.65
CA GLN E 118 2.06 -54.71 31.20
C GLN E 118 1.83 -55.79 32.25
N GLY E 119 1.97 -55.45 33.52
CA GLY E 119 1.86 -56.45 34.58
C GLY E 119 3.23 -56.97 34.94
N THR E 120 3.59 -56.87 36.21
CA THR E 120 4.89 -57.36 36.65
C THR E 120 4.67 -58.58 37.50
N LEU E 121 5.25 -59.71 37.12
CA LEU E 121 5.03 -60.85 38.00
C LEU E 121 6.14 -60.96 39.00
N VAL E 122 5.79 -61.39 40.19
CA VAL E 122 6.76 -61.62 41.23
C VAL E 122 6.53 -63.01 41.77
N THR E 123 7.56 -63.83 41.80
CA THR E 123 7.39 -65.19 42.31
C THR E 123 8.41 -65.53 43.39
N VAL E 124 8.16 -66.64 44.11
CA VAL E 124 9.01 -67.17 45.17
C VAL E 124 9.41 -68.61 44.85
N VAL F 3 -16.98 -58.88 47.07
CA VAL F 3 -16.85 -59.65 45.84
C VAL F 3 -18.20 -59.66 45.13
N LEU F 4 -18.18 -59.48 43.79
CA LEU F 4 -19.38 -59.49 42.94
C LEU F 4 -19.53 -60.86 42.30
N THR F 5 -20.74 -61.37 42.29
CA THR F 5 -20.98 -62.72 41.80
C THR F 5 -21.20 -62.75 40.30
N GLN F 6 -20.49 -63.67 39.65
CA GLN F 6 -20.61 -63.85 38.21
C GLN F 6 -20.65 -65.34 37.88
N PRO F 7 -21.31 -65.74 36.78
CA PRO F 7 -21.34 -67.09 36.28
C PRO F 7 -19.95 -67.46 35.77
N PRO F 8 -19.46 -68.66 36.05
CA PRO F 8 -18.17 -69.17 35.59
C PRO F 8 -17.98 -69.02 34.09
N SER F 9 -19.05 -69.23 33.32
CA SER F 9 -18.93 -69.10 31.88
C SER F 9 -20.26 -68.82 31.21
N VAL F 10 -20.17 -68.21 30.03
CA VAL F 10 -21.30 -67.96 29.16
C VAL F 10 -20.96 -68.35 27.72
N SER F 11 -21.88 -69.04 27.03
CA SER F 11 -21.69 -69.48 25.63
C SER F 11 -21.55 -68.28 24.69
N VAL F 18 -25.00 -62.74 23.54
CA VAL F 18 -25.23 -63.24 24.90
C VAL F 18 -24.99 -62.11 25.91
N THR F 19 -25.23 -62.40 27.21
CA THR F 19 -25.00 -61.42 28.29
C THR F 19 -24.19 -62.00 29.43
N ILE F 20 -23.39 -61.14 30.05
CA ILE F 20 -22.61 -61.49 31.22
C ILE F 20 -23.22 -60.78 32.41
N SER F 21 -23.69 -61.52 33.40
CA SER F 21 -24.30 -60.87 34.56
C SER F 21 -23.24 -60.48 35.59
N CYS F 22 -23.63 -59.62 36.55
CA CYS F 22 -22.84 -59.20 37.70
C CYS F 22 -23.77 -58.84 38.85
N THR F 23 -23.75 -59.64 39.92
CA THR F 23 -24.67 -59.38 41.02
C THR F 23 -23.93 -58.99 42.28
N GLY F 24 -24.32 -57.85 42.84
CA GLY F 24 -23.70 -57.35 44.05
C GLY F 24 -24.75 -57.17 45.11
N SER F 25 -24.61 -56.08 45.85
CA SER F 25 -25.50 -55.75 46.95
C SER F 25 -25.79 -54.27 46.88
N ASN F 26 -26.53 -53.77 47.86
CA ASN F 26 -26.91 -52.36 47.89
C ASN F 26 -25.81 -51.50 48.50
N SER F 27 -24.67 -52.13 48.76
CA SER F 27 -23.50 -51.43 49.27
C SER F 27 -22.51 -51.13 48.14
N ASN F 28 -22.83 -51.59 46.93
CA ASN F 28 -21.92 -51.39 45.80
C ASN F 28 -22.62 -51.18 44.46
N ILE F 29 -23.56 -52.04 44.08
CA ILE F 29 -24.24 -51.85 42.81
C ILE F 29 -25.58 -51.15 43.02
N GLY F 30 -26.32 -51.58 44.03
CA GLY F 30 -27.63 -50.97 44.32
C GLY F 30 -27.40 -49.67 45.06
N ALA F 31 -26.14 -49.43 45.36
CA ALA F 31 -25.70 -48.22 46.00
C ALA F 31 -25.74 -47.08 45.00
N GLY F 32 -25.81 -47.41 43.72
CA GLY F 32 -25.84 -46.41 42.66
C GLY F 32 -24.47 -46.20 42.01
N TYR F 33 -23.43 -46.74 42.64
CA TYR F 33 -22.08 -46.57 42.12
C TYR F 33 -21.92 -47.22 40.75
N ASP F 34 -21.13 -46.57 39.91
CA ASP F 34 -20.93 -47.05 38.56
C ASP F 34 -20.29 -48.42 38.50
N VAL F 35 -20.74 -49.24 37.55
CA VAL F 35 -20.18 -50.56 37.34
C VAL F 35 -19.47 -50.59 36.01
N HIS F 36 -18.16 -50.77 36.05
CA HIS F 36 -17.35 -50.69 34.84
C HIS F 36 -17.09 -52.10 34.36
N TRP F 37 -16.84 -52.26 33.07
CA TRP F 37 -16.57 -53.59 32.55
C TRP F 37 -15.27 -53.68 31.76
N TYR F 38 -14.59 -54.80 31.96
CA TYR F 38 -13.32 -55.09 31.32
C TYR F 38 -13.30 -56.40 30.56
N GLN F 39 -12.48 -56.42 29.52
CA GLN F 39 -12.22 -57.62 28.75
C GLN F 39 -10.74 -57.97 28.81
N GLN F 40 -10.43 -59.09 29.47
CA GLN F 40 -9.04 -59.47 29.58
C GLN F 40 -8.67 -60.64 28.69
N LEU F 41 -7.84 -60.39 27.71
CA LEU F 41 -7.36 -61.47 26.88
C LEU F 41 -6.16 -62.08 27.58
N PRO F 42 -5.93 -63.38 27.47
CA PRO F 42 -4.84 -64.07 28.10
C PRO F 42 -3.54 -63.52 27.58
N GLY F 43 -2.57 -63.37 28.46
CA GLY F 43 -1.26 -62.86 28.08
C GLY F 43 -1.10 -61.37 28.30
N THR F 44 -2.19 -60.65 28.56
CA THR F 44 -2.06 -59.21 28.76
C THR F 44 -2.95 -58.63 29.86
N ALA F 45 -2.86 -57.31 30.02
CA ALA F 45 -3.63 -56.54 30.98
C ALA F 45 -5.05 -56.38 30.45
N PRO F 46 -6.05 -56.22 31.31
CA PRO F 46 -7.43 -56.01 30.94
C PRO F 46 -7.65 -54.70 30.23
N LYS F 47 -8.55 -54.72 29.26
CA LYS F 47 -8.94 -53.53 28.53
C LYS F 47 -10.32 -53.08 28.96
N LEU F 48 -10.51 -51.78 29.15
CA LEU F 48 -11.82 -51.27 29.53
C LEU F 48 -12.73 -51.19 28.32
N LEU F 49 -13.95 -51.72 28.44
CA LEU F 49 -14.94 -51.57 27.37
C LEU F 49 -16.13 -50.70 27.75
N ILE F 50 -16.44 -50.63 29.04
CA ILE F 50 -17.50 -49.75 29.51
C ILE F 50 -17.08 -48.94 30.71
N CYS F 51 -17.35 -47.65 30.62
CA CYS F 51 -17.10 -46.69 31.68
C CYS F 51 -18.43 -46.11 32.14
N GLY F 52 -18.64 -46.06 33.44
CA GLY F 52 -19.91 -45.55 33.90
C GLY F 52 -20.98 -46.58 33.61
N ASN F 53 -22.20 -46.16 33.37
CA ASN F 53 -23.26 -47.13 33.16
C ASN F 53 -23.07 -47.79 31.82
N SER F 54 -22.93 -46.99 30.75
CA SER F 54 -22.78 -47.58 29.43
C SER F 54 -22.00 -46.73 28.41
N ASN F 55 -20.98 -46.01 28.85
CA ASN F 55 -20.17 -45.26 27.89
C ASN F 55 -19.04 -46.16 27.45
N ARG F 56 -18.47 -45.90 26.29
CA ARG F 56 -17.36 -46.73 25.87
C ARG F 56 -16.29 -45.93 25.12
N PRO F 57 -15.02 -46.32 25.22
CA PRO F 57 -13.88 -45.79 24.50
C PRO F 57 -13.92 -46.23 23.07
N SER F 58 -13.19 -45.55 22.21
CA SER F 58 -13.10 -45.95 20.83
C SER F 58 -12.63 -47.40 20.73
N GLY F 59 -13.29 -48.20 19.85
CA GLY F 59 -12.99 -49.60 19.64
C GLY F 59 -13.91 -50.49 20.47
N ARG F 63 -21.36 -52.89 19.49
CA ARG F 63 -21.01 -54.26 19.88
C ARG F 63 -21.27 -54.52 21.37
N PHE F 64 -21.14 -53.47 22.22
CA PHE F 64 -21.33 -53.55 23.68
C PHE F 64 -22.32 -52.53 24.21
N SER F 65 -23.07 -52.95 25.21
CA SER F 65 -24.02 -52.11 25.92
C SER F 65 -24.23 -52.69 27.31
N GLY F 66 -25.06 -52.04 28.13
CA GLY F 66 -25.29 -52.56 29.48
C GLY F 66 -26.26 -51.68 30.26
N SER F 67 -26.59 -52.15 31.47
CA SER F 67 -27.53 -51.45 32.35
C SER F 67 -27.44 -51.94 33.78
N LYS F 68 -28.12 -51.21 34.68
CA LYS F 68 -28.26 -51.64 36.07
C LYS F 68 -29.73 -51.89 36.40
N SER F 69 -29.97 -52.74 37.39
CA SER F 69 -31.30 -52.97 37.93
C SER F 69 -31.21 -53.48 39.37
N GLY F 70 -31.75 -52.72 40.31
CA GLY F 70 -31.65 -53.13 41.70
C GLY F 70 -30.18 -53.21 42.12
N THR F 71 -29.78 -54.37 42.63
CA THR F 71 -28.42 -54.60 43.09
C THR F 71 -27.64 -55.40 42.06
N SER F 72 -28.24 -55.56 40.89
CA SER F 72 -27.62 -56.30 39.81
C SER F 72 -27.25 -55.39 38.67
N ALA F 73 -26.34 -55.86 37.84
CA ALA F 73 -25.95 -55.15 36.62
C ALA F 73 -25.57 -56.17 35.57
N SER F 74 -25.59 -55.76 34.31
CA SER F 74 -25.18 -56.70 33.28
C SER F 74 -24.53 -56.08 32.07
N LEU F 75 -23.70 -56.88 31.42
CA LEU F 75 -23.01 -56.55 30.18
C LEU F 75 -23.61 -57.28 29.02
N ALA F 76 -23.99 -56.55 27.99
CA ALA F 76 -24.51 -57.19 26.81
C ALA F 76 -23.49 -57.13 25.68
N ILE F 77 -23.21 -58.29 25.10
CA ILE F 77 -22.34 -58.37 23.95
C ILE F 77 -23.14 -58.97 22.81
N THR F 78 -23.17 -58.30 21.66
CA THR F 78 -24.02 -58.82 20.59
C THR F 78 -23.25 -59.19 19.34
N GLY F 79 -23.45 -60.44 18.94
CA GLY F 79 -22.83 -61.00 17.75
C GLY F 79 -21.67 -61.90 18.14
N LEU F 80 -21.70 -63.14 17.66
CA LEU F 80 -20.63 -64.08 18.01
C LEU F 80 -19.48 -63.85 17.04
N GLN F 81 -18.80 -62.73 17.23
CA GLN F 81 -17.73 -62.31 16.36
C GLN F 81 -16.43 -62.97 16.72
N ALA F 82 -15.65 -63.29 15.69
CA ALA F 82 -14.35 -63.88 15.90
C ALA F 82 -14.45 -64.95 16.96
N GLU F 83 -13.49 -64.95 17.89
CA GLU F 83 -13.53 -65.83 19.03
C GLU F 83 -13.13 -65.03 20.26
N ASP F 84 -14.02 -64.18 20.75
CA ASP F 84 -13.67 -63.30 21.86
C ASP F 84 -13.78 -64.04 23.17
N GLU F 85 -12.92 -65.05 23.34
CA GLU F 85 -12.95 -65.88 24.54
C GLU F 85 -12.10 -65.23 25.61
N ALA F 86 -12.54 -64.06 26.00
CA ALA F 86 -11.87 -63.26 27.01
C ALA F 86 -12.48 -63.51 28.37
N ASP F 87 -11.74 -63.17 29.39
CA ASP F 87 -12.27 -63.22 30.72
C ASP F 87 -12.88 -61.85 31.03
N TYR F 88 -14.18 -61.80 31.24
CA TYR F 88 -14.84 -60.53 31.46
C TYR F 88 -15.05 -60.27 32.95
N TYR F 89 -14.78 -59.05 33.36
CA TYR F 89 -14.91 -58.69 34.76
C TYR F 89 -15.72 -57.42 34.92
N CYS F 90 -16.46 -57.33 36.04
CA CYS F 90 -17.18 -56.13 36.46
C CYS F 90 -16.42 -55.50 37.63
N GLN F 91 -16.46 -54.18 37.70
CA GLN F 91 -15.82 -53.46 38.80
C GLN F 91 -16.71 -52.37 39.36
N SER F 92 -16.75 -52.27 40.67
CA SER F 92 -17.52 -51.21 41.30
C SER F 92 -16.90 -50.79 42.63
N TYR F 93 -17.30 -49.63 43.11
CA TYR F 93 -16.84 -49.15 44.40
C TYR F 93 -17.65 -49.72 45.52
N ASP F 94 -16.99 -50.24 46.53
CA ASP F 94 -17.65 -50.78 47.70
C ASP F 94 -17.61 -49.79 48.84
N SER F 95 -18.76 -49.54 49.45
CA SER F 95 -18.87 -48.54 50.47
C SER F 95 -18.98 -49.11 51.89
N SER F 96 -18.53 -50.34 52.11
CA SER F 96 -18.59 -50.90 53.45
C SER F 96 -17.23 -50.95 54.14
N LEU F 97 -16.91 -52.12 54.67
CA LEU F 97 -15.70 -52.34 55.45
C LEU F 97 -15.49 -51.19 56.41
N SER F 98 -14.25 -50.72 56.51
CA SER F 98 -13.92 -49.58 57.34
C SER F 98 -13.15 -48.58 56.51
N GLY F 99 -13.46 -48.51 55.22
CA GLY F 99 -12.74 -47.63 54.32
C GLY F 99 -12.99 -47.99 52.87
N PRO F 100 -12.65 -47.10 51.95
CA PRO F 100 -12.88 -47.21 50.53
C PRO F 100 -12.12 -48.36 49.95
N ASN F 101 -12.76 -49.10 49.06
CA ASN F 101 -12.12 -50.20 48.39
C ASN F 101 -12.85 -50.46 47.08
N TRP F 102 -12.15 -51.02 46.11
CA TRP F 102 -12.76 -51.34 44.84
C TRP F 102 -12.83 -52.83 44.65
N VAL F 103 -13.93 -53.27 44.10
CA VAL F 103 -14.17 -54.69 43.98
C VAL F 103 -14.32 -55.16 42.56
N PHE F 104 -13.61 -56.21 42.24
CA PHE F 104 -13.73 -56.86 40.95
C PHE F 104 -14.55 -58.12 41.13
N GLY F 105 -15.32 -58.48 40.13
CA GLY F 105 -16.13 -59.69 40.21
C GLY F 105 -15.32 -60.94 40.00
N GLY F 106 -15.98 -62.09 40.16
CA GLY F 106 -15.33 -63.38 40.04
C GLY F 106 -14.69 -63.63 38.66
N GLY F 107 -15.32 -63.13 37.61
CA GLY F 107 -14.79 -63.31 36.26
C GLY F 107 -15.53 -64.38 35.48
N THR F 108 -16.00 -64.01 34.30
CA THR F 108 -16.73 -64.93 33.45
C THR F 108 -15.97 -65.24 32.18
N LYS F 109 -15.83 -66.52 31.86
CA LYS F 109 -15.18 -66.86 30.61
C LYS F 109 -16.20 -66.91 29.49
N LEU F 110 -15.95 -66.18 28.39
CA LEU F 110 -16.85 -66.18 27.22
C LEU F 110 -16.27 -67.07 26.13
N ALA G 27 -26.24 1.17 -51.50
CA ALA G 27 -25.77 2.56 -51.54
C ALA G 27 -25.32 2.99 -50.14
N TYR G 28 -24.23 3.76 -50.07
CA TYR G 28 -23.65 4.27 -48.82
C TYR G 28 -23.29 5.74 -48.95
N THR G 29 -23.25 6.43 -47.82
CA THR G 29 -22.73 7.77 -47.84
C THR G 29 -21.70 8.00 -46.74
N ASN G 30 -21.11 9.17 -46.75
CA ASN G 30 -20.05 9.55 -45.83
C ASN G 30 -20.52 10.45 -44.70
N SER G 31 -20.60 9.91 -43.50
CA SER G 31 -21.06 10.70 -42.37
C SER G 31 -19.93 11.58 -41.88
N PHE G 32 -19.68 12.64 -42.61
CA PHE G 32 -18.52 13.47 -42.39
C PHE G 32 -18.36 13.87 -40.92
N THR G 33 -19.35 14.57 -40.39
CA THR G 33 -19.28 15.04 -39.02
C THR G 33 -20.64 14.98 -38.33
N ARG G 34 -21.28 13.81 -38.35
CA ARG G 34 -22.63 13.72 -37.80
C ARG G 34 -22.79 12.51 -36.89
N GLY G 35 -23.85 12.48 -36.09
CA GLY G 35 -24.11 11.34 -35.20
C GLY G 35 -23.58 11.54 -33.78
N VAL G 36 -23.08 12.73 -33.49
CA VAL G 36 -22.59 13.07 -32.16
C VAL G 36 -23.73 13.63 -31.33
N TYR G 37 -23.79 13.22 -30.07
CA TYR G 37 -24.86 13.65 -29.18
C TYR G 37 -24.33 13.96 -27.81
N TYR G 38 -25.11 14.72 -27.04
CA TYR G 38 -24.72 15.04 -25.67
C TYR G 38 -24.84 13.78 -24.83
N PRO G 39 -23.75 13.25 -24.29
CA PRO G 39 -23.69 11.98 -23.58
C PRO G 39 -24.43 12.00 -22.24
N ASP G 40 -24.68 13.18 -21.70
CA ASP G 40 -25.33 13.28 -20.40
C ASP G 40 -26.06 14.60 -20.20
N LYS G 41 -26.54 14.81 -18.97
CA LYS G 41 -27.36 15.96 -18.60
C LYS G 41 -26.50 17.00 -17.88
N VAL G 42 -25.19 16.88 -18.02
CA VAL G 42 -24.28 17.75 -17.31
C VAL G 42 -23.82 18.95 -18.11
N PHE G 43 -24.00 20.11 -17.51
CA PHE G 43 -23.57 21.36 -18.08
C PHE G 43 -22.08 21.51 -17.90
N ARG G 44 -21.44 21.85 -18.98
CA ARG G 44 -20.02 22.09 -18.98
C ARG G 44 -19.83 23.36 -19.74
N SER G 45 -18.86 24.17 -19.38
CA SER G 45 -18.64 25.39 -20.14
C SER G 45 -17.18 25.69 -20.27
N SER G 46 -16.81 26.22 -21.43
CA SER G 46 -15.45 26.64 -21.69
C SER G 46 -14.46 25.55 -21.30
N VAL G 47 -14.82 24.30 -21.59
CA VAL G 47 -13.99 23.18 -21.20
C VAL G 47 -13.94 22.12 -22.28
N LEU G 48 -12.81 21.44 -22.32
CA LEU G 48 -12.62 20.31 -23.21
C LEU G 48 -12.81 19.04 -22.39
N HIS G 49 -13.63 18.13 -22.88
CA HIS G 49 -13.94 16.92 -22.14
C HIS G 49 -13.73 15.63 -22.92
N SER G 50 -13.12 14.64 -22.27
CA SER G 50 -12.93 13.34 -22.90
C SER G 50 -13.96 12.34 -22.40
N THR G 51 -14.74 11.78 -23.31
CA THR G 51 -15.80 10.86 -22.92
C THR G 51 -15.82 9.57 -23.75
N GLN G 52 -16.25 8.48 -23.11
CA GLN G 52 -16.38 7.21 -23.80
C GLN G 52 -17.83 6.79 -23.82
N ASP G 53 -18.36 6.60 -25.03
CA ASP G 53 -19.76 6.27 -25.21
C ASP G 53 -19.96 5.64 -26.58
N LEU G 54 -21.19 5.29 -26.89
CA LEU G 54 -21.49 4.72 -28.19
C LEU G 54 -21.71 5.85 -29.19
N PHE G 55 -20.78 6.00 -30.10
CA PHE G 55 -20.85 7.08 -31.06
C PHE G 55 -20.72 6.54 -32.46
N LEU G 56 -21.23 7.29 -33.42
CA LEU G 56 -20.99 6.93 -34.79
C LEU G 56 -19.58 7.45 -35.12
N PRO G 57 -18.66 6.63 -35.64
CA PRO G 57 -17.30 7.01 -35.98
C PRO G 57 -17.33 8.10 -37.02
N PHE G 58 -16.34 8.97 -37.05
CA PHE G 58 -16.37 9.96 -38.11
C PHE G 58 -16.03 9.31 -39.45
N PHE G 59 -16.70 9.77 -40.50
CA PHE G 59 -16.47 9.31 -41.87
C PHE G 59 -16.79 7.84 -42.05
N SER G 60 -17.86 7.39 -41.41
CA SER G 60 -18.35 6.02 -41.54
C SER G 60 -19.14 5.83 -42.81
N ASN G 61 -19.30 4.56 -43.24
CA ASN G 61 -20.20 4.18 -44.33
C ASN G 61 -21.62 3.99 -43.79
N VAL G 62 -22.50 4.94 -44.08
CA VAL G 62 -23.89 4.96 -43.63
C VAL G 62 -24.81 4.50 -44.75
N THR G 63 -25.62 3.49 -44.47
CA THR G 63 -26.45 2.90 -45.51
C THR G 63 -27.48 3.89 -45.98
N TRP G 64 -27.56 4.08 -47.28
CA TRP G 64 -28.49 5.04 -47.87
C TRP G 64 -29.65 4.34 -48.56
N PHE G 65 -30.85 4.57 -48.07
CA PHE G 65 -32.04 3.91 -48.60
C PHE G 65 -32.88 4.87 -49.44
N HIS G 66 -33.61 4.31 -50.42
CA HIS G 66 -34.53 5.05 -51.29
C HIS G 66 -35.92 4.42 -51.24
N PRO G 82 -37.90 -1.65 -45.66
CA PRO G 82 -36.56 -2.17 -45.42
C PRO G 82 -36.28 -2.30 -43.91
N VAL G 83 -35.97 -3.53 -43.47
CA VAL G 83 -35.72 -3.86 -42.05
C VAL G 83 -34.23 -3.90 -41.77
N LEU G 84 -33.83 -3.22 -40.71
CA LEU G 84 -32.43 -3.12 -40.34
C LEU G 84 -32.16 -3.86 -39.03
N PRO G 85 -30.94 -4.37 -38.82
CA PRO G 85 -30.44 -4.86 -37.55
C PRO G 85 -30.30 -3.71 -36.55
N PHE G 86 -30.34 -4.05 -35.28
CA PHE G 86 -30.07 -3.11 -34.20
C PHE G 86 -28.98 -3.74 -33.37
N ASN G 87 -27.96 -2.98 -33.05
CA ASN G 87 -26.83 -3.56 -32.35
C ASN G 87 -26.58 -2.91 -31.01
N ASP G 88 -25.59 -2.04 -30.94
CA ASP G 88 -25.28 -1.34 -29.70
C ASP G 88 -26.12 -0.10 -29.64
N GLY G 89 -26.45 0.40 -30.82
CA GLY G 89 -27.27 1.57 -31.00
C GLY G 89 -27.33 1.91 -32.47
N VAL G 90 -28.30 2.72 -32.85
CA VAL G 90 -28.48 3.08 -34.24
C VAL G 90 -28.60 4.56 -34.50
N TYR G 91 -27.91 4.99 -35.53
CA TYR G 91 -28.01 6.35 -36.01
C TYR G 91 -29.01 6.37 -37.15
N PHE G 92 -29.92 7.31 -37.12
CA PHE G 92 -30.93 7.36 -38.16
C PHE G 92 -31.15 8.76 -38.66
N ALA G 93 -31.27 8.93 -39.96
CA ALA G 93 -31.57 10.26 -40.45
C ALA G 93 -32.46 10.22 -41.66
N SER G 94 -33.29 11.23 -41.82
CA SER G 94 -34.13 11.34 -43.01
C SER G 94 -34.15 12.75 -43.57
N THR G 95 -34.52 12.90 -44.85
CA THR G 95 -34.66 14.18 -45.53
C THR G 95 -35.98 14.21 -46.31
N GLY G 103 -42.57 6.94 -38.50
CA GLY G 103 -42.66 6.06 -37.34
C GLY G 103 -41.57 4.99 -37.43
N TRP G 104 -41.35 4.28 -36.32
CA TRP G 104 -40.37 3.18 -36.21
C TRP G 104 -40.94 2.03 -35.39
N ILE G 105 -40.49 0.82 -35.69
CA ILE G 105 -40.78 -0.34 -34.86
C ILE G 105 -39.48 -0.99 -34.43
N PHE G 106 -39.22 -1.06 -33.12
CA PHE G 106 -37.98 -1.62 -32.58
C PHE G 106 -38.23 -2.96 -31.92
N SER G 116 -41.94 -5.54 -28.89
CA SER G 116 -42.19 -4.62 -29.99
C SER G 116 -42.47 -3.20 -29.46
N LEU G 117 -41.47 -2.31 -29.60
CA LEU G 117 -41.55 -0.91 -29.19
C LEU G 117 -41.96 -0.10 -30.41
N LEU G 118 -43.16 0.41 -30.42
CA LEU G 118 -43.65 1.09 -31.60
C LEU G 118 -43.84 2.57 -31.40
N ILE G 119 -43.16 3.35 -32.25
CA ILE G 119 -43.26 4.79 -32.22
C ILE G 119 -44.04 5.24 -33.43
N VAL G 120 -45.21 5.76 -33.19
CA VAL G 120 -46.04 6.15 -34.32
C VAL G 120 -46.49 7.62 -34.03
N ASN G 121 -46.13 8.55 -34.93
CA ASN G 121 -46.39 10.00 -34.72
C ASN G 121 -47.88 10.29 -34.62
N VAL G 126 -47.44 12.48 -30.52
CA VAL G 126 -46.57 11.34 -30.80
C VAL G 126 -46.91 10.20 -29.83
N VAL G 127 -47.33 9.06 -30.37
CA VAL G 127 -47.74 7.89 -29.58
C VAL G 127 -46.65 6.82 -29.52
N ILE G 128 -46.21 6.51 -28.32
CA ILE G 128 -45.23 5.45 -28.16
C ILE G 128 -45.81 4.34 -27.31
N LYS G 129 -45.84 3.12 -27.83
CA LYS G 129 -46.41 2.03 -27.07
C LYS G 129 -45.60 0.75 -27.17
N VAL G 130 -45.60 -0.05 -26.10
CA VAL G 130 -44.94 -1.35 -26.04
C VAL G 130 -46.00 -2.44 -25.81
N PHE G 168 -46.34 -0.71 -21.23
CA PHE G 168 -45.77 0.64 -21.23
C PHE G 168 -46.37 1.48 -22.37
N GLU G 169 -46.72 2.74 -22.05
CA GLU G 169 -47.20 3.73 -23.02
C GLU G 169 -46.76 5.13 -22.62
N TYR G 170 -46.37 5.91 -23.62
CA TYR G 170 -45.95 7.29 -23.46
C TYR G 170 -46.51 8.12 -24.62
N VAL G 171 -47.07 9.28 -24.32
CA VAL G 171 -47.57 10.11 -25.40
C VAL G 171 -47.07 11.55 -25.25
N SER G 172 -46.56 12.12 -26.35
CA SER G 172 -46.05 13.50 -26.40
C SER G 172 -46.28 14.08 -27.81
N ASN G 188 -35.53 19.67 -45.14
CA ASN G 188 -34.92 19.69 -43.81
C ASN G 188 -34.39 18.30 -43.47
N LEU G 189 -33.34 18.24 -42.64
CA LEU G 189 -32.71 17.01 -42.16
C LEU G 189 -33.17 16.65 -40.75
N ARG G 190 -33.71 15.46 -40.62
CA ARG G 190 -34.23 14.94 -39.36
C ARG G 190 -33.22 13.95 -38.82
N GLU G 191 -32.45 14.35 -37.81
CA GLU G 191 -31.36 13.50 -37.34
C GLU G 191 -31.65 12.92 -35.96
N PHE G 192 -31.60 11.59 -35.86
CA PHE G 192 -31.93 10.88 -34.64
C PHE G 192 -30.88 9.90 -34.21
N VAL G 193 -30.83 9.64 -32.92
CA VAL G 193 -30.05 8.55 -32.40
C VAL G 193 -30.90 7.71 -31.46
N PHE G 194 -30.82 6.40 -31.60
CA PHE G 194 -31.57 5.48 -30.77
C PHE G 194 -30.64 4.48 -30.10
N LYS G 195 -30.60 4.48 -28.78
CA LYS G 195 -29.77 3.52 -28.06
C LYS G 195 -30.54 2.99 -26.86
N ASN G 196 -30.17 1.83 -26.35
CA ASN G 196 -30.81 1.39 -25.12
C ASN G 196 -29.86 0.75 -24.13
N ILE G 197 -29.87 1.28 -22.92
CA ILE G 197 -28.99 0.82 -21.86
C ILE G 197 -29.73 0.60 -20.55
N ASP G 198 -29.47 -0.52 -19.89
CA ASP G 198 -30.06 -0.78 -18.58
C ASP G 198 -31.56 -0.60 -18.57
N GLY G 199 -32.22 -0.98 -19.67
CA GLY G 199 -33.67 -0.89 -19.76
C GLY G 199 -34.21 0.44 -20.26
N TYR G 200 -33.35 1.43 -20.42
CA TYR G 200 -33.81 2.73 -20.88
C TYR G 200 -33.57 2.91 -22.36
N PHE G 201 -34.64 3.23 -23.08
CA PHE G 201 -34.55 3.47 -24.50
C PHE G 201 -34.43 4.98 -24.67
N LYS G 202 -33.26 5.41 -25.12
CA LYS G 202 -32.95 6.82 -25.21
C LYS G 202 -33.10 7.30 -26.63
N ILE G 203 -33.82 8.39 -26.81
CA ILE G 203 -33.92 8.98 -28.13
C ILE G 203 -33.29 10.35 -28.09
N TYR G 204 -32.39 10.60 -29.03
CA TYR G 204 -31.74 11.88 -29.21
C TYR G 204 -32.22 12.46 -30.52
N SER G 205 -32.37 13.77 -30.62
CA SER G 205 -32.86 14.32 -31.87
C SER G 205 -32.56 15.79 -32.12
N LYS G 206 -32.32 16.11 -33.39
CA LYS G 206 -32.22 17.49 -33.82
C LYS G 206 -32.77 17.65 -35.24
N HIS G 207 -33.31 18.83 -35.52
CA HIS G 207 -33.85 19.11 -36.84
C HIS G 207 -33.20 20.36 -37.39
N THR G 208 -32.54 20.24 -38.55
CA THR G 208 -31.84 21.37 -39.14
C THR G 208 -32.22 21.55 -40.61
N PRO G 209 -32.13 22.77 -41.14
CA PRO G 209 -32.29 23.10 -42.55
C PRO G 209 -31.09 22.61 -43.34
N ILE G 210 -31.29 22.31 -44.63
CA ILE G 210 -30.24 21.87 -45.56
C ILE G 210 -30.36 22.63 -46.88
N LEU G 216 -25.15 12.50 -46.57
CA LEU G 216 -25.37 13.44 -45.50
C LEU G 216 -24.55 14.72 -45.74
N PRO G 217 -25.00 15.91 -45.25
CA PRO G 217 -24.33 17.21 -45.36
C PRO G 217 -23.14 17.31 -44.42
N GLN G 218 -22.29 18.30 -44.68
CA GLN G 218 -21.16 18.57 -43.80
C GLN G 218 -21.52 19.60 -42.73
N GLY G 219 -20.76 19.59 -41.65
CA GLY G 219 -20.91 20.54 -40.55
C GLY G 219 -21.30 19.82 -39.26
N PHE G 220 -20.54 20.09 -38.20
CA PHE G 220 -20.77 19.46 -36.90
C PHE G 220 -21.95 20.01 -36.14
N SER G 221 -22.73 19.11 -35.55
CA SER G 221 -23.82 19.48 -34.65
C SER G 221 -24.10 18.34 -33.68
N ALA G 222 -24.33 18.66 -32.41
CA ALA G 222 -24.66 17.62 -31.45
C ALA G 222 -26.16 17.53 -31.25
N LEU G 223 -26.64 16.32 -31.01
CA LEU G 223 -28.05 16.07 -30.77
C LEU G 223 -28.43 16.13 -29.31
N GLU G 224 -29.43 16.93 -29.00
CA GLU G 224 -29.94 17.03 -27.64
C GLU G 224 -30.81 15.81 -27.36
N PRO G 225 -30.88 15.33 -26.11
CA PRO G 225 -31.78 14.29 -25.65
C PRO G 225 -33.23 14.68 -25.90
N LEU G 226 -34.03 13.72 -26.34
CA LEU G 226 -35.45 13.95 -26.57
C LEU G 226 -36.28 13.32 -25.46
N VAL G 227 -36.08 12.02 -25.22
CA VAL G 227 -36.82 11.32 -24.19
C VAL G 227 -36.10 10.07 -23.68
N ASP G 228 -36.22 9.82 -22.38
CA ASP G 228 -35.68 8.61 -21.76
C ASP G 228 -36.83 7.69 -21.35
N LEU G 229 -36.98 6.56 -22.04
CA LEU G 229 -38.11 5.68 -21.78
C LEU G 229 -37.72 4.42 -20.97
N PRO G 230 -38.22 4.25 -19.73
CA PRO G 230 -37.94 3.16 -18.82
C PRO G 230 -38.74 1.92 -19.22
N ILE G 231 -38.27 1.24 -20.26
CA ILE G 231 -39.03 0.16 -20.87
C ILE G 231 -38.63 -1.24 -20.42
N GLY G 232 -37.33 -1.52 -20.30
CA GLY G 232 -36.84 -2.83 -19.85
C GLY G 232 -36.90 -3.97 -20.88
N ILE G 233 -36.79 -3.64 -22.16
CA ILE G 233 -36.86 -4.61 -23.25
C ILE G 233 -35.58 -4.59 -24.09
N ASN G 234 -35.16 -5.76 -24.64
CA ASN G 234 -34.00 -5.90 -25.53
C ASN G 234 -34.40 -5.94 -26.99
N ILE G 235 -34.08 -4.91 -27.77
CA ILE G 235 -34.41 -4.88 -29.20
C ILE G 235 -33.17 -5.18 -30.06
N THR G 236 -33.32 -6.10 -31.02
CA THR G 236 -32.19 -6.40 -31.91
C THR G 236 -32.49 -6.13 -33.37
N ARG G 237 -33.74 -5.83 -33.69
CA ARG G 237 -34.12 -5.52 -35.05
C ARG G 237 -35.03 -4.31 -35.05
N PHE G 238 -35.03 -3.54 -36.12
CA PHE G 238 -36.01 -2.48 -36.19
C PHE G 238 -36.41 -2.23 -37.62
N GLN G 239 -37.55 -1.61 -37.80
CA GLN G 239 -38.06 -1.30 -39.12
C GLN G 239 -38.50 0.15 -39.19
N THR G 240 -38.29 0.78 -40.32
CA THR G 240 -38.73 2.15 -40.48
C THR G 240 -39.99 2.22 -41.36
N LEU G 241 -41.00 2.99 -40.91
CA LEU G 241 -42.27 3.18 -41.62
C LEU G 241 -42.64 4.66 -41.63
N TYR G 265 -33.41 8.86 -45.86
CA TYR G 265 -33.41 7.67 -45.03
C TYR G 265 -32.00 7.04 -45.01
N TYR G 266 -31.29 7.25 -43.90
CA TYR G 266 -29.91 6.77 -43.69
C TYR G 266 -29.83 5.98 -42.39
N VAL G 267 -29.12 4.87 -42.41
CA VAL G 267 -28.94 4.11 -41.18
C VAL G 267 -27.47 3.83 -40.89
N GLY G 268 -27.02 4.24 -39.72
CA GLY G 268 -25.65 4.01 -39.31
C GLY G 268 -25.65 3.26 -38.01
N TYR G 269 -24.46 2.97 -37.49
CA TYR G 269 -24.40 2.25 -36.23
C TYR G 269 -23.45 2.89 -35.25
N LEU G 270 -23.76 2.74 -33.98
CA LEU G 270 -22.92 3.28 -32.93
C LEU G 270 -22.03 2.18 -32.39
N GLN G 271 -20.88 2.57 -31.84
CA GLN G 271 -20.00 1.60 -31.19
C GLN G 271 -19.13 2.31 -30.15
N PRO G 272 -18.57 1.60 -29.15
CA PRO G 272 -17.74 2.16 -28.10
C PRO G 272 -16.48 2.81 -28.63
N ARG G 273 -16.42 4.12 -28.51
CA ARG G 273 -15.29 4.91 -28.99
C ARG G 273 -15.05 6.08 -28.04
N THR G 274 -13.84 6.61 -28.06
CA THR G 274 -13.57 7.76 -27.21
C THR G 274 -13.59 9.02 -28.05
N PHE G 275 -14.39 9.97 -27.62
CA PHE G 275 -14.51 11.26 -28.27
C PHE G 275 -14.07 12.39 -27.40
N LEU G 276 -13.43 13.37 -28.01
CA LEU G 276 -13.09 14.56 -27.28
C LEU G 276 -14.17 15.56 -27.66
N LEU G 277 -14.68 16.30 -26.69
CA LEU G 277 -15.73 17.26 -26.98
C LEU G 277 -15.34 18.66 -26.56
N LYS G 278 -15.55 19.61 -27.46
CA LYS G 278 -15.26 21.00 -27.14
C LYS G 278 -16.54 21.76 -26.86
N TYR G 279 -16.65 22.30 -25.65
CA TYR G 279 -17.82 23.08 -25.24
C TYR G 279 -17.54 24.57 -25.27
N ASN G 280 -18.55 25.36 -25.62
CA ASN G 280 -18.43 26.81 -25.57
C ASN G 280 -18.96 27.35 -24.25
N GLU G 281 -18.99 28.67 -24.14
CA GLU G 281 -19.49 29.35 -22.94
C GLU G 281 -20.97 29.07 -22.62
N ASN G 282 -21.77 28.71 -23.64
CA ASN G 282 -23.21 28.46 -23.53
C ASN G 282 -23.57 26.98 -23.26
N GLY G 283 -22.56 26.10 -23.06
CA GLY G 283 -22.78 24.68 -22.76
C GLY G 283 -23.07 23.84 -23.99
N THR G 284 -22.88 24.43 -25.15
CA THR G 284 -23.13 23.77 -26.42
C THR G 284 -21.86 23.13 -26.94
N ILE G 285 -21.98 21.91 -27.47
CA ILE G 285 -20.82 21.27 -28.04
C ILE G 285 -20.61 21.85 -29.42
N THR G 286 -19.44 22.42 -29.67
CA THR G 286 -19.19 23.08 -30.93
C THR G 286 -18.29 22.26 -31.84
N ASP G 287 -17.56 21.32 -31.26
CA ASP G 287 -16.69 20.46 -32.06
C ASP G 287 -16.47 19.10 -31.39
N ALA G 288 -15.77 18.20 -32.08
CA ALA G 288 -15.45 16.89 -31.50
C ALA G 288 -14.31 16.18 -32.25
N VAL G 289 -13.60 15.31 -31.53
CA VAL G 289 -12.52 14.49 -32.11
C VAL G 289 -12.71 13.02 -31.84
N ASP G 290 -12.61 12.19 -32.89
CA ASP G 290 -12.64 10.75 -32.68
C ASP G 290 -11.22 10.27 -32.44
N CYS G 291 -10.92 9.90 -31.19
CA CYS G 291 -9.57 9.60 -30.70
C CYS G 291 -9.00 8.36 -31.37
N ALA G 292 -9.83 7.63 -32.10
CA ALA G 292 -9.38 6.42 -32.77
C ALA G 292 -9.42 6.54 -34.29
N LEU G 293 -9.71 7.72 -34.83
CA LEU G 293 -9.83 7.85 -36.27
C LEU G 293 -8.48 7.79 -36.99
N ASP G 294 -7.51 8.56 -36.51
CA ASP G 294 -6.19 8.60 -37.13
C ASP G 294 -5.18 9.13 -36.10
N PRO G 295 -3.86 9.10 -36.39
CA PRO G 295 -2.77 9.55 -35.52
C PRO G 295 -2.82 11.02 -35.11
N LEU G 296 -3.49 11.88 -35.86
CA LEU G 296 -3.50 13.27 -35.45
C LEU G 296 -4.58 13.44 -34.40
N SER G 297 -5.69 12.73 -34.61
CA SER G 297 -6.76 12.75 -33.63
C SER G 297 -6.29 12.13 -32.33
N GLU G 298 -5.46 11.09 -32.42
CA GLU G 298 -4.92 10.48 -31.22
C GLU G 298 -4.06 11.48 -30.45
N THR G 299 -3.28 12.27 -31.19
CA THR G 299 -2.43 13.29 -30.59
C THR G 299 -3.28 14.34 -29.90
N LYS G 300 -4.33 14.80 -30.57
CA LYS G 300 -5.23 15.81 -30.00
C LYS G 300 -5.86 15.35 -28.68
N CYS G 301 -6.31 14.08 -28.62
CA CYS G 301 -6.91 13.49 -27.42
C CYS G 301 -5.88 13.33 -26.31
N THR G 302 -4.67 12.90 -26.68
CA THR G 302 -3.59 12.71 -25.73
C THR G 302 -3.24 14.00 -25.02
N LEU G 303 -3.20 15.09 -25.76
CA LEU G 303 -2.84 16.39 -25.23
C LEU G 303 -4.05 17.17 -24.72
N LYS G 304 -5.23 16.58 -24.81
CA LYS G 304 -6.47 17.24 -24.42
C LYS G 304 -6.61 18.61 -25.08
N SER G 305 -6.41 18.66 -26.40
CA SER G 305 -6.50 19.92 -27.12
C SER G 305 -6.91 19.71 -28.57
N PHE G 306 -7.65 20.66 -29.13
CA PHE G 306 -8.04 20.58 -30.54
C PHE G 306 -6.99 21.21 -31.43
N THR G 307 -5.96 21.77 -30.81
CA THR G 307 -4.84 22.37 -31.51
C THR G 307 -3.55 21.73 -31.02
N VAL G 308 -2.70 21.32 -31.95
CA VAL G 308 -1.45 20.69 -31.58
C VAL G 308 -0.25 21.49 -32.04
N GLU G 309 0.65 21.77 -31.09
CA GLU G 309 1.88 22.51 -31.37
C GLU G 309 2.88 21.58 -32.03
N LYS G 310 3.85 22.13 -32.75
CA LYS G 310 4.78 21.23 -33.40
C LYS G 310 5.59 20.47 -32.37
N GLY G 311 5.85 19.21 -32.68
CA GLY G 311 6.67 18.39 -31.81
C GLY G 311 6.40 16.92 -32.01
N ILE G 312 7.00 16.10 -31.15
CA ILE G 312 6.81 14.67 -31.21
C ILE G 312 6.10 14.23 -29.94
N TYR G 313 4.99 13.52 -30.08
CA TYR G 313 4.23 13.12 -28.90
C TYR G 313 3.92 11.64 -28.88
N GLN G 314 4.05 11.01 -27.73
CA GLN G 314 3.67 9.60 -27.64
C GLN G 314 2.19 9.51 -27.34
N THR G 315 1.46 8.79 -28.19
CA THR G 315 0.01 8.74 -28.05
C THR G 315 -0.53 7.37 -27.69
N SER G 316 0.19 6.33 -28.07
CA SER G 316 -0.28 4.98 -27.84
C SER G 316 0.88 4.01 -27.86
N ASN G 317 0.63 2.78 -27.44
CA ASN G 317 1.67 1.76 -27.57
C ASN G 317 1.38 0.82 -28.73
N PHE G 318 2.44 0.27 -29.28
CA PHE G 318 2.40 -0.76 -30.30
C PHE G 318 2.78 -2.07 -29.66
N ARG G 319 2.06 -3.12 -30.00
CA ARG G 319 2.41 -4.42 -29.46
C ARG G 319 2.03 -5.53 -30.43
N VAL G 320 3.00 -6.35 -30.80
CA VAL G 320 2.75 -7.45 -31.70
C VAL G 320 2.07 -8.60 -30.95
N GLN G 321 0.97 -9.07 -31.51
CA GLN G 321 0.21 -10.16 -30.91
C GLN G 321 0.64 -11.49 -31.51
N PRO G 322 0.49 -12.59 -30.76
CA PRO G 322 0.75 -13.93 -31.21
C PRO G 322 -0.25 -14.32 -32.28
N THR G 323 0.20 -15.08 -33.25
CA THR G 323 -0.66 -15.53 -34.32
C THR G 323 -0.98 -17.00 -34.23
N GLU G 324 -0.13 -17.74 -33.53
CA GLU G 324 -0.36 -19.18 -33.37
C GLU G 324 -0.05 -19.62 -31.96
N SER G 325 -0.29 -20.91 -31.69
CA SER G 325 -0.02 -21.49 -30.39
C SER G 325 0.51 -22.90 -30.56
N ILE G 326 1.67 -23.15 -29.97
CA ILE G 326 2.30 -24.45 -30.10
C ILE G 326 2.62 -25.07 -28.75
N VAL G 327 2.51 -26.40 -28.67
CA VAL G 327 2.88 -27.11 -27.47
C VAL G 327 3.84 -28.21 -27.86
N ARG G 328 4.93 -28.37 -27.14
CA ARG G 328 5.91 -29.37 -27.53
C ARG G 328 6.28 -30.30 -26.39
N PHE G 329 6.20 -31.60 -26.62
CA PHE G 329 6.62 -32.57 -25.63
C PHE G 329 7.46 -33.68 -26.29
N PRO G 330 8.39 -34.28 -25.57
CA PRO G 330 9.17 -35.44 -25.97
C PRO G 330 8.28 -36.48 -26.61
N ASN G 331 8.63 -37.04 -27.79
CA ASN G 331 7.78 -38.01 -28.46
C ASN G 331 7.84 -39.36 -27.73
N ILE G 332 6.75 -39.73 -27.08
CA ILE G 332 6.69 -40.83 -26.11
C ILE G 332 6.61 -42.23 -26.69
N THR G 333 7.47 -43.09 -26.17
CA THR G 333 7.56 -44.50 -26.50
C THR G 333 7.15 -45.33 -25.29
N ASN G 334 7.06 -44.66 -24.15
CA ASN G 334 6.81 -45.30 -22.86
C ASN G 334 5.33 -45.51 -22.62
N LEU G 335 4.76 -46.46 -23.34
CA LEU G 335 3.33 -46.74 -23.24
C LEU G 335 3.13 -47.89 -22.24
N CYS G 336 2.01 -47.88 -21.51
CA CYS G 336 1.69 -48.89 -20.51
C CYS G 336 1.52 -50.27 -21.16
N PRO G 337 2.09 -51.35 -20.56
CA PRO G 337 1.97 -52.74 -20.99
C PRO G 337 0.55 -53.27 -20.89
N PHE G 338 -0.35 -52.66 -21.68
CA PHE G 338 -1.74 -53.04 -21.74
C PHE G 338 -1.92 -54.29 -22.57
N GLY G 339 -0.96 -54.57 -23.43
CA GLY G 339 -1.05 -55.77 -24.26
C GLY G 339 -1.14 -57.04 -23.41
N GLU G 340 -0.47 -57.07 -22.28
CA GLU G 340 -0.46 -58.25 -21.41
C GLU G 340 -1.71 -58.36 -20.55
N VAL G 341 -2.57 -57.36 -20.66
CA VAL G 341 -3.82 -57.32 -19.92
C VAL G 341 -4.99 -57.66 -20.83
N PHE G 342 -4.96 -57.09 -22.03
CA PHE G 342 -6.05 -57.23 -22.99
C PHE G 342 -5.80 -58.24 -24.14
N ASN G 343 -4.52 -58.48 -24.50
CA ASN G 343 -4.12 -59.35 -25.63
C ASN G 343 -3.39 -60.61 -25.13
N ALA G 344 -3.52 -60.96 -23.86
CA ALA G 344 -2.92 -62.16 -23.24
C ALA G 344 -3.70 -63.41 -23.64
N THR G 345 -3.05 -64.57 -23.51
CA THR G 345 -3.72 -65.84 -23.82
C THR G 345 -4.28 -66.51 -22.57
N ARG G 346 -3.58 -66.39 -21.45
CA ARG G 346 -4.01 -67.09 -20.25
C ARG G 346 -4.51 -66.14 -19.17
N PHE G 347 -5.70 -66.42 -18.66
CA PHE G 347 -6.33 -65.61 -17.64
C PHE G 347 -6.72 -66.44 -16.43
N ALA G 348 -6.69 -65.82 -15.26
CA ALA G 348 -7.17 -66.45 -14.06
C ALA G 348 -8.69 -66.45 -14.06
N SER G 349 -9.26 -67.40 -13.35
CA SER G 349 -10.71 -67.46 -13.22
C SER G 349 -11.20 -66.44 -12.18
N VAL G 350 -12.49 -66.16 -12.18
CA VAL G 350 -13.02 -65.13 -11.30
C VAL G 350 -12.89 -65.42 -9.82
N TYR G 351 -12.93 -66.68 -9.41
CA TYR G 351 -12.84 -66.96 -7.97
C TYR G 351 -11.50 -66.54 -7.38
N ALA G 352 -10.46 -66.47 -8.21
CA ALA G 352 -9.12 -66.11 -7.78
C ALA G 352 -8.43 -65.38 -8.93
N TRP G 353 -8.90 -64.17 -9.18
CA TRP G 353 -8.53 -63.33 -10.31
C TRP G 353 -7.10 -62.81 -10.20
N ASN G 354 -6.47 -62.51 -11.34
CA ASN G 354 -5.09 -62.02 -11.34
C ASN G 354 -5.03 -60.51 -11.58
N ARG G 355 -3.90 -59.89 -11.20
CA ARG G 355 -3.77 -58.45 -11.42
C ARG G 355 -2.36 -58.01 -11.82
N LYS G 356 -2.29 -56.90 -12.56
CA LYS G 356 -1.01 -56.29 -12.92
C LYS G 356 -0.89 -54.88 -12.32
N ARG G 357 0.30 -54.54 -11.84
CA ARG G 357 0.57 -53.20 -11.33
C ARG G 357 1.24 -52.36 -12.40
N ILE G 358 0.59 -51.30 -12.81
CA ILE G 358 1.05 -50.49 -13.93
C ILE G 358 1.58 -49.12 -13.53
N SER G 359 2.85 -48.87 -13.88
CA SER G 359 3.58 -47.66 -13.52
C SER G 359 4.56 -47.20 -14.60
N ASN G 360 5.08 -45.99 -14.40
CA ASN G 360 6.09 -45.32 -15.23
C ASN G 360 5.78 -45.38 -16.73
N CYS G 361 4.57 -44.96 -17.12
CA CYS G 361 4.08 -45.05 -18.48
C CYS G 361 2.91 -44.12 -18.76
N VAL G 362 2.54 -44.05 -20.04
CA VAL G 362 1.32 -43.38 -20.41
C VAL G 362 0.28 -44.38 -20.89
N ALA G 363 -0.93 -44.19 -20.42
CA ALA G 363 -2.04 -45.04 -20.73
C ALA G 363 -2.72 -44.56 -21.97
N ASP G 364 -2.47 -45.24 -23.08
CA ASP G 364 -3.05 -44.79 -24.33
C ASP G 364 -4.47 -45.28 -24.43
N TYR G 365 -5.37 -44.53 -23.79
CA TYR G 365 -6.76 -44.92 -23.63
C TYR G 365 -7.46 -45.01 -24.98
N SER G 366 -6.91 -44.32 -25.97
CA SER G 366 -7.48 -44.32 -27.31
C SER G 366 -7.53 -45.73 -27.87
N VAL G 367 -6.50 -46.51 -27.60
CA VAL G 367 -6.40 -47.87 -28.10
C VAL G 367 -7.50 -48.74 -27.51
N LEU G 368 -7.85 -48.47 -26.25
CA LEU G 368 -8.85 -49.28 -25.60
C LEU G 368 -10.27 -48.85 -25.95
N TYR G 369 -10.55 -47.55 -25.98
CA TYR G 369 -11.95 -47.22 -26.22
C TYR G 369 -12.36 -47.38 -27.69
N ASN G 370 -11.39 -47.38 -28.61
CA ASN G 370 -11.75 -47.57 -30.01
C ASN G 370 -11.56 -49.02 -30.43
N SER G 371 -11.43 -49.94 -29.47
CA SER G 371 -11.21 -51.34 -29.79
C SER G 371 -12.32 -51.90 -30.66
N ALA G 372 -11.93 -52.73 -31.61
CA ALA G 372 -12.84 -53.31 -32.57
C ALA G 372 -13.79 -54.32 -31.96
N SER G 373 -13.51 -54.78 -30.74
CA SER G 373 -14.35 -55.83 -30.15
C SER G 373 -14.86 -55.60 -28.73
N PHE G 374 -14.88 -54.36 -28.23
CA PHE G 374 -15.35 -54.19 -26.84
C PHE G 374 -16.86 -54.01 -26.80
N SER G 375 -17.53 -54.94 -26.10
CA SER G 375 -18.98 -54.95 -26.04
C SER G 375 -19.45 -53.89 -25.07
N THR G 376 -18.64 -53.67 -24.04
CA THR G 376 -18.94 -52.67 -23.04
C THR G 376 -17.66 -52.03 -22.52
N PHE G 377 -17.79 -50.77 -22.12
CA PHE G 377 -16.70 -49.98 -21.59
C PHE G 377 -17.32 -48.89 -20.74
N LYS G 378 -17.11 -48.95 -19.43
CA LYS G 378 -17.75 -47.97 -18.57
C LYS G 378 -16.81 -47.49 -17.47
N CYS G 379 -16.80 -46.18 -17.20
CA CYS G 379 -15.93 -45.56 -16.20
C CYS G 379 -16.74 -44.93 -15.07
N TYR G 380 -16.19 -45.07 -13.87
CA TYR G 380 -16.80 -44.54 -12.67
C TYR G 380 -15.91 -43.48 -12.04
N GLY G 381 -16.50 -42.30 -11.85
CA GLY G 381 -15.82 -41.16 -11.24
C GLY G 381 -15.09 -40.31 -12.27
N VAL G 382 -15.03 -40.80 -13.51
CA VAL G 382 -14.34 -40.10 -14.57
C VAL G 382 -14.90 -40.46 -15.94
N SER G 383 -14.94 -39.48 -16.83
CA SER G 383 -15.38 -39.70 -18.21
C SER G 383 -14.22 -40.15 -19.09
N PRO G 384 -14.39 -41.18 -19.95
CA PRO G 384 -13.40 -41.72 -20.87
C PRO G 384 -12.67 -40.64 -21.68
N THR G 385 -13.40 -39.62 -22.09
CA THR G 385 -12.83 -38.56 -22.93
C THR G 385 -11.91 -37.60 -22.18
N LYS G 386 -11.90 -37.68 -20.85
CA LYS G 386 -11.06 -36.81 -20.04
C LYS G 386 -9.88 -37.56 -19.43
N LEU G 387 -9.77 -38.86 -19.71
CA LEU G 387 -8.76 -39.66 -19.05
C LEU G 387 -7.33 -39.22 -19.38
N ASN G 388 -7.13 -38.64 -20.57
CA ASN G 388 -5.79 -38.23 -20.98
C ASN G 388 -5.34 -36.94 -20.30
N ASP G 389 -6.22 -36.29 -19.56
CA ASP G 389 -5.87 -35.03 -18.91
C ASP G 389 -5.61 -35.18 -17.43
N LEU G 390 -5.55 -36.39 -16.94
CA LEU G 390 -5.34 -36.59 -15.52
C LEU G 390 -4.31 -37.70 -15.27
N CYS G 391 -3.56 -37.55 -14.14
CA CYS G 391 -2.48 -38.50 -13.84
C CYS G 391 -2.71 -39.14 -12.45
N PHE G 392 -2.67 -40.44 -12.47
CA PHE G 392 -2.83 -41.22 -11.24
C PHE G 392 -1.50 -41.66 -10.66
N THR G 393 -1.51 -42.00 -9.38
CA THR G 393 -0.29 -42.48 -8.75
C THR G 393 0.06 -43.83 -9.35
N ASN G 394 -0.95 -44.68 -9.45
CA ASN G 394 -0.78 -46.02 -10.02
C ASN G 394 -2.10 -46.50 -10.58
N VAL G 395 -2.07 -47.40 -11.55
CA VAL G 395 -3.32 -48.01 -11.98
C VAL G 395 -3.14 -49.53 -11.96
N TYR G 396 -4.21 -50.24 -11.68
CA TYR G 396 -4.11 -51.69 -11.61
C TYR G 396 -5.08 -52.35 -12.54
N ALA G 397 -4.62 -53.39 -13.21
CA ALA G 397 -5.48 -54.11 -14.14
C ALA G 397 -5.85 -55.48 -13.62
N ASP G 398 -7.09 -55.63 -13.18
CA ASP G 398 -7.59 -56.88 -12.63
C ASP G 398 -8.31 -57.65 -13.71
N SER G 399 -7.91 -58.89 -13.95
CA SER G 399 -8.53 -59.63 -15.04
C SER G 399 -9.05 -61.00 -14.66
N PHE G 400 -10.19 -61.33 -15.26
CA PHE G 400 -10.87 -62.60 -15.02
C PHE G 400 -11.91 -62.95 -16.09
N VAL G 401 -12.37 -64.20 -16.07
CA VAL G 401 -13.42 -64.63 -16.99
C VAL G 401 -14.69 -65.10 -16.27
N ILE G 402 -15.81 -64.52 -16.71
CA ILE G 402 -17.17 -64.78 -16.22
C ILE G 402 -18.11 -65.02 -17.40
N ARG G 403 -19.37 -65.38 -17.16
CA ARG G 403 -20.25 -65.58 -18.32
C ARG G 403 -20.87 -64.25 -18.76
N GLY G 404 -21.36 -64.22 -19.97
CA GLY G 404 -21.96 -63.02 -20.56
C GLY G 404 -22.94 -62.24 -19.67
N ASP G 405 -23.97 -62.88 -19.12
CA ASP G 405 -24.97 -62.13 -18.36
C ASP G 405 -24.55 -61.83 -16.93
N GLU G 406 -23.33 -62.21 -16.61
CA GLU G 406 -22.77 -62.04 -15.30
C GLU G 406 -22.02 -60.71 -15.24
N VAL G 407 -21.76 -60.14 -16.42
CA VAL G 407 -20.94 -58.94 -16.54
C VAL G 407 -21.55 -57.72 -15.88
N ARG G 408 -22.86 -57.67 -15.70
CA ARG G 408 -23.42 -56.49 -15.08
C ARG G 408 -23.12 -56.46 -13.57
N GLN G 409 -22.59 -57.54 -13.02
CA GLN G 409 -22.26 -57.58 -11.59
C GLN G 409 -20.92 -56.92 -11.29
N ILE G 410 -20.11 -56.66 -12.30
CA ILE G 410 -18.82 -56.05 -12.01
C ILE G 410 -18.95 -54.53 -12.12
N ALA G 411 -19.59 -53.99 -11.10
CA ALA G 411 -19.92 -52.58 -10.99
C ALA G 411 -20.21 -52.26 -9.52
N PRO G 412 -20.01 -51.01 -9.08
CA PRO G 412 -20.31 -50.54 -7.75
C PRO G 412 -21.80 -50.58 -7.51
N GLY G 413 -22.18 -50.97 -6.31
CA GLY G 413 -23.59 -50.99 -5.92
C GLY G 413 -24.30 -52.28 -6.33
N GLN G 414 -23.57 -53.20 -6.97
CA GLN G 414 -24.20 -54.44 -7.42
C GLN G 414 -24.03 -55.57 -6.42
N THR G 415 -24.95 -56.52 -6.51
CA THR G 415 -24.99 -57.73 -5.69
C THR G 415 -25.23 -58.96 -6.56
N GLY G 416 -24.79 -60.11 -6.08
CA GLY G 416 -24.98 -61.35 -6.85
C GLY G 416 -23.86 -62.36 -6.64
N LYS G 417 -23.92 -63.45 -7.38
CA LYS G 417 -22.96 -64.53 -7.21
C LYS G 417 -21.50 -64.08 -7.32
N ILE G 418 -21.19 -63.18 -8.25
CA ILE G 418 -19.81 -62.75 -8.35
C ILE G 418 -19.56 -61.57 -7.44
N ALA G 419 -20.48 -60.61 -7.45
CA ALA G 419 -20.29 -59.41 -6.66
C ALA G 419 -20.03 -59.73 -5.19
N ASP G 420 -20.70 -60.76 -4.66
CA ASP G 420 -20.53 -61.11 -3.26
C ASP G 420 -19.55 -62.26 -2.97
N TYR G 421 -19.39 -63.22 -3.88
CA TYR G 421 -18.57 -64.39 -3.57
C TYR G 421 -17.19 -64.44 -4.25
N ASN G 422 -17.01 -63.79 -5.41
CA ASN G 422 -15.75 -63.95 -6.13
C ASN G 422 -14.98 -62.65 -6.38
N TYR G 423 -15.69 -61.58 -6.74
CA TYR G 423 -15.02 -60.31 -6.99
C TYR G 423 -15.87 -59.17 -6.47
N LYS G 424 -15.49 -58.63 -5.32
CA LYS G 424 -16.25 -57.54 -4.74
C LYS G 424 -15.74 -56.21 -5.27
N LEU G 425 -16.64 -55.44 -5.86
CA LEU G 425 -16.33 -54.14 -6.45
C LEU G 425 -16.90 -53.06 -5.51
N PRO G 426 -16.05 -52.24 -4.87
CA PRO G 426 -16.42 -51.24 -3.87
C PRO G 426 -17.30 -50.14 -4.43
N ASP G 427 -18.17 -49.61 -3.58
CA ASP G 427 -19.09 -48.54 -3.94
C ASP G 427 -18.40 -47.20 -4.20
N ASP G 428 -17.17 -47.06 -3.72
CA ASP G 428 -16.39 -45.85 -3.93
C ASP G 428 -15.34 -46.07 -5.00
N PHE G 429 -15.52 -47.12 -5.80
CA PHE G 429 -14.59 -47.46 -6.87
C PHE G 429 -14.41 -46.37 -7.91
N THR G 430 -13.15 -46.10 -8.23
CA THR G 430 -12.79 -45.20 -9.31
C THR G 430 -11.98 -46.01 -10.29
N GLY G 431 -12.39 -45.98 -11.54
CA GLY G 431 -11.73 -46.79 -12.56
C GLY G 431 -12.65 -47.09 -13.72
N CYS G 432 -12.18 -47.93 -14.66
CA CYS G 432 -12.92 -48.29 -15.87
C CYS G 432 -13.03 -49.81 -16.01
N VAL G 433 -14.21 -50.27 -16.38
CA VAL G 433 -14.47 -51.68 -16.57
C VAL G 433 -14.71 -51.98 -18.05
N ILE G 434 -13.91 -52.89 -18.58
CA ILE G 434 -13.94 -53.25 -19.98
C ILE G 434 -14.29 -54.73 -20.16
N ALA G 435 -15.24 -55.04 -21.03
CA ALA G 435 -15.55 -56.45 -21.20
C ALA G 435 -15.97 -56.78 -22.62
N TRP G 436 -15.68 -58.01 -23.03
CA TRP G 436 -16.03 -58.45 -24.36
C TRP G 436 -16.21 -59.96 -24.51
N ASN G 437 -16.81 -60.34 -25.62
CA ASN G 437 -17.04 -61.74 -25.95
C ASN G 437 -15.73 -62.40 -26.39
N SER G 438 -15.24 -63.35 -25.60
CA SER G 438 -13.96 -63.99 -25.85
C SER G 438 -14.13 -65.43 -26.29
N ASN G 439 -15.35 -65.79 -26.70
CA ASN G 439 -15.70 -67.16 -27.07
C ASN G 439 -14.64 -67.85 -27.91
N ASN G 440 -14.16 -67.17 -28.94
CA ASN G 440 -13.26 -67.79 -29.91
C ASN G 440 -11.95 -68.28 -29.30
N LEU G 441 -11.53 -67.69 -28.19
CA LEU G 441 -10.26 -68.08 -27.57
C LEU G 441 -10.43 -68.96 -26.33
N ASP G 442 -11.69 -69.24 -25.96
CA ASP G 442 -11.97 -69.97 -24.72
C ASP G 442 -12.83 -71.22 -24.90
N SER G 443 -14.00 -71.04 -25.50
CA SER G 443 -15.03 -72.08 -25.53
C SER G 443 -14.61 -73.29 -26.35
N LYS G 444 -15.03 -74.47 -25.91
CA LYS G 444 -14.66 -75.71 -26.60
C LYS G 444 -15.88 -76.59 -26.89
N VAL G 445 -15.84 -77.28 -28.04
CA VAL G 445 -16.86 -78.24 -28.47
C VAL G 445 -16.96 -79.43 -27.51
N ASN G 448 -16.09 -76.31 -21.92
CA ASN G 448 -14.88 -75.71 -21.40
C ASN G 448 -14.95 -75.59 -19.87
N TYR G 449 -14.78 -76.71 -19.17
CA TYR G 449 -14.81 -76.76 -17.71
C TYR G 449 -13.44 -76.39 -17.16
N ASN G 450 -13.04 -75.16 -17.45
CA ASN G 450 -11.74 -74.62 -17.10
C ASN G 450 -11.82 -73.52 -16.06
N TYR G 451 -12.74 -72.58 -16.27
CA TYR G 451 -12.85 -71.45 -15.40
C TYR G 451 -13.74 -71.76 -14.21
N LEU G 452 -13.29 -71.37 -13.04
CA LEU G 452 -14.03 -71.60 -11.80
C LEU G 452 -14.58 -70.34 -11.15
N TYR G 453 -15.72 -70.53 -10.51
CA TYR G 453 -16.45 -69.52 -9.76
C TYR G 453 -17.09 -70.24 -8.59
N ARG G 454 -17.59 -69.51 -7.60
CA ARG G 454 -18.17 -70.23 -6.47
C ARG G 454 -19.64 -70.00 -6.27
N LEU G 455 -20.27 -71.02 -5.71
CA LEU G 455 -21.68 -71.00 -5.38
C LEU G 455 -21.84 -70.77 -3.88
N PHE G 456 -20.87 -71.27 -3.10
CA PHE G 456 -20.90 -71.12 -1.66
C PHE G 456 -19.59 -70.64 -1.05
N ARG G 457 -19.72 -69.65 -0.19
CA ARG G 457 -18.64 -69.11 0.62
C ARG G 457 -19.32 -68.68 1.90
N LYS G 458 -18.79 -69.09 3.05
CA LYS G 458 -19.47 -68.84 4.33
C LYS G 458 -19.75 -67.37 4.62
N SER G 459 -18.85 -66.48 4.22
CA SER G 459 -19.01 -65.07 4.49
C SER G 459 -18.77 -64.25 3.23
N ASN G 460 -19.28 -63.03 3.23
CA ASN G 460 -19.17 -62.14 2.07
C ASN G 460 -17.76 -61.59 1.90
N LEU G 461 -17.42 -61.28 0.65
CA LEU G 461 -16.13 -60.65 0.35
C LEU G 461 -16.16 -59.15 0.58
N LYS G 462 -14.99 -58.61 0.91
CA LYS G 462 -14.80 -57.18 1.02
C LYS G 462 -14.09 -56.78 -0.28
N PRO G 463 -13.99 -55.49 -0.61
CA PRO G 463 -13.43 -55.00 -1.85
C PRO G 463 -12.05 -55.58 -2.13
N PHE G 464 -11.89 -56.06 -3.36
CA PHE G 464 -10.65 -56.63 -3.88
C PHE G 464 -10.07 -57.89 -3.21
N GLU G 465 -10.86 -58.69 -2.50
CA GLU G 465 -10.32 -59.99 -2.11
C GLU G 465 -10.29 -60.94 -3.32
N ARG G 466 -9.41 -61.96 -3.26
CA ARG G 466 -9.23 -62.99 -4.29
C ARG G 466 -8.92 -64.34 -3.64
N PRO G 491 -18.30 -76.22 -3.01
CA PRO G 491 -18.21 -74.76 -2.94
C PRO G 491 -17.97 -74.13 -4.33
N LEU G 492 -17.03 -74.72 -5.11
CA LEU G 492 -16.66 -74.25 -6.45
C LEU G 492 -17.46 -74.97 -7.54
N GLN G 493 -17.59 -74.30 -8.68
CA GLN G 493 -18.22 -74.87 -9.88
C GLN G 493 -17.48 -74.43 -11.13
N SER G 494 -17.49 -75.29 -12.15
CA SER G 494 -16.92 -74.94 -13.45
C SER G 494 -18.00 -74.38 -14.38
N TYR G 495 -17.62 -73.40 -15.22
CA TYR G 495 -18.58 -72.80 -16.14
C TYR G 495 -19.05 -73.71 -17.27
N GLY G 496 -18.14 -74.48 -17.86
CA GLY G 496 -18.54 -75.39 -18.93
C GLY G 496 -18.97 -74.65 -20.20
N PHE G 497 -18.26 -73.60 -20.57
CA PHE G 497 -18.66 -72.79 -21.72
C PHE G 497 -18.75 -73.63 -23.01
N GLN G 498 -19.82 -73.40 -23.76
CA GLN G 498 -20.11 -74.14 -24.99
C GLN G 498 -20.21 -73.17 -26.19
N PRO G 499 -19.62 -73.50 -27.37
CA PRO G 499 -19.65 -72.71 -28.60
C PRO G 499 -21.06 -72.28 -29.00
N THR G 500 -22.05 -73.13 -28.74
CA THR G 500 -23.42 -72.79 -29.04
C THR G 500 -24.20 -72.49 -27.76
N ASN G 501 -24.55 -71.23 -27.60
CA ASN G 501 -25.30 -70.71 -26.46
C ASN G 501 -25.93 -69.38 -26.84
N GLY G 502 -26.67 -68.77 -25.92
CA GLY G 502 -27.17 -67.43 -26.15
C GLY G 502 -26.07 -66.45 -25.77
N VAL G 503 -26.25 -65.16 -26.09
CA VAL G 503 -25.23 -64.17 -25.79
C VAL G 503 -24.90 -64.03 -24.29
N GLY G 504 -25.85 -64.32 -23.41
CA GLY G 504 -25.56 -64.21 -22.00
C GLY G 504 -24.85 -65.44 -21.44
N TYR G 505 -24.67 -66.48 -22.26
CA TYR G 505 -24.08 -67.72 -21.75
C TYR G 505 -22.73 -68.14 -22.34
N GLN G 506 -22.09 -67.33 -23.17
CA GLN G 506 -20.75 -67.72 -23.59
C GLN G 506 -19.83 -66.93 -22.64
N PRO G 507 -18.49 -67.07 -22.69
CA PRO G 507 -17.58 -66.36 -21.82
C PRO G 507 -17.34 -64.93 -22.22
N TYR G 508 -17.24 -64.06 -21.21
CA TYR G 508 -16.75 -62.71 -21.35
C TYR G 508 -15.43 -62.55 -20.64
N ARG G 509 -14.54 -61.86 -21.29
CA ARG G 509 -13.27 -61.53 -20.69
C ARG G 509 -13.39 -60.14 -20.10
N VAL G 510 -13.06 -60.02 -18.83
CA VAL G 510 -13.25 -58.77 -18.13
C VAL G 510 -11.96 -58.20 -17.58
N VAL G 511 -11.73 -56.94 -17.86
CA VAL G 511 -10.60 -56.22 -17.32
C VAL G 511 -11.07 -55.00 -16.54
N VAL G 512 -10.63 -54.88 -15.31
CA VAL G 512 -10.99 -53.74 -14.50
C VAL G 512 -9.76 -52.89 -14.22
N LEU G 513 -9.79 -51.64 -14.65
CA LEU G 513 -8.67 -50.75 -14.44
C LEU G 513 -8.98 -49.82 -13.27
N SER G 514 -8.37 -50.09 -12.11
CA SER G 514 -8.64 -49.27 -10.94
C SER G 514 -7.68 -48.11 -10.95
N PHE G 515 -8.12 -46.97 -10.44
CA PHE G 515 -7.28 -45.79 -10.42
C PHE G 515 -6.93 -45.37 -9.01
N GLU G 516 -5.64 -45.42 -8.68
CA GLU G 516 -5.15 -45.10 -7.35
C GLU G 516 -4.50 -43.72 -7.30
N LEU G 517 -5.03 -42.86 -6.43
CA LEU G 517 -4.46 -41.54 -6.23
C LEU G 517 -4.16 -41.31 -4.75
N LEU G 518 -2.92 -40.98 -4.44
CA LEU G 518 -2.49 -40.79 -3.06
C LEU G 518 -1.35 -39.78 -2.95
N HIS G 519 -0.86 -39.56 -1.73
CA HIS G 519 0.19 -38.56 -1.51
C HIS G 519 1.56 -39.03 -1.97
N ALA G 520 1.75 -38.99 -3.28
CA ALA G 520 2.96 -39.43 -3.97
C ALA G 520 3.01 -38.73 -5.33
N PRO G 521 4.17 -38.63 -6.00
CA PRO G 521 4.28 -38.08 -7.33
C PRO G 521 3.44 -38.91 -8.26
N ALA G 522 2.69 -38.26 -9.14
CA ALA G 522 1.85 -38.98 -10.10
C ALA G 522 2.76 -39.74 -11.04
N THR G 523 2.36 -40.93 -11.44
CA THR G 523 3.21 -41.72 -12.30
C THR G 523 2.56 -42.13 -13.63
N VAL G 524 1.24 -42.33 -13.62
CA VAL G 524 0.56 -42.81 -14.82
C VAL G 524 -0.35 -41.73 -15.41
N CYS G 525 -0.02 -41.28 -16.62
CA CYS G 525 -0.68 -40.18 -17.34
C CYS G 525 -1.17 -40.68 -18.69
N GLY G 526 -1.80 -39.82 -19.48
CA GLY G 526 -2.10 -40.19 -20.87
C GLY G 526 -0.94 -39.68 -21.71
N PRO G 527 -0.86 -40.00 -23.01
CA PRO G 527 0.13 -39.50 -23.94
C PRO G 527 -0.03 -37.99 -24.10
N LYS G 528 1.07 -37.28 -24.28
CA LYS G 528 0.98 -35.83 -24.51
C LYS G 528 1.09 -35.54 -26.00
N LYS G 529 0.11 -34.82 -26.53
CA LYS G 529 0.09 -34.50 -27.95
C LYS G 529 0.88 -33.24 -28.22
N SER G 530 1.51 -33.19 -29.39
CA SER G 530 2.29 -32.02 -29.76
C SER G 530 1.83 -31.43 -31.09
N THR G 531 2.12 -30.15 -31.25
CA THR G 531 1.89 -29.41 -32.48
C THR G 531 3.20 -29.27 -33.21
N ASN G 532 3.17 -28.67 -34.40
CA ASN G 532 4.42 -28.48 -35.12
C ASN G 532 5.13 -27.27 -34.52
N LEU G 533 6.32 -26.98 -35.03
CA LEU G 533 7.09 -25.85 -34.54
C LEU G 533 7.03 -24.65 -35.47
N VAL G 534 6.65 -23.53 -34.91
CA VAL G 534 6.57 -22.28 -35.64
C VAL G 534 7.79 -21.41 -35.36
N LYS G 535 8.43 -20.94 -36.42
CA LYS G 535 9.60 -20.08 -36.28
C LYS G 535 9.41 -18.72 -36.90
N ASN G 536 10.12 -17.74 -36.34
CA ASN G 536 10.19 -16.36 -36.81
C ASN G 536 8.83 -15.65 -36.80
N LYS G 537 7.94 -16.10 -35.94
CA LYS G 537 6.62 -15.51 -35.75
C LYS G 537 6.28 -15.49 -34.28
N CYS G 538 5.46 -14.57 -33.78
CA CYS G 538 4.95 -14.54 -32.45
C CYS G 538 3.99 -15.65 -32.15
N VAL G 539 4.24 -16.46 -31.18
CA VAL G 539 3.36 -17.52 -30.77
C VAL G 539 3.21 -17.60 -29.27
N ASN G 540 2.15 -18.24 -28.86
CA ASN G 540 2.00 -18.64 -27.48
C ASN G 540 2.67 -20.00 -27.41
N PHE G 541 3.43 -20.28 -26.38
CA PHE G 541 4.05 -21.59 -26.35
C PHE G 541 4.28 -22.16 -24.97
N ASN G 542 4.42 -23.48 -24.94
CA ASN G 542 4.93 -24.16 -23.79
C ASN G 542 5.76 -25.35 -24.20
N PHE G 543 6.98 -25.41 -23.66
CA PHE G 543 7.90 -26.49 -23.95
C PHE G 543 8.06 -27.37 -22.73
N ASN G 544 7.58 -28.58 -22.81
CA ASN G 544 7.66 -29.52 -21.70
C ASN G 544 7.10 -28.92 -20.41
N GLY G 545 6.01 -28.18 -20.52
CA GLY G 545 5.35 -27.61 -19.35
C GLY G 545 5.72 -26.17 -18.99
N LEU G 546 6.81 -25.62 -19.54
CA LEU G 546 7.13 -24.23 -19.20
C LEU G 546 6.62 -23.27 -20.26
N THR G 547 5.72 -22.39 -19.84
CA THR G 547 5.05 -21.47 -20.73
C THR G 547 5.82 -20.19 -20.98
N GLY G 548 5.42 -19.50 -22.04
CA GLY G 548 5.92 -18.18 -22.38
C GLY G 548 5.33 -17.74 -23.70
N THR G 549 5.78 -16.60 -24.18
CA THR G 549 5.31 -16.05 -25.44
C THR G 549 6.43 -15.26 -26.08
N GLY G 550 6.47 -15.27 -27.40
CA GLY G 550 7.51 -14.55 -28.11
C GLY G 550 7.82 -15.21 -29.45
N VAL G 551 8.97 -14.85 -29.99
CA VAL G 551 9.41 -15.32 -31.29
C VAL G 551 10.55 -16.32 -31.16
N LEU G 552 10.35 -17.50 -31.71
CA LEU G 552 11.34 -18.57 -31.64
C LEU G 552 12.26 -18.56 -32.85
N THR G 553 13.57 -18.54 -32.58
CA THR G 553 14.56 -18.56 -33.64
C THR G 553 15.64 -19.57 -33.29
N GLU G 554 16.43 -19.99 -34.27
CA GLU G 554 17.52 -20.90 -33.95
C GLU G 554 18.55 -20.19 -33.09
N SER G 555 19.02 -20.89 -32.07
CA SER G 555 20.03 -20.38 -31.14
C SER G 555 21.40 -20.84 -31.57
N ASN G 556 22.41 -20.06 -31.23
CA ASN G 556 23.80 -20.44 -31.45
C ASN G 556 24.44 -20.87 -30.14
N LYS G 557 23.61 -21.05 -29.11
CA LYS G 557 24.08 -21.43 -27.80
C LYS G 557 24.14 -22.94 -27.67
N LYS G 558 24.97 -23.39 -26.75
CA LYS G 558 25.09 -24.81 -26.51
C LYS G 558 24.76 -25.17 -25.08
N PHE G 559 23.73 -25.95 -24.92
CA PHE G 559 23.28 -26.40 -23.61
C PHE G 559 24.00 -27.67 -23.23
N LEU G 560 24.18 -27.90 -21.94
CA LEU G 560 24.74 -29.15 -21.50
C LEU G 560 23.65 -30.21 -21.75
N PRO G 561 24.00 -31.48 -21.91
CA PRO G 561 23.10 -32.58 -22.24
C PRO G 561 21.86 -32.71 -21.36
N PHE G 562 21.93 -32.25 -20.11
CA PHE G 562 20.80 -32.40 -19.19
C PHE G 562 19.97 -31.13 -19.02
N GLN G 563 20.34 -30.06 -19.71
CA GLN G 563 19.64 -28.80 -19.51
C GLN G 563 18.48 -28.66 -20.49
N GLN G 564 17.36 -28.12 -20.01
CA GLN G 564 16.17 -28.00 -20.84
C GLN G 564 15.87 -26.60 -21.30
N PHE G 565 16.24 -25.61 -20.51
CA PHE G 565 15.97 -24.23 -20.88
C PHE G 565 16.99 -23.36 -20.23
N GLY G 566 17.16 -22.15 -20.70
CA GLY G 566 18.12 -21.25 -20.11
C GLY G 566 17.49 -19.95 -19.67
N ARG G 567 18.20 -19.25 -18.80
CA ARG G 567 17.75 -17.97 -18.28
C ARG G 567 18.84 -16.92 -18.30
N ASP G 568 18.43 -15.67 -18.41
CA ASP G 568 19.33 -14.53 -18.45
C ASP G 568 19.68 -14.00 -17.06
N ILE G 569 20.32 -12.83 -17.02
CA ILE G 569 20.79 -12.21 -15.79
C ILE G 569 19.64 -11.90 -14.83
N ALA G 570 18.49 -11.49 -15.38
CA ALA G 570 17.32 -11.13 -14.58
C ALA G 570 16.42 -12.34 -14.34
N ASP G 571 16.96 -13.55 -14.56
CA ASP G 571 16.26 -14.81 -14.33
C ASP G 571 14.98 -14.94 -15.17
N THR G 572 15.05 -14.48 -16.41
CA THR G 572 13.96 -14.59 -17.38
C THR G 572 14.33 -15.60 -18.48
N THR G 573 13.37 -16.42 -18.89
CA THR G 573 13.67 -17.45 -19.90
C THR G 573 14.22 -16.80 -21.14
N ASP G 574 15.41 -17.25 -21.54
CA ASP G 574 16.11 -16.71 -22.69
C ASP G 574 16.07 -17.67 -23.87
N ALA G 575 16.06 -18.97 -23.57
CA ALA G 575 16.09 -20.00 -24.60
C ALA G 575 15.51 -21.30 -24.08
N VAL G 576 15.05 -22.16 -25.00
CA VAL G 576 14.58 -23.48 -24.65
C VAL G 576 15.14 -24.56 -25.57
N ARG G 577 15.12 -25.79 -25.11
CA ARG G 577 15.47 -26.90 -25.97
C ARG G 577 14.22 -27.53 -26.56
N ASP G 578 14.25 -27.81 -27.85
CA ASP G 578 13.16 -28.51 -28.52
C ASP G 578 13.15 -29.96 -28.05
N PRO G 579 12.12 -30.41 -27.33
CA PRO G 579 12.05 -31.69 -26.67
C PRO G 579 12.00 -32.88 -27.61
N GLN G 580 11.79 -32.65 -28.90
CA GLN G 580 11.71 -33.75 -29.84
C GLN G 580 12.97 -33.89 -30.70
N THR G 581 13.56 -32.76 -31.12
CA THR G 581 14.77 -32.84 -31.96
C THR G 581 16.02 -32.32 -31.26
N LEU G 582 15.83 -31.72 -30.09
CA LEU G 582 16.87 -31.16 -29.22
C LEU G 582 17.70 -30.02 -29.82
N GLU G 583 17.13 -29.25 -30.75
CA GLU G 583 17.83 -28.07 -31.19
C GLU G 583 17.55 -26.99 -30.17
N ILE G 584 18.41 -25.99 -30.08
CA ILE G 584 18.18 -24.93 -29.11
C ILE G 584 17.54 -23.74 -29.79
N LEU G 585 16.45 -23.27 -29.22
CA LEU G 585 15.71 -22.15 -29.76
C LEU G 585 15.80 -20.95 -28.84
N ASP G 586 16.12 -19.80 -29.40
CA ASP G 586 16.14 -18.58 -28.61
C ASP G 586 14.76 -18.01 -28.55
N ILE G 587 14.41 -17.38 -27.45
CA ILE G 587 13.14 -16.71 -27.40
C ILE G 587 13.32 -15.22 -27.34
N THR G 588 12.87 -14.54 -28.37
CA THR G 588 12.99 -13.10 -28.33
C THR G 588 11.60 -12.55 -28.02
N PRO G 589 11.50 -11.39 -27.40
CA PRO G 589 10.25 -10.71 -27.13
C PRO G 589 9.59 -10.32 -28.44
N CYS G 590 8.24 -10.26 -28.44
CA CYS G 590 7.46 -9.69 -29.55
C CYS G 590 7.66 -8.18 -29.47
N SER G 591 7.91 -7.55 -30.61
CA SER G 591 8.23 -6.14 -30.52
C SER G 591 7.06 -5.37 -29.96
N PHE G 592 7.41 -4.31 -29.25
CA PHE G 592 6.46 -3.40 -28.69
C PHE G 592 7.20 -2.10 -28.48
N GLY G 593 6.47 -1.03 -28.27
CA GLY G 593 7.11 0.23 -27.97
C GLY G 593 6.15 1.36 -28.09
N GLY G 594 6.56 2.54 -27.69
CA GLY G 594 5.68 3.67 -27.81
C GLY G 594 5.53 4.04 -29.27
N VAL G 595 4.37 4.57 -29.62
CA VAL G 595 4.14 5.07 -30.95
C VAL G 595 3.92 6.55 -30.84
N SER G 596 4.76 7.28 -31.53
CA SER G 596 4.72 8.72 -31.43
C SER G 596 4.40 9.39 -32.74
N VAL G 597 3.75 10.52 -32.63
CA VAL G 597 3.35 11.28 -33.78
C VAL G 597 4.19 12.51 -33.93
N ILE G 598 4.81 12.63 -35.09
CA ILE G 598 5.67 13.72 -35.44
C ILE G 598 4.89 14.70 -36.27
N THR G 599 4.64 15.86 -35.69
CA THR G 599 3.72 16.77 -36.33
C THR G 599 4.23 18.20 -36.35
N PRO G 600 4.06 18.92 -37.46
CA PRO G 600 4.24 20.33 -37.58
C PRO G 600 3.05 20.97 -36.91
N GLY G 601 3.13 22.24 -36.59
CA GLY G 601 2.00 22.82 -35.91
C GLY G 601 0.74 22.76 -36.76
N THR G 602 -0.38 22.60 -36.09
CA THR G 602 -1.71 22.51 -36.71
C THR G 602 -2.05 23.78 -37.52
N ASN G 603 -1.43 24.92 -37.17
CA ASN G 603 -1.61 26.23 -37.82
C ASN G 603 -0.94 26.28 -39.21
N THR G 604 -0.16 25.27 -39.61
CA THR G 604 0.44 25.21 -40.94
C THR G 604 0.03 23.97 -41.70
N SER G 605 -0.14 22.87 -40.98
CA SER G 605 -0.43 21.62 -41.64
C SER G 605 -1.17 20.63 -40.75
N ASN G 606 -1.95 19.76 -41.37
CA ASN G 606 -2.69 18.76 -40.62
C ASN G 606 -2.34 17.32 -41.01
N GLN G 607 -1.10 17.10 -41.45
CA GLN G 607 -0.63 15.76 -41.76
C GLN G 607 0.48 15.42 -40.80
N VAL G 608 0.65 14.14 -40.49
CA VAL G 608 1.70 13.73 -39.57
C VAL G 608 2.50 12.53 -40.05
N ALA G 609 3.67 12.33 -39.45
CA ALA G 609 4.44 11.12 -39.65
C ALA G 609 4.39 10.31 -38.36
N VAL G 610 4.41 9.00 -38.47
CA VAL G 610 4.32 8.17 -37.27
C VAL G 610 5.55 7.31 -37.04
N LEU G 611 6.09 7.39 -35.84
CA LEU G 611 7.27 6.64 -35.45
C LEU G 611 6.96 5.49 -34.51
N TYR G 612 7.41 4.30 -34.87
CA TYR G 612 7.27 3.12 -34.03
C TYR G 612 8.58 2.83 -33.33
N GLN G 613 8.62 3.06 -32.02
CA GLN G 613 9.88 2.97 -31.29
C GLN G 613 10.41 1.55 -31.16
N ASP G 614 11.68 1.38 -31.50
CA ASP G 614 12.34 0.07 -31.44
C ASP G 614 11.55 -1.01 -32.19
N VAL G 615 11.01 -0.66 -33.36
CA VAL G 615 10.27 -1.60 -34.17
C VAL G 615 10.89 -1.70 -35.55
N ASN G 616 11.08 -2.93 -36.05
CA ASN G 616 11.53 -3.16 -37.42
C ASN G 616 10.33 -2.88 -38.35
N CYS G 617 10.60 -2.29 -39.53
CA CYS G 617 9.46 -1.83 -40.38
C CYS G 617 8.74 -3.00 -40.99
N THR G 618 9.40 -4.12 -41.11
CA THR G 618 8.80 -5.27 -41.75
C THR G 618 7.74 -5.91 -40.85
N GLU G 619 7.73 -5.56 -39.56
CA GLU G 619 6.78 -6.12 -38.64
C GLU G 619 5.78 -5.09 -38.13
N VAL G 620 5.84 -3.87 -38.66
CA VAL G 620 4.91 -2.84 -38.23
C VAL G 620 3.41 -3.16 -38.51
N PRO G 621 2.99 -3.62 -39.73
CA PRO G 621 1.60 -3.97 -40.05
C PRO G 621 1.28 -5.38 -39.56
N ASN G 641 6.22 5.01 -48.33
CA ASN G 641 7.04 6.08 -47.79
C ASN G 641 7.50 5.70 -46.37
N VAL G 642 8.36 4.67 -46.29
CA VAL G 642 8.84 4.10 -45.02
C VAL G 642 10.35 4.25 -44.86
N PHE G 643 10.75 4.87 -43.77
CA PHE G 643 12.16 5.11 -43.45
C PHE G 643 12.58 4.41 -42.17
N GLN G 644 13.47 3.44 -42.29
CA GLN G 644 13.92 2.73 -41.10
C GLN G 644 15.09 3.48 -40.48
N THR G 645 14.95 3.84 -39.22
CA THR G 645 16.00 4.55 -38.51
C THR G 645 16.40 3.73 -37.28
N ARG G 646 17.44 4.18 -36.59
CA ARG G 646 17.86 3.50 -35.37
C ARG G 646 16.80 3.63 -34.30
N ALA G 647 16.19 4.80 -34.20
CA ALA G 647 15.19 5.11 -33.19
C ALA G 647 13.94 4.24 -33.33
N GLY G 648 13.59 3.92 -34.55
CA GLY G 648 12.37 3.16 -34.82
C GLY G 648 11.99 3.26 -36.30
N CYS G 649 10.79 2.78 -36.64
CA CYS G 649 10.29 2.82 -38.01
C CYS G 649 9.47 4.08 -38.22
N LEU G 650 9.91 4.92 -39.14
CA LEU G 650 9.24 6.19 -39.39
C LEU G 650 8.44 6.14 -40.68
N ILE G 651 7.12 6.25 -40.55
CA ILE G 651 6.25 6.13 -41.71
C ILE G 651 5.51 7.42 -42.03
N GLY G 652 5.64 7.87 -43.28
CA GLY G 652 4.97 9.09 -43.74
C GLY G 652 5.93 10.24 -43.99
N ALA G 653 7.12 10.19 -43.39
CA ALA G 653 8.14 11.18 -43.64
C ALA G 653 9.08 10.65 -44.69
N GLU G 654 9.60 11.52 -45.54
CA GLU G 654 10.55 11.05 -46.55
C GLU G 654 11.97 11.31 -46.10
N HIS G 655 12.89 10.46 -46.56
CA HIS G 655 14.29 10.60 -46.22
C HIS G 655 15.03 11.42 -47.26
N VAL G 656 15.73 12.46 -46.82
CA VAL G 656 16.48 13.29 -47.74
C VAL G 656 17.97 13.26 -47.37
N ASN G 657 18.85 13.58 -48.34
CA ASN G 657 20.31 13.58 -48.16
C ASN G 657 20.86 14.93 -47.69
N ASN G 658 19.99 15.93 -47.45
CA ASN G 658 20.36 17.26 -47.01
C ASN G 658 20.20 17.40 -45.51
N SER G 659 21.24 17.86 -44.84
CA SER G 659 21.13 18.10 -43.41
C SER G 659 20.59 19.50 -43.20
N TYR G 660 19.85 19.68 -42.12
CA TYR G 660 19.26 20.95 -41.76
C TYR G 660 19.41 21.18 -40.28
N GLU G 661 19.26 22.43 -39.84
CA GLU G 661 19.15 22.67 -38.42
C GLU G 661 17.94 21.88 -37.94
N CYS G 662 18.02 21.30 -36.73
CA CYS G 662 16.94 20.43 -36.19
C CYS G 662 15.70 21.26 -35.88
N ASP G 663 14.57 20.55 -35.80
CA ASP G 663 13.30 21.18 -35.49
C ASP G 663 12.53 20.28 -34.55
N ILE G 664 12.01 19.16 -35.07
CA ILE G 664 11.37 18.18 -34.22
C ILE G 664 12.28 16.97 -34.11
N PRO G 665 12.95 16.76 -32.98
CA PRO G 665 13.93 15.72 -32.81
C PRO G 665 13.27 14.36 -32.77
N ILE G 666 13.90 13.37 -33.38
CA ILE G 666 13.44 12.00 -33.29
C ILE G 666 14.35 11.18 -32.40
N GLY G 667 15.64 11.26 -32.66
CA GLY G 667 16.62 10.51 -31.90
C GLY G 667 17.66 9.89 -32.81
N ALA G 668 18.80 9.54 -32.24
CA ALA G 668 19.88 8.89 -32.97
C ALA G 668 20.38 9.70 -34.15
N GLY G 669 20.42 11.03 -33.98
CA GLY G 669 20.94 11.93 -35.00
C GLY G 669 19.90 12.35 -36.04
N ILE G 670 18.70 11.83 -35.94
CA ILE G 670 17.66 12.13 -36.91
C ILE G 670 16.65 13.13 -36.35
N CYS G 671 16.33 14.15 -37.16
CA CYS G 671 15.30 15.17 -36.89
C CYS G 671 14.32 15.20 -38.06
N ALA G 672 13.13 15.72 -37.79
CA ALA G 672 12.15 15.90 -38.84
C ALA G 672 11.64 17.33 -38.88
N SER G 673 11.15 17.72 -40.05
CA SER G 673 10.58 19.05 -40.25
C SER G 673 9.59 19.04 -41.40
N TYR G 674 8.85 20.13 -41.54
CA TYR G 674 7.87 20.23 -42.62
C TYR G 674 8.29 21.28 -43.65
N GLN G 675 8.37 20.86 -44.92
CA GLN G 675 8.78 21.71 -46.05
C GLN G 675 7.62 22.54 -46.56
N GLN G 690 6.43 19.99 -50.43
CA GLN G 690 5.63 20.48 -49.31
C GLN G 690 5.08 19.27 -48.53
N SER G 691 5.96 18.60 -47.77
CA SER G 691 5.66 17.41 -46.97
C SER G 691 6.65 17.29 -45.83
N ILE G 692 6.43 16.30 -44.96
CA ILE G 692 7.32 16.07 -43.83
C ILE G 692 8.55 15.29 -44.25
N ILE G 693 9.72 15.78 -43.84
CA ILE G 693 10.98 15.14 -44.18
C ILE G 693 11.73 14.73 -42.95
N ALA G 694 12.65 13.78 -43.12
CA ALA G 694 13.52 13.34 -42.06
C ALA G 694 14.95 13.36 -42.59
N TYR G 695 15.86 13.77 -41.72
CA TYR G 695 17.25 13.98 -42.10
C TYR G 695 18.20 13.87 -40.94
N THR G 696 19.47 13.70 -41.24
CA THR G 696 20.48 13.79 -40.21
C THR G 696 20.66 15.25 -39.87
N MET G 697 20.59 15.58 -38.60
CA MET G 697 20.66 16.98 -38.19
C MET G 697 22.03 17.58 -38.38
N SER G 698 22.06 18.86 -38.70
CA SER G 698 23.30 19.62 -38.77
C SER G 698 23.66 20.10 -37.37
N LEU G 699 24.95 20.13 -37.05
CA LEU G 699 25.35 20.57 -35.73
C LEU G 699 25.65 22.06 -35.67
N GLY G 700 25.87 22.65 -36.84
CA GLY G 700 26.23 24.05 -36.93
C GLY G 700 26.71 24.34 -38.34
N ALA G 701 26.95 25.60 -38.64
CA ALA G 701 27.40 25.94 -40.00
C ALA G 701 28.84 25.50 -40.21
N GLU G 702 29.19 25.24 -41.46
CA GLU G 702 30.56 24.90 -41.79
C GLU G 702 31.42 26.14 -41.71
N ASN G 703 32.52 26.08 -40.97
CA ASN G 703 33.38 27.24 -40.82
C ASN G 703 34.84 26.88 -40.62
N SER G 704 35.71 27.82 -40.91
CA SER G 704 37.12 27.64 -40.63
C SER G 704 37.74 28.96 -40.24
N VAL G 705 38.70 28.89 -39.33
CA VAL G 705 39.44 30.05 -38.88
C VAL G 705 40.70 30.15 -39.72
N ALA G 706 40.98 31.35 -40.22
CA ALA G 706 42.13 31.54 -41.10
C ALA G 706 43.42 31.63 -40.29
N TYR G 707 43.76 30.52 -39.64
CA TYR G 707 44.91 30.45 -38.77
C TYR G 707 46.22 30.54 -39.52
N SER G 708 47.13 31.33 -38.98
CA SER G 708 48.48 31.45 -39.50
C SER G 708 49.35 31.86 -38.31
N ASN G 709 50.62 31.44 -38.34
CA ASN G 709 51.58 31.70 -37.22
C ASN G 709 51.88 33.19 -37.05
N ASN G 710 51.62 34.05 -38.04
CA ASN G 710 51.85 35.48 -37.95
C ASN G 710 50.62 36.30 -38.35
N SER G 711 49.41 35.81 -38.11
CA SER G 711 48.23 36.60 -38.47
C SER G 711 47.20 36.66 -37.37
N ILE G 712 46.69 37.86 -37.13
CA ILE G 712 45.66 38.07 -36.12
C ILE G 712 44.50 38.81 -36.73
N ALA G 713 43.31 38.58 -36.21
CA ALA G 713 42.19 39.39 -36.60
C ALA G 713 41.81 40.28 -35.43
N ILE G 714 41.52 41.53 -35.71
CA ILE G 714 41.13 42.50 -34.69
C ILE G 714 39.85 43.20 -35.12
N PRO G 715 38.82 43.28 -34.28
CA PRO G 715 37.56 43.90 -34.57
C PRO G 715 37.81 45.37 -34.78
N THR G 716 37.10 46.00 -35.71
CA THR G 716 37.29 47.42 -35.94
C THR G 716 36.06 48.26 -35.58
N ASN G 717 34.90 47.60 -35.44
CA ASN G 717 33.62 48.19 -35.11
C ASN G 717 32.88 47.21 -34.24
N PHE G 718 32.20 47.67 -33.19
CA PHE G 718 31.49 46.80 -32.26
C PHE G 718 30.01 47.02 -32.34
N THR G 719 29.26 46.03 -31.91
CA THR G 719 27.83 46.19 -31.78
C THR G 719 27.45 45.88 -30.35
N ILE G 720 26.29 46.38 -29.95
CA ILE G 720 25.77 46.12 -28.62
C ILE G 720 24.42 45.49 -28.75
N SER G 721 24.20 44.43 -28.00
CA SER G 721 22.94 43.73 -28.08
C SER G 721 22.42 43.41 -26.71
N VAL G 722 21.12 43.13 -26.64
CA VAL G 722 20.50 42.77 -25.39
C VAL G 722 19.94 41.35 -25.43
N THR G 723 20.38 40.54 -24.49
CA THR G 723 19.92 39.16 -24.36
C THR G 723 18.89 39.03 -23.26
N THR G 724 17.81 38.31 -23.53
CA THR G 724 16.80 38.12 -22.50
C THR G 724 16.93 36.74 -21.89
N GLU G 725 17.16 36.70 -20.58
CA GLU G 725 17.28 35.44 -19.88
C GLU G 725 16.22 35.31 -18.81
N ILE G 726 15.41 34.28 -18.93
CA ILE G 726 14.32 34.06 -18.01
C ILE G 726 14.62 32.94 -17.01
N LEU G 727 14.45 33.24 -15.73
CA LEU G 727 14.62 32.22 -14.71
C LEU G 727 13.40 32.19 -13.79
N PRO G 728 12.89 31.01 -13.43
CA PRO G 728 11.87 30.84 -12.42
C PRO G 728 12.49 31.07 -11.06
N VAL G 729 11.73 31.65 -10.16
CA VAL G 729 12.20 31.88 -8.81
C VAL G 729 11.36 31.13 -7.80
N SER G 730 10.07 31.10 -8.05
CA SER G 730 9.14 30.54 -7.09
C SER G 730 8.03 29.81 -7.81
N MET G 731 7.22 29.09 -7.04
CA MET G 731 6.06 28.41 -7.59
C MET G 731 4.87 28.60 -6.66
N THR G 732 3.69 28.32 -7.17
CA THR G 732 2.47 28.49 -6.39
C THR G 732 2.54 27.72 -5.08
N LYS G 733 2.22 28.40 -3.97
CA LYS G 733 2.27 27.79 -2.66
C LYS G 733 1.02 26.98 -2.36
N THR G 734 0.95 25.83 -3.01
CA THR G 734 -0.19 24.94 -2.86
C THR G 734 0.02 24.05 -1.65
N SER G 735 -1.01 23.92 -0.85
CA SER G 735 -0.98 23.01 0.28
C SER G 735 -2.33 22.35 0.42
N VAL G 736 -2.34 21.18 1.01
CA VAL G 736 -3.57 20.45 1.22
C VAL G 736 -3.52 19.74 2.55
N ASP G 737 -4.62 19.77 3.31
CA ASP G 737 -4.54 19.03 4.56
C ASP G 737 -4.94 17.57 4.26
N CYS G 738 -4.14 16.65 4.84
CA CYS G 738 -4.37 15.18 4.64
C CYS G 738 -5.71 14.78 5.09
N THR G 739 -6.25 15.15 6.20
CA THR G 739 -7.51 14.65 6.68
C THR G 739 -8.69 15.04 5.80
N MET G 740 -8.82 16.32 5.46
CA MET G 740 -9.97 16.69 4.65
C MET G 740 -9.87 16.12 3.26
N TYR G 741 -8.67 16.12 2.68
CA TYR G 741 -8.50 15.55 1.35
C TYR G 741 -8.97 14.09 1.30
N ILE G 742 -8.53 13.28 2.26
CA ILE G 742 -8.87 11.87 2.24
C ILE G 742 -10.30 11.54 2.67
N CYS G 743 -10.78 12.13 3.80
CA CYS G 743 -12.04 11.72 4.44
C CYS G 743 -13.19 12.71 4.27
N GLY G 744 -12.96 13.92 3.81
CA GLY G 744 -14.07 14.85 3.68
C GLY G 744 -14.80 15.06 5.01
N ASP G 745 -16.11 14.84 4.99
CA ASP G 745 -16.96 15.00 6.17
C ASP G 745 -17.42 13.67 6.76
N SER G 746 -16.75 12.57 6.41
CA SER G 746 -17.12 11.26 6.95
C SER G 746 -16.42 11.04 8.28
N THR G 747 -17.19 10.98 9.36
CA THR G 747 -16.62 10.86 10.69
C THR G 747 -15.91 9.53 10.90
N GLU G 748 -16.53 8.43 10.48
CA GLU G 748 -15.90 7.14 10.69
C GLU G 748 -14.56 7.01 9.93
N CYS G 749 -14.42 7.70 8.77
CA CYS G 749 -13.17 7.75 8.00
C CYS G 749 -12.15 8.57 8.79
N SER G 750 -12.59 9.72 9.29
CA SER G 750 -11.70 10.60 10.03
C SER G 750 -11.11 9.90 11.24
N ASN G 751 -11.92 9.10 11.93
CA ASN G 751 -11.42 8.39 13.09
C ASN G 751 -10.58 7.17 12.68
N LEU G 752 -10.97 6.50 11.59
CA LEU G 752 -10.25 5.32 11.13
C LEU G 752 -8.84 5.73 10.70
N LEU G 753 -8.74 6.90 10.07
CA LEU G 753 -7.50 7.43 9.53
C LEU G 753 -6.42 7.61 10.62
N LEU G 754 -6.82 7.63 11.89
CA LEU G 754 -5.85 7.80 12.97
C LEU G 754 -4.99 6.55 13.13
N GLN G 755 -5.39 5.47 12.46
CA GLN G 755 -4.66 4.21 12.56
C GLN G 755 -3.43 4.25 11.66
N TYR G 756 -3.27 5.35 10.94
CA TYR G 756 -2.11 5.56 10.09
C TYR G 756 -1.10 6.46 10.78
N GLY G 757 -1.32 6.71 12.06
CA GLY G 757 -0.35 7.44 12.86
C GLY G 757 -0.06 8.84 12.39
N SER G 758 1.22 9.09 12.13
CA SER G 758 1.74 10.39 11.73
C SER G 758 1.78 10.63 10.23
N PHE G 759 1.28 9.69 9.43
CA PHE G 759 1.40 9.91 7.98
C PHE G 759 0.88 11.30 7.56
N CYS G 760 -0.29 11.72 8.09
CA CYS G 760 -0.87 13.03 7.81
C CYS G 760 0.00 14.18 8.30
N THR G 761 0.67 14.00 9.43
CA THR G 761 1.51 15.06 9.97
C THR G 761 2.72 15.28 9.07
N GLN G 762 3.31 14.18 8.59
CA GLN G 762 4.49 14.25 7.74
C GLN G 762 4.17 14.95 6.43
N LEU G 763 2.99 14.66 5.88
CA LEU G 763 2.56 15.24 4.62
C LEU G 763 2.22 16.71 4.77
N ASN G 764 1.57 17.06 5.88
CA ASN G 764 1.19 18.45 6.10
C ASN G 764 2.44 19.29 6.34
N ARG G 765 3.41 18.69 7.02
CA ARG G 765 4.66 19.37 7.35
C ARG G 765 5.49 19.61 6.10
N ALA G 766 5.59 18.61 5.23
CA ALA G 766 6.38 18.75 4.02
C ALA G 766 5.86 19.87 3.13
N LEU G 767 4.55 19.99 2.99
CA LEU G 767 4.00 21.04 2.16
C LEU G 767 4.17 22.41 2.81
N THR G 768 4.08 22.45 4.13
CA THR G 768 4.28 23.71 4.82
C THR G 768 5.72 24.18 4.59
N GLY G 769 6.67 23.25 4.67
CA GLY G 769 8.08 23.57 4.47
C GLY G 769 8.32 24.16 3.09
N ILE G 770 7.67 23.60 2.07
CA ILE G 770 7.80 24.13 0.73
C ILE G 770 7.23 25.53 0.66
N ALA G 771 6.04 25.73 1.22
CA ALA G 771 5.41 27.04 1.16
C ALA G 771 6.31 28.12 1.76
N VAL G 772 6.99 27.80 2.85
CA VAL G 772 7.90 28.77 3.46
C VAL G 772 9.09 29.03 2.54
N GLU G 773 9.63 27.96 1.99
CA GLU G 773 10.79 28.03 1.10
C GLU G 773 10.52 28.94 -0.08
N GLN G 774 9.28 28.96 -0.58
CA GLN G 774 8.96 29.79 -1.74
C GLN G 774 9.11 31.27 -1.45
N ASP G 775 8.89 31.70 -0.21
CA ASP G 775 9.05 33.12 0.09
C ASP G 775 10.52 33.41 0.29
N LYS G 776 11.24 32.43 0.81
CA LYS G 776 12.68 32.58 0.98
C LYS G 776 13.34 32.71 -0.39
N ASN G 777 12.86 31.94 -1.36
CA ASN G 777 13.42 31.98 -2.70
C ASN G 777 13.18 33.32 -3.35
N THR G 778 12.00 33.89 -3.15
CA THR G 778 11.72 35.19 -3.72
C THR G 778 12.56 36.28 -3.07
N GLN G 779 12.61 36.29 -1.74
CA GLN G 779 13.31 37.35 -1.05
C GLN G 779 14.79 37.37 -1.37
N GLU G 780 15.44 36.20 -1.42
CA GLU G 780 16.88 36.16 -1.66
C GLU G 780 17.26 36.57 -3.08
N VAL G 781 16.28 36.66 -3.98
CA VAL G 781 16.57 37.05 -5.35
C VAL G 781 16.34 38.53 -5.54
N PHE G 782 15.21 39.05 -5.06
CA PHE G 782 14.91 40.44 -5.33
C PHE G 782 15.38 41.42 -4.27
N ALA G 783 15.43 41.03 -3.01
CA ALA G 783 15.77 41.97 -1.96
C ALA G 783 17.28 42.09 -1.79
N GLN G 784 17.93 42.68 -2.79
CA GLN G 784 19.38 42.84 -2.81
C GLN G 784 19.77 44.25 -2.39
N VAL G 785 18.78 45.02 -1.95
CA VAL G 785 19.01 46.41 -1.64
C VAL G 785 18.71 46.73 -0.19
N LYS G 786 19.23 47.87 0.24
CA LYS G 786 19.13 48.34 1.61
C LYS G 786 18.08 49.44 1.67
N GLN G 787 17.99 50.15 0.56
CA GLN G 787 17.09 51.26 0.37
C GLN G 787 16.44 51.15 -0.98
N ILE G 788 15.31 51.79 -1.11
CA ILE G 788 14.64 51.85 -2.38
C ILE G 788 15.03 53.14 -3.07
N TYR G 789 15.75 53.01 -4.17
CA TYR G 789 16.27 54.16 -4.88
C TYR G 789 15.36 54.46 -6.05
N LYS G 790 15.30 55.71 -6.45
CA LYS G 790 14.53 56.09 -7.62
C LYS G 790 15.38 56.92 -8.56
N THR G 791 15.04 56.91 -9.83
CA THR G 791 15.71 57.76 -10.81
C THR G 791 15.22 59.19 -10.61
N PRO G 792 15.98 60.20 -11.04
CA PRO G 792 15.62 61.61 -10.98
C PRO G 792 14.51 61.94 -11.96
N PRO G 793 13.74 63.02 -11.71
CA PRO G 793 12.77 63.65 -12.60
C PRO G 793 13.35 63.96 -13.97
N ILE G 794 14.61 64.36 -14.02
CA ILE G 794 15.24 64.65 -15.30
C ILE G 794 16.16 63.51 -15.69
N LYS G 795 15.68 62.72 -16.63
CA LYS G 795 16.37 61.50 -17.00
C LYS G 795 17.39 61.71 -18.09
N ASP G 796 18.44 62.45 -17.75
CA ASP G 796 19.54 62.68 -18.68
C ASP G 796 20.67 61.72 -18.42
N PHE G 797 20.74 60.68 -19.22
CA PHE G 797 21.73 59.65 -19.02
C PHE G 797 22.73 59.63 -20.16
N GLY G 798 22.86 60.75 -20.85
CA GLY G 798 23.84 60.86 -21.92
C GLY G 798 23.37 60.28 -23.25
N GLY G 799 22.06 60.17 -23.44
CA GLY G 799 21.51 59.63 -24.69
C GLY G 799 20.96 58.22 -24.51
N PHE G 800 21.20 57.63 -23.36
CA PHE G 800 20.71 56.28 -23.09
C PHE G 800 19.27 56.33 -22.57
N ASN G 801 18.35 55.74 -23.30
CA ASN G 801 16.92 55.73 -23.07
C ASN G 801 16.48 54.46 -22.33
N PHE G 802 16.15 54.57 -21.06
CA PHE G 802 15.74 53.45 -20.21
C PHE G 802 14.24 53.45 -19.93
N SER G 803 13.47 54.21 -20.70
CA SER G 803 12.03 54.33 -20.44
C SER G 803 11.30 53.00 -20.62
N GLN G 804 11.93 52.06 -21.32
CA GLN G 804 11.35 50.75 -21.55
C GLN G 804 11.48 49.83 -20.33
N ILE G 805 12.50 50.08 -19.50
CA ILE G 805 12.72 49.22 -18.34
C ILE G 805 12.33 49.88 -17.02
N LEU G 806 12.22 51.20 -17.01
CA LEU G 806 11.81 51.92 -15.82
C LEU G 806 10.27 51.88 -15.71
N PRO G 807 9.70 51.96 -14.50
CA PRO G 807 8.28 51.98 -14.22
C PRO G 807 7.56 53.08 -14.97
N ASP G 808 6.39 52.75 -15.50
CA ASP G 808 5.55 53.67 -16.24
C ASP G 808 4.53 54.32 -15.30
N PRO G 809 4.68 55.60 -14.95
CA PRO G 809 3.92 56.31 -13.94
C PRO G 809 2.46 56.54 -14.34
N SER G 810 2.14 56.29 -15.62
CA SER G 810 0.77 56.51 -16.09
C SER G 810 -0.14 55.35 -15.71
N LYS G 811 0.45 54.23 -15.32
CA LYS G 811 -0.32 53.03 -15.04
C LYS G 811 -0.43 52.77 -13.54
N PRO G 812 -1.58 52.29 -13.06
CA PRO G 812 -1.90 52.02 -11.67
C PRO G 812 -1.01 50.94 -11.06
N SER G 813 -0.45 50.09 -11.91
CA SER G 813 0.43 49.02 -11.46
C SER G 813 1.89 49.47 -11.41
N LYS G 814 2.15 50.60 -12.06
CA LYS G 814 3.46 51.24 -12.16
C LYS G 814 4.57 50.25 -12.56
N ARG G 815 4.33 49.50 -13.63
CA ARG G 815 5.31 48.55 -14.15
C ARG G 815 5.94 49.12 -15.40
N SER G 816 7.09 48.60 -15.81
CA SER G 816 7.73 49.08 -17.03
C SER G 816 7.00 48.55 -18.27
N PRO G 817 7.13 49.20 -19.43
CA PRO G 817 6.64 48.77 -20.74
C PRO G 817 7.05 47.34 -21.11
N ILE G 818 8.22 46.89 -20.69
CA ILE G 818 8.60 45.50 -20.94
C ILE G 818 7.97 44.56 -19.93
N GLU G 819 7.95 44.94 -18.65
CA GLU G 819 7.32 44.09 -17.64
C GLU G 819 5.87 43.85 -18.01
N ASP G 820 5.20 44.83 -18.60
CA ASP G 820 3.82 44.64 -18.99
C ASP G 820 3.63 43.39 -19.84
N LEU G 821 4.58 43.12 -20.74
CA LEU G 821 4.45 41.95 -21.60
C LEU G 821 4.72 40.68 -20.82
N LEU G 822 5.65 40.77 -19.88
CA LEU G 822 6.02 39.58 -19.10
C LEU G 822 4.84 39.15 -18.25
N PHE G 823 4.10 40.13 -17.73
CA PHE G 823 2.92 39.87 -16.91
C PHE G 823 1.68 39.53 -17.72
N ASN G 824 1.50 40.15 -18.88
CA ASN G 824 0.30 39.92 -19.66
C ASN G 824 0.29 38.55 -20.34
N LYS G 825 1.45 38.05 -20.77
CA LYS G 825 1.44 36.75 -21.46
C LYS G 825 1.34 35.51 -20.57
N VAL G 826 1.93 35.55 -19.35
CA VAL G 826 1.98 34.38 -18.46
C VAL G 826 0.68 34.32 -17.64
N PHE G 855 -10.85 22.26 -4.66
CA PHE G 855 -11.16 23.01 -3.46
C PHE G 855 -11.37 22.14 -2.20
N ASN G 856 -11.44 20.81 -2.38
CA ASN G 856 -11.79 19.87 -1.32
C ASN G 856 -10.62 19.46 -0.43
N GLY G 857 -10.21 20.43 0.38
CA GLY G 857 -9.12 20.28 1.35
C GLY G 857 -7.87 20.99 0.90
N LEU G 858 -7.82 21.37 -0.37
CA LEU G 858 -6.66 22.09 -0.87
C LEU G 858 -6.86 23.60 -0.78
N THR G 859 -5.75 24.30 -0.70
CA THR G 859 -5.74 25.75 -0.62
C THR G 859 -4.45 26.31 -1.18
N VAL G 860 -4.51 27.54 -1.65
CA VAL G 860 -3.31 28.22 -2.13
C VAL G 860 -3.06 29.48 -1.33
N LEU G 861 -1.89 29.57 -0.74
CA LEU G 861 -1.56 30.71 0.09
C LEU G 861 -0.90 31.79 -0.76
N PRO G 862 -1.14 33.08 -0.47
CA PRO G 862 -0.53 34.20 -1.14
C PRO G 862 0.92 34.33 -0.70
N PRO G 863 1.78 34.91 -1.53
CA PRO G 863 3.18 35.23 -1.29
C PRO G 863 3.25 36.37 -0.31
N LEU G 864 4.36 36.47 0.42
CA LEU G 864 4.56 37.63 1.27
C LEU G 864 4.74 38.89 0.44
N LEU G 865 5.54 38.78 -0.61
CA LEU G 865 5.78 39.92 -1.47
C LEU G 865 4.89 39.86 -2.69
N THR G 866 4.01 40.82 -2.81
CA THR G 866 3.06 40.89 -3.89
C THR G 866 3.75 41.42 -5.13
N ASP G 867 3.13 41.29 -6.30
CA ASP G 867 3.78 41.74 -7.52
C ASP G 867 4.19 43.20 -7.43
N GLU G 868 3.38 44.01 -6.74
CA GLU G 868 3.71 45.41 -6.56
C GLU G 868 5.02 45.59 -5.80
N MET G 869 5.29 44.74 -4.82
CA MET G 869 6.48 44.87 -4.01
C MET G 869 7.69 44.36 -4.75
N ILE G 870 7.48 43.38 -5.60
CA ILE G 870 8.56 42.87 -6.43
C ILE G 870 8.95 43.95 -7.41
N ALA G 871 7.96 44.64 -7.98
CA ALA G 871 8.22 45.73 -8.90
C ALA G 871 9.01 46.83 -8.21
N GLN G 872 8.70 47.12 -6.95
CA GLN G 872 9.46 48.15 -6.24
C GLN G 872 10.91 47.75 -6.01
N TYR G 873 11.17 46.48 -5.70
CA TYR G 873 12.56 46.07 -5.56
C TYR G 873 13.28 46.15 -6.89
N THR G 874 12.61 45.76 -7.96
CA THR G 874 13.22 45.82 -9.27
C THR G 874 13.53 47.26 -9.65
N SER G 875 12.61 48.17 -9.35
CA SER G 875 12.81 49.58 -9.64
C SER G 875 14.03 50.10 -8.88
N ALA G 876 14.17 49.71 -7.62
CA ALA G 876 15.32 50.13 -6.82
C ALA G 876 16.61 49.65 -7.44
N LEU G 877 16.60 48.43 -7.97
CA LEU G 877 17.80 47.88 -8.60
C LEU G 877 18.15 48.62 -9.87
N LEU G 878 17.15 48.96 -10.68
CA LEU G 878 17.45 49.71 -11.89
C LEU G 878 17.93 51.09 -11.57
N ALA G 879 17.28 51.75 -10.61
CA ALA G 879 17.69 53.09 -10.27
C ALA G 879 19.10 53.07 -9.72
N GLY G 880 19.41 52.07 -8.93
CA GLY G 880 20.75 51.93 -8.37
C GLY G 880 21.75 51.73 -9.50
N THR G 881 21.48 50.76 -10.36
CA THR G 881 22.38 50.42 -11.45
C THR G 881 22.65 51.62 -12.36
N ILE G 882 21.59 52.35 -12.69
CA ILE G 882 21.69 53.49 -13.59
C ILE G 882 22.40 54.69 -12.98
N THR G 883 22.10 55.05 -11.74
CA THR G 883 22.69 56.27 -11.19
C THR G 883 23.94 56.07 -10.33
N SER G 884 24.22 54.86 -9.83
CA SER G 884 25.39 54.65 -8.96
C SER G 884 26.24 53.44 -9.37
N GLY G 885 25.95 52.83 -10.50
CA GLY G 885 26.70 51.68 -10.97
C GLY G 885 26.60 50.52 -9.99
N TRP G 886 27.74 49.96 -9.61
CA TRP G 886 27.77 48.84 -8.67
C TRP G 886 28.06 49.24 -7.23
N THR G 887 28.22 50.53 -6.97
CA THR G 887 28.61 50.91 -5.63
C THR G 887 27.47 50.75 -4.66
N PHE G 888 26.23 50.77 -5.14
CA PHE G 888 25.08 50.59 -4.25
C PHE G 888 25.04 49.16 -3.73
N GLY G 889 25.74 48.26 -4.40
CA GLY G 889 25.79 46.87 -4.00
C GLY G 889 26.81 46.68 -2.90
N ALA G 890 28.04 47.14 -3.14
CA ALA G 890 29.15 46.97 -2.21
C ALA G 890 29.12 47.94 -1.03
N GLY G 891 28.55 49.12 -1.21
CA GLY G 891 28.55 50.12 -0.16
C GLY G 891 27.34 51.04 -0.30
N PRO G 892 27.48 52.31 0.04
CA PRO G 892 26.51 53.37 -0.14
C PRO G 892 26.32 53.65 -1.62
N ALA G 893 25.17 54.18 -2.00
CA ALA G 893 24.97 54.48 -3.41
C ALA G 893 25.57 55.83 -3.76
N LEU G 894 26.68 55.78 -4.48
CA LEU G 894 27.45 56.96 -4.87
C LEU G 894 27.14 57.34 -6.30
N GLN G 895 26.68 58.57 -6.54
CA GLN G 895 26.30 58.93 -7.89
C GLN G 895 27.48 58.94 -8.84
N ILE G 896 27.20 58.58 -10.09
CA ILE G 896 28.17 58.66 -11.17
C ILE G 896 27.42 59.00 -12.47
N PRO G 897 27.92 59.86 -13.36
CA PRO G 897 27.28 60.15 -14.63
C PRO G 897 27.07 58.85 -15.36
N PHE G 898 25.92 58.66 -15.97
CA PHE G 898 25.71 57.37 -16.61
C PHE G 898 26.79 57.00 -17.63
N PRO G 899 27.14 57.84 -18.63
CA PRO G 899 28.12 57.50 -19.64
C PRO G 899 29.48 57.26 -19.04
N MET G 900 29.71 57.73 -17.81
CA MET G 900 30.98 57.53 -17.18
C MET G 900 31.03 56.16 -16.54
N GLN G 901 29.89 55.65 -16.05
CA GLN G 901 29.96 54.29 -15.54
C GLN G 901 30.02 53.36 -16.72
N MET G 902 29.49 53.77 -17.87
CA MET G 902 29.59 52.91 -19.02
C MET G 902 31.04 52.86 -19.46
N ALA G 903 31.74 53.99 -19.36
CA ALA G 903 33.16 54.03 -19.67
C ALA G 903 33.92 53.05 -18.77
N TYR G 904 33.55 52.98 -17.50
CA TYR G 904 34.21 52.05 -16.59
C TYR G 904 33.97 50.62 -17.05
N ARG G 905 32.74 50.35 -17.48
CA ARG G 905 32.33 49.03 -17.92
C ARG G 905 33.08 48.62 -19.18
N PHE G 906 33.41 49.58 -20.04
CA PHE G 906 34.23 49.29 -21.21
C PHE G 906 35.65 48.93 -20.81
N ASN G 907 36.25 49.67 -19.87
CA ASN G 907 37.60 49.33 -19.44
C ASN G 907 37.61 47.93 -18.84
N GLY G 908 36.52 47.58 -18.17
CA GLY G 908 36.34 46.29 -17.52
C GLY G 908 36.35 45.10 -18.48
N ILE G 909 36.18 45.35 -19.78
CA ILE G 909 36.18 44.25 -20.75
C ILE G 909 37.38 44.35 -21.67
N GLY G 910 38.35 45.18 -21.29
CA GLY G 910 39.57 45.33 -22.06
C GLY G 910 39.45 46.29 -23.24
N VAL G 911 38.50 47.22 -23.18
CA VAL G 911 38.35 48.21 -24.24
C VAL G 911 38.56 49.57 -23.62
N THR G 912 39.56 50.31 -24.08
CA THR G 912 39.86 51.55 -23.38
C THR G 912 38.72 52.53 -23.53
N GLN G 913 38.46 53.28 -22.45
CA GLN G 913 37.33 54.21 -22.34
C GLN G 913 37.21 55.27 -23.40
N ASN G 914 38.31 55.63 -24.03
CA ASN G 914 38.22 56.65 -25.06
C ASN G 914 37.37 56.15 -26.23
N VAL G 915 37.24 54.82 -26.35
CA VAL G 915 36.44 54.23 -27.40
C VAL G 915 35.00 54.62 -27.20
N LEU G 916 34.55 54.60 -25.95
CA LEU G 916 33.18 54.99 -25.68
C LEU G 916 32.95 56.45 -25.91
N TYR G 917 33.86 57.29 -25.45
CA TYR G 917 33.60 58.71 -25.51
C TYR G 917 33.57 59.23 -26.94
N GLU G 918 34.35 58.62 -27.82
CA GLU G 918 34.33 59.06 -29.21
C GLU G 918 33.17 58.44 -29.98
N ASN G 919 32.47 57.51 -29.35
CA ASN G 919 31.36 56.82 -29.97
C ASN G 919 30.14 56.86 -29.07
N GLN G 920 30.07 57.82 -28.17
CA GLN G 920 28.96 57.82 -27.21
C GLN G 920 27.61 57.89 -27.90
N LYS G 921 27.49 58.69 -28.95
CA LYS G 921 26.22 58.80 -29.65
C LYS G 921 25.86 57.47 -30.30
N LEU G 922 26.85 56.83 -30.92
CA LEU G 922 26.66 55.54 -31.59
C LEU G 922 26.24 54.48 -30.59
N ILE G 923 26.91 54.44 -29.45
CA ILE G 923 26.63 53.46 -28.41
C ILE G 923 25.24 53.65 -27.86
N ALA G 924 24.86 54.88 -27.58
CA ALA G 924 23.54 55.14 -27.06
C ALA G 924 22.48 54.71 -28.07
N ASN G 925 22.72 54.93 -29.36
CA ASN G 925 21.75 54.54 -30.37
C ASN G 925 21.67 53.03 -30.52
N GLN G 926 22.80 52.33 -30.45
CA GLN G 926 22.78 50.89 -30.55
C GLN G 926 22.07 50.30 -29.34
N PHE G 927 22.32 50.88 -28.16
CA PHE G 927 21.67 50.43 -26.95
C PHE G 927 20.18 50.62 -27.04
N ASN G 928 19.76 51.83 -27.40
CA ASN G 928 18.35 52.15 -27.43
C ASN G 928 17.58 51.23 -28.37
N SER G 929 18.18 50.91 -29.51
CA SER G 929 17.54 50.03 -30.47
C SER G 929 17.54 48.60 -29.95
N ALA G 930 18.66 48.13 -29.42
CA ALA G 930 18.78 46.75 -28.96
C ALA G 930 17.81 46.46 -27.83
N ILE G 931 17.58 47.43 -26.96
CA ILE G 931 16.67 47.20 -25.85
C ILE G 931 15.23 47.34 -26.31
N GLY G 932 14.95 48.27 -27.21
CA GLY G 932 13.60 48.44 -27.75
C GLY G 932 13.13 47.17 -28.46
N LYS G 933 14.06 46.48 -29.11
CA LYS G 933 13.75 45.24 -29.81
C LYS G 933 13.27 44.14 -28.88
N ILE G 934 13.55 44.26 -27.59
CA ILE G 934 13.12 43.23 -26.65
C ILE G 934 11.61 43.26 -26.53
N GLN G 935 11.05 44.48 -26.42
CA GLN G 935 9.62 44.62 -26.30
C GLN G 935 8.95 44.08 -27.55
N ASP G 936 9.55 44.33 -28.71
CA ASP G 936 8.94 43.87 -29.95
C ASP G 936 9.04 42.35 -30.09
N SER G 937 10.20 41.79 -29.77
CA SER G 937 10.39 40.35 -29.92
C SER G 937 9.44 39.54 -29.06
N LEU G 938 9.24 39.98 -27.83
CA LEU G 938 8.39 39.27 -26.88
C LEU G 938 6.91 39.33 -27.24
N SER G 939 6.53 40.18 -28.19
CA SER G 939 5.11 40.28 -28.52
C SER G 939 4.77 39.30 -29.64
N SER G 940 5.80 38.81 -30.31
CA SER G 940 5.63 37.99 -31.51
C SER G 940 6.07 36.56 -31.29
N THR G 941 6.55 36.27 -30.09
CA THR G 941 7.09 34.96 -29.76
C THR G 941 6.42 34.36 -28.53
N PRO G 942 5.29 33.66 -28.68
CA PRO G 942 4.53 33.02 -27.63
C PRO G 942 5.42 32.16 -26.74
N SER G 943 6.38 31.48 -27.37
CA SER G 943 7.32 30.62 -26.65
C SER G 943 8.56 31.38 -26.22
N ALA G 944 8.36 32.54 -25.61
CA ALA G 944 9.47 33.32 -25.10
C ALA G 944 9.57 33.13 -23.60
N LEU G 945 8.41 33.03 -22.96
CA LEU G 945 8.28 32.91 -21.52
C LEU G 945 7.81 31.53 -21.14
N GLY G 946 7.99 30.59 -22.06
CA GLY G 946 7.56 29.21 -21.83
C GLY G 946 8.22 28.65 -20.59
N LYS G 947 9.44 29.07 -20.33
CA LYS G 947 10.15 28.58 -19.16
C LYS G 947 9.42 28.86 -17.85
N LEU G 948 8.70 29.99 -17.75
CA LEU G 948 8.00 30.25 -16.50
C LEU G 948 6.65 29.57 -16.55
N GLN G 949 6.11 29.45 -17.76
CA GLN G 949 4.82 28.83 -17.96
C GLN G 949 4.87 27.35 -17.65
N ASP G 950 6.00 26.72 -17.94
CA ASP G 950 6.20 25.30 -17.69
C ASP G 950 6.11 25.01 -16.21
N VAL G 951 6.56 25.94 -15.37
CA VAL G 951 6.48 25.75 -13.93
C VAL G 951 5.02 25.80 -13.52
N VAL G 952 4.29 26.77 -14.04
CA VAL G 952 2.89 26.91 -13.72
C VAL G 952 2.12 25.68 -14.19
N ASN G 953 2.44 25.19 -15.37
CA ASN G 953 1.74 24.05 -15.93
C ASN G 953 2.01 22.78 -15.14
N GLN G 954 3.25 22.56 -14.72
CA GLN G 954 3.53 21.34 -13.96
C GLN G 954 2.80 21.33 -12.63
N ASN G 955 2.70 22.48 -11.98
CA ASN G 955 2.03 22.52 -10.70
C ASN G 955 0.52 22.42 -10.89
N ALA G 956 0.00 23.04 -11.95
CA ALA G 956 -1.42 22.96 -12.23
C ALA G 956 -1.85 21.54 -12.52
N GLN G 957 -1.00 20.80 -13.24
CA GLN G 957 -1.30 19.42 -13.56
C GLN G 957 -1.24 18.56 -12.32
N ALA G 958 -0.24 18.79 -11.47
CA ALA G 958 -0.10 18.01 -10.26
C ALA G 958 -1.32 18.17 -9.37
N LEU G 959 -1.82 19.39 -9.27
CA LEU G 959 -2.98 19.68 -8.44
C LEU G 959 -4.22 19.03 -9.02
N ASN G 960 -4.44 19.21 -10.32
CA ASN G 960 -5.62 18.69 -10.97
C ASN G 960 -5.63 17.16 -10.95
N THR G 961 -4.45 16.56 -11.06
CA THR G 961 -4.34 15.11 -11.01
C THR G 961 -4.69 14.62 -9.62
N LEU G 962 -4.19 15.31 -8.60
CA LEU G 962 -4.48 14.93 -7.23
C LEU G 962 -5.97 14.95 -6.96
N VAL G 963 -6.66 15.96 -7.47
CA VAL G 963 -8.10 16.06 -7.26
C VAL G 963 -8.89 15.03 -8.05
N LYS G 964 -8.58 14.84 -9.33
CA LYS G 964 -9.33 13.86 -10.11
C LYS G 964 -9.12 12.45 -9.58
N GLN G 965 -7.96 12.20 -9.00
CA GLN G 965 -7.62 10.91 -8.44
C GLN G 965 -8.60 10.49 -7.34
N LEU G 966 -9.30 11.43 -6.73
CA LEU G 966 -10.27 11.09 -5.69
C LEU G 966 -11.45 10.31 -6.24
N SER G 967 -11.66 10.38 -7.55
CA SER G 967 -12.76 9.68 -8.18
C SER G 967 -12.41 8.22 -8.42
N SER G 968 -11.14 7.87 -8.20
CA SER G 968 -10.66 6.52 -8.34
C SER G 968 -11.12 5.72 -7.11
N ASN G 969 -11.55 4.47 -7.29
CA ASN G 969 -12.06 3.72 -6.14
C ASN G 969 -11.06 2.74 -5.53
N PHE G 970 -9.97 2.44 -6.22
CA PHE G 970 -8.90 1.60 -5.67
C PHE G 970 -9.36 0.21 -5.26
N GLY G 971 -10.45 -0.27 -5.83
CA GLY G 971 -10.96 -1.60 -5.53
C GLY G 971 -12.23 -1.55 -4.67
N ALA G 972 -12.56 -0.37 -4.16
CA ALA G 972 -13.77 -0.19 -3.36
C ALA G 972 -14.98 -0.25 -4.27
N ILE G 973 -16.15 -0.53 -3.70
CA ILE G 973 -17.37 -0.59 -4.47
C ILE G 973 -17.76 0.78 -5.03
N SER G 974 -17.34 1.83 -4.34
CA SER G 974 -17.57 3.20 -4.74
C SER G 974 -16.47 4.11 -4.24
N SER G 975 -16.12 5.11 -5.04
CA SER G 975 -15.13 6.11 -4.65
C SER G 975 -15.65 7.06 -3.57
N VAL G 976 -16.97 7.10 -3.42
CA VAL G 976 -17.56 8.04 -2.49
C VAL G 976 -17.86 7.42 -1.14
N LEU G 977 -17.29 8.01 -0.10
CA LEU G 977 -17.43 7.52 1.26
C LEU G 977 -18.88 7.56 1.72
N ASN G 978 -19.59 8.59 1.30
CA ASN G 978 -20.97 8.77 1.69
C ASN G 978 -21.90 7.71 1.10
N ASP G 979 -21.51 7.06 0.01
CA ASP G 979 -22.34 6.02 -0.56
C ASP G 979 -22.03 4.70 0.10
N ILE G 980 -20.78 4.44 0.45
CA ILE G 980 -20.51 3.17 1.11
C ILE G 980 -20.96 3.18 2.57
N LEU G 981 -20.86 4.32 3.25
CA LEU G 981 -21.26 4.31 4.64
C LEU G 981 -22.78 4.16 4.78
N SER G 982 -23.53 4.65 3.80
CA SER G 982 -24.99 4.54 3.87
C SER G 982 -25.54 3.29 3.18
N ARG G 983 -24.77 2.71 2.25
CA ARG G 983 -25.21 1.52 1.51
C ARG G 983 -24.77 0.20 2.16
N LEU G 984 -23.59 0.21 2.76
CA LEU G 984 -22.97 -1.00 3.27
C LEU G 984 -22.84 -0.99 4.79
N ASP G 985 -23.26 -2.07 5.43
CA ASP G 985 -23.20 -2.20 6.88
C ASP G 985 -21.80 -1.86 7.40
N PRO G 986 -21.68 -1.03 8.46
CA PRO G 986 -20.46 -0.57 9.11
C PRO G 986 -19.31 -1.58 9.22
N PRO G 987 -19.48 -2.81 9.76
CA PRO G 987 -18.40 -3.77 9.94
C PRO G 987 -17.70 -4.13 8.63
N GLU G 988 -18.38 -3.93 7.51
CA GLU G 988 -17.78 -4.19 6.21
C GLU G 988 -17.42 -2.86 5.55
N ALA G 989 -18.21 -1.83 5.80
CA ALA G 989 -17.94 -0.52 5.21
C ALA G 989 -16.55 -0.07 5.61
N GLU G 990 -16.14 -0.40 6.83
CA GLU G 990 -14.82 -0.03 7.31
C GLU G 990 -13.71 -0.63 6.44
N VAL G 991 -13.96 -1.78 5.82
CA VAL G 991 -12.96 -2.40 4.96
C VAL G 991 -12.79 -1.55 3.71
N GLN G 992 -13.91 -1.10 3.16
CA GLN G 992 -13.89 -0.26 1.96
C GLN G 992 -13.43 1.17 2.27
N ILE G 993 -13.72 1.66 3.47
CA ILE G 993 -13.24 2.97 3.87
C ILE G 993 -11.73 2.91 4.02
N ASP G 994 -11.22 1.85 4.66
CA ASP G 994 -9.80 1.68 4.83
C ASP G 994 -9.13 1.50 3.47
N ARG G 995 -9.82 0.83 2.54
CA ARG G 995 -9.28 0.61 1.21
C ARG G 995 -9.11 1.93 0.49
N LEU G 996 -10.13 2.81 0.60
CA LEU G 996 -10.06 4.15 0.00
C LEU G 996 -9.01 5.00 0.65
N ILE G 997 -8.84 4.89 1.97
CA ILE G 997 -7.80 5.65 2.65
C ILE G 997 -6.44 5.24 2.17
N THR G 998 -6.18 3.96 2.05
CA THR G 998 -4.86 3.54 1.59
C THR G 998 -4.60 4.11 0.21
N GLY G 999 -5.60 4.03 -0.67
CA GLY G 999 -5.46 4.54 -2.03
C GLY G 999 -5.20 6.05 -2.07
N ARG G 1000 -6.01 6.81 -1.32
CA ARG G 1000 -5.90 8.25 -1.30
C ARG G 1000 -4.66 8.74 -0.56
N LEU G 1001 -4.25 8.02 0.47
CA LEU G 1001 -3.08 8.40 1.22
C LEU G 1001 -1.86 8.21 0.33
N GLN G 1002 -1.84 7.12 -0.44
CA GLN G 1002 -0.76 6.85 -1.36
C GLN G 1002 -0.68 7.91 -2.45
N SER G 1003 -1.83 8.36 -2.97
CA SER G 1003 -1.79 9.36 -4.04
C SER G 1003 -1.34 10.71 -3.51
N LEU G 1004 -1.65 10.98 -2.24
CA LEU G 1004 -1.22 12.23 -1.63
C LEU G 1004 0.26 12.19 -1.35
N GLN G 1005 0.76 11.02 -0.93
CA GLN G 1005 2.18 10.85 -0.68
C GLN G 1005 2.96 11.04 -1.97
N THR G 1006 2.40 10.55 -3.08
CA THR G 1006 3.03 10.71 -4.38
C THR G 1006 3.10 12.17 -4.79
N TYR G 1007 2.00 12.90 -4.59
CA TYR G 1007 1.96 14.33 -4.87
C TYR G 1007 3.01 15.08 -4.10
N VAL G 1008 3.06 14.86 -2.78
CA VAL G 1008 4.01 15.56 -1.95
C VAL G 1008 5.43 15.25 -2.36
N THR G 1009 5.73 13.98 -2.64
CA THR G 1009 7.09 13.62 -3.02
C THR G 1009 7.51 14.34 -4.28
N GLN G 1010 6.64 14.38 -5.30
CA GLN G 1010 7.02 15.07 -6.52
C GLN G 1010 7.09 16.56 -6.29
N GLN G 1011 6.26 17.09 -5.41
CA GLN G 1011 6.26 18.52 -5.12
C GLN G 1011 7.57 18.90 -4.43
N LEU G 1012 8.11 18.02 -3.59
CA LEU G 1012 9.40 18.27 -2.94
C LEU G 1012 10.53 18.25 -3.94
N ILE G 1013 10.48 17.32 -4.89
CA ILE G 1013 11.52 17.25 -5.91
C ILE G 1013 11.44 18.47 -6.81
N ARG G 1014 10.22 18.84 -7.21
CA ARG G 1014 10.02 20.01 -8.04
C ARG G 1014 10.46 21.27 -7.28
N ALA G 1015 10.17 21.32 -5.98
CA ALA G 1015 10.59 22.47 -5.18
C ALA G 1015 12.09 22.61 -5.20
N ALA G 1016 12.80 21.48 -5.17
CA ALA G 1016 14.26 21.52 -5.19
C ALA G 1016 14.76 22.12 -6.50
N GLU G 1017 14.10 21.79 -7.61
CA GLU G 1017 14.49 22.36 -8.90
C GLU G 1017 14.30 23.86 -8.90
N ILE G 1018 13.17 24.32 -8.36
CA ILE G 1018 12.89 25.74 -8.30
C ILE G 1018 13.89 26.43 -7.38
N ARG G 1019 14.21 25.82 -6.25
CA ARG G 1019 15.20 26.40 -5.36
C ARG G 1019 16.54 26.55 -6.06
N ALA G 1020 16.95 25.54 -6.81
CA ALA G 1020 18.22 25.61 -7.52
C ALA G 1020 18.20 26.78 -8.52
N SER G 1021 17.07 26.98 -9.21
CA SER G 1021 16.94 28.09 -10.13
C SER G 1021 16.96 29.40 -9.38
N ALA G 1022 16.27 29.47 -8.24
CA ALA G 1022 16.26 30.68 -7.43
C ALA G 1022 17.67 31.01 -6.97
N ASN G 1023 18.45 29.99 -6.62
CA ASN G 1023 19.82 30.22 -6.19
C ASN G 1023 20.63 30.80 -7.33
N LEU G 1024 20.38 30.30 -8.54
CA LEU G 1024 21.07 30.80 -9.72
C LEU G 1024 20.66 32.23 -9.99
N ALA G 1025 19.37 32.52 -9.89
CA ALA G 1025 18.88 33.87 -10.11
C ALA G 1025 19.49 34.83 -9.09
N ALA G 1026 19.63 34.38 -7.85
CA ALA G 1026 20.17 35.22 -6.80
C ALA G 1026 21.62 35.56 -7.03
N THR G 1027 22.43 34.58 -7.43
CA THR G 1027 23.83 34.86 -7.69
C THR G 1027 23.97 35.63 -8.96
N LYS G 1028 23.10 35.36 -9.92
CA LYS G 1028 23.20 36.04 -11.18
C LYS G 1028 22.84 37.49 -11.00
N MET G 1029 21.85 37.80 -10.17
CA MET G 1029 21.55 39.20 -9.96
C MET G 1029 22.71 39.91 -9.28
N SER G 1030 23.31 39.28 -8.28
CA SER G 1030 24.39 39.94 -7.57
C SER G 1030 25.58 40.20 -8.49
N GLU G 1031 25.92 39.22 -9.32
CA GLU G 1031 27.09 39.36 -10.16
C GLU G 1031 26.88 40.06 -11.51
N CYS G 1032 25.65 40.02 -12.08
CA CYS G 1032 25.35 40.63 -13.36
C CYS G 1032 24.75 42.05 -13.21
N VAL G 1033 23.99 42.26 -12.11
CA VAL G 1033 23.29 43.55 -11.92
C VAL G 1033 24.03 44.46 -10.95
N LEU G 1034 24.50 43.90 -9.84
CA LEU G 1034 25.16 44.68 -8.79
C LEU G 1034 26.67 44.67 -8.99
N GLY G 1035 27.10 44.38 -10.20
CA GLY G 1035 28.50 44.29 -10.55
C GLY G 1035 28.65 44.02 -12.02
N GLN G 1036 29.85 43.61 -12.41
CA GLN G 1036 30.15 43.27 -13.78
C GLN G 1036 30.96 42.00 -13.78
N SER G 1037 30.33 40.89 -14.09
CA SER G 1037 31.03 39.63 -14.01
C SER G 1037 32.05 39.54 -15.11
N LYS G 1038 33.02 38.66 -14.93
CA LYS G 1038 34.03 38.38 -15.94
C LYS G 1038 33.82 36.97 -16.47
N ARG G 1039 32.73 36.37 -16.05
CA ARG G 1039 32.41 34.99 -16.36
C ARG G 1039 31.76 34.85 -17.73
N VAL G 1040 32.38 34.06 -18.60
CA VAL G 1040 31.91 33.91 -19.97
C VAL G 1040 30.57 33.20 -20.06
N ASP G 1041 29.68 33.81 -20.81
CA ASP G 1041 28.34 33.34 -21.07
C ASP G 1041 27.51 33.15 -19.80
N PHE G 1042 27.95 33.74 -18.71
CA PHE G 1042 27.17 33.73 -17.48
C PHE G 1042 26.05 34.78 -17.50
N CYS G 1043 26.37 35.99 -17.98
CA CYS G 1043 25.45 37.13 -18.05
C CYS G 1043 25.13 37.33 -19.53
N GLY G 1044 24.94 36.23 -20.23
CA GLY G 1044 24.64 36.27 -21.64
C GLY G 1044 25.92 36.15 -22.47
N LYS G 1045 25.74 35.96 -23.76
CA LYS G 1045 26.84 35.81 -24.71
C LYS G 1045 27.43 37.16 -25.09
N GLY G 1046 28.76 37.26 -25.07
CA GLY G 1046 29.44 38.50 -25.39
C GLY G 1046 30.21 39.01 -24.17
N TYR G 1047 30.78 40.20 -24.27
CA TYR G 1047 31.52 40.73 -23.14
C TYR G 1047 30.58 41.54 -22.29
N HIS G 1048 30.30 41.05 -21.10
CA HIS G 1048 29.29 41.67 -20.27
C HIS G 1048 29.60 43.10 -19.89
N LEU G 1049 28.62 43.99 -20.05
CA LEU G 1049 28.73 45.37 -19.61
C LEU G 1049 27.86 45.60 -18.38
N MET G 1050 26.57 45.29 -18.49
CA MET G 1050 25.64 45.52 -17.38
C MET G 1050 24.33 44.77 -17.59
N SER G 1051 23.53 44.63 -16.53
CA SER G 1051 22.22 44.00 -16.68
C SER G 1051 21.13 44.79 -16.02
N PHE G 1052 19.93 44.67 -16.58
CA PHE G 1052 18.74 45.29 -16.04
C PHE G 1052 17.62 44.27 -15.81
N PRO G 1053 17.33 43.88 -14.57
CA PRO G 1053 16.32 42.91 -14.21
C PRO G 1053 14.94 43.47 -14.48
N GLN G 1054 13.99 42.58 -14.73
CA GLN G 1054 12.58 42.90 -14.89
C GLN G 1054 11.79 41.86 -14.11
N SER G 1055 10.71 42.28 -13.46
CA SER G 1055 9.88 41.35 -12.72
C SER G 1055 8.99 40.54 -13.64
N ALA G 1056 8.73 39.29 -13.28
CA ALA G 1056 7.81 38.46 -14.04
C ALA G 1056 7.03 37.60 -13.05
N PRO G 1057 5.83 37.10 -13.39
CA PRO G 1057 5.08 36.22 -12.54
C PRO G 1057 5.92 35.02 -12.20
N HIS G 1058 6.08 34.74 -10.91
CA HIS G 1058 6.84 33.60 -10.42
C HIS G 1058 8.28 33.55 -10.91
N GLY G 1059 8.86 34.69 -11.29
CA GLY G 1059 10.22 34.63 -11.79
C GLY G 1059 10.82 35.99 -12.06
N VAL G 1060 12.04 35.96 -12.59
CA VAL G 1060 12.79 37.15 -12.89
C VAL G 1060 13.34 37.06 -14.29
N VAL G 1061 13.33 38.19 -14.99
CA VAL G 1061 13.89 38.24 -16.31
C VAL G 1061 15.04 39.22 -16.36
N PHE G 1062 16.18 38.76 -16.85
CA PHE G 1062 17.32 39.66 -16.92
C PHE G 1062 17.57 40.12 -18.33
N LEU G 1063 17.72 41.41 -18.50
CA LEU G 1063 18.13 41.93 -19.80
C LEU G 1063 19.62 42.21 -19.73
N HIS G 1064 20.39 41.43 -20.45
CA HIS G 1064 21.85 41.55 -20.36
C HIS G 1064 22.37 42.38 -21.50
N VAL G 1065 23.12 43.41 -21.19
CA VAL G 1065 23.70 44.28 -22.20
C VAL G 1065 25.13 43.88 -22.41
N THR G 1066 25.44 43.44 -23.63
CA THR G 1066 26.77 42.93 -23.91
C THR G 1066 27.43 43.59 -25.12
N TYR G 1067 28.76 43.65 -25.06
CA TYR G 1067 29.61 44.16 -26.12
C TYR G 1067 30.04 43.02 -27.02
N VAL G 1068 29.82 43.16 -28.31
CA VAL G 1068 30.19 42.11 -29.25
C VAL G 1068 31.09 42.61 -30.37
N PRO G 1069 32.30 42.04 -30.55
CA PRO G 1069 33.26 42.36 -31.58
C PRO G 1069 32.63 42.20 -32.95
N ALA G 1070 33.05 43.02 -33.90
CA ALA G 1070 32.50 42.94 -35.24
C ALA G 1070 33.44 43.57 -36.28
N GLN G 1071 33.19 43.24 -37.54
CA GLN G 1071 33.92 43.84 -38.64
C GLN G 1071 35.43 43.76 -38.43
N GLU G 1072 35.91 42.57 -38.16
CA GLU G 1072 37.33 42.37 -37.95
C GLU G 1072 38.09 42.41 -39.26
N LYS G 1073 39.36 42.76 -39.17
CA LYS G 1073 40.25 42.72 -40.31
C LYS G 1073 41.48 41.87 -40.03
N ASN G 1074 42.04 41.30 -41.10
CA ASN G 1074 43.32 40.55 -41.05
C ASN G 1074 44.49 41.50 -40.93
N PHE G 1075 45.39 41.22 -39.95
CA PHE G 1075 46.62 41.98 -39.72
C PHE G 1075 47.81 41.04 -39.53
N THR G 1076 49.01 41.50 -39.90
CA THR G 1076 50.21 40.69 -39.64
C THR G 1076 50.75 41.04 -38.27
N THR G 1077 51.23 40.05 -37.52
CA THR G 1077 51.70 40.30 -36.17
C THR G 1077 53.11 39.90 -35.86
N ALA G 1078 53.57 40.35 -34.70
CA ALA G 1078 54.84 39.95 -34.14
C ALA G 1078 54.71 39.93 -32.63
N PRO G 1079 55.37 39.02 -31.92
CA PRO G 1079 55.43 38.94 -30.48
C PRO G 1079 56.28 40.06 -29.88
N ALA G 1080 57.15 40.63 -30.69
CA ALA G 1080 58.05 41.67 -30.19
C ALA G 1080 58.66 42.46 -31.34
N ILE G 1081 59.11 43.64 -31.01
CA ILE G 1081 59.85 44.47 -31.95
C ILE G 1081 61.33 44.53 -31.55
N CYS G 1082 62.22 44.27 -32.52
CA CYS G 1082 63.62 44.38 -32.36
C CYS G 1082 64.08 45.79 -32.61
N HIS G 1083 64.82 46.38 -31.72
CA HIS G 1083 65.26 47.76 -31.85
C HIS G 1083 66.64 47.88 -31.23
N ASP G 1084 67.60 48.35 -32.02
CA ASP G 1084 69.01 48.40 -31.64
C ASP G 1084 69.46 47.29 -30.66
N GLY G 1085 68.97 46.05 -30.88
CA GLY G 1085 69.40 44.84 -30.16
C GLY G 1085 68.50 44.40 -29.00
N LYS G 1086 67.63 45.29 -28.56
CA LYS G 1086 66.72 45.02 -27.45
C LYS G 1086 65.39 44.46 -27.95
N ALA G 1087 64.72 43.65 -27.13
CA ALA G 1087 63.42 43.15 -27.51
C ALA G 1087 62.29 43.89 -26.79
N HIS G 1088 61.45 44.57 -27.57
CA HIS G 1088 60.34 45.36 -27.04
C HIS G 1088 59.01 44.63 -27.17
N PHE G 1089 58.34 44.44 -26.05
CA PHE G 1089 57.05 43.75 -26.00
C PHE G 1089 55.99 44.81 -25.76
N PRO G 1090 54.75 44.62 -26.24
CA PRO G 1090 53.69 45.58 -26.08
C PRO G 1090 53.36 45.66 -24.61
N ARG G 1091 53.08 46.85 -24.10
CA ARG G 1091 52.75 46.98 -22.69
C ARG G 1091 51.36 46.44 -22.43
N GLU G 1092 50.40 46.78 -23.28
CA GLU G 1092 49.02 46.35 -23.06
C GLU G 1092 48.33 45.71 -24.26
N GLY G 1093 48.67 46.15 -25.46
CA GLY G 1093 48.00 45.65 -26.65
C GLY G 1093 48.85 44.65 -27.42
N VAL G 1094 48.71 44.66 -28.74
CA VAL G 1094 49.43 43.76 -29.63
C VAL G 1094 50.13 44.51 -30.73
N PHE G 1095 51.18 43.91 -31.29
CA PHE G 1095 51.85 44.52 -32.43
C PHE G 1095 51.29 44.03 -33.72
N VAL G 1096 50.81 44.95 -34.55
CA VAL G 1096 50.22 44.61 -35.83
C VAL G 1096 50.82 45.42 -36.96
N SER G 1097 50.68 44.90 -38.16
CA SER G 1097 51.11 45.58 -39.36
C SER G 1097 50.01 45.66 -40.39
N ASN G 1098 49.84 46.86 -40.97
CA ASN G 1098 48.85 47.14 -42.01
C ASN G 1098 49.38 46.83 -43.42
N GLY G 1099 50.62 46.32 -43.53
CA GLY G 1099 51.31 45.96 -44.76
C GLY G 1099 52.55 46.81 -45.00
N THR G 1100 52.61 48.02 -44.44
CA THR G 1100 53.80 48.85 -44.61
C THR G 1100 54.37 49.34 -43.28
N HIS G 1101 53.52 49.53 -42.27
CA HIS G 1101 53.97 50.06 -40.99
C HIS G 1101 53.48 49.26 -39.80
N TRP G 1102 54.31 49.19 -38.77
CA TRP G 1102 53.96 48.54 -37.52
C TRP G 1102 53.35 49.50 -36.52
N PHE G 1103 52.26 49.05 -35.91
CA PHE G 1103 51.51 49.80 -34.92
C PHE G 1103 51.20 48.95 -33.72
N VAL G 1104 50.88 49.56 -32.60
CA VAL G 1104 50.44 48.79 -31.45
C VAL G 1104 48.97 49.12 -31.18
N THR G 1105 48.15 48.10 -31.02
CA THR G 1105 46.71 48.26 -30.83
C THR G 1105 46.20 47.50 -29.63
N GLN G 1106 45.12 47.95 -29.04
CA GLN G 1106 44.47 47.12 -28.05
C GLN G 1106 43.85 45.93 -28.79
N ARG G 1107 43.86 44.76 -28.19
CA ARG G 1107 43.42 43.55 -28.88
C ARG G 1107 41.93 43.43 -29.06
N ASN G 1108 41.15 44.24 -28.36
CA ASN G 1108 39.70 44.14 -28.46
C ASN G 1108 39.09 45.22 -29.34
N PHE G 1109 39.91 46.05 -29.97
CA PHE G 1109 39.41 47.13 -30.80
C PHE G 1109 40.52 47.79 -31.59
N TYR G 1110 40.44 47.77 -32.91
CA TYR G 1110 41.54 48.32 -33.68
C TYR G 1110 41.62 49.82 -33.53
N GLU G 1111 42.76 50.27 -33.02
CA GLU G 1111 43.02 51.67 -32.80
C GLU G 1111 44.53 51.88 -32.76
N PRO G 1112 45.17 52.03 -33.91
CA PRO G 1112 46.60 51.95 -34.11
C PRO G 1112 47.31 53.14 -33.49
N GLN G 1113 48.41 52.84 -32.82
CA GLN G 1113 49.26 53.86 -32.25
C GLN G 1113 50.66 53.65 -32.76
N ILE G 1114 51.43 54.71 -32.88
CA ILE G 1114 52.83 54.52 -33.25
C ILE G 1114 53.48 53.79 -32.10
N ILE G 1115 54.41 52.90 -32.41
CA ILE G 1115 55.08 52.16 -31.37
C ILE G 1115 56.13 53.04 -30.74
N THR G 1116 56.04 53.23 -29.43
CA THR G 1116 56.93 54.12 -28.71
C THR G 1116 57.43 53.42 -27.47
N THR G 1117 58.39 54.02 -26.81
CA THR G 1117 58.92 53.48 -25.57
C THR G 1117 57.95 53.57 -24.41
N ASP G 1118 56.85 54.31 -24.58
CA ASP G 1118 55.86 54.43 -23.51
C ASP G 1118 54.74 53.40 -23.58
N ASN G 1119 54.68 52.64 -24.67
CA ASN G 1119 53.61 51.66 -24.81
C ASN G 1119 54.17 50.26 -25.04
N THR G 1120 55.47 50.14 -24.80
CA THR G 1120 56.21 48.89 -24.87
C THR G 1120 57.12 48.76 -23.67
N PHE G 1121 57.68 47.58 -23.46
CA PHE G 1121 58.68 47.41 -22.42
C PHE G 1121 59.78 46.50 -22.92
N VAL G 1122 60.96 46.61 -22.35
CA VAL G 1122 62.07 45.80 -22.81
C VAL G 1122 62.38 44.63 -21.91
N SER G 1123 62.52 43.45 -22.52
CA SER G 1123 62.90 42.26 -21.79
C SER G 1123 63.74 41.34 -22.65
N GLY G 1124 64.99 41.14 -22.27
CA GLY G 1124 65.86 40.29 -23.04
C GLY G 1124 66.26 40.96 -24.34
N ASN G 1125 66.58 40.16 -25.34
CA ASN G 1125 67.11 40.71 -26.58
C ASN G 1125 66.62 39.94 -27.81
N CYS G 1126 67.04 40.42 -28.99
CA CYS G 1126 66.57 39.97 -30.29
C CYS G 1126 66.99 38.56 -30.67
N ASP G 1127 67.89 37.96 -29.91
CA ASP G 1127 68.35 36.61 -30.24
C ASP G 1127 67.55 35.52 -29.54
N VAL G 1128 66.55 35.92 -28.75
CA VAL G 1128 65.79 34.94 -27.99
C VAL G 1128 64.36 34.72 -28.49
N VAL G 1129 63.66 35.79 -28.82
CA VAL G 1129 62.25 35.70 -29.18
C VAL G 1129 62.05 35.12 -30.58
N ILE G 1130 61.15 34.16 -30.69
CA ILE G 1130 60.87 33.53 -31.96
C ILE G 1130 59.86 34.34 -32.75
N GLY G 1131 60.21 34.72 -33.97
CA GLY G 1131 59.30 35.51 -34.80
C GLY G 1131 59.39 37.01 -34.54
N ILE G 1132 60.47 37.47 -33.93
CA ILE G 1132 60.67 38.89 -33.66
C ILE G 1132 60.92 39.63 -34.96
N VAL G 1133 60.39 40.84 -35.11
CA VAL G 1133 60.60 41.60 -36.33
C VAL G 1133 61.34 42.89 -36.07
N ASN G 1134 62.01 43.44 -37.07
CA ASN G 1134 62.80 44.67 -37.02
C ASN G 1134 61.95 45.89 -37.34
N ASN G 1135 61.87 46.86 -36.42
CA ASN G 1135 61.12 48.11 -36.59
C ASN G 1135 61.82 49.21 -35.82
N THR G 1136 61.26 50.41 -35.87
CA THR G 1136 61.79 51.53 -35.12
C THR G 1136 60.85 51.89 -34.00
N VAL G 1137 61.38 51.95 -32.78
CA VAL G 1137 60.58 52.33 -31.64
C VAL G 1137 60.83 53.78 -31.30
N TYR G 1138 59.78 54.57 -31.37
CA TYR G 1138 59.88 56.00 -31.17
C TYR G 1138 60.16 56.39 -29.73
N ASP G 1139 61.09 57.31 -29.55
CA ASP G 1139 61.42 57.84 -28.24
C ASP G 1139 60.95 59.29 -28.16
N PRO G 1140 59.87 59.59 -27.39
CA PRO G 1140 59.25 60.89 -27.22
C PRO G 1140 60.21 61.97 -26.74
N LEU G 1141 61.35 61.56 -26.17
CA LEU G 1141 62.34 62.51 -25.67
C LEU G 1141 63.32 62.95 -26.76
N GLN G 1142 63.51 62.10 -27.77
CA GLN G 1142 64.51 62.37 -28.81
C GLN G 1142 64.34 63.69 -29.56
N PRO G 1143 63.11 64.15 -29.89
CA PRO G 1143 62.84 65.40 -30.59
C PRO G 1143 63.36 66.61 -29.83
N GLU G 1144 63.58 66.47 -28.52
CA GLU G 1144 64.10 67.57 -27.73
C GLU G 1144 65.60 67.41 -27.42
N LEU G 1145 66.04 66.16 -27.22
CA LEU G 1145 67.43 65.82 -26.91
C LEU G 1145 67.97 64.85 -27.96
N VAL H 2 -28.45 -32.58 -25.03
CA VAL H 2 -28.00 -32.95 -26.36
C VAL H 2 -29.21 -33.01 -27.31
N GLN H 3 -28.94 -32.81 -28.61
CA GLN H 3 -29.92 -32.77 -29.69
C GLN H 3 -29.47 -33.69 -30.81
N LEU H 4 -30.41 -34.48 -31.33
CA LEU H 4 -30.14 -35.36 -32.44
C LEU H 4 -31.10 -35.07 -33.58
N VAL H 5 -30.56 -34.57 -34.68
CA VAL H 5 -31.38 -34.19 -35.82
C VAL H 5 -31.29 -35.20 -36.94
N GLN H 6 -32.44 -35.68 -37.39
CA GLN H 6 -32.47 -36.69 -38.44
C GLN H 6 -32.92 -36.11 -39.77
N SER H 7 -32.90 -36.95 -40.79
CA SER H 7 -33.33 -36.60 -42.13
C SER H 7 -34.85 -36.49 -42.21
N GLY H 8 -35.34 -35.85 -43.26
CA GLY H 8 -36.78 -35.75 -43.48
C GLY H 8 -37.30 -37.00 -44.19
N ALA H 9 -38.59 -37.02 -44.45
CA ALA H 9 -39.25 -38.16 -45.08
C ALA H 9 -38.85 -38.31 -46.54
N GLU H 10 -38.79 -39.55 -47.00
CA GLU H 10 -38.55 -39.78 -48.42
C GLU H 10 -39.17 -41.07 -48.93
N VAL H 11 -39.36 -41.14 -50.24
CA VAL H 11 -39.95 -42.30 -50.87
C VAL H 11 -38.99 -42.97 -51.83
N LYS H 12 -38.83 -44.27 -51.67
CA LYS H 12 -37.95 -45.08 -52.50
C LYS H 12 -38.76 -46.15 -53.22
N LYS H 13 -38.24 -46.62 -54.34
CA LYS H 13 -38.90 -47.75 -54.98
C LYS H 13 -38.58 -48.99 -54.16
N PRO H 14 -39.52 -49.92 -54.00
CA PRO H 14 -39.34 -51.12 -53.24
C PRO H 14 -38.22 -51.94 -53.83
N GLY H 15 -37.38 -52.48 -52.96
CA GLY H 15 -36.23 -53.27 -53.40
C GLY H 15 -34.96 -52.44 -53.48
N SER H 16 -35.08 -51.12 -53.38
CA SER H 16 -33.91 -50.25 -53.46
C SER H 16 -33.35 -49.93 -52.09
N SER H 17 -32.40 -48.99 -52.04
CA SER H 17 -31.72 -48.67 -50.80
C SER H 17 -31.97 -47.25 -50.31
N VAL H 18 -31.81 -47.08 -49.00
CA VAL H 18 -32.00 -45.79 -48.36
C VAL H 18 -30.88 -45.47 -47.37
N LYS H 19 -30.47 -44.21 -47.31
CA LYS H 19 -29.49 -43.77 -46.31
C LYS H 19 -30.08 -42.68 -45.43
N VAL H 20 -30.18 -42.97 -44.14
CA VAL H 20 -30.75 -42.03 -43.17
C VAL H 20 -29.67 -41.46 -42.27
N SER H 21 -29.51 -40.15 -42.28
CA SER H 21 -28.48 -39.54 -41.44
C SER H 21 -29.06 -39.16 -40.08
N CYS H 22 -28.14 -38.88 -39.13
CA CYS H 22 -28.49 -38.41 -37.79
C CYS H 22 -27.29 -37.68 -37.19
N LYS H 23 -27.45 -36.39 -36.94
CA LYS H 23 -26.36 -35.55 -36.45
C LYS H 23 -26.57 -35.09 -35.01
N ALA H 24 -25.65 -35.50 -34.13
CA ALA H 24 -25.75 -35.16 -32.72
C ALA H 24 -25.14 -33.79 -32.46
N SER H 25 -25.81 -32.76 -32.93
CA SER H 25 -25.30 -31.40 -32.90
C SER H 25 -25.33 -30.73 -31.53
N GLY H 26 -26.03 -31.32 -30.58
CA GLY H 26 -26.21 -30.68 -29.29
C GLY H 26 -24.82 -30.51 -28.65
N GLY H 27 -24.13 -31.59 -28.31
CA GLY H 27 -22.80 -31.39 -27.70
C GLY H 27 -21.85 -32.47 -28.23
N ILE H 28 -22.18 -33.75 -28.00
CA ILE H 28 -21.40 -34.93 -28.39
C ILE H 28 -20.38 -35.26 -27.28
N PHE H 29 -20.48 -34.62 -26.12
CA PHE H 29 -19.49 -34.86 -25.08
C PHE H 29 -19.78 -36.07 -24.19
N ASN H 30 -21.04 -36.50 -24.11
CA ASN H 30 -21.41 -37.70 -23.36
C ASN H 30 -22.07 -38.73 -24.25
N THR H 31 -21.84 -38.63 -25.56
CA THR H 31 -22.44 -39.59 -26.47
C THR H 31 -21.38 -40.54 -26.95
N TYR H 32 -21.57 -41.81 -26.64
CA TYR H 32 -20.61 -42.82 -26.99
C TYR H 32 -21.18 -43.76 -28.03
N THR H 33 -22.51 -43.87 -28.04
CA THR H 33 -23.19 -44.78 -28.94
C THR H 33 -24.53 -44.26 -29.38
N ILE H 34 -24.87 -44.59 -30.63
CA ILE H 34 -26.14 -44.26 -31.26
C ILE H 34 -26.88 -45.53 -31.63
N SER H 35 -28.13 -45.60 -31.25
CA SER H 35 -28.94 -46.76 -31.59
C SER H 35 -30.06 -46.40 -32.54
N TRP H 36 -30.48 -47.37 -33.31
CA TRP H 36 -31.58 -47.18 -34.22
C TRP H 36 -32.71 -48.12 -33.88
N VAL H 37 -33.91 -47.56 -33.83
CA VAL H 37 -35.13 -48.26 -33.50
C VAL H 37 -36.20 -47.92 -34.52
N ARG H 38 -36.97 -48.89 -34.97
CA ARG H 38 -38.02 -48.54 -35.93
C ARG H 38 -39.39 -48.85 -35.41
N GLN H 39 -40.39 -48.14 -35.93
CA GLN H 39 -41.76 -48.38 -35.55
C GLN H 39 -42.68 -48.41 -36.75
N ALA H 40 -43.19 -49.59 -37.08
CA ALA H 40 -44.12 -49.72 -38.18
C ALA H 40 -45.43 -49.08 -37.74
N PRO H 41 -46.26 -48.55 -38.64
CA PRO H 41 -47.51 -47.93 -38.31
C PRO H 41 -48.38 -48.88 -37.50
N GLY H 42 -48.87 -48.42 -36.37
CA GLY H 42 -49.76 -49.21 -35.54
C GLY H 42 -49.03 -50.24 -34.67
N GLN H 43 -47.70 -50.27 -34.75
CA GLN H 43 -46.93 -51.25 -34.02
C GLN H 43 -46.10 -50.64 -32.90
N GLY H 44 -45.40 -51.50 -32.17
CA GLY H 44 -44.51 -51.05 -31.10
C GLY H 44 -43.15 -50.77 -31.70
N LEU H 45 -42.13 -50.69 -30.86
CA LEU H 45 -40.83 -50.31 -31.38
C LEU H 45 -39.92 -51.52 -31.47
N GLU H 46 -39.05 -51.52 -32.46
CA GLU H 46 -38.14 -52.62 -32.67
C GLU H 46 -36.70 -52.15 -32.70
N TRP H 47 -35.83 -52.76 -31.92
CA TRP H 47 -34.43 -52.37 -31.99
C TRP H 47 -33.83 -52.95 -33.26
N MET H 48 -33.06 -52.14 -33.98
CA MET H 48 -32.43 -52.61 -35.21
C MET H 48 -30.93 -52.75 -35.09
N GLY H 49 -30.31 -51.90 -34.30
CA GLY H 49 -28.87 -51.92 -34.20
C GLY H 49 -28.32 -50.78 -33.37
N ARG H 50 -27.04 -50.87 -33.06
CA ARG H 50 -26.36 -49.82 -32.31
C ARG H 50 -24.93 -49.73 -32.75
N ILE H 51 -24.43 -48.52 -32.83
CA ILE H 51 -23.04 -48.32 -33.20
C ILE H 51 -22.30 -47.57 -32.12
N ILE H 52 -21.10 -48.01 -31.86
CA ILE H 52 -20.28 -47.33 -30.88
C ILE H 52 -19.44 -46.36 -31.68
N LEU H 53 -19.58 -45.10 -31.38
CA LEU H 53 -18.99 -44.07 -32.20
C LEU H 53 -17.47 -44.11 -32.15
N MET H 54 -16.93 -44.43 -30.99
CA MET H 54 -15.49 -44.47 -30.82
C MET H 54 -14.83 -45.55 -31.64
N SER H 55 -15.35 -46.77 -31.55
CA SER H 55 -14.70 -47.88 -32.21
C SER H 55 -15.12 -48.10 -33.65
N GLY H 56 -16.32 -47.65 -33.99
CA GLY H 56 -16.85 -47.84 -35.33
C GLY H 56 -17.57 -49.19 -35.47
N MET H 57 -17.61 -49.97 -34.39
CA MET H 57 -18.27 -51.26 -34.42
C MET H 57 -19.75 -51.12 -34.19
N ALA H 58 -20.53 -51.97 -34.84
CA ALA H 58 -21.96 -51.95 -34.65
C ALA H 58 -22.52 -53.36 -34.57
N ASN H 59 -23.57 -53.50 -33.78
CA ASN H 59 -24.30 -54.74 -33.63
C ASN H 59 -25.66 -54.58 -34.29
N TYR H 60 -26.24 -55.68 -34.75
CA TYR H 60 -27.52 -55.60 -35.43
C TYR H 60 -28.51 -56.64 -34.94
N ALA H 61 -29.79 -56.33 -35.08
CA ALA H 61 -30.82 -57.32 -34.82
C ALA H 61 -30.67 -58.44 -35.83
N GLN H 62 -30.81 -59.69 -35.37
CA GLN H 62 -30.59 -60.83 -36.24
C GLN H 62 -31.52 -60.88 -37.44
N LYS H 63 -32.75 -60.44 -37.25
CA LYS H 63 -33.77 -60.49 -38.29
C LYS H 63 -33.47 -59.64 -39.53
N ILE H 64 -32.56 -58.69 -39.41
CA ILE H 64 -32.18 -57.86 -40.54
C ILE H 64 -30.71 -57.98 -40.84
N GLN H 65 -30.06 -58.98 -40.27
CA GLN H 65 -28.63 -59.06 -40.48
C GLN H 65 -28.33 -59.35 -41.92
N GLY H 66 -27.30 -58.70 -42.43
CA GLY H 66 -26.86 -58.87 -43.80
C GLY H 66 -27.46 -57.86 -44.77
N ARG H 67 -28.50 -57.13 -44.34
CA ARG H 67 -29.14 -56.15 -45.22
C ARG H 67 -29.09 -54.75 -44.63
N VAL H 68 -28.42 -54.61 -43.49
CA VAL H 68 -28.31 -53.34 -42.78
C VAL H 68 -26.87 -53.03 -42.42
N THR H 69 -26.49 -51.78 -42.56
CA THR H 69 -25.19 -51.35 -42.07
C THR H 69 -25.33 -50.01 -41.35
N ILE H 70 -24.48 -49.79 -40.34
CA ILE H 70 -24.44 -48.49 -39.67
C ILE H 70 -23.02 -47.95 -39.69
N THR H 71 -22.86 -46.70 -40.10
CA THR H 71 -21.54 -46.09 -40.16
C THR H 71 -21.41 -44.86 -39.28
N ALA H 72 -20.35 -44.82 -38.49
CA ALA H 72 -20.10 -43.66 -37.63
C ALA H 72 -19.04 -42.75 -38.24
N ASP H 73 -19.44 -41.53 -38.57
CA ASP H 73 -18.53 -40.55 -39.14
C ASP H 73 -18.15 -39.54 -38.08
N LYS H 74 -16.99 -39.72 -37.46
CA LYS H 74 -16.61 -38.88 -36.35
C LYS H 74 -16.49 -37.42 -36.76
N SER H 75 -15.99 -37.20 -37.96
CA SER H 75 -15.69 -35.85 -38.45
C SER H 75 -16.90 -34.95 -38.58
N THR H 76 -18.08 -35.54 -38.64
CA THR H 76 -19.30 -34.76 -38.80
C THR H 76 -20.26 -34.98 -37.64
N SER H 77 -19.82 -35.80 -36.68
CA SER H 77 -20.62 -36.30 -35.56
C SER H 77 -21.95 -36.91 -36.03
N THR H 78 -21.88 -37.80 -37.03
CA THR H 78 -23.11 -38.42 -37.53
C THR H 78 -23.06 -39.93 -37.53
N ALA H 79 -24.23 -40.53 -37.53
CA ALA H 79 -24.36 -41.96 -37.72
C ALA H 79 -25.31 -42.23 -38.88
N TYR H 80 -24.82 -42.96 -39.86
CA TYR H 80 -25.63 -43.30 -41.02
C TYR H 80 -26.24 -44.67 -40.90
N MET H 81 -27.55 -44.72 -41.03
CA MET H 81 -28.30 -45.96 -41.03
C MET H 81 -28.73 -46.28 -42.43
N GLU H 82 -28.25 -47.36 -43.00
CA GLU H 82 -28.67 -47.63 -44.36
C GLU H 82 -29.10 -49.06 -44.58
N LEU H 83 -30.11 -49.20 -45.42
CA LEU H 83 -30.73 -50.48 -45.70
C LEU H 83 -30.76 -50.80 -47.16
N THR H 84 -30.68 -52.09 -47.47
CA THR H 84 -30.83 -52.59 -48.82
C THR H 84 -32.16 -53.35 -48.93
N SER H 85 -32.57 -53.68 -50.17
CA SER H 85 -33.80 -54.41 -50.50
C SER H 85 -35.03 -53.71 -49.92
N ASP H 90 -40.75 -52.36 -46.04
CA ASP H 90 -41.65 -51.79 -45.05
C ASP H 90 -41.68 -50.24 -45.12
N THR H 91 -42.64 -49.64 -44.38
CA THR H 91 -42.93 -48.20 -44.35
C THR H 91 -42.78 -47.62 -42.95
N ALA H 92 -41.91 -48.23 -42.16
CA ALA H 92 -41.69 -47.87 -40.76
C ALA H 92 -40.99 -46.54 -40.60
N VAL H 93 -41.14 -45.99 -39.40
CA VAL H 93 -40.42 -44.79 -38.99
C VAL H 93 -39.15 -45.17 -38.28
N TYR H 94 -38.03 -44.61 -38.69
CA TYR H 94 -36.75 -44.95 -38.10
C TYR H 94 -36.24 -43.86 -37.16
N TYR H 95 -36.12 -44.19 -35.89
CA TYR H 95 -35.71 -43.23 -34.88
C TYR H 95 -34.24 -43.39 -34.50
N CYS H 96 -33.57 -42.26 -34.28
CA CYS H 96 -32.18 -42.18 -33.84
C CYS H 96 -32.15 -41.80 -32.36
N ALA H 97 -31.43 -42.56 -31.55
CA ALA H 97 -31.35 -42.19 -30.13
C ALA H 97 -29.99 -42.49 -29.54
N ARG H 98 -29.55 -41.61 -28.65
CA ARG H 98 -28.26 -41.81 -27.97
C ARG H 98 -28.43 -42.71 -26.77
N GLY H 99 -27.43 -43.53 -26.49
CA GLY H 99 -27.45 -44.37 -25.30
C GLY H 99 -26.98 -43.58 -24.10
N PHE H 100 -27.56 -43.87 -22.93
CA PHE H 100 -27.19 -43.18 -21.71
C PHE H 100 -27.45 -43.97 -20.45
N ASN H 101 -26.57 -43.83 -19.47
CA ASN H 101 -26.78 -44.45 -18.17
C ASN H 101 -26.37 -43.46 -17.09
N GLY H 102 -27.21 -43.29 -16.08
CA GLY H 102 -26.93 -42.29 -15.04
C GLY H 102 -25.91 -42.76 -14.01
N ASN H 103 -25.53 -44.03 -14.08
CA ASN H 103 -24.59 -44.59 -13.10
C ASN H 103 -23.15 -44.56 -13.57
N TYR H 104 -22.94 -44.45 -14.87
CA TYR H 104 -21.59 -44.52 -15.41
C TYR H 104 -21.47 -43.83 -16.75
N TYR H 105 -20.23 -43.54 -17.13
CA TYR H 105 -19.95 -42.95 -18.42
C TYR H 105 -19.57 -44.05 -19.37
N GLY H 106 -19.91 -43.91 -20.64
CA GLY H 106 -19.58 -44.95 -21.60
C GLY H 106 -20.83 -45.72 -21.99
N TRP H 107 -20.67 -46.98 -22.37
CA TRP H 107 -21.78 -47.72 -22.93
C TRP H 107 -21.84 -49.15 -22.40
N GLY H 108 -23.03 -49.73 -22.42
CA GLY H 108 -23.17 -51.10 -21.96
C GLY H 108 -24.52 -51.70 -22.28
N ASP H 109 -24.91 -52.71 -21.51
CA ASP H 109 -26.14 -53.43 -21.74
C ASP H 109 -27.33 -52.85 -20.98
N ASP H 110 -27.05 -52.26 -19.83
CA ASP H 110 -28.07 -51.71 -18.93
C ASP H 110 -28.33 -50.23 -19.16
N ASP H 111 -27.84 -49.70 -20.27
CA ASP H 111 -28.07 -48.30 -20.56
C ASP H 111 -29.45 -48.12 -21.19
N ALA H 112 -29.81 -46.89 -21.52
CA ALA H 112 -31.14 -46.61 -22.02
C ALA H 112 -31.09 -45.53 -23.07
N PHE H 113 -32.15 -45.43 -23.85
CA PHE H 113 -32.22 -44.41 -24.88
C PHE H 113 -32.98 -43.22 -24.32
N ASP H 114 -32.28 -42.16 -23.94
CA ASP H 114 -32.93 -41.02 -23.30
C ASP H 114 -33.32 -39.92 -24.28
N ILE H 115 -32.39 -39.52 -25.12
CA ILE H 115 -32.65 -38.45 -26.08
C ILE H 115 -32.84 -39.01 -27.47
N TRP H 116 -34.04 -38.81 -27.99
CA TRP H 116 -34.45 -39.33 -29.28
C TRP H 116 -34.59 -38.23 -30.30
N GLY H 117 -34.34 -38.58 -31.56
CA GLY H 117 -34.52 -37.66 -32.67
C GLY H 117 -35.97 -37.65 -33.12
N GLN H 118 -36.25 -36.95 -34.21
CA GLN H 118 -37.62 -36.78 -34.67
C GLN H 118 -38.26 -38.00 -35.31
N GLY H 119 -37.45 -38.90 -35.85
CA GLY H 119 -37.99 -40.06 -36.57
C GLY H 119 -38.05 -39.76 -38.06
N THR H 120 -37.42 -40.60 -38.85
CA THR H 120 -37.43 -40.41 -40.29
C THR H 120 -38.27 -41.49 -40.92
N LEU H 121 -39.31 -41.13 -41.64
CA LEU H 121 -40.07 -42.22 -42.24
C LEU H 121 -39.57 -42.49 -43.63
N VAL H 122 -39.60 -43.74 -43.99
CA VAL H 122 -39.22 -44.16 -45.33
C VAL H 122 -40.32 -45.04 -45.87
N THR H 123 -40.85 -44.71 -47.03
CA THR H 123 -41.93 -45.51 -47.60
C THR H 123 -41.62 -45.96 -49.02
N VAL H 124 -42.41 -46.92 -49.52
CA VAL H 124 -42.33 -47.48 -50.87
C VAL H 124 -43.67 -47.32 -51.58
N VAL I 3 -39.42 -60.68 -27.10
CA VAL I 3 -40.55 -59.77 -26.97
C VAL I 3 -41.10 -59.87 -25.54
N LEU I 4 -41.43 -58.73 -24.93
CA LEU I 4 -41.98 -58.65 -23.57
C LEU I 4 -43.50 -58.50 -23.67
N THR I 5 -44.21 -59.23 -22.85
CA THR I 5 -45.66 -59.25 -22.93
C THR I 5 -46.29 -58.13 -22.12
N GLN I 6 -47.22 -57.42 -22.76
CA GLN I 6 -47.94 -56.34 -22.11
C GLN I 6 -49.42 -56.41 -22.48
N PRO I 7 -50.32 -55.95 -21.61
CA PRO I 7 -51.74 -55.83 -21.86
C PRO I 7 -51.98 -54.78 -22.93
N PRO I 8 -52.87 -55.02 -23.89
CA PRO I 8 -53.24 -54.08 -24.95
C PRO I 8 -53.62 -52.72 -24.41
N SER I 9 -54.31 -52.67 -23.27
CA SER I 9 -54.70 -51.40 -22.71
C SER I 9 -54.96 -51.47 -21.22
N VAL I 10 -54.83 -50.32 -20.58
CA VAL I 10 -55.15 -50.12 -19.17
C VAL I 10 -55.97 -48.85 -18.99
N SER I 11 -57.04 -48.90 -18.18
CA SER I 11 -57.91 -47.75 -17.90
C SER I 11 -57.15 -46.63 -17.19
N VAL I 18 -53.26 -46.25 -11.84
CA VAL I 18 -53.26 -47.60 -12.40
C VAL I 18 -51.81 -48.06 -12.63
N THR I 19 -51.63 -49.33 -13.09
CA THR I 19 -50.31 -49.88 -13.37
C THR I 19 -50.25 -50.53 -14.75
N ILE I 20 -49.07 -50.44 -15.36
CA ILE I 20 -48.80 -51.08 -16.63
C ILE I 20 -47.83 -52.23 -16.37
N SER I 21 -48.23 -53.44 -16.67
CA SER I 21 -47.35 -54.57 -16.43
C SER I 21 -46.40 -54.80 -17.61
N CYS I 22 -45.33 -55.60 -17.37
CA CYS I 22 -44.37 -56.05 -18.38
C CYS I 22 -43.81 -57.41 -17.96
N THR I 23 -44.13 -58.45 -18.71
CA THR I 23 -43.68 -59.78 -18.32
C THR I 23 -42.70 -60.35 -19.33
N GLY I 24 -41.55 -60.76 -18.84
CA GLY I 24 -40.52 -61.33 -19.69
C GLY I 24 -40.18 -62.71 -19.21
N SER I 25 -38.90 -63.01 -19.24
CA SER I 25 -38.36 -64.31 -18.85
C SER I 25 -37.10 -64.08 -18.04
N ASN I 26 -36.44 -65.16 -17.66
CA ASN I 26 -35.23 -65.07 -16.86
C ASN I 26 -34.01 -64.81 -17.71
N SER I 27 -34.24 -64.58 -19.00
CA SER I 27 -33.18 -64.24 -19.94
C SER I 27 -33.13 -62.72 -20.16
N ASN I 28 -34.06 -61.98 -19.56
CA ASN I 28 -34.10 -60.55 -19.76
C ASN I 28 -34.56 -59.75 -18.53
N ILE I 29 -35.67 -60.11 -17.91
CA ILE I 29 -36.10 -59.38 -16.73
C ILE I 29 -35.67 -60.08 -15.45
N GLY I 30 -35.83 -61.41 -15.42
CA GLY I 30 -35.44 -62.18 -14.25
C GLY I 30 -33.95 -62.38 -14.27
N ALA I 31 -33.35 -61.93 -15.36
CA ALA I 31 -31.93 -61.96 -15.57
C ALA I 31 -31.27 -60.91 -14.69
N GLY I 32 -32.07 -59.96 -14.22
CA GLY I 32 -31.56 -58.88 -13.37
C GLY I 32 -31.32 -57.60 -14.16
N TYR I 33 -31.37 -57.68 -15.48
CA TYR I 33 -31.13 -56.52 -16.33
C TYR I 33 -32.19 -55.46 -16.11
N ASP I 34 -31.76 -54.20 -16.17
CA ASP I 34 -32.65 -53.08 -15.94
C ASP I 34 -33.78 -53.01 -16.94
N VAL I 35 -34.96 -52.64 -16.46
CA VAL I 35 -36.13 -52.47 -17.31
C VAL I 35 -36.50 -51.00 -17.35
N HIS I 36 -36.38 -50.40 -18.51
CA HIS I 36 -36.59 -48.97 -18.64
C HIS I 36 -37.99 -48.75 -19.17
N TRP I 37 -38.57 -47.58 -18.88
CA TRP I 37 -39.92 -47.30 -19.37
C TRP I 37 -40.02 -46.01 -20.15
N TYR I 38 -40.83 -46.05 -21.21
CA TYR I 38 -41.06 -44.94 -22.09
C TYR I 38 -42.52 -44.59 -22.25
N GLN I 39 -42.76 -43.31 -22.50
CA GLN I 39 -44.08 -42.80 -22.82
C GLN I 39 -44.07 -42.17 -24.20
N GLN I 40 -44.78 -42.78 -25.14
CA GLN I 40 -44.81 -42.24 -26.49
C GLN I 40 -46.12 -41.58 -26.83
N LEU I 41 -46.09 -40.28 -27.02
CA LEU I 41 -47.28 -39.58 -27.46
C LEU I 41 -47.32 -39.68 -28.97
N PRO I 42 -48.50 -39.75 -29.57
CA PRO I 42 -48.66 -39.86 -30.99
C PRO I 42 -48.09 -38.63 -31.66
N GLY I 43 -47.43 -38.83 -32.78
CA GLY I 43 -46.85 -37.72 -33.53
C GLY I 43 -45.37 -37.49 -33.21
N THR I 44 -44.85 -38.11 -32.16
CA THR I 44 -43.45 -37.89 -31.84
C THR I 44 -42.70 -39.13 -31.35
N ALA I 45 -41.42 -38.93 -31.02
CA ALA I 45 -40.53 -39.95 -30.52
C ALA I 45 -40.87 -40.21 -29.05
N PRO I 46 -40.61 -41.41 -28.53
CA PRO I 46 -40.84 -41.78 -27.15
C PRO I 46 -39.95 -41.02 -26.20
N LYS I 47 -40.51 -40.68 -25.04
CA LYS I 47 -39.79 -40.02 -23.98
C LYS I 47 -39.50 -40.99 -22.84
N LEU I 48 -38.29 -40.96 -22.31
CA LEU I 48 -37.96 -41.83 -21.20
C LEU I 48 -38.52 -41.29 -19.90
N LEU I 49 -39.20 -42.14 -19.13
CA LEU I 49 -39.67 -41.73 -17.80
C LEU I 49 -38.98 -42.47 -16.66
N ILE I 50 -38.51 -43.69 -16.92
CA ILE I 50 -37.75 -44.43 -15.92
C ILE I 50 -36.48 -45.02 -16.49
N CYS I 51 -35.40 -44.80 -15.76
CA CYS I 51 -34.08 -45.34 -16.07
C CYS I 51 -33.67 -46.28 -14.96
N GLY I 52 -33.19 -47.44 -15.31
CA GLY I 52 -32.81 -48.38 -14.27
C GLY I 52 -34.07 -48.92 -13.65
N ASN I 53 -34.01 -49.26 -12.36
CA ASN I 53 -35.19 -49.85 -11.74
C ASN I 53 -36.25 -48.79 -11.57
N SER I 54 -35.90 -47.66 -10.95
CA SER I 54 -36.89 -46.61 -10.72
C SER I 54 -36.33 -45.19 -10.63
N ASN I 55 -35.32 -44.86 -11.41
CA ASN I 55 -34.82 -43.48 -11.40
C ASN I 55 -35.57 -42.73 -12.47
N ARG I 56 -35.65 -41.42 -12.36
CA ARG I 56 -36.33 -40.68 -13.41
C ARG I 56 -35.66 -39.32 -13.68
N PRO I 57 -35.72 -38.85 -14.93
CA PRO I 57 -35.27 -37.54 -15.37
C PRO I 57 -36.21 -36.47 -14.89
N SER I 58 -35.75 -35.24 -14.89
CA SER I 58 -36.62 -34.13 -14.51
C SER I 58 -37.87 -34.13 -15.39
N GLY I 59 -39.05 -33.93 -14.76
CA GLY I 59 -40.34 -33.90 -15.42
C GLY I 59 -41.02 -35.27 -15.34
N ARG I 63 -45.09 -38.84 -9.59
CA ARG I 63 -46.11 -39.29 -10.55
C ARG I 63 -45.84 -40.72 -11.06
N PHE I 64 -44.55 -41.11 -11.15
CA PHE I 64 -44.13 -42.43 -11.63
C PHE I 64 -43.21 -43.15 -10.68
N SER I 65 -43.37 -44.46 -10.63
CA SER I 65 -42.54 -45.36 -9.84
C SER I 65 -42.59 -46.75 -10.45
N GLY I 66 -41.87 -47.71 -9.89
CA GLY I 66 -41.89 -49.06 -10.45
C GLY I 66 -41.00 -50.02 -9.67
N SER I 67 -41.05 -51.28 -10.07
CA SER I 67 -40.28 -52.35 -9.42
C SER I 67 -40.17 -53.60 -10.27
N LYS I 68 -39.32 -54.53 -9.82
CA LYS I 68 -39.23 -55.84 -10.45
C LYS I 68 -39.63 -56.93 -9.46
N SER I 69 -40.08 -58.06 -9.99
CA SER I 69 -40.37 -59.24 -9.20
C SER I 69 -40.28 -60.49 -10.07
N GLY I 70 -39.35 -61.38 -9.75
CA GLY I 70 -39.18 -62.58 -10.56
C GLY I 70 -38.80 -62.19 -11.99
N THR I 71 -39.59 -62.65 -12.96
CA THR I 71 -39.34 -62.38 -14.37
C THR I 71 -40.29 -61.30 -14.87
N SER I 72 -40.99 -60.68 -13.93
CA SER I 72 -41.94 -59.63 -14.26
C SER I 72 -41.46 -58.29 -13.75
N ALA I 73 -42.01 -57.23 -14.31
CA ALA I 73 -41.73 -55.88 -13.87
C ALA I 73 -42.97 -55.03 -14.10
N SER I 74 -43.07 -53.91 -13.41
CA SER I 74 -44.22 -53.06 -13.66
C SER I 74 -43.97 -51.58 -13.45
N LEU I 75 -44.76 -50.79 -14.16
CA LEU I 75 -44.78 -49.33 -14.08
C LEU I 75 -46.00 -48.85 -13.35
N ALA I 76 -45.80 -48.03 -12.35
CA ALA I 76 -46.92 -47.47 -11.63
C ALA I 76 -47.08 -46.00 -11.98
N ILE I 77 -48.28 -45.63 -12.38
CA ILE I 77 -48.61 -44.24 -12.65
C ILE I 77 -49.73 -43.85 -11.72
N THR I 78 -49.56 -42.77 -10.96
CA THR I 78 -50.60 -42.44 -10.00
C THR I 78 -51.24 -41.09 -10.23
N GLY I 79 -52.56 -41.13 -10.33
CA GLY I 79 -53.38 -39.96 -10.56
C GLY I 79 -53.82 -39.87 -12.01
N LEU I 80 -55.13 -39.77 -12.23
CA LEU I 80 -55.63 -39.70 -13.61
C LEU I 80 -55.55 -38.26 -14.07
N GLN I 81 -54.31 -37.82 -14.31
CA GLN I 81 -54.04 -36.45 -14.66
C GLN I 81 -54.25 -36.22 -16.14
N ALA I 82 -54.75 -35.04 -16.47
CA ALA I 82 -54.95 -34.66 -17.86
C ALA I 82 -55.55 -35.83 -18.61
N GLU I 83 -55.01 -36.10 -19.79
CA GLU I 83 -55.38 -37.26 -20.56
C GLU I 83 -54.13 -37.89 -21.13
N ASP I 84 -53.36 -38.57 -20.29
CA ASP I 84 -52.08 -39.11 -20.73
C ASP I 84 -52.29 -40.41 -21.47
N GLU I 85 -52.96 -40.34 -22.61
CA GLU I 85 -53.27 -41.52 -23.40
C GLU I 85 -52.12 -41.82 -24.33
N ALA I 86 -51.00 -42.12 -23.72
CA ALA I 86 -49.77 -42.42 -24.41
C ALA I 86 -49.62 -43.92 -24.57
N ASP I 87 -48.77 -44.31 -25.49
CA ASP I 87 -48.44 -45.69 -25.63
C ASP I 87 -47.21 -45.96 -24.77
N TYR I 88 -47.35 -46.79 -23.76
CA TYR I 88 -46.25 -47.04 -22.84
C TYR I 88 -45.52 -48.32 -23.21
N TYR I 89 -44.20 -48.25 -23.17
CA TYR I 89 -43.37 -49.39 -23.52
C TYR I 89 -42.32 -49.67 -22.47
N CYS I 90 -41.99 -50.96 -22.29
CA CYS I 90 -40.89 -51.41 -21.44
C CYS I 90 -39.74 -51.84 -22.34
N GLN I 91 -38.52 -51.64 -21.86
CA GLN I 91 -37.33 -52.05 -22.59
C GLN I 91 -36.32 -52.74 -21.71
N SER I 92 -35.75 -53.82 -22.20
CA SER I 92 -34.71 -54.51 -21.44
C SER I 92 -33.71 -55.19 -22.37
N TYR I 93 -32.56 -55.54 -21.82
CA TYR I 93 -31.55 -56.26 -22.57
C TYR I 93 -31.82 -57.74 -22.58
N ASP I 94 -31.79 -58.34 -23.75
CA ASP I 94 -31.98 -59.77 -23.89
C ASP I 94 -30.65 -60.47 -24.06
N SER I 95 -30.44 -61.50 -23.26
CA SER I 95 -29.17 -62.20 -23.25
C SER I 95 -29.19 -63.55 -23.97
N SER I 96 -30.13 -63.76 -24.88
CA SER I 96 -30.16 -65.03 -25.60
C SER I 96 -29.66 -64.91 -27.04
N LEU I 97 -30.46 -65.44 -27.95
CA LEU I 97 -30.13 -65.50 -29.37
C LEU I 97 -28.68 -65.93 -29.54
N SER I 98 -27.97 -65.27 -30.44
CA SER I 98 -26.57 -65.53 -30.65
C SER I 98 -25.81 -64.22 -30.58
N GLY I 99 -26.28 -63.31 -29.76
CA GLY I 99 -25.66 -62.00 -29.65
C GLY I 99 -26.59 -61.01 -28.95
N PRO I 100 -26.05 -59.87 -28.53
CA PRO I 100 -26.72 -58.84 -27.77
C PRO I 100 -27.83 -58.22 -28.57
N ASN I 101 -28.95 -57.99 -27.93
CA ASN I 101 -30.08 -57.33 -28.58
C ASN I 101 -30.94 -56.69 -27.50
N TRP I 102 -31.67 -55.65 -27.88
CA TRP I 102 -32.55 -54.99 -26.94
C TRP I 102 -33.98 -55.20 -27.34
N VAL I 103 -34.82 -55.41 -26.36
CA VAL I 103 -36.19 -55.75 -26.61
C VAL I 103 -37.17 -54.76 -26.05
N PHE I 104 -38.10 -54.35 -26.90
CA PHE I 104 -39.19 -53.50 -26.47
C PHE I 104 -40.43 -54.36 -26.33
N GLY I 105 -41.29 -53.99 -25.38
CA GLY I 105 -42.51 -54.75 -25.19
C GLY I 105 -43.57 -54.43 -26.22
N GLY I 106 -44.67 -55.16 -26.15
CA GLY I 106 -45.77 -55.01 -27.11
C GLY I 106 -46.36 -53.60 -27.15
N GLY I 107 -46.43 -52.94 -26.00
CA GLY I 107 -46.98 -51.60 -25.92
C GLY I 107 -48.39 -51.57 -25.37
N THR I 108 -48.59 -50.75 -24.34
CA THR I 108 -49.89 -50.63 -23.70
C THR I 108 -50.49 -49.26 -23.91
N LYS I 109 -51.73 -49.20 -24.34
CA LYS I 109 -52.37 -47.91 -24.49
C LYS I 109 -53.04 -47.52 -23.17
N LEU I 110 -52.74 -46.32 -22.65
CA LEU I 110 -53.35 -45.82 -21.41
C LEU I 110 -54.45 -44.81 -21.75
C1 NAG J . 38.78 57.62 9.20
C2 NAG J . 39.40 58.89 9.92
C3 NAG J . 40.12 58.37 11.20
C4 NAG J . 39.11 57.63 12.13
C5 NAG J . 38.50 56.44 11.31
C6 NAG J . 37.43 55.66 12.07
C7 NAG J . 40.09 60.50 8.22
C8 NAG J . 41.13 61.08 7.31
N2 NAG J . 40.40 59.50 9.04
O3 NAG J . 40.69 59.48 11.90
O4 NAG J . 39.84 57.10 13.26
O5 NAG J . 37.86 56.95 10.10
O6 NAG J . 37.09 54.45 11.40
O7 NAG J . 38.95 60.99 8.20
C1 NAG J . 39.27 57.44 14.59
C2 NAG J . 39.88 56.47 15.67
C3 NAG J . 39.20 56.79 17.03
C4 NAG J . 39.42 58.29 17.37
C5 NAG J . 38.82 59.18 16.24
C6 NAG J . 39.04 60.67 16.49
C7 NAG J . 40.56 54.27 14.77
C8 NAG J . 40.24 52.85 14.37
N2 NAG J . 39.60 55.06 15.27
O3 NAG J . 39.76 55.95 18.05
O4 NAG J . 38.79 58.58 18.62
O5 NAG J . 39.46 58.83 14.96
O6 NAG J . 38.18 61.45 15.67
O7 NAG J . 41.71 54.67 14.64
C1 NAG K . 44.96 39.87 20.83
C2 NAG K . 46.07 40.40 21.81
C3 NAG K . 45.93 39.63 23.15
C4 NAG K . 44.51 39.86 23.74
C5 NAG K . 43.46 39.36 22.69
C6 NAG K . 42.03 39.60 23.12
C7 NAG K . 48.03 41.05 20.49
C8 NAG K . 49.38 40.74 19.89
N2 NAG K . 47.39 40.13 21.22
O3 NAG K . 46.91 40.09 24.08
O4 NAG K . 44.37 39.09 24.96
O5 NAG K . 43.66 40.08 21.42
O6 NAG K . 41.11 38.94 22.25
O7 NAG K . 47.54 42.17 20.31
C1 NAG K . 44.06 39.91 26.18
C2 NAG K . 43.36 38.98 27.23
C3 NAG K . 43.00 39.86 28.46
C4 NAG K . 44.29 40.53 29.02
C5 NAG K . 44.94 41.40 27.91
C6 NAG K . 46.23 42.05 28.37
C7 NAG K . 42.01 37.16 26.27
C8 NAG K . 40.71 36.67 25.70
N2 NAG K . 42.11 38.44 26.66
O3 NAG K . 42.40 39.03 29.47
O4 NAG K . 43.95 41.33 30.15
O5 NAG K . 45.25 40.54 26.74
O6 NAG K . 46.58 43.15 27.52
O7 NAG K . 42.96 36.38 26.36
C1 NAG L . 41.38 72.76 -4.19
C2 NAG L . 40.96 73.86 -3.14
C3 NAG L . 42.01 74.99 -3.18
C4 NAG L . 43.41 74.43 -2.86
C5 NAG L . 43.74 73.30 -3.89
C6 NAG L . 45.06 72.62 -3.62
C7 NAG L . 38.56 74.24 -2.83
C8 NAG L . 37.25 74.79 -3.33
N2 NAG L . 39.65 74.39 -3.56
O3 NAG L . 41.66 76.00 -2.22
O4 NAG L . 44.37 75.50 -3.03
O5 NAG L . 42.70 72.26 -3.85
O6 NAG L . 45.14 72.08 -2.30
O7 NAG L . 38.59 73.65 -1.73
C1 NAG L . 45.35 75.67 -1.90
C2 NAG L . 46.53 76.56 -2.42
C3 NAG L . 47.56 76.66 -1.25
C4 NAG L . 46.87 77.27 -0.01
C5 NAG L . 45.67 76.36 0.41
C6 NAG L . 44.89 76.90 1.59
C7 NAG L . 47.00 76.36 -4.83
C8 NAG L . 47.65 75.67 -5.99
N2 NAG L . 47.16 75.90 -3.58
O3 NAG L . 48.65 77.51 -1.67
O4 NAG L . 47.81 77.35 1.06
O5 NAG L . 44.72 76.25 -0.73
O6 NAG L . 44.09 75.88 2.18
O7 NAG L . 46.30 77.37 -5.06
C1 NAG M . 38.81 75.51 -24.60
C2 NAG M . 37.42 76.26 -24.63
C3 NAG M . 36.99 76.45 -26.11
C4 NAG M . 38.08 77.27 -26.87
C5 NAG M . 39.43 76.48 -26.77
C6 NAG M . 40.57 77.24 -27.44
C7 NAG M . 35.93 75.77 -22.73
C8 NAG M . 34.90 74.90 -22.07
N2 NAG M . 36.40 75.44 -23.93
O3 NAG M . 35.75 77.17 -26.14
O4 NAG M . 37.73 77.41 -28.29
O5 NAG M . 39.79 76.27 -25.34
O6 NAG M . 41.77 76.46 -27.45
O7 NAG M . 36.33 76.79 -22.14
C1 NAG M . 36.81 78.53 -28.66
C2 NAG M . 37.41 79.28 -29.90
C3 NAG M . 36.45 80.46 -30.25
C4 NAG M . 35.03 79.90 -30.53
C5 NAG M . 34.52 79.14 -29.26
C6 NAG M . 33.14 78.53 -29.48
C7 NAG M . 39.82 79.62 -30.29
C8 NAG M . 41.14 80.19 -29.88
N2 NAG M . 38.73 79.83 -29.54
O3 NAG M . 36.94 81.16 -31.41
O4 NAG M . 34.15 80.99 -30.84
O5 NAG M . 35.45 78.06 -28.93
O6 NAG M . 32.50 78.25 -28.24
O7 NAG M . 39.75 78.97 -31.34
C1 NAG N . 63.55 25.19 -15.35
C2 NAG N . 65.09 25.21 -15.72
C3 NAG N . 65.24 24.41 -17.04
C4 NAG N . 64.70 22.96 -16.87
C5 NAG N . 63.20 23.05 -16.44
C6 NAG N . 62.55 21.70 -16.16
C7 NAG N . 66.06 27.33 -14.99
C8 NAG N . 66.46 28.75 -15.26
N2 NAG N . 65.51 26.60 -15.95
O3 NAG N . 66.62 24.37 -17.41
O4 NAG N . 64.79 22.28 -18.14
O5 NAG N . 63.08 23.84 -15.21
O6 NAG N . 61.14 21.81 -16.02
O7 NAG N . 66.27 26.86 -13.85
C1 NAG N . 65.47 20.96 -18.11
C2 NAG N . 65.11 20.18 -19.42
C3 NAG N . 65.77 18.77 -19.31
C4 NAG N . 67.30 18.94 -19.12
C5 NAG N . 67.57 19.74 -17.82
C6 NAG N . 69.05 19.99 -17.57
C7 NAG N . 62.92 20.78 -20.41
C8 NAG N . 61.43 20.63 -20.49
N2 NAG N . 63.64 20.05 -19.53
O3 NAG N . 65.51 18.03 -20.53
O4 NAG N . 67.90 17.65 -19.02
O5 NAG N . 66.91 21.07 -17.93
O6 NAG N . 69.29 20.40 -16.22
O7 NAG N . 63.48 21.58 -21.16
C1 NAG O . 53.02 14.88 -31.82
C2 NAG O . 54.09 14.76 -32.97
C3 NAG O . 53.85 13.42 -33.71
C4 NAG O . 53.99 12.25 -32.69
C5 NAG O . 52.93 12.45 -31.55
C6 NAG O . 53.02 11.41 -30.45
C7 NAG O . 54.58 17.02 -33.81
C8 NAG O . 54.36 18.14 -34.78
N2 NAG O . 53.90 15.88 -33.92
O3 NAG O . 54.82 13.25 -34.74
O4 NAG O . 53.72 10.99 -33.36
O5 NAG O . 53.16 13.77 -30.91
O6 NAG O . 51.91 11.51 -29.57
O7 NAG O . 55.44 17.16 -32.91
C1 NAG O . 54.85 10.00 -33.33
C2 NAG O . 54.25 8.56 -33.54
C3 NAG O . 55.44 7.55 -33.44
C4 NAG O . 56.50 7.91 -34.51
C5 NAG O . 57.02 9.36 -34.26
C6 NAG O . 58.05 9.78 -35.29
C7 NAG O . 51.97 8.26 -32.65
C8 NAG O . 51.05 7.95 -31.52
N2 NAG O . 53.30 8.27 -32.44
O3 NAG O . 54.93 6.23 -33.66
O4 NAG O . 57.59 6.98 -34.41
O5 NAG O . 55.87 10.30 -34.32
O6 NAG O . 58.80 10.91 -34.83
O7 NAG O . 51.50 8.50 -33.76
C1 NAG P . 72.84 40.96 -6.36
C2 NAG P . 74.14 40.12 -6.06
C3 NAG P . 75.36 40.94 -6.51
C4 NAG P . 75.26 41.28 -8.03
C5 NAG P . 73.92 42.05 -8.26
C6 NAG P . 73.68 42.36 -9.73
C7 NAG P . 74.12 38.69 -4.07
C8 NAG P . 74.16 38.56 -2.58
N2 NAG P . 74.19 39.90 -4.61
O3 NAG P . 76.56 40.18 -6.27
O4 NAG P . 76.37 42.15 -8.36
O5 NAG P . 72.78 41.26 -7.79
O6 NAG P . 73.69 41.19 -10.55
O7 NAG P . 73.99 37.67 -4.77
C1 NAG P . 77.13 41.77 -9.58
C2 NAG P . 78.00 43.00 -10.03
C3 NAG P . 78.72 42.60 -11.35
C4 NAG P . 79.60 41.34 -11.08
C5 NAG P . 78.67 40.18 -10.60
C6 NAG P . 79.45 38.91 -10.25
C7 NAG P . 77.02 45.20 -9.46
C8 NAG P . 76.09 46.33 -9.76
N2 NAG P . 77.09 44.15 -10.29
O3 NAG P . 79.56 43.69 -11.76
O4 NAG P . 80.26 40.96 -12.29
O5 NAG P . 77.96 40.60 -9.37
O6 NAG P . 78.58 37.78 -10.21
O7 NAG P . 77.70 45.24 -8.44
C1 NAG Q . 67.26 57.10 5.42
C2 NAG Q . 67.65 56.56 6.87
C3 NAG Q . 67.18 57.60 7.91
C4 NAG Q . 67.87 58.98 7.63
C5 NAG Q . 67.46 59.42 6.18
C6 NAG Q . 68.13 60.73 5.78
C7 NAG Q . 67.60 54.11 7.11
C8 NAG Q . 66.84 52.85 7.37
N2 NAG Q . 66.95 55.28 7.11
O3 NAG Q . 67.57 57.15 9.21
O4 NAG Q . 67.39 60.00 8.57
O5 NAG Q . 67.88 58.39 5.19
O6 NAG Q . 67.66 61.20 4.52
O7 NAG Q . 68.82 54.05 6.90
C1 NAG Q . 68.09 60.08 9.89
C2 NAG Q . 68.43 61.58 10.20
C3 NAG Q . 69.18 61.63 11.56
C4 NAG Q . 68.27 61.01 12.66
C5 NAG Q . 67.95 59.53 12.27
C6 NAG Q . 67.04 58.85 13.29
C7 NAG Q . 69.08 63.23 8.48
C8 NAG Q . 70.03 63.69 7.42
N2 NAG Q . 69.33 62.09 9.14
O3 NAG Q . 69.48 62.99 11.90
O4 NAG Q . 68.96 61.04 13.91
O5 NAG Q . 67.28 59.50 10.96
O6 NAG Q . 67.11 57.44 13.20
O7 NAG Q . 68.09 63.92 8.75
C1 NAG R . 30.13 51.17 -37.18
C2 NAG R . 30.32 52.28 -38.30
C3 NAG R . 29.13 53.28 -38.15
C4 NAG R . 27.77 52.53 -38.30
C5 NAG R . 27.71 51.42 -37.20
C6 NAG R . 26.46 50.55 -37.27
C7 NAG R . 32.71 52.64 -38.65
C8 NAG R . 33.97 53.39 -38.37
N2 NAG R . 31.57 52.99 -38.05
O3 NAG R . 29.24 54.29 -39.15
O4 NAG R . 26.71 53.48 -38.08
O5 NAG R . 28.86 50.51 -37.34
O6 NAG R . 26.32 49.74 -36.11
O7 NAG R . 32.74 51.71 -39.48
C1 NAG R . 25.66 53.52 -39.13
C2 NAG R . 24.39 54.24 -38.56
C3 NAG R . 23.29 54.19 -39.65
C4 NAG R . 23.82 54.85 -40.96
C5 NAG R . 25.09 54.09 -41.44
C6 NAG R . 25.71 54.71 -42.69
C7 NAG R . 24.13 54.06 -36.11
C8 NAG R . 23.66 53.31 -34.89
N2 NAG R . 23.93 53.54 -37.33
O3 NAG R . 22.12 54.89 -39.19
O4 NAG R . 22.81 54.79 -41.97
O5 NAG R . 26.12 54.13 -40.37
O6 NAG R . 26.62 53.81 -43.31
O7 NAG R . 24.69 55.14 -35.96
C1 NAG S . 12.54 57.05 -25.16
C2 NAG S . 12.22 58.53 -25.60
C3 NAG S . 10.69 58.71 -25.58
C4 NAG S . 10.03 57.68 -26.55
C5 NAG S . 10.42 56.25 -26.08
C6 NAG S . 9.90 55.16 -26.99
C7 NAG S . 14.06 59.97 -24.85
C8 NAG S . 14.67 60.91 -23.85
N2 NAG S . 12.84 59.46 -24.64
O3 NAG S . 10.35 60.04 -26.00
O4 NAG S . 8.58 57.83 -26.49
O5 NAG S . 11.90 56.12 -26.06
O6 NAG S . 10.08 53.87 -26.42
O7 NAG S . 14.68 59.71 -25.89
C1 NAG S . 7.93 58.17 -27.80
C2 NAG S . 6.42 57.72 -27.73
C3 NAG S . 5.79 58.03 -29.11
C4 NAG S . 5.93 59.54 -29.43
C5 NAG S . 7.45 59.92 -29.43
C6 NAG S . 7.66 61.40 -29.71
C7 NAG S . 6.01 55.74 -26.33
C8 NAG S . 5.96 54.25 -26.15
N2 NAG S . 6.37 56.26 -27.51
O3 NAG S . 4.40 57.66 -29.09
O4 NAG S . 5.35 59.81 -30.70
O5 NAG S . 8.03 59.59 -28.12
O6 NAG S . 9.00 61.65 -30.12
O7 NAG S . 5.72 56.46 -25.37
C1 NAG T . 49.63 52.04 -43.04
C2 NAG T . 49.25 52.28 -44.55
C3 NAG T . 50.08 53.47 -45.07
C4 NAG T . 49.80 54.74 -44.23
C5 NAG T . 50.14 54.41 -42.73
C6 NAG T . 49.83 55.56 -41.80
C7 NAG T . 48.69 50.31 -45.88
C8 NAG T . 49.13 49.06 -46.60
N2 NAG T . 49.59 51.07 -45.28
O3 NAG T . 49.73 53.72 -46.44
O4 NAG T . 50.70 55.78 -44.69
O5 NAG T . 49.36 53.25 -42.28
O6 NAG T . 48.47 55.99 -41.88
O7 NAG T . 47.48 50.59 -45.84
C1 NAG T . 50.05 57.10 -44.94
C2 NAG T . 51.18 58.19 -45.02
C3 NAG T . 50.47 59.57 -45.22
C4 NAG T . 49.61 59.52 -46.51
C5 NAG T . 48.55 58.38 -46.37
C6 NAG T . 47.69 58.22 -47.62
C7 NAG T . 53.18 57.69 -43.66
C8 NAG T . 53.90 57.72 -42.35
N2 NAG T . 51.93 58.20 -43.74
O3 NAG T . 51.48 60.59 -45.34
O4 NAG T . 48.96 60.78 -46.68
O5 NAG T . 49.24 57.09 -46.15
O6 NAG T . 46.50 57.49 -47.32
O7 NAG T . 53.73 57.22 -44.65
C1 NAG U . 67.48 42.97 -37.59
C2 NAG U . 67.61 41.86 -38.72
C3 NAG U . 68.85 40.98 -38.41
C4 NAG U . 70.14 41.88 -38.35
C5 NAG U . 69.91 42.96 -37.25
C6 NAG U . 71.09 43.93 -37.16
C7 NAG U . 65.48 41.09 -39.68
C8 NAG U . 64.27 40.20 -39.60
N2 NAG U . 66.40 41.01 -38.71
O3 NAG U . 69.00 40.00 -39.45
O4 NAG U . 71.31 41.08 -37.99
O5 NAG U . 68.70 43.76 -37.54
O6 NAG U . 70.94 44.83 -36.07
O7 NAG U . 65.59 41.89 -40.61
C1 NAG U . 72.01 40.36 -39.10
C2 NAG U . 73.55 40.62 -38.98
C3 NAG U . 74.26 39.89 -40.15
C4 NAG U . 73.91 38.37 -40.10
C5 NAG U . 72.36 38.20 -40.20
C6 NAG U . 71.94 36.74 -40.11
C7 NAG U . 74.54 42.74 -38.20
C8 NAG U . 74.76 44.21 -38.36
N2 NAG U . 73.80 42.08 -39.10
O3 NAG U . 75.68 40.07 -40.06
O4 NAG U . 74.55 37.70 -41.19
O5 NAG U . 71.72 38.93 -39.10
O6 NAG U . 70.64 36.54 -40.65
O7 NAG U . 75.06 42.16 -37.23
C1 NAG V . -19.60 31.16 36.25
C2 NAG V . -18.90 31.94 35.06
C3 NAG V . -19.26 33.44 35.17
C4 NAG V . -20.80 33.60 35.11
C5 NAG V . -21.44 32.79 36.28
C6 NAG V . -22.96 32.84 36.24
C7 NAG V . -16.77 30.86 34.45
C8 NAG V . -15.28 30.75 34.60
N2 NAG V . -17.43 31.79 35.16
O3 NAG V . -18.66 34.15 34.09
O4 NAG V . -21.13 34.98 35.25
O5 NAG V . -21.04 31.37 36.18
O6 NAG V . -23.54 32.26 37.41
O7 NAG V . -17.37 30.11 33.67
C1 NAG W . -22.85 -0.48 32.81
C2 NAG W . -22.06 -1.80 33.25
C3 NAG W . -22.51 -2.94 32.28
C4 NAG W . -24.06 -3.12 32.40
C5 NAG W . -24.76 -1.79 32.02
C6 NAG W . -26.28 -1.84 32.13
C7 NAG W . -19.73 -2.25 33.89
C8 NAG W . -18.25 -2.01 33.79
N2 NAG W . -20.61 -1.56 33.15
O3 NAG W . -21.87 -4.18 32.62
O4 NAG W . -24.49 -4.16 31.53
O5 NAG W . -24.28 -0.72 32.90
O6 NAG W . -26.88 -0.77 31.40
O7 NAG W . -20.13 -3.11 34.68
C1 NAG X . 14.70 16.15 43.31
C2 NAG X . 14.42 17.65 43.74
C3 NAG X . 15.69 18.19 44.48
C4 NAG X . 15.99 17.31 45.70
C5 NAG X . 16.23 15.85 45.21
C6 NAG X . 16.49 14.88 46.36
C7 NAG X . 13.22 19.33 42.42
C8 NAG X . 13.07 20.08 41.13
N2 NAG X . 14.20 18.42 42.51
O3 NAG X . 15.43 19.54 44.91
O4 NAG X . 17.16 17.79 46.36
O5 NAG X . 15.03 15.36 44.49
O6 NAG X . 17.21 13.73 45.91
O7 NAG X . 12.46 19.57 43.38
C1 NAG Y . 14.39 37.06 27.56
C2 NAG Y . 14.42 38.61 27.22
C3 NAG Y . 15.68 39.20 27.91
C4 NAG Y . 15.59 38.96 29.45
C5 NAG Y . 15.49 37.42 29.71
C6 NAG Y . 15.35 37.09 31.19
C7 NAG Y . 13.56 39.42 25.06
C8 NAG Y . 13.69 39.57 23.58
N2 NAG Y . 14.51 38.78 25.76
O3 NAG Y . 15.76 40.61 27.64
O4 NAG Y . 16.76 39.46 30.06
O5 NAG Y . 14.32 36.86 29.00
O6 NAG Y . 15.66 35.72 31.45
O7 NAG Y . 12.58 39.90 25.63
C1 NAG Z . -17.39 39.33 2.71
C2 NAG Z . -16.70 39.97 1.44
C3 NAG Z . -17.37 41.36 1.19
C4 NAG Z . -18.89 41.16 0.97
C5 NAG Z . -19.50 40.49 2.24
C6 NAG Z . -21.00 40.21 2.06
C7 NAG Z . -14.36 39.23 1.38
C8 NAG Z . -12.92 39.46 1.68
N2 NAG Z . -15.27 40.16 1.70
O3 NAG Z . -16.79 41.99 0.04
O4 NAG Z . -19.51 42.43 0.74
O5 NAG Z . -18.82 39.19 2.48
O6 NAG Z . -21.68 40.20 3.31
O7 NAG Z . -14.71 38.17 0.81
C1 NAG AA . -5.73 55.68 7.41
C2 NAG AA . -6.59 55.70 8.74
C3 NAG AA . -8.11 55.80 8.37
C4 NAG AA . -8.33 57.07 7.52
C5 NAG AA . -7.45 56.99 6.23
C6 NAG AA . -7.58 58.22 5.34
C7 NAG AA . -5.57 54.36 10.55
C8 NAG AA . -5.39 53.04 11.22
N2 NAG AA . -6.37 54.44 9.47
O3 NAG AA . -8.89 55.87 9.56
O4 NAG AA . -9.71 57.19 7.17
O5 NAG AA . -6.03 56.87 6.63
O6 NAG AA . -7.01 57.99 4.06
O7 NAG AA . -5.01 55.38 11.00
C1 NAG BA . 24.81 68.77 -18.14
C2 NAG BA . 25.85 69.07 -19.30
C3 NAG BA . 25.94 70.61 -19.48
C4 NAG BA . 24.54 71.16 -19.84
C5 NAG BA . 23.55 70.81 -18.69
C6 NAG BA . 22.13 71.26 -18.98
C7 NAG BA . 27.56 67.30 -19.32
C8 NAG BA . 28.89 66.76 -18.91
N2 NAG BA . 27.16 68.51 -18.90
O3 NAG BA . 26.88 70.91 -20.53
O4 NAG BA . 24.62 72.58 -20.00
O5 NAG BA . 23.51 69.35 -18.50
O6 NAG BA . 21.35 71.28 -17.80
O7 NAG BA . 26.85 66.63 -20.07
C1 NAG CA . 25.45 65.93 -2.91
C2 NAG CA . 25.28 65.34 -1.44
C3 NAG CA . 23.79 64.92 -1.27
C4 NAG CA . 22.88 66.14 -1.50
C5 NAG CA . 23.11 66.68 -2.93
C6 NAG CA . 22.26 67.92 -3.23
C7 NAG CA . 27.24 64.14 -0.55
C8 NAG CA . 28.04 62.89 -0.46
N2 NAG CA . 26.13 64.15 -1.29
O3 NAG CA . 23.60 64.40 0.05
O4 NAG CA . 21.51 65.74 -1.33
O5 NAG CA . 24.53 67.05 -3.09
O6 NAG CA . 22.03 68.06 -4.62
O7 NAG CA . 27.62 65.17 0.04
C1 NAG DA . -63.02 9.62 -3.99
C2 NAG DA . -61.56 9.97 -3.47
C3 NAG DA . -61.69 10.76 -2.14
C4 NAG DA . -62.50 12.06 -2.42
C5 NAG DA . -63.92 11.67 -2.96
C6 NAG DA . -64.75 12.89 -3.30
C7 NAG DA . -59.85 8.28 -4.08
C8 NAG DA . -59.08 7.01 -3.85
N2 NAG DA . -60.81 8.69 -3.23
O3 NAG DA . -60.38 11.10 -1.68
O4 NAG DA . -62.62 12.80 -1.21
O5 NAG DA . -63.75 10.87 -4.19
O6 NAG DA . -66.11 12.54 -3.53
O7 NAG DA . -59.57 8.95 -5.08
C1 NAG EA . -43.87 23.77 -9.87
C2 NAG EA . -43.77 23.46 -11.41
C3 NAG EA . -44.10 24.78 -12.17
C4 NAG EA . -45.53 25.27 -11.76
C5 NAG EA . -45.55 25.52 -10.22
C6 NAG EA . -46.91 25.95 -9.69
C7 NAG EA . -42.08 21.95 -12.37
C8 NAG EA . -40.64 21.61 -12.65
N2 NAG EA . -42.39 23.08 -11.71
O3 NAG EA . -44.06 24.58 -13.58
O4 NAG EA . -45.85 26.48 -12.46
O5 NAG EA . -45.19 24.25 -9.53
O6 NAG EA . -46.77 26.87 -8.61
O7 NAG EA . -42.97 21.20 -12.79
C1 NAG FA . 37.66 -33.24 12.12
C2 NAG FA . 38.06 -31.72 12.32
C3 NAG FA . 39.39 -31.67 13.11
C4 NAG FA . 39.21 -32.39 14.47
C5 NAG FA . 38.77 -33.86 14.21
C6 NAG FA . 38.49 -34.60 15.52
C7 NAG FA . 37.30 -30.35 10.42
C8 NAG FA . 37.55 -29.72 9.08
N2 NAG FA . 38.26 -31.07 11.00
O3 NAG FA . 39.76 -30.30 13.33
O4 NAG FA . 40.43 -32.36 15.19
O5 NAG FA . 37.52 -33.88 13.42
O6 NAG FA . 38.28 -35.99 15.28
O7 NAG FA . 36.20 -30.17 10.98
C1 NAG GA . 7.04 -39.06 4.86
C2 NAG GA . 6.17 -39.30 3.56
C3 NAG GA . 4.69 -39.00 3.93
C4 NAG GA . 4.25 -39.94 5.09
C5 NAG GA . 5.17 -39.68 6.32
C6 NAG GA . 4.86 -40.58 7.52
C7 NAG GA . 6.47 -38.72 1.19
C8 NAG GA . 6.96 -37.83 0.09
N2 NAG GA . 6.64 -38.42 2.48
O3 NAG GA . 3.82 -39.22 2.81
O4 NAG GA . 2.89 -39.66 5.45
O5 NAG GA . 6.57 -39.92 5.94
O6 NAG GA . 5.43 -40.05 8.72
O7 NAG GA . 5.91 -39.78 0.87
C1 NAG HA . 33.66 -24.61 -24.78
C2 NAG HA . 35.11 -24.77 -24.20
C3 NAG HA . 36.14 -24.61 -25.36
C4 NAG HA . 35.85 -25.66 -26.46
C5 NAG HA . 34.40 -25.45 -26.97
C6 NAG HA . 34.00 -26.48 -28.03
C7 NAG HA . 35.91 -23.94 -22.03
C8 NAG HA . 36.08 -22.79 -21.08
N2 NAG HA . 35.32 -23.70 -23.20
O3 NAG HA . 37.47 -24.80 -24.85
O4 NAG HA . 36.78 -25.49 -27.53
O5 NAG HA . 33.45 -25.59 -25.84
O6 NAG HA . 32.94 -25.99 -28.84
O7 NAG HA . 36.32 -25.06 -21.72
C1 NAG IA . 46.73 -7.14 -10.29
C2 NAG IA . 48.01 -6.51 -9.63
C3 NAG IA . 49.06 -6.29 -10.75
C4 NAG IA . 49.38 -7.66 -11.41
C5 NAG IA . 48.06 -8.26 -12.00
C6 NAG IA . 48.28 -9.64 -12.63
C7 NAG IA . 47.77 -4.99 -7.70
C8 NAG IA . 47.38 -3.66 -7.13
N2 NAG IA . 47.64 -5.21 -9.02
O3 NAG IA . 50.25 -5.71 -10.20
O4 NAG IA . 50.32 -7.45 -12.47
O5 NAG IA . 47.07 -8.42 -10.92
O6 NAG IA . 47.20 -9.99 -13.49
O7 NAG IA . 48.22 -5.86 -6.95
C1 NAG JA . 33.10 -2.57 27.46
C2 NAG JA . 33.35 -1.02 27.67
C3 NAG JA . 34.39 -0.87 28.82
C4 NAG JA . 33.81 -1.52 30.10
C5 NAG JA . 33.54 -3.02 29.84
C6 NAG JA . 32.92 -3.71 31.05
C7 NAG JA . 33.14 0.07 25.48
C8 NAG JA . 33.74 0.63 24.23
N2 NAG JA . 33.91 -0.45 26.43
O3 NAG JA . 34.64 0.53 29.06
O4 NAG JA . 34.76 -1.37 31.17
O5 NAG JA . 32.60 -3.15 28.70
O6 NAG JA . 33.24 -5.10 31.08
O7 NAG JA . 31.90 0.13 25.63
C1 NAG KA . 52.03 3.19 21.67
C2 NAG KA . 52.37 1.65 21.83
C3 NAG KA . 52.02 1.20 23.29
C4 NAG KA . 52.81 2.06 24.30
C5 NAG KA . 52.44 3.56 24.07
C6 NAG KA . 53.20 4.50 25.01
C7 NAG KA . 52.05 0.39 19.74
C8 NAG KA . 51.13 -0.36 18.82
N2 NAG KA . 51.55 0.88 20.88
O3 NAG KA . 52.36 -0.18 23.46
O4 NAG KA . 52.50 1.66 25.62
O5 NAG KA . 52.76 3.94 22.68
O6 NAG KA . 52.63 5.80 24.99
O7 NAG KA . 53.24 0.54 19.45
C1 NAG LA . 60.69 43.02 11.88
C2 NAG LA . 60.74 44.58 11.61
C3 NAG LA . 62.08 45.12 12.17
C4 NAG LA . 62.17 44.81 13.68
C5 NAG LA . 62.07 43.26 13.89
C6 NAG LA . 62.09 42.87 15.36
C7 NAG LA . 59.48 45.10 9.57
C8 NAG LA . 59.41 45.32 8.09
N2 NAG LA . 60.64 44.81 10.15
O3 NAG LA . 62.15 46.54 11.95
O4 NAG LA . 63.41 45.30 14.20
O5 NAG LA . 60.81 42.77 13.31
O6 NAG LA . 62.38 41.49 15.52
O7 NAG LA . 58.44 45.19 10.23
C1 NAG MA . 63.88 30.14 3.86
C2 NAG MA . 63.85 28.71 3.16
C3 NAG MA . 63.22 27.70 4.16
C4 NAG MA . 64.06 27.68 5.46
C5 NAG MA . 64.07 29.11 6.08
C6 NAG MA . 64.91 29.18 7.35
C7 NAG MA . 63.49 28.72 0.73
C8 NAG MA . 62.55 28.78 -0.44
N2 NAG MA . 63.00 28.76 1.96
O3 NAG MA . 63.20 26.39 3.58
O4 NAG MA . 63.47 26.76 6.39
O5 NAG MA . 64.63 30.05 5.10
O6 NAG MA . 64.47 30.25 8.19
O7 NAG MA . 64.71 28.66 0.53
C1 NAG NA . -5.61 -27.24 57.51
C2 NAG NA . -4.81 -26.84 56.19
C3 NAG NA . -3.63 -27.82 56.02
C4 NAG NA . -2.72 -27.73 57.28
C5 NAG NA . -3.57 -28.10 58.54
C6 NAG NA . -2.75 -27.99 59.83
C7 NAG NA . -6.21 -25.82 54.42
C8 NAG NA . -7.13 -25.89 53.23
N2 NAG NA . -5.72 -26.92 55.01
O3 NAG NA . -2.88 -27.46 54.86
O4 NAG NA . -1.62 -28.64 57.13
O5 NAG NA . -4.70 -27.17 58.65
O6 NAG NA . -3.44 -28.57 60.93
O7 NAG NA . -5.92 -24.70 54.87
C1 NAG OA . 8.94 -9.34 49.19
C2 NAG OA . 8.11 -8.08 49.66
C3 NAG OA . 8.96 -7.33 50.73
C4 NAG OA . 9.27 -8.30 51.91
C5 NAG OA . 10.04 -9.52 51.36
C6 NAG OA . 10.36 -10.58 52.42
C7 NAG OA . 6.73 -6.74 48.12
C8 NAG OA . 6.62 -5.84 46.92
N2 NAG OA . 7.93 -7.20 48.48
O3 NAG OA . 8.27 -6.18 51.22
O4 NAG OA . 10.03 -7.62 52.92
O5 NAG OA . 9.23 -10.19 50.32
O6 NAG OA . 11.63 -11.20 52.18
O7 NAG OA . 5.71 -7.02 48.75
C1 NAG PA . -17.96 2.18 -48.40
C2 NAG PA . -16.43 2.55 -48.27
C3 NAG PA . -15.81 2.59 -49.69
C4 NAG PA . -16.00 1.21 -50.38
C5 NAG PA . -17.52 0.88 -50.44
C6 NAG PA . -17.76 -0.51 -51.02
C7 NAG PA . -16.04 4.02 -46.34
C8 NAG PA . -15.91 5.39 -45.75
N2 NAG PA . -16.28 3.88 -47.64
O3 NAG PA . -14.42 2.90 -49.60
O4 NAG PA . -15.46 1.26 -51.69
O5 NAG PA . -18.09 0.89 -49.07
O6 NAG PA . -19.16 -0.74 -51.25
O7 NAG PA . -15.90 3.03 -45.60
C1 NAG QA . -32.16 -8.99 -21.98
C2 NAG QA . -33.05 -8.41 -20.79
C3 NAG QA . -32.93 -9.43 -19.61
C4 NAG QA . -33.44 -10.82 -20.09
C5 NAG QA . -32.57 -11.30 -21.28
C6 NAG QA . -33.01 -12.64 -21.85
C7 NAG QA . -33.34 -6.17 -19.84
C8 NAG QA . -32.83 -4.81 -19.44
N2 NAG QA . -32.54 -7.08 -20.41
O3 NAG QA . -33.73 -8.99 -18.50
O4 NAG QA . -33.34 -11.76 -19.01
O5 NAG QA . -32.65 -10.31 -22.36
O6 NAG QA . -31.97 -13.22 -22.65
O7 NAG QA . -34.53 -6.43 -19.60
C1 NAG RA . -24.60 32.49 -26.30
C2 NAG RA . -24.25 32.73 -27.81
C3 NAG RA . -24.31 34.25 -28.12
C4 NAG RA . -25.73 34.78 -27.79
C5 NAG RA . -26.03 34.50 -26.28
C6 NAG RA . -27.43 34.94 -25.88
C7 NAG RA . -22.52 31.53 -29.10
C8 NAG RA . -21.09 31.09 -29.23
N2 NAG RA . -22.86 32.25 -28.02
O3 NAG RA . -24.03 34.48 -29.51
O4 NAG RA . -25.78 36.18 -28.04
O5 NAG RA . -25.92 33.03 -26.03
O6 NAG RA . -27.50 35.17 -24.48
O7 NAG RA . -23.34 31.24 -29.98
C1 NAG SA . -0.74 31.14 -37.01
C2 NAG SA . 0.34 31.40 -38.13
C3 NAG SA . 0.33 32.92 -38.44
C4 NAG SA . -1.09 33.33 -38.92
C5 NAG SA . -2.12 33.00 -37.81
C6 NAG SA . -3.55 33.33 -38.21
C7 NAG SA . 2.38 30.02 -38.20
C8 NAG SA . 3.71 29.64 -37.65
N2 NAG SA . 1.66 30.99 -37.62
O3 NAG SA . 1.30 33.21 -39.46
O4 NAG SA . -1.10 34.73 -39.18
O5 NAG SA . -2.06 31.56 -37.48
O6 NAG SA . -4.41 33.41 -37.08
O7 NAG SA . 1.96 29.44 -39.21
C1 NAG TA . 14.58 -6.10 -40.08
C2 NAG TA . 16.11 -5.81 -39.82
C3 NAG TA . 16.90 -6.19 -41.10
C4 NAG TA . 16.67 -7.69 -41.42
C5 NAG TA . 15.14 -7.94 -41.62
C6 NAG TA . 14.84 -9.42 -41.87
C7 NAG TA . 16.25 -3.87 -38.32
C8 NAG TA . 16.41 -2.40 -38.10
N2 NAG TA . 16.29 -4.36 -39.55
O3 NAG TA . 18.30 -5.95 -40.92
O4 NAG TA . 17.39 -8.05 -42.59
O5 NAG TA . 14.41 -7.52 -40.41
O6 NAG TA . 13.66 -9.59 -42.64
O7 NAG TA . 16.11 -4.62 -37.33
C1 NAG UA . 21.52 9.76 -51.28
C2 NAG UA . 20.26 9.46 -52.18
C3 NAG UA . 20.32 7.98 -52.66
C4 NAG UA . 21.64 7.75 -53.43
C5 NAG UA . 22.84 8.07 -52.49
C6 NAG UA . 24.18 7.90 -53.18
C7 NAG UA . 18.28 10.74 -51.47
C8 NAG UA . 17.07 10.86 -50.60
N2 NAG UA . 19.05 9.65 -51.37
O3 NAG UA . 19.20 7.71 -53.52
O4 NAG UA . 21.70 6.40 -53.89
O5 NAG UA . 22.73 9.47 -52.04
O6 NAG UA . 25.25 7.90 -52.23
O7 NAG UA . 18.55 11.64 -52.29
C1 NAG VA . 55.77 31.12 -39.95
C2 NAG VA . 57.10 31.71 -39.32
C3 NAG VA . 58.06 32.08 -40.47
C4 NAG VA . 58.36 30.80 -41.30
C5 NAG VA . 57.02 30.23 -41.86
C6 NAG VA . 57.21 28.94 -42.64
C7 NAG VA . 56.55 32.86 -37.21
C8 NAG VA . 56.19 34.10 -36.45
N2 NAG VA . 56.75 32.92 -38.54
O3 NAG VA . 59.28 32.60 -39.93
O4 NAG VA . 59.25 31.12 -42.37
O5 NAG VA . 56.10 29.94 -40.74
O6 NAG VA . 56.08 28.66 -43.45
O7 NAG VA . 56.67 31.80 -36.60
C1 NAG WA . 41.77 36.57 -43.83
C2 NAG WA . 40.22 36.81 -44.03
C3 NAG WA . 39.55 35.43 -44.29
C4 NAG WA . 40.18 34.78 -45.56
C5 NAG WA . 41.70 34.60 -45.31
C6 NAG WA . 42.42 34.00 -46.51
C7 NAG WA . 39.25 38.64 -42.70
C8 NAG WA . 38.69 39.12 -41.40
N2 NAG WA . 39.65 37.36 -42.79
O3 NAG WA . 38.15 35.61 -44.51
O4 NAG WA . 39.56 33.52 -45.79
O5 NAG WA . 42.32 35.91 -45.02
O6 NAG WA . 43.60 33.31 -46.12
O7 NAG WA . 39.38 39.42 -43.64
C1 NAG XA . -4.56 -56.43 -29.57
C2 NAG XA . -4.52 -54.85 -29.53
C3 NAG XA . -5.23 -54.31 -30.80
C4 NAG XA . -4.50 -54.86 -32.06
C5 NAG XA . -4.54 -56.42 -32.03
C6 NAG XA . -3.80 -57.03 -33.21
C7 NAG XA . -4.54 -53.88 -27.25
C8 NAG XA . -5.23 -53.39 -26.01
N2 NAG XA . -5.21 -54.36 -28.30
O3 NAG XA . -5.18 -52.88 -30.80
O4 NAG XA . -5.14 -54.37 -33.24
O5 NAG XA . -3.89 -56.89 -30.79
O6 NAG XA . -4.06 -58.43 -33.32
O7 NAG XA . -3.29 -53.86 -27.28
C1 NAG YA . 11.55 -38.07 -31.68
C2 NAG YA . 12.71 -38.61 -30.73
C3 NAG YA . 13.95 -38.89 -31.63
C4 NAG YA . 13.57 -39.92 -32.73
C5 NAG YA . 12.42 -39.34 -33.59
C6 NAG YA . 11.93 -40.29 -34.69
C7 NAG YA . 13.06 -37.75 -28.45
C8 NAG YA . 13.41 -36.63 -27.53
N2 NAG YA . 13.04 -37.54 -29.77
O3 NAG YA . 15.04 -39.41 -30.84
O4 NAG YA . 14.71 -40.21 -33.54
O5 NAG YA . 11.26 -39.05 -32.71
O6 NAG YA . 11.53 -39.56 -35.85
O7 NAG YA . 12.84 -38.88 -27.98
#